data_5OAL
#
_entry.id   5OAL
#
_cell.length_a   130.900
_cell.length_b   130.900
_cell.length_c   190.139
_cell.angle_alpha   90.00
_cell.angle_beta   90.00
_cell.angle_gamma   120.00
#
_symmetry.space_group_name_H-M   'P 32'
#
loop_
_entity.id
_entity.type
_entity.pdbx_description
1 polymer 'Soluble acetylcholine receptor'
2 non-polymer STRYCHNINE
3 non-polymer ARGININE
#
_entity_poly.entity_id   1
_entity_poly.type   'polypeptide(L)'
_entity_poly.pdbx_seq_one_letter_code
;MLVSVYLALLVACVGQAHSQANLMRLKSDLFNRSPMYPGPTKDDPLTVTLGFFLQDIVKVDSSTNEVDLVYYERQRWKLN
SLMWDPNEYGNITDFRTSAADIWTPDITAASSTRPVQVLSPQIAVVTHDGSVMFSPAQRLSFMCDPTGVDSEEGVTCAVK
FESWVYSGFEIDLKTDTDQVDLSSYYASSKYEILSATQTRQVQHYSCCPEPYIDVNLVVKFRERRAGNGFFRNLFDENLY
FQGHHHHHH
;
_entity_poly.pdbx_strand_id   A,B,C,D,E,F,G,H,I,J,K,L,M,N,O
#
# COMPACT_ATOMS: atom_id res chain seq x y z
N GLN A 20 15.20 -1.01 3.60
CA GLN A 20 14.72 -1.28 2.19
C GLN A 20 15.27 -0.11 1.36
N ALA A 21 14.67 1.07 1.50
CA ALA A 21 14.81 2.15 0.53
C ALA A 21 16.22 2.76 0.45
N ASN A 22 16.94 2.63 1.56
CA ASN A 22 18.35 3.04 1.62
C ASN A 22 19.26 2.14 0.81
N LEU A 23 19.26 0.87 1.21
CA LEU A 23 20.02 -0.18 0.53
C LEU A 23 19.71 -0.27 -0.97
N MET A 24 18.45 -0.09 -1.36
CA MET A 24 18.06 -0.01 -2.78
C MET A 24 18.83 1.10 -3.51
N ARG A 25 18.94 2.27 -2.89
CA ARG A 25 19.69 3.39 -3.51
C ARG A 25 21.17 3.04 -3.61
N LEU A 26 21.75 2.58 -2.49
CA LEU A 26 23.17 2.16 -2.45
C LEU A 26 23.55 1.24 -3.59
N LYS A 27 22.73 0.21 -3.80
CA LYS A 27 22.94 -0.77 -4.85
C LYS A 27 22.83 -0.12 -6.23
N SER A 28 21.77 0.68 -6.41
CA SER A 28 21.57 1.42 -7.65
C SER A 28 22.79 2.28 -8.05
N ASP A 29 23.41 2.92 -7.07
CA ASP A 29 24.56 3.82 -7.33
C ASP A 29 25.81 3.03 -7.72
N LEU A 30 26.09 1.96 -6.97
CA LEU A 30 27.21 1.09 -7.26
C LEU A 30 27.10 0.35 -8.63
N PHE A 31 25.99 -0.36 -8.86
CA PHE A 31 25.90 -1.29 -10.01
C PHE A 31 25.33 -0.69 -11.31
N ASN A 32 24.22 0.05 -11.21
CA ASN A 32 23.54 0.55 -12.41
C ASN A 32 24.22 1.76 -13.01
N ARG A 33 24.95 2.54 -12.20
CA ARG A 33 25.52 3.80 -12.64
C ARG A 33 27.05 3.90 -12.54
N SER A 34 27.74 2.78 -12.79
CA SER A 34 29.09 2.78 -13.38
C SER A 34 29.00 1.84 -14.60
N PRO A 35 30.14 1.61 -15.30
CA PRO A 35 30.25 0.33 -16.00
C PRO A 35 30.75 -0.74 -14.99
N MET A 36 30.67 -2.03 -15.33
CA MET A 36 31.09 -3.10 -14.41
C MET A 36 32.61 -3.13 -14.20
N TYR A 37 33.08 -3.52 -13.02
CA TYR A 37 34.55 -3.49 -12.73
C TYR A 37 35.21 -4.49 -13.63
N PRO A 38 36.10 -4.06 -14.54
CA PRO A 38 36.58 -4.99 -15.55
C PRO A 38 37.78 -5.83 -15.12
N GLY A 39 38.04 -5.95 -13.81
CA GLY A 39 39.06 -6.84 -13.29
C GLY A 39 40.47 -6.28 -13.35
N PRO A 40 41.37 -6.80 -12.51
CA PRO A 40 42.71 -6.23 -12.29
C PRO A 40 43.58 -6.18 -13.52
N THR A 41 44.51 -5.20 -13.53
CA THR A 41 45.59 -5.02 -14.54
C THR A 41 46.91 -5.01 -13.75
N LYS A 42 48.06 -4.98 -14.46
CA LYS A 42 49.38 -4.85 -13.80
C LYS A 42 49.42 -3.58 -12.99
N ASP A 43 48.89 -2.51 -13.58
CA ASP A 43 48.75 -1.18 -12.96
C ASP A 43 48.01 -1.16 -11.64
N ASP A 44 46.80 -1.72 -11.61
CA ASP A 44 46.02 -1.81 -10.35
C ASP A 44 45.80 -3.26 -10.02
N PRO A 45 46.86 -3.94 -9.52
CA PRO A 45 46.71 -5.34 -9.22
C PRO A 45 45.77 -5.48 -8.04
N LEU A 46 45.45 -6.72 -7.70
CA LEU A 46 44.49 -7.05 -6.69
C LEU A 46 44.90 -8.26 -5.88
N THR A 47 44.66 -8.16 -4.59
CA THR A 47 44.97 -9.26 -3.70
C THR A 47 43.71 -9.91 -3.22
N VAL A 48 43.77 -11.23 -3.23
CA VAL A 48 42.65 -12.15 -3.05
C VAL A 48 43.12 -13.19 -2.08
N THR A 49 42.23 -13.59 -1.20
CA THR A 49 42.65 -14.31 -0.01
C THR A 49 41.79 -15.53 0.21
N LEU A 50 42.44 -16.69 0.13
CA LEU A 50 41.76 -17.97 0.23
C LEU A 50 41.89 -18.60 1.57
N GLY A 51 40.85 -19.34 1.91
CA GLY A 51 40.81 -20.09 3.14
C GLY A 51 39.91 -21.25 2.90
N PHE A 52 40.45 -22.46 3.02
CA PHE A 52 39.65 -23.65 2.83
C PHE A 52 39.09 -24.13 4.15
N PHE A 53 37.95 -24.80 4.06
CA PHE A 53 37.24 -25.39 5.17
C PHE A 53 36.76 -26.75 4.74
N LEU A 54 37.59 -27.74 4.99
CA LEU A 54 37.27 -29.10 4.67
C LEU A 54 36.04 -29.59 5.40
N GLN A 55 35.33 -30.51 4.74
CA GLN A 55 34.06 -31.01 5.17
C GLN A 55 33.87 -32.52 5.08
N ASP A 56 34.17 -33.19 3.99
CA ASP A 56 34.09 -34.69 3.95
C ASP A 56 35.07 -35.00 2.86
N ILE A 57 35.78 -36.08 2.98
CA ILE A 57 36.35 -36.74 1.84
C ILE A 57 35.30 -37.81 1.58
N VAL A 58 34.59 -37.61 0.48
CA VAL A 58 33.39 -38.39 0.24
C VAL A 58 33.76 -39.71 -0.31
N LYS A 59 34.58 -39.68 -1.36
CA LYS A 59 34.97 -40.92 -1.97
C LYS A 59 36.39 -40.89 -2.53
N VAL A 60 36.90 -42.10 -2.72
CA VAL A 60 38.21 -42.35 -3.27
C VAL A 60 37.98 -43.39 -4.36
N ASP A 61 38.66 -43.28 -5.49
CA ASP A 61 38.57 -44.27 -6.55
C ASP A 61 39.95 -44.58 -7.05
N SER A 62 40.37 -45.78 -6.67
CA SER A 62 41.71 -46.29 -7.02
C SER A 62 41.83 -46.85 -8.41
N SER A 63 40.74 -47.04 -9.16
CA SER A 63 40.86 -47.29 -10.63
C SER A 63 41.41 -46.12 -11.43
N THR A 64 41.17 -44.89 -10.97
CA THR A 64 41.36 -43.66 -11.79
C THR A 64 42.32 -42.61 -11.17
N ASN A 65 42.42 -42.74 -9.84
CA ASN A 65 43.19 -41.89 -8.98
C ASN A 65 42.50 -40.53 -9.01
N GLU A 66 41.26 -40.61 -8.57
CA GLU A 66 40.31 -39.52 -8.50
C GLU A 66 39.86 -39.56 -7.05
N VAL A 67 39.85 -38.41 -6.40
CA VAL A 67 39.26 -38.28 -5.08
C VAL A 67 38.27 -37.13 -5.03
N ASP A 68 37.18 -37.37 -4.32
CA ASP A 68 36.11 -36.40 -4.23
C ASP A 68 36.06 -35.82 -2.84
N LEU A 69 36.04 -34.53 -2.78
CA LEU A 69 36.32 -33.78 -1.60
C LEU A 69 35.25 -32.69 -1.53
N VAL A 70 34.72 -32.37 -0.37
CA VAL A 70 33.71 -31.34 -0.20
C VAL A 70 34.18 -30.26 0.76
N TYR A 71 33.96 -28.98 0.45
CA TYR A 71 34.48 -27.88 1.25
C TYR A 71 33.88 -26.52 0.96
N TYR A 72 34.00 -25.58 1.91
CA TYR A 72 33.70 -24.17 1.68
C TYR A 72 35.00 -23.59 1.28
N GLU A 73 34.99 -22.51 0.53
CA GLU A 73 36.22 -21.85 0.10
C GLU A 73 35.95 -20.40 0.31
N ARG A 74 36.54 -19.81 1.34
CA ARG A 74 36.30 -18.40 1.61
C ARG A 74 37.29 -17.57 0.77
N GLN A 75 36.73 -16.72 -0.10
CA GLN A 75 37.52 -15.79 -0.92
C GLN A 75 37.24 -14.40 -0.40
N ARG A 76 38.28 -13.65 -0.13
CA ARG A 76 38.15 -12.24 0.22
C ARG A 76 39.02 -11.39 -0.70
N TRP A 77 38.46 -10.31 -1.21
CA TRP A 77 39.21 -9.27 -1.93
C TRP A 77 38.66 -7.92 -1.65
N LYS A 78 39.31 -6.87 -2.13
CA LYS A 78 38.87 -5.49 -1.87
C LYS A 78 38.98 -4.56 -3.05
N LEU A 79 37.92 -3.82 -3.31
CA LEU A 79 37.83 -2.93 -4.48
C LEU A 79 37.43 -1.55 -4.08
N ASN A 80 38.05 -0.55 -4.69
CA ASN A 80 37.62 0.81 -4.44
C ASN A 80 36.36 1.15 -5.15
N SER A 81 36.11 0.59 -6.31
CA SER A 81 34.80 0.82 -6.94
C SER A 81 33.59 0.36 -6.08
N LEU A 82 33.83 -0.21 -4.90
CA LEU A 82 32.78 -0.68 -4.02
C LEU A 82 32.76 -0.02 -2.64
N MET A 83 33.51 1.07 -2.49
CA MET A 83 33.49 1.86 -1.27
C MET A 83 32.22 2.71 -1.24
N TRP A 84 31.76 3.02 -0.04
CA TRP A 84 30.74 4.04 0.18
C TRP A 84 30.85 4.54 1.62
N ASP A 85 30.21 5.68 1.86
CA ASP A 85 30.17 6.30 3.19
C ASP A 85 28.88 5.86 3.91
N PRO A 86 28.99 5.05 5.01
CA PRO A 86 27.76 4.64 5.74
C PRO A 86 26.75 5.78 6.01
N ASN A 87 27.28 6.97 6.29
CA ASN A 87 26.48 8.17 6.58
C ASN A 87 25.60 8.65 5.44
N GLU A 88 26.05 8.58 4.19
CA GLU A 88 25.16 8.95 3.07
C GLU A 88 24.07 7.92 2.73
N TYR A 89 24.07 6.77 3.41
CA TYR A 89 23.25 5.64 3.01
C TYR A 89 22.67 4.93 4.23
N GLY A 90 22.14 5.69 5.16
CA GLY A 90 21.48 5.10 6.32
C GLY A 90 22.33 4.32 7.29
N ASN A 91 23.58 4.75 7.50
CA ASN A 91 24.52 4.07 8.44
C ASN A 91 24.64 2.55 8.13
N ILE A 92 24.50 2.20 6.84
CA ILE A 92 24.57 0.81 6.33
C ILE A 92 26.04 0.50 6.11
N THR A 93 26.57 -0.41 6.93
CA THR A 93 27.98 -0.78 6.85
C THR A 93 28.27 -1.90 5.84
N ASP A 94 27.31 -2.82 5.63
CA ASP A 94 27.50 -3.94 4.69
C ASP A 94 26.22 -4.55 4.13
N PHE A 95 26.24 -4.99 2.88
CA PHE A 95 25.10 -5.70 2.28
C PHE A 95 25.44 -7.02 1.57
N ARG A 96 24.36 -7.77 1.30
CA ARG A 96 24.40 -9.05 0.54
C ARG A 96 23.99 -8.86 -0.92
N THR A 97 24.59 -9.65 -1.81
CA THR A 97 24.21 -9.55 -3.21
C THR A 97 24.58 -10.82 -3.96
N SER A 98 23.82 -11.07 -5.00
CA SER A 98 24.05 -12.18 -5.90
C SER A 98 25.42 -11.96 -6.46
N ALA A 99 26.19 -13.03 -6.56
CA ALA A 99 27.56 -12.94 -7.06
C ALA A 99 27.63 -12.59 -8.54
N ALA A 100 26.49 -12.65 -9.23
CA ALA A 100 26.39 -12.13 -10.60
C ALA A 100 26.43 -10.62 -10.67
N ASP A 101 25.88 -9.94 -9.67
CA ASP A 101 25.94 -8.46 -9.63
C ASP A 101 27.36 -7.89 -9.59
N ILE A 102 28.36 -8.71 -9.27
CA ILE A 102 29.77 -8.24 -9.14
C ILE A 102 30.85 -9.11 -9.78
N TRP A 103 32.01 -8.52 -10.00
CA TRP A 103 33.17 -9.28 -10.45
C TRP A 103 33.59 -10.17 -9.29
N THR A 104 33.85 -11.44 -9.63
CA THR A 104 34.50 -12.39 -8.73
C THR A 104 35.75 -12.95 -9.41
N PRO A 105 36.72 -13.40 -8.62
CA PRO A 105 37.92 -13.94 -9.22
C PRO A 105 37.69 -15.35 -9.72
N ASP A 106 38.49 -15.74 -10.69
CA ASP A 106 38.41 -16.99 -11.44
C ASP A 106 39.30 -18.10 -10.82
N ILE A 107 39.11 -18.35 -9.54
CA ILE A 107 39.98 -19.25 -8.84
C ILE A 107 39.54 -20.65 -9.14
N THR A 108 40.49 -21.50 -9.50
CA THR A 108 40.21 -22.75 -10.18
C THR A 108 41.12 -23.86 -9.68
N ALA A 109 40.60 -25.05 -9.46
CA ALA A 109 41.47 -26.17 -9.13
C ALA A 109 42.22 -26.65 -10.38
N ALA A 110 43.55 -26.58 -10.36
CA ALA A 110 44.35 -26.91 -11.55
C ALA A 110 44.36 -28.38 -11.93
N SER A 111 44.19 -29.27 -10.94
CA SER A 111 44.20 -30.71 -11.21
C SER A 111 42.83 -31.36 -11.11
N SER A 112 41.73 -30.66 -11.42
CA SER A 112 40.43 -31.31 -11.30
C SER A 112 40.20 -32.27 -12.48
N THR A 113 39.37 -33.29 -12.27
CA THR A 113 38.97 -34.21 -13.33
C THR A 113 37.52 -34.12 -13.82
N ARG A 114 36.70 -33.35 -13.13
CA ARG A 114 35.31 -33.10 -13.53
C ARG A 114 34.92 -31.74 -13.03
N PRO A 115 33.96 -31.14 -13.71
CA PRO A 115 33.69 -29.78 -13.38
C PRO A 115 33.12 -29.71 -11.99
N VAL A 116 33.53 -28.67 -11.31
CA VAL A 116 33.30 -28.52 -9.88
C VAL A 116 31.81 -28.34 -9.67
N GLN A 117 31.23 -29.03 -8.73
CA GLN A 117 29.82 -28.88 -8.45
C GLN A 117 29.60 -27.94 -7.31
N VAL A 118 28.73 -26.96 -7.52
CA VAL A 118 28.42 -25.96 -6.55
C VAL A 118 27.30 -26.40 -5.64
N LEU A 119 27.52 -26.27 -4.34
CA LEU A 119 26.60 -26.73 -3.32
C LEU A 119 25.90 -25.65 -2.56
N SER A 120 26.25 -24.40 -2.75
CA SER A 120 25.61 -23.33 -2.02
C SER A 120 25.07 -22.27 -2.99
N PRO A 121 24.31 -21.34 -2.44
CA PRO A 121 24.00 -20.12 -3.15
C PRO A 121 25.18 -19.33 -3.54
N GLN A 122 25.04 -18.67 -4.67
CA GLN A 122 26.09 -17.81 -5.25
C GLN A 122 25.82 -16.40 -4.72
N ILE A 123 26.22 -16.15 -3.49
CA ILE A 123 25.95 -14.84 -2.88
C ILE A 123 27.14 -14.33 -2.10
N ALA A 124 27.39 -13.04 -2.24
CA ALA A 124 28.55 -12.39 -1.67
C ALA A 124 28.11 -11.35 -0.66
N VAL A 125 29.09 -10.86 0.10
CA VAL A 125 28.92 -9.86 1.13
C VAL A 125 29.89 -8.73 0.92
N VAL A 126 29.36 -7.55 0.62
CA VAL A 126 30.16 -6.36 0.35
C VAL A 126 30.12 -5.48 1.58
N THR A 127 31.22 -4.80 1.90
CA THR A 127 31.34 -3.93 3.08
C THR A 127 31.78 -2.50 2.67
N HIS A 128 31.27 -1.49 3.38
CA HIS A 128 31.48 -0.03 3.09
C HIS A 128 32.89 0.37 2.62
N ASP A 129 33.89 -0.34 3.13
CA ASP A 129 35.31 -0.16 2.75
C ASP A 129 35.70 -0.76 1.42
N GLY A 130 34.73 -1.39 0.74
CA GLY A 130 34.92 -2.05 -0.55
C GLY A 130 35.39 -3.49 -0.50
N SER A 131 35.46 -4.09 0.69
CA SER A 131 35.88 -5.48 0.79
C SER A 131 34.68 -6.39 0.54
N VAL A 132 34.97 -7.55 -0.04
CA VAL A 132 33.99 -8.54 -0.46
C VAL A 132 34.41 -9.88 0.09
N MET A 133 33.44 -10.69 0.49
CA MET A 133 33.63 -12.03 1.02
C MET A 133 32.65 -12.88 0.26
N PHE A 134 33.10 -14.05 -0.18
CA PHE A 134 32.30 -14.93 -1.02
C PHE A 134 32.76 -16.35 -0.72
N SER A 135 31.85 -17.23 -0.29
CA SER A 135 32.26 -18.47 0.36
C SER A 135 31.44 -19.61 -0.22
N PRO A 136 31.71 -19.96 -1.48
CA PRO A 136 31.02 -21.08 -2.08
C PRO A 136 31.42 -22.45 -1.52
N ALA A 137 30.42 -23.26 -1.26
CA ALA A 137 30.56 -24.69 -1.03
C ALA A 137 30.70 -25.43 -2.35
N GLN A 138 31.50 -26.49 -2.37
CA GLN A 138 31.88 -27.16 -3.61
C GLN A 138 32.20 -28.63 -3.41
N ARG A 139 31.94 -29.43 -4.43
CA ARG A 139 32.37 -30.80 -4.45
C ARG A 139 33.30 -30.98 -5.62
N LEU A 140 34.53 -31.36 -5.33
CA LEU A 140 35.62 -31.36 -6.30
C LEU A 140 36.11 -32.77 -6.52
N SER A 141 36.38 -33.14 -7.76
CA SER A 141 37.09 -34.39 -8.00
C SER A 141 38.39 -34.01 -8.59
N PHE A 142 39.46 -34.50 -7.99
CA PHE A 142 40.77 -34.13 -8.44
C PHE A 142 41.67 -35.35 -8.40
N MET A 143 42.81 -35.17 -9.05
CA MET A 143 43.79 -36.20 -9.24
C MET A 143 44.56 -36.48 -7.96
N CYS A 144 44.61 -37.77 -7.60
CA CYS A 144 45.12 -38.24 -6.32
C CYS A 144 45.27 -39.74 -6.33
N ASP A 145 46.49 -40.21 -6.12
CA ASP A 145 46.77 -41.65 -5.96
C ASP A 145 46.52 -42.01 -4.52
N PRO A 146 45.47 -42.78 -4.26
CA PRO A 146 45.10 -43.05 -2.90
C PRO A 146 45.67 -44.32 -2.30
N THR A 147 46.60 -44.98 -2.96
CA THR A 147 47.11 -46.27 -2.42
C THR A 147 47.99 -45.94 -1.21
N GLY A 148 47.74 -46.70 -0.15
CA GLY A 148 48.24 -46.41 1.19
C GLY A 148 47.23 -45.74 2.08
N VAL A 149 45.96 -45.70 1.66
CA VAL A 149 44.94 -44.98 2.41
C VAL A 149 44.41 -45.82 3.56
N ASP A 150 44.54 -47.14 3.40
CA ASP A 150 44.24 -48.14 4.45
C ASP A 150 45.38 -48.31 5.48
N SER A 151 46.62 -48.02 5.08
CA SER A 151 47.77 -47.99 6.00
C SER A 151 47.53 -46.99 7.15
N GLU A 152 48.28 -47.15 8.23
CA GLU A 152 48.12 -46.31 9.38
C GLU A 152 48.77 -44.94 9.14
N GLU A 153 49.90 -44.93 8.43
CA GLU A 153 50.58 -43.65 8.09
C GLU A 153 49.78 -42.73 7.14
N GLY A 154 48.88 -43.35 6.38
CA GLY A 154 47.93 -42.65 5.52
C GLY A 154 48.48 -42.42 4.12
N VAL A 155 47.82 -41.52 3.38
CA VAL A 155 48.34 -41.06 2.08
C VAL A 155 48.09 -39.57 1.98
N THR A 156 48.97 -38.90 1.26
CA THR A 156 48.98 -37.46 1.13
C THR A 156 48.56 -37.08 -0.26
N CYS A 157 47.72 -36.03 -0.36
CA CYS A 157 47.19 -35.53 -1.64
C CYS A 157 47.19 -34.04 -1.72
N ALA A 158 47.44 -33.56 -2.94
CA ALA A 158 47.53 -32.11 -3.18
C ALA A 158 46.70 -31.63 -4.37
N VAL A 159 46.34 -30.36 -4.32
CA VAL A 159 45.69 -29.67 -5.44
C VAL A 159 45.94 -28.18 -5.39
N LYS A 160 46.52 -27.61 -6.45
CA LYS A 160 46.71 -26.15 -6.53
C LYS A 160 45.39 -25.46 -6.78
N PHE A 161 45.23 -24.26 -6.25
CA PHE A 161 44.12 -23.41 -6.66
C PHE A 161 44.68 -22.13 -7.18
N GLU A 162 44.41 -21.78 -8.42
CA GLU A 162 45.08 -20.69 -9.05
C GLU A 162 44.09 -19.85 -9.77
N SER A 163 44.41 -18.58 -9.99
CA SER A 163 43.65 -17.89 -11.04
C SER A 163 44.00 -18.51 -12.41
N TRP A 164 43.00 -18.64 -13.28
CA TRP A 164 43.19 -19.30 -14.56
C TRP A 164 43.79 -18.42 -15.64
N VAL A 165 43.59 -17.12 -15.53
CA VAL A 165 44.03 -16.24 -16.61
C VAL A 165 44.86 -15.07 -16.16
N TYR A 166 45.05 -14.95 -14.85
CA TYR A 166 45.69 -13.80 -14.29
C TYR A 166 46.98 -14.24 -13.61
N SER A 167 48.03 -13.44 -13.87
CA SER A 167 49.32 -13.73 -13.34
C SER A 167 49.50 -13.14 -11.98
N GLY A 168 50.65 -13.40 -11.39
CA GLY A 168 51.13 -12.69 -10.22
C GLY A 168 51.14 -11.17 -10.37
N PHE A 169 51.34 -10.67 -11.57
CA PHE A 169 51.32 -9.20 -11.79
C PHE A 169 49.92 -8.60 -11.61
N GLU A 170 48.87 -9.37 -11.91
CA GLU A 170 47.50 -8.86 -11.76
C GLU A 170 46.77 -9.33 -10.51
N ILE A 171 46.96 -10.56 -10.07
CA ILE A 171 46.28 -11.09 -8.88
C ILE A 171 47.32 -11.77 -8.03
N ASP A 172 47.35 -11.40 -6.77
CA ASP A 172 48.17 -12.04 -5.76
C ASP A 172 47.24 -12.87 -4.90
N LEU A 173 47.52 -14.14 -4.74
CA LEU A 173 46.83 -14.99 -3.77
C LEU A 173 47.54 -14.97 -2.45
N LYS A 174 46.78 -15.09 -1.35
CA LYS A 174 47.41 -15.35 -0.04
C LYS A 174 46.48 -16.15 0.80
N THR A 175 47.05 -16.98 1.67
CA THR A 175 46.27 -17.60 2.72
C THR A 175 46.31 -16.65 3.90
N ASP A 176 45.32 -16.73 4.78
CA ASP A 176 45.39 -16.03 6.06
C ASP A 176 46.22 -16.84 7.02
N THR A 177 46.37 -18.11 6.75
CA THR A 177 46.85 -19.08 7.72
C THR A 177 47.25 -20.35 6.97
N ASP A 178 48.31 -21.02 7.41
CA ASP A 178 48.68 -22.31 6.81
C ASP A 178 47.78 -23.47 7.19
N GLN A 179 46.98 -23.31 8.24
CA GLN A 179 46.10 -24.38 8.71
C GLN A 179 44.78 -24.33 7.99
N VAL A 180 44.41 -25.47 7.46
CA VAL A 180 43.13 -25.62 6.81
C VAL A 180 42.18 -25.92 7.92
N ASP A 181 41.08 -25.17 7.99
CA ASP A 181 40.12 -25.29 9.07
C ASP A 181 39.34 -26.59 8.97
N LEU A 182 39.57 -27.49 9.92
CA LEU A 182 38.86 -28.75 9.97
C LEU A 182 37.66 -28.76 10.89
N SER A 183 37.22 -27.59 11.35
CA SER A 183 36.13 -27.54 12.34
C SER A 183 34.80 -28.00 11.76
N SER A 184 34.58 -27.90 10.46
CA SER A 184 33.31 -28.32 9.89
C SER A 184 33.35 -29.77 9.43
N TYR A 185 34.51 -30.44 9.59
CA TYR A 185 34.72 -31.76 9.02
C TYR A 185 33.85 -32.82 9.67
N TYR A 186 33.40 -33.78 8.88
CA TYR A 186 32.35 -34.69 9.28
C TYR A 186 32.95 -35.75 10.15
N ALA A 187 32.34 -35.90 11.31
CA ALA A 187 32.79 -36.84 12.31
C ALA A 187 32.90 -38.25 11.79
N SER A 188 31.84 -38.74 11.13
CA SER A 188 31.85 -40.13 10.69
C SER A 188 32.14 -40.25 9.20
N SER A 189 32.97 -39.35 8.68
CA SER A 189 33.46 -39.50 7.32
C SER A 189 34.12 -40.85 7.17
N LYS A 190 34.04 -41.45 6.00
CA LYS A 190 34.80 -42.67 5.79
C LYS A 190 36.33 -42.50 5.94
N TYR A 191 36.81 -41.26 5.98
CA TYR A 191 38.23 -40.96 6.01
C TYR A 191 38.47 -39.91 7.08
N GLU A 192 39.69 -39.94 7.60
CA GLU A 192 40.06 -39.22 8.81
C GLU A 192 41.26 -38.38 8.42
N ILE A 193 41.23 -37.11 8.79
CA ILE A 193 42.22 -36.15 8.25
C ILE A 193 43.39 -36.08 9.21
N LEU A 194 44.58 -36.41 8.75
CA LEU A 194 45.76 -36.32 9.62
C LEU A 194 46.40 -34.95 9.51
N SER A 195 46.56 -34.43 8.30
CA SER A 195 47.19 -33.13 8.10
C SER A 195 46.45 -32.37 7.01
N ALA A 196 46.35 -31.04 7.15
CA ALA A 196 45.69 -30.23 6.17
C ALA A 196 46.26 -28.82 6.12
N THR A 197 46.96 -28.50 5.04
CA THR A 197 47.76 -27.31 4.94
C THR A 197 47.42 -26.53 3.65
N GLN A 198 47.41 -25.21 3.74
CA GLN A 198 47.14 -24.36 2.59
C GLN A 198 48.27 -23.33 2.48
N THR A 199 49.01 -23.40 1.40
CA THR A 199 50.35 -22.83 1.36
C THR A 199 50.48 -22.01 0.09
N ARG A 200 50.73 -20.71 0.17
CA ARG A 200 51.00 -19.90 -1.05
C ARG A 200 52.20 -20.47 -1.83
N GLN A 201 52.34 -20.13 -3.10
CA GLN A 201 53.40 -20.69 -3.96
C GLN A 201 53.58 -19.84 -5.20
N VAL A 202 54.79 -19.70 -5.67
CA VAL A 202 55.05 -19.05 -6.96
C VAL A 202 55.73 -20.03 -7.92
N GLN A 203 55.40 -19.94 -9.19
CA GLN A 203 56.12 -20.66 -10.25
C GLN A 203 56.13 -19.80 -11.46
N HIS A 204 57.09 -20.05 -12.33
CA HIS A 204 57.02 -19.61 -13.75
C HIS A 204 56.79 -20.85 -14.55
N TYR A 205 56.16 -20.65 -15.69
CA TYR A 205 55.94 -21.79 -16.57
C TYR A 205 56.52 -21.40 -17.91
N SER A 206 56.94 -22.43 -18.63
CA SER A 206 57.83 -22.24 -19.77
C SER A 206 57.13 -21.50 -20.91
N CYS A 207 55.85 -21.76 -21.13
CA CYS A 207 55.02 -20.97 -22.05
C CYS A 207 55.12 -19.44 -21.90
N CYS A 208 55.26 -18.86 -20.71
CA CYS A 208 54.75 -17.51 -20.41
C CYS A 208 55.69 -16.74 -19.45
N PRO A 209 56.02 -15.48 -19.78
CA PRO A 209 57.00 -14.63 -19.02
C PRO A 209 56.77 -14.44 -17.53
N GLU A 210 55.49 -14.35 -17.14
CA GLU A 210 55.12 -13.81 -15.81
C GLU A 210 55.11 -14.94 -14.78
N PRO A 211 55.09 -14.54 -13.51
CA PRO A 211 54.92 -15.48 -12.41
C PRO A 211 53.49 -15.83 -12.14
N TYR A 212 53.23 -17.06 -11.79
CA TYR A 212 51.88 -17.46 -11.41
C TYR A 212 51.82 -17.88 -9.97
N ILE A 213 50.86 -17.31 -9.26
CA ILE A 213 50.69 -17.61 -7.83
C ILE A 213 49.63 -18.68 -7.70
N ASP A 214 49.74 -19.49 -6.67
CA ASP A 214 48.71 -20.47 -6.36
C ASP A 214 48.72 -20.86 -4.91
N VAL A 215 47.64 -21.45 -4.46
CA VAL A 215 47.56 -21.91 -3.10
C VAL A 215 47.45 -23.38 -3.14
N ASN A 216 48.50 -24.07 -2.68
CA ASN A 216 48.49 -25.51 -2.70
C ASN A 216 47.76 -26.05 -1.49
N LEU A 217 46.76 -26.88 -1.75
CA LEU A 217 45.98 -27.50 -0.69
C LEU A 217 46.53 -28.92 -0.58
N VAL A 218 46.96 -29.30 0.62
CA VAL A 218 47.55 -30.59 0.89
C VAL A 218 46.95 -31.30 2.09
N VAL A 219 46.57 -32.53 1.84
CA VAL A 219 45.75 -33.26 2.75
C VAL A 219 46.27 -34.67 2.87
N LYS A 220 46.73 -35.02 4.06
CA LYS A 220 47.14 -36.38 4.44
C LYS A 220 45.94 -36.96 5.15
N PHE A 221 45.55 -38.17 4.79
CA PHE A 221 44.32 -38.75 5.31
C PHE A 221 44.35 -40.26 5.20
N ARG A 222 43.41 -40.92 5.89
CA ARG A 222 43.30 -42.39 5.82
C ARG A 222 41.99 -42.94 6.36
N GLU A 223 41.69 -44.22 6.11
CA GLU A 223 40.37 -44.79 6.46
C GLU A 223 40.13 -44.76 7.98
N ARG A 224 38.88 -44.55 8.41
CA ARG A 224 38.53 -44.48 9.84
C ARG A 224 38.73 -45.91 10.45
N ARG A 225 39.06 -45.96 11.74
CA ARG A 225 39.20 -47.24 12.43
C ARG A 225 37.80 -47.82 12.70
N GLN B 20 40.90 0.83 -15.23
CA GLN B 20 39.46 0.75 -15.48
C GLN B 20 39.20 1.51 -16.79
N ALA B 21 39.21 2.84 -16.72
CA ALA B 21 38.52 3.69 -17.71
C ALA B 21 39.14 3.64 -19.11
N ASN B 22 40.42 3.30 -19.17
CA ASN B 22 41.10 3.07 -20.44
C ASN B 22 40.64 1.81 -21.15
N LEU B 23 40.85 0.69 -20.46
CA LEU B 23 40.43 -0.63 -20.92
C LEU B 23 38.94 -0.69 -21.27
N MET B 24 38.08 -0.03 -20.51
CA MET B 24 36.64 0.10 -20.83
C MET B 24 36.44 0.71 -22.22
N ARG B 25 37.18 1.78 -22.53
CA ARG B 25 37.06 2.42 -23.85
C ARG B 25 37.55 1.48 -24.94
N LEU B 26 38.73 0.88 -24.74
CA LEU B 26 39.32 -0.09 -25.69
C LEU B 26 38.34 -1.18 -26.11
N LYS B 27 37.70 -1.76 -25.10
CA LYS B 27 36.71 -2.82 -25.30
C LYS B 27 35.49 -2.29 -26.06
N SER B 28 34.99 -1.15 -25.64
CA SER B 28 33.87 -0.47 -26.32
C SER B 28 34.13 -0.25 -27.82
N ASP B 29 35.35 0.13 -28.17
CA ASP B 29 35.72 0.40 -29.57
C ASP B 29 35.79 -0.88 -30.40
N LEU B 30 36.43 -1.89 -29.87
CA LEU B 30 36.52 -3.22 -30.50
C LEU B 30 35.15 -3.92 -30.69
N PHE B 31 34.38 -4.08 -29.61
CA PHE B 31 33.17 -4.94 -29.63
C PHE B 31 31.86 -4.24 -29.98
N ASN B 32 31.58 -3.09 -29.38
CA ASN B 32 30.31 -2.38 -29.63
C ASN B 32 30.25 -1.66 -30.95
N ARG B 33 31.40 -1.26 -31.49
CA ARG B 33 31.41 -0.41 -32.70
C ARG B 33 32.16 -1.03 -33.90
N SER B 34 32.04 -2.34 -34.08
CA SER B 34 32.05 -3.02 -35.40
C SER B 34 30.83 -3.93 -35.39
N PRO B 35 30.65 -4.80 -36.42
CA PRO B 35 29.93 -6.05 -36.14
C PRO B 35 30.92 -7.07 -35.56
N MET B 36 30.46 -8.20 -35.02
CA MET B 36 31.38 -9.28 -34.56
C MET B 36 32.08 -9.96 -35.79
N TYR B 37 33.31 -10.42 -35.59
CA TYR B 37 34.09 -10.98 -36.70
C TYR B 37 33.39 -12.24 -37.19
N PRO B 38 32.94 -12.26 -38.45
CA PRO B 38 32.12 -13.37 -38.88
C PRO B 38 32.87 -14.61 -39.37
N GLY B 39 34.12 -14.75 -39.02
CA GLY B 39 34.89 -16.00 -39.23
C GLY B 39 35.43 -16.13 -40.64
N PRO B 40 36.50 -16.91 -40.82
CA PRO B 40 37.27 -16.99 -42.06
C PRO B 40 36.49 -17.44 -43.28
N THR B 41 36.94 -17.00 -44.46
CA THR B 41 36.47 -17.43 -45.80
C THR B 41 37.70 -17.94 -46.58
N LYS B 42 37.49 -18.49 -47.78
CA LYS B 42 38.63 -18.92 -48.66
C LYS B 42 39.52 -17.73 -48.94
N ASP B 43 38.86 -16.59 -49.23
CA ASP B 43 39.53 -15.30 -49.45
C ASP B 43 40.45 -14.82 -48.34
N ASP B 44 39.95 -14.77 -47.12
CA ASP B 44 40.78 -14.39 -45.95
C ASP B 44 40.85 -15.57 -45.01
N PRO B 45 41.65 -16.60 -45.36
CA PRO B 45 41.72 -17.75 -44.48
C PRO B 45 42.42 -17.33 -43.20
N LEU B 46 42.47 -18.27 -42.27
CA LEU B 46 42.95 -18.01 -40.92
C LEU B 46 43.75 -19.18 -40.39
N THR B 47 44.87 -18.86 -39.76
CA THR B 47 45.69 -19.90 -39.18
C THR B 47 45.57 -19.89 -37.68
N VAL B 48 45.44 -21.11 -37.16
CA VAL B 48 45.06 -21.40 -35.79
C VAL B 48 46.02 -22.46 -35.33
N THR B 49 46.45 -22.36 -34.08
CA THR B 49 47.63 -23.08 -33.65
C THR B 49 47.36 -23.79 -32.36
N LEU B 50 47.43 -25.12 -32.41
CA LEU B 50 47.17 -25.98 -31.27
C LEU B 50 48.39 -26.46 -30.59
N GLY B 51 48.24 -26.62 -29.28
CA GLY B 51 49.24 -27.21 -28.44
C GLY B 51 48.49 -27.90 -27.33
N PHE B 52 48.70 -29.19 -27.21
CA PHE B 52 48.11 -29.94 -26.12
C PHE B 52 49.06 -30.00 -24.94
N PHE B 53 48.46 -30.12 -23.77
CA PHE B 53 49.15 -30.25 -22.50
C PHE B 53 48.45 -31.31 -21.70
N LEU B 54 48.91 -32.54 -21.87
CA LEU B 54 48.38 -33.65 -21.16
C LEU B 54 48.53 -33.49 -19.65
N GLN B 55 47.57 -34.08 -18.94
CA GLN B 55 47.44 -33.95 -17.53
C GLN B 55 47.17 -35.27 -16.77
N ASP B 56 46.22 -36.10 -17.17
CA ASP B 56 46.04 -37.39 -16.47
C ASP B 56 45.38 -38.18 -17.57
N ILE B 57 45.67 -39.46 -17.63
CA ILE B 57 44.78 -40.39 -18.25
C ILE B 57 44.00 -40.90 -17.06
N VAL B 58 42.75 -40.51 -17.01
CA VAL B 58 41.99 -40.70 -15.79
C VAL B 58 41.47 -42.09 -15.74
N LYS B 59 40.84 -42.49 -16.84
CA LYS B 59 40.20 -43.76 -16.91
C LYS B 59 40.34 -44.44 -18.27
N VAL B 60 40.24 -45.75 -18.17
CA VAL B 60 40.27 -46.66 -19.32
C VAL B 60 39.08 -47.58 -19.06
N ASP B 61 38.33 -47.89 -20.11
CA ASP B 61 37.19 -48.79 -19.97
C ASP B 61 37.21 -49.72 -21.14
N SER B 62 37.59 -50.96 -20.85
CA SER B 62 37.71 -52.02 -21.83
C SER B 62 36.39 -52.69 -22.19
N SER B 63 35.30 -52.44 -21.48
CA SER B 63 33.96 -52.81 -22.01
C SER B 63 33.52 -52.07 -23.26
N THR B 64 33.97 -50.83 -23.43
CA THR B 64 33.41 -49.88 -24.41
C THR B 64 34.42 -49.32 -25.44
N ASN B 65 35.66 -49.36 -24.99
CA ASN B 65 36.83 -48.88 -25.69
C ASN B 65 36.69 -47.38 -25.74
N GLU B 66 36.63 -46.85 -24.52
CA GLU B 66 36.44 -45.44 -24.23
C GLU B 66 37.60 -45.16 -23.29
N VAL B 67 38.34 -44.11 -23.60
CA VAL B 67 39.35 -43.61 -22.67
C VAL B 67 39.13 -42.15 -22.36
N ASP B 68 39.33 -41.81 -21.10
CA ASP B 68 39.09 -40.48 -20.60
C ASP B 68 40.42 -39.83 -20.28
N LEU B 69 40.58 -38.64 -20.80
CA LEU B 69 41.82 -37.99 -20.88
C LEU B 69 41.59 -36.55 -20.45
N VAL B 70 42.51 -35.97 -19.69
CA VAL B 70 42.34 -34.58 -19.23
C VAL B 70 43.50 -33.72 -19.67
N TYR B 71 43.22 -32.50 -20.16
CA TYR B 71 44.27 -31.66 -20.75
C TYR B 71 43.88 -30.21 -20.94
N TYR B 72 44.89 -29.34 -21.07
CA TYR B 72 44.70 -27.95 -21.51
C TYR B 72 44.90 -28.03 -22.98
N GLU B 73 44.31 -27.10 -23.72
CA GLU B 73 44.44 -27.08 -25.18
C GLU B 73 44.68 -25.64 -25.50
N ARG B 74 45.92 -25.28 -25.82
CA ARG B 74 46.21 -23.89 -26.15
C ARG B 74 45.90 -23.64 -27.61
N GLN B 75 44.96 -22.70 -27.87
CA GLN B 75 44.63 -22.27 -29.21
C GLN B 75 45.12 -20.86 -29.37
N ARG B 76 45.87 -20.60 -30.44
CA ARG B 76 46.28 -19.24 -30.78
C ARG B 76 45.90 -18.92 -32.22
N TRP B 77 45.32 -17.74 -32.43
CA TRP B 77 45.06 -17.22 -33.78
C TRP B 77 45.24 -15.71 -33.76
N LYS B 78 45.15 -15.07 -34.94
CA LYS B 78 45.34 -13.61 -35.00
C LYS B 78 44.42 -12.91 -35.95
N LEU B 79 43.82 -11.80 -35.50
CA LEU B 79 42.82 -11.08 -36.27
C LEU B 79 43.15 -9.61 -36.35
N ASN B 80 42.93 -9.01 -37.52
CA ASN B 80 43.13 -7.59 -37.63
C ASN B 80 42.04 -6.81 -37.02
N SER B 81 40.80 -7.31 -37.02
CA SER B 81 39.75 -6.56 -36.31
C SER B 81 40.04 -6.38 -34.80
N LEU B 82 41.15 -6.92 -34.29
CA LEU B 82 41.52 -6.83 -32.88
C LEU B 82 42.82 -6.11 -32.61
N MET B 83 43.37 -5.45 -33.62
CA MET B 83 44.57 -4.61 -33.45
C MET B 83 44.18 -3.30 -32.75
N TRP B 84 45.12 -2.74 -32.01
CA TRP B 84 45.01 -1.36 -31.52
C TRP B 84 46.41 -0.83 -31.20
N ASP B 85 46.49 0.49 -31.05
CA ASP B 85 47.74 1.17 -30.72
C ASP B 85 47.83 1.37 -29.19
N PRO B 86 48.78 0.69 -28.50
CA PRO B 86 48.90 0.88 -27.04
C PRO B 86 48.84 2.35 -26.56
N ASN B 87 49.47 3.23 -27.36
CA ASN B 87 49.52 4.67 -27.08
C ASN B 87 48.18 5.39 -27.01
N GLU B 88 47.22 5.04 -27.88
CA GLU B 88 45.89 5.67 -27.78
C GLU B 88 45.02 5.17 -26.61
N TYR B 89 45.51 4.17 -25.86
CA TYR B 89 44.68 3.46 -24.89
C TYR B 89 45.47 3.14 -23.62
N GLY B 90 46.20 4.13 -23.12
CA GLY B 90 46.91 3.98 -21.86
C GLY B 90 48.05 2.99 -21.84
N ASN B 91 48.79 2.86 -22.95
CA ASN B 91 49.95 1.93 -23.03
C ASN B 91 49.55 0.48 -22.64
N ILE B 92 48.28 0.12 -22.91
CA ILE B 92 47.68 -1.20 -22.61
C ILE B 92 48.06 -2.12 -23.77
N THR B 93 48.91 -3.10 -23.49
CA THR B 93 49.38 -4.02 -24.50
C THR B 93 48.46 -5.24 -24.70
N ASP B 94 47.77 -5.68 -23.63
CA ASP B 94 46.86 -6.83 -23.72
C ASP B 94 45.76 -6.87 -22.66
N PHE B 95 44.58 -7.37 -23.03
CA PHE B 95 43.49 -7.58 -22.06
C PHE B 95 42.85 -8.98 -22.08
N ARG B 96 42.08 -9.23 -21.01
CA ARG B 96 41.31 -10.47 -20.81
C ARG B 96 39.83 -10.27 -21.16
N THR B 97 39.19 -11.30 -21.70
CA THR B 97 37.77 -11.19 -21.97
C THR B 97 37.14 -12.58 -22.05
N SER B 98 35.84 -12.59 -21.72
CA SER B 98 35.05 -13.78 -21.81
C SER B 98 35.10 -14.22 -23.24
N ALA B 99 35.24 -15.52 -23.46
CA ALA B 99 35.33 -16.05 -24.81
C ALA B 99 34.05 -15.91 -25.61
N ALA B 100 32.95 -15.56 -24.94
CA ALA B 100 31.72 -15.20 -25.62
C ALA B 100 31.81 -13.85 -26.33
N ASP B 101 32.55 -12.90 -25.77
CA ASP B 101 32.72 -11.58 -26.41
C ASP B 101 33.40 -11.66 -27.79
N ILE B 102 34.02 -12.80 -28.13
CA ILE B 102 34.76 -12.94 -29.41
C ILE B 102 34.55 -14.26 -30.17
N TRP B 103 34.88 -14.24 -31.46
CA TRP B 103 34.90 -15.45 -32.26
C TRP B 103 36.01 -16.34 -31.75
N THR B 104 35.68 -17.61 -31.57
CA THR B 104 36.68 -18.66 -31.33
C THR B 104 36.52 -19.77 -32.39
N PRO B 105 37.58 -20.50 -32.66
CA PRO B 105 37.48 -21.55 -33.65
C PRO B 105 36.79 -22.78 -33.06
N ASP B 106 36.20 -23.58 -33.93
CA ASP B 106 35.33 -24.72 -33.59
C ASP B 106 36.09 -26.07 -33.58
N ILE B 107 37.18 -26.09 -32.82
CA ILE B 107 38.09 -27.24 -32.92
C ILE B 107 37.51 -28.32 -32.06
N THR B 108 37.45 -29.53 -32.61
CA THR B 108 36.60 -30.60 -32.08
C THR B 108 37.27 -31.94 -32.18
N ALA B 109 37.14 -32.77 -31.17
CA ALA B 109 37.67 -34.13 -31.27
C ALA B 109 36.76 -34.98 -32.15
N ALA B 110 37.29 -35.49 -33.26
CA ALA B 110 36.47 -36.27 -34.19
C ALA B 110 35.97 -37.61 -33.70
N SER B 111 36.70 -38.24 -32.79
CA SER B 111 36.29 -39.56 -32.28
C SER B 111 35.74 -39.56 -30.86
N SER B 112 35.12 -38.46 -30.41
CA SER B 112 34.65 -38.46 -29.01
C SER B 112 33.39 -39.30 -28.83
N THR B 113 33.18 -39.81 -27.64
CA THR B 113 31.95 -40.55 -27.28
C THR B 113 30.99 -39.87 -26.33
N ARG B 114 31.39 -38.77 -25.73
CA ARG B 114 30.53 -38.00 -24.81
C ARG B 114 30.95 -36.56 -24.92
N PRO B 115 30.03 -35.69 -24.58
CA PRO B 115 30.30 -34.31 -24.79
C PRO B 115 31.42 -33.90 -23.88
N VAL B 116 32.27 -33.04 -24.42
CA VAL B 116 33.49 -32.66 -23.76
C VAL B 116 33.15 -31.88 -22.50
N GLN B 117 33.77 -32.17 -21.40
CA GLN B 117 33.50 -31.46 -20.17
C GLN B 117 34.53 -30.37 -19.96
N VAL B 118 34.02 -29.15 -19.71
CA VAL B 118 34.92 -28.04 -19.54
C VAL B 118 35.31 -27.88 -18.08
N LEU B 119 36.61 -27.74 -17.86
CA LEU B 119 37.16 -27.66 -16.53
C LEU B 119 37.68 -26.30 -16.13
N SER B 120 37.74 -25.35 -17.03
CA SER B 120 38.23 -24.03 -16.68
C SER B 120 37.25 -22.95 -17.08
N PRO B 121 37.52 -21.74 -16.67
CA PRO B 121 36.84 -20.58 -17.22
C PRO B 121 37.05 -20.43 -18.68
N GLN B 122 36.03 -19.92 -19.34
CA GLN B 122 36.03 -19.67 -20.78
C GLN B 122 36.48 -18.22 -20.97
N ILE B 123 37.78 -18.01 -20.88
CA ILE B 123 38.32 -16.65 -20.98
C ILE B 123 39.55 -16.62 -21.84
N ALA B 124 39.65 -15.59 -22.67
CA ALA B 124 40.71 -15.46 -23.65
C ALA B 124 41.54 -14.22 -23.32
N VAL B 125 42.69 -14.14 -24.00
CA VAL B 125 43.63 -13.05 -23.87
C VAL B 125 43.94 -12.47 -25.24
N VAL B 126 43.55 -11.21 -25.41
CA VAL B 126 43.75 -10.49 -26.68
C VAL B 126 44.95 -9.57 -26.49
N THR B 127 45.77 -9.41 -27.55
CA THR B 127 46.98 -8.57 -27.50
C THR B 127 46.95 -7.52 -28.61
N HIS B 128 47.51 -6.32 -28.33
CA HIS B 128 47.49 -5.12 -29.22
C HIS B 128 47.69 -5.40 -30.73
N ASP B 129 48.48 -6.43 -31.03
CA ASP B 129 48.73 -6.88 -32.41
C ASP B 129 47.61 -7.71 -33.03
N GLY B 130 46.54 -7.92 -32.27
CA GLY B 130 45.37 -8.70 -32.68
C GLY B 130 45.44 -10.20 -32.46
N SER B 131 46.49 -10.68 -31.76
CA SER B 131 46.59 -12.11 -31.51
C SER B 131 45.79 -12.44 -30.26
N VAL B 132 45.26 -13.66 -30.26
CA VAL B 132 44.38 -14.16 -29.22
C VAL B 132 44.94 -15.51 -28.76
N MET B 133 44.82 -15.77 -27.46
CA MET B 133 45.25 -17.01 -26.85
C MET B 133 44.10 -17.45 -26.00
N PHE B 134 43.79 -18.74 -26.05
CA PHE B 134 42.62 -19.27 -25.35
C PHE B 134 42.93 -20.71 -24.99
N SER B 135 42.88 -21.08 -23.72
CA SER B 135 43.51 -22.34 -23.28
C SER B 135 42.56 -23.05 -22.35
N PRO B 136 41.48 -23.58 -22.89
CA PRO B 136 40.54 -24.34 -22.08
C PRO B 136 41.04 -25.70 -21.62
N ALA B 137 40.83 -25.97 -20.36
CA ALA B 137 40.96 -27.31 -19.78
C ALA B 137 39.72 -28.16 -20.08
N GLN B 138 39.92 -29.45 -20.28
CA GLN B 138 38.87 -30.32 -20.81
C GLN B 138 39.05 -31.77 -20.38
N ARG B 139 37.93 -32.46 -20.24
CA ARG B 139 37.96 -33.90 -20.03
C ARG B 139 37.23 -34.54 -21.18
N LEU B 140 37.95 -35.37 -21.92
CA LEU B 140 37.46 -35.95 -23.16
C LEU B 140 37.33 -37.44 -23.03
N SER B 141 36.24 -37.99 -23.56
CA SER B 141 36.16 -39.45 -23.70
C SER B 141 36.14 -39.72 -25.14
N PHE B 142 37.05 -40.57 -25.58
CA PHE B 142 37.16 -40.87 -26.97
C PHE B 142 37.42 -42.35 -27.15
N MET B 143 37.27 -42.75 -28.41
CA MET B 143 37.35 -44.13 -28.84
C MET B 143 38.80 -44.62 -28.85
N CYS B 144 39.02 -45.75 -28.20
CA CYS B 144 40.36 -46.28 -27.93
C CYS B 144 40.27 -47.69 -27.36
N ASP B 145 40.88 -48.64 -28.04
CA ASP B 145 40.99 -50.01 -27.56
C ASP B 145 42.21 -50.08 -26.65
N PRO B 146 41.98 -50.25 -25.35
CA PRO B 146 43.08 -50.18 -24.42
C PRO B 146 43.70 -51.51 -24.05
N THR B 147 43.39 -52.60 -24.76
CA THR B 147 43.92 -53.90 -24.35
C THR B 147 45.42 -53.91 -24.73
N GLY B 148 46.21 -54.39 -23.79
CA GLY B 148 47.67 -54.28 -23.82
C GLY B 148 48.19 -53.15 -22.95
N VAL B 149 47.33 -52.59 -22.11
CA VAL B 149 47.72 -51.43 -21.31
C VAL B 149 48.48 -51.86 -20.06
N ASP B 150 48.25 -53.09 -19.64
CA ASP B 150 49.01 -53.75 -18.55
C ASP B 150 50.36 -54.34 -19.02
N SER B 151 50.48 -54.68 -20.31
CA SER B 151 51.79 -55.06 -20.89
C SER B 151 52.85 -53.98 -20.71
N GLU B 152 54.10 -54.38 -20.83
CA GLU B 152 55.22 -53.46 -20.63
C GLU B 152 55.37 -52.56 -21.87
N GLU B 153 55.14 -53.11 -23.06
CA GLU B 153 55.22 -52.31 -24.31
C GLU B 153 54.14 -51.20 -24.43
N GLY B 154 53.03 -51.42 -23.70
CA GLY B 154 51.95 -50.44 -23.59
C GLY B 154 50.90 -50.58 -24.66
N VAL B 155 50.08 -49.55 -24.81
CA VAL B 155 49.11 -49.46 -25.91
C VAL B 155 49.10 -48.03 -26.40
N THR B 156 48.82 -47.87 -27.68
CA THR B 156 48.82 -46.59 -28.36
C THR B 156 47.41 -46.18 -28.70
N CYS B 157 47.09 -44.90 -28.50
CA CYS B 157 45.77 -44.31 -28.79
C CYS B 157 45.84 -42.98 -29.48
N ALA B 158 44.88 -42.74 -30.35
CA ALA B 158 44.86 -41.57 -31.20
C ALA B 158 43.50 -40.90 -31.29
N VAL B 159 43.52 -39.59 -31.57
CA VAL B 159 42.29 -38.84 -31.82
C VAL B 159 42.60 -37.57 -32.62
N LYS B 160 41.95 -37.38 -33.74
CA LYS B 160 42.08 -36.17 -34.55
C LYS B 160 41.41 -34.99 -33.86
N PHE B 161 41.95 -33.80 -34.04
CA PHE B 161 41.23 -32.59 -33.66
C PHE B 161 41.11 -31.74 -34.87
N GLU B 162 39.89 -31.42 -35.30
CA GLU B 162 39.69 -30.79 -36.57
C GLU B 162 38.71 -29.67 -36.37
N SER B 163 38.76 -28.67 -37.23
CA SER B 163 37.58 -27.82 -37.32
C SER B 163 36.38 -28.63 -37.86
N TRP B 164 35.20 -28.38 -37.32
CA TRP B 164 34.02 -29.17 -37.64
C TRP B 164 33.34 -28.73 -38.93
N VAL B 165 33.49 -27.47 -39.31
CA VAL B 165 32.76 -26.98 -40.46
C VAL B 165 33.61 -26.28 -41.48
N TYR B 166 34.89 -26.14 -41.20
CA TYR B 166 35.78 -25.36 -42.01
C TYR B 166 36.86 -26.27 -42.60
N SER B 167 37.15 -26.03 -43.87
CA SER B 167 38.12 -26.81 -44.60
C SER B 167 39.49 -26.20 -44.42
N GLY B 168 40.46 -26.89 -45.01
CA GLY B 168 41.79 -26.32 -45.24
C GLY B 168 41.79 -25.01 -45.97
N PHE B 169 40.84 -24.76 -46.83
CA PHE B 169 40.75 -23.43 -47.51
C PHE B 169 40.44 -22.28 -46.58
N GLU B 170 39.68 -22.54 -45.51
CA GLU B 170 39.30 -21.46 -44.58
C GLU B 170 40.14 -21.43 -43.28
N ILE B 171 40.47 -22.60 -42.73
CA ILE B 171 41.27 -22.64 -41.50
C ILE B 171 42.38 -23.62 -41.68
N ASP B 172 43.60 -23.15 -41.38
CA ASP B 172 44.76 -24.01 -41.37
C ASP B 172 45.10 -24.25 -39.91
N LEU B 173 45.23 -25.51 -39.54
CA LEU B 173 45.75 -25.86 -38.21
C LEU B 173 47.24 -26.04 -38.27
N LYS B 174 47.96 -25.71 -37.21
CA LYS B 174 49.35 -26.11 -37.07
C LYS B 174 49.68 -26.35 -35.63
N THR B 175 50.60 -27.27 -35.41
CA THR B 175 51.21 -27.41 -34.11
C THR B 175 52.41 -26.49 -34.10
N ASP B 176 52.85 -26.06 -32.92
CA ASP B 176 54.13 -25.35 -32.83
C ASP B 176 55.25 -26.35 -32.79
N THR B 177 54.93 -27.59 -32.46
CA THR B 177 55.92 -28.58 -32.07
C THR B 177 55.22 -29.94 -32.11
N ASP B 178 55.94 -30.98 -32.50
CA ASP B 178 55.39 -32.34 -32.46
C ASP B 178 55.28 -32.95 -31.08
N GLN B 179 55.95 -32.37 -30.09
CA GLN B 179 55.92 -32.90 -28.72
C GLN B 179 54.73 -32.32 -28.00
N VAL B 180 53.98 -33.23 -27.39
CA VAL B 180 52.90 -32.86 -26.52
C VAL B 180 53.54 -32.59 -25.21
N ASP B 181 53.24 -31.44 -24.61
CA ASP B 181 53.87 -31.01 -23.37
C ASP B 181 53.34 -31.85 -22.20
N LEU B 182 54.25 -32.66 -21.63
CA LEU B 182 53.91 -33.48 -20.50
C LEU B 182 54.31 -32.86 -19.18
N SER B 183 54.64 -31.57 -19.14
CA SER B 183 55.09 -30.94 -17.89
C SER B 183 53.99 -30.87 -16.85
N SER B 184 52.72 -30.83 -17.24
CA SER B 184 51.66 -30.76 -16.25
C SER B 184 51.15 -32.15 -15.84
N TYR B 185 51.70 -33.19 -16.44
CA TYR B 185 51.18 -34.55 -16.28
C TYR B 185 51.37 -35.08 -14.88
N TYR B 186 50.39 -35.82 -14.40
CA TYR B 186 50.31 -36.15 -12.99
C TYR B 186 51.25 -37.27 -12.71
N ALA B 187 52.10 -37.05 -11.74
CA ALA B 187 53.11 -38.00 -11.32
C ALA B 187 52.53 -39.35 -10.97
N SER B 188 51.51 -39.41 -10.15
CA SER B 188 50.96 -40.67 -9.70
C SER B 188 49.67 -41.04 -10.43
N SER B 189 49.56 -40.63 -11.70
CA SER B 189 48.45 -41.09 -12.53
C SER B 189 48.44 -42.60 -12.54
N LYS B 190 47.28 -43.20 -12.66
CA LYS B 190 47.22 -44.65 -12.84
C LYS B 190 47.97 -45.16 -14.10
N TYR B 191 48.32 -44.25 -15.01
CA TYR B 191 48.93 -44.61 -16.28
C TYR B 191 50.08 -43.68 -16.53
N GLU B 192 51.05 -44.21 -17.28
CA GLU B 192 52.37 -43.64 -17.43
C GLU B 192 52.56 -43.43 -18.92
N ILE B 193 53.02 -42.25 -19.30
CA ILE B 193 53.01 -41.85 -20.70
C ILE B 193 54.35 -42.24 -21.34
N LEU B 194 54.33 -43.08 -22.36
CA LEU B 194 55.55 -43.46 -23.05
C LEU B 194 55.82 -42.48 -24.21
N SER B 195 54.82 -42.17 -25.00
CA SER B 195 54.99 -41.24 -26.11
C SER B 195 53.77 -40.34 -26.24
N ALA B 196 53.97 -39.12 -26.67
CA ALA B 196 52.87 -38.19 -26.84
C ALA B 196 53.15 -37.17 -27.92
N THR B 197 52.47 -37.28 -29.03
CA THR B 197 52.82 -36.57 -30.26
C THR B 197 51.57 -35.84 -30.82
N GLN B 198 51.79 -34.65 -31.35
CA GLN B 198 50.71 -33.88 -31.96
C GLN B 198 51.17 -33.46 -33.35
N THR B 199 50.49 -33.95 -34.36
CA THR B 199 51.08 -34.07 -35.69
C THR B 199 50.05 -33.48 -36.68
N ARG B 200 50.38 -32.40 -37.37
CA ARG B 200 49.45 -31.88 -38.41
C ARG B 200 49.20 -32.96 -39.49
N GLN B 201 48.13 -32.83 -40.27
CA GLN B 201 47.75 -33.88 -41.24
C GLN B 201 46.79 -33.28 -42.25
N VAL B 202 46.89 -33.73 -43.51
CA VAL B 202 45.91 -33.38 -44.51
C VAL B 202 45.21 -34.65 -45.03
N GLN B 203 43.92 -34.54 -45.35
CA GLN B 203 43.23 -35.61 -46.05
C GLN B 203 42.24 -34.93 -46.97
N HIS B 204 41.93 -35.65 -48.06
CA HIS B 204 40.73 -35.40 -48.84
C HIS B 204 39.84 -36.57 -48.58
N TYR B 205 38.54 -36.40 -48.78
CA TYR B 205 37.65 -37.52 -48.62
C TYR B 205 36.86 -37.59 -49.90
N SER B 206 36.30 -38.77 -50.13
CA SER B 206 35.45 -39.01 -51.28
C SER B 206 34.18 -38.14 -51.23
N CYS B 207 33.60 -37.92 -50.05
CA CYS B 207 32.51 -36.95 -49.89
C CYS B 207 32.74 -35.55 -50.54
N CYS B 208 33.94 -35.00 -50.49
CA CYS B 208 34.11 -33.54 -50.45
C CYS B 208 35.35 -33.08 -51.27
N PRO B 209 35.22 -32.05 -52.13
CA PRO B 209 36.34 -31.50 -52.96
C PRO B 209 37.57 -30.99 -52.21
N GLU B 210 37.35 -30.42 -51.02
CA GLU B 210 38.38 -29.60 -50.37
C GLU B 210 39.26 -30.49 -49.51
N PRO B 211 40.43 -29.95 -49.10
CA PRO B 211 41.28 -30.60 -48.13
C PRO B 211 40.83 -30.30 -46.72
N TYR B 212 40.94 -31.30 -45.85
CA TYR B 212 40.69 -31.06 -44.46
C TYR B 212 41.95 -31.26 -43.65
N ILE B 213 42.25 -30.28 -42.80
CA ILE B 213 43.42 -30.33 -41.95
C ILE B 213 42.97 -30.86 -40.59
N ASP B 214 43.88 -31.54 -39.91
CA ASP B 214 43.62 -31.94 -38.54
C ASP B 214 44.91 -32.15 -37.78
N VAL B 215 44.82 -32.17 -36.47
CA VAL B 215 45.99 -32.41 -35.66
C VAL B 215 45.75 -33.70 -34.95
N ASN B 216 46.51 -34.71 -35.31
CA ASN B 216 46.35 -36.01 -34.69
C ASN B 216 47.10 -36.07 -33.39
N LEU B 217 46.38 -36.41 -32.32
CA LEU B 217 46.96 -36.53 -30.99
C LEU B 217 47.14 -38.02 -30.77
N VAL B 218 48.37 -38.43 -30.47
CA VAL B 218 48.73 -39.82 -30.30
C VAL B 218 49.52 -40.08 -29.04
N VAL B 219 49.05 -41.06 -28.29
CA VAL B 219 49.50 -41.27 -26.95
C VAL B 219 49.68 -42.74 -26.73
N LYS B 220 50.93 -43.15 -26.48
CA LYS B 220 51.30 -44.51 -26.11
C LYS B 220 51.45 -44.46 -24.60
N PHE B 221 50.87 -45.42 -23.89
CA PHE B 221 50.83 -45.37 -22.44
C PHE B 221 50.61 -46.73 -21.85
N ARG B 222 50.81 -46.86 -20.54
CA ARG B 222 50.54 -48.12 -19.82
C ARG B 222 50.48 -47.99 -18.29
N GLU B 223 50.01 -49.03 -17.59
CA GLU B 223 49.80 -48.93 -16.13
C GLU B 223 51.09 -48.66 -15.36
N ARG B 224 51.02 -47.88 -14.28
CA ARG B 224 52.21 -47.52 -13.47
C ARG B 224 52.69 -48.84 -12.76
N ARG B 225 53.98 -48.97 -12.44
CA ARG B 225 54.44 -50.22 -11.76
C ARG B 225 55.20 -49.90 -10.40
N ALA B 226 56.52 -50.12 -10.27
CA ALA B 226 57.34 -49.57 -9.12
C ALA B 226 58.87 -49.32 -9.38
N GLN C 20 36.01 -10.29 -44.84
CA GLN C 20 35.51 -9.81 -43.53
C GLN C 20 34.38 -8.87 -43.63
N ALA C 21 34.65 -7.69 -44.14
CA ALA C 21 33.60 -6.61 -44.27
C ALA C 21 32.51 -6.96 -45.30
N ASN C 22 32.83 -7.83 -46.23
CA ASN C 22 31.85 -8.36 -47.17
C ASN C 22 30.84 -9.30 -46.51
N LEU C 23 31.38 -10.37 -45.95
CA LEU C 23 30.61 -11.37 -45.21
C LEU C 23 29.79 -10.76 -44.08
N MET C 24 30.32 -9.78 -43.36
CA MET C 24 29.57 -9.01 -42.35
C MET C 24 28.32 -8.38 -42.94
N ARG C 25 28.43 -7.78 -44.12
CA ARG C 25 27.25 -7.17 -44.77
C ARG C 25 26.25 -8.24 -45.17
N LEU C 26 26.73 -9.29 -45.84
CA LEU C 26 25.89 -10.44 -46.27
C LEU C 26 25.01 -10.96 -45.13
N LYS C 27 25.64 -11.18 -43.99
CA LYS C 27 24.96 -11.68 -42.79
C LYS C 27 23.96 -10.68 -42.27
N SER C 28 24.37 -9.42 -42.19
CA SER C 28 23.48 -8.33 -41.79
C SER C 28 22.21 -8.25 -42.63
N ASP C 29 22.33 -8.46 -43.93
CA ASP C 29 21.17 -8.38 -44.86
C ASP C 29 20.22 -9.54 -44.67
N LEU C 30 20.77 -10.75 -44.59
CA LEU C 30 19.99 -11.96 -44.36
C LEU C 30 19.25 -11.97 -42.96
N PHE C 31 20.01 -11.77 -41.87
CA PHE C 31 19.46 -12.00 -40.52
C PHE C 31 18.84 -10.78 -39.83
N ASN C 32 19.50 -9.63 -39.86
CA ASN C 32 19.02 -8.44 -39.14
C ASN C 32 17.89 -7.74 -39.83
N ARG C 33 17.78 -7.88 -41.18
CA ARG C 33 16.82 -7.13 -41.95
C ARG C 33 15.82 -8.00 -42.74
N SER C 34 15.38 -9.11 -42.13
CA SER C 34 13.94 -9.57 -42.31
C SER C 34 13.43 -9.83 -40.89
N PRO C 35 12.22 -10.37 -40.72
CA PRO C 35 11.99 -11.21 -39.51
C PRO C 35 12.53 -12.64 -39.80
N MET C 36 12.74 -13.44 -38.76
CA MET C 36 13.37 -14.78 -38.94
C MET C 36 12.41 -15.76 -39.63
N TYR C 37 12.95 -16.70 -40.39
CA TYR C 37 12.10 -17.64 -41.18
C TYR C 37 11.31 -18.48 -40.23
N PRO C 38 9.97 -18.37 -40.24
CA PRO C 38 9.20 -18.99 -39.14
C PRO C 38 8.85 -20.45 -39.40
N GLY C 39 9.55 -21.13 -40.36
CA GLY C 39 9.35 -22.52 -40.59
C GLY C 39 8.19 -22.86 -41.45
N PRO C 40 8.21 -24.07 -42.08
CA PRO C 40 7.25 -24.47 -43.10
C PRO C 40 5.77 -24.49 -42.64
N THR C 41 4.88 -24.27 -43.61
CA THR C 41 3.41 -24.42 -43.50
C THR C 41 2.97 -25.42 -44.57
N LYS C 42 1.69 -25.80 -44.58
CA LYS C 42 1.13 -26.68 -45.65
C LYS C 42 1.34 -26.02 -46.99
N ASP C 43 1.07 -24.72 -47.03
CA ASP C 43 1.26 -23.85 -48.21
C ASP C 43 2.66 -23.87 -48.80
N ASP C 44 3.68 -23.61 -47.98
CA ASP C 44 5.07 -23.67 -48.44
C ASP C 44 5.80 -24.77 -47.69
N PRO C 45 5.53 -26.04 -48.03
CA PRO C 45 6.19 -27.11 -47.32
C PRO C 45 7.66 -27.07 -47.64
N LEU C 46 8.41 -27.94 -46.97
CA LEU C 46 9.86 -27.95 -47.02
C LEU C 46 10.41 -29.36 -47.00
N THR C 47 11.40 -29.60 -47.84
CA THR C 47 12.04 -30.90 -47.87
C THR C 47 13.41 -30.84 -47.26
N VAL C 48 13.66 -31.87 -46.44
CA VAL C 48 14.78 -31.98 -45.55
C VAL C 48 15.33 -33.35 -45.73
N THR C 49 16.65 -33.47 -45.69
CA THR C 49 17.29 -34.67 -46.21
C THR C 49 18.31 -35.18 -45.24
N LEU C 50 18.06 -36.39 -44.73
CA LEU C 50 18.91 -37.02 -43.75
C LEU C 50 19.84 -38.03 -44.31
N GLY C 51 20.99 -38.11 -43.68
CA GLY C 51 21.99 -39.09 -43.99
C GLY C 51 22.71 -39.37 -42.70
N PHE C 52 22.68 -40.63 -42.27
CA PHE C 52 23.39 -41.02 -41.07
C PHE C 52 24.77 -41.53 -41.41
N PHE C 53 25.67 -41.36 -40.45
CA PHE C 53 27.05 -41.78 -40.53
C PHE C 53 27.41 -42.41 -39.22
N LEU C 54 27.21 -43.70 -39.13
CA LEU C 54 27.55 -44.45 -37.95
C LEU C 54 29.02 -44.36 -37.62
N GLN C 55 29.29 -44.45 -36.31
CA GLN C 55 30.60 -44.26 -35.75
C GLN C 55 31.00 -45.29 -34.70
N ASP C 56 30.22 -45.60 -33.68
CA ASP C 56 30.60 -46.68 -32.72
C ASP C 56 29.25 -47.09 -32.22
N ILE C 57 29.09 -48.37 -31.95
CA ILE C 57 28.08 -48.80 -31.03
C ILE C 57 28.89 -48.91 -29.75
N VAL C 58 28.60 -48.01 -28.83
CA VAL C 58 29.48 -47.83 -27.70
C VAL C 58 29.14 -48.85 -26.67
N LYS C 59 27.86 -48.93 -26.34
CA LYS C 59 27.43 -49.82 -25.30
C LYS C 59 26.06 -50.42 -25.55
N VAL C 60 25.87 -51.56 -24.89
CA VAL C 60 24.64 -52.31 -24.92
C VAL C 60 24.33 -52.62 -23.48
N ASP C 61 23.05 -52.56 -23.10
CA ASP C 61 22.67 -52.86 -21.71
C ASP C 61 21.41 -53.69 -21.77
N SER C 62 21.61 -54.96 -21.46
CA SER C 62 20.55 -55.97 -21.46
C SER C 62 19.68 -55.96 -20.22
N SER C 63 20.02 -55.25 -19.16
CA SER C 63 19.05 -54.98 -18.06
C SER C 63 17.86 -54.12 -18.46
N THR C 64 18.06 -53.22 -19.43
CA THR C 64 17.10 -52.11 -19.70
C THR C 64 16.57 -52.06 -21.15
N ASN C 65 17.40 -52.66 -22.01
CA ASN C 65 17.20 -52.75 -23.44
C ASN C 65 17.36 -51.35 -23.96
N GLU C 66 18.57 -50.85 -23.70
CA GLU C 66 19.03 -49.52 -24.02
C GLU C 66 20.33 -49.81 -24.77
N VAL C 67 20.47 -49.18 -25.93
CA VAL C 67 21.73 -49.21 -26.64
C VAL C 67 22.21 -47.81 -26.98
N ASP C 68 23.51 -47.61 -26.86
CA ASP C 68 24.12 -46.32 -27.06
C ASP C 68 24.93 -46.35 -28.34
N LEU C 69 24.68 -45.35 -29.14
CA LEU C 69 25.10 -45.32 -30.48
C LEU C 69 25.66 -43.94 -30.76
N VAL C 70 26.74 -43.83 -31.51
CA VAL C 70 27.33 -42.53 -31.83
C VAL C 70 27.40 -42.29 -33.33
N TYR C 71 27.05 -41.09 -33.78
CA TYR C 71 26.97 -40.82 -35.23
C TYR C 71 26.89 -39.36 -35.61
N TYR C 72 27.22 -39.03 -36.86
CA TYR C 72 26.96 -37.72 -37.46
C TYR C 72 25.64 -37.88 -38.10
N GLU C 73 24.90 -36.80 -38.27
CA GLU C 73 23.60 -36.83 -38.92
C GLU C 73 23.61 -35.66 -39.83
N ARG C 74 23.76 -35.88 -41.13
CA ARG C 74 23.78 -34.77 -42.07
C ARG C 74 22.35 -34.40 -42.44
N GLN C 75 21.98 -33.15 -42.16
CA GLN C 75 20.67 -32.61 -42.53
C GLN C 75 20.92 -31.57 -43.61
N ARG C 76 20.20 -31.68 -44.72
CA ARG C 76 20.25 -30.66 -45.75
C ARG C 76 18.82 -30.20 -46.06
N TRP C 77 18.65 -28.88 -46.16
CA TRP C 77 17.39 -28.29 -46.66
C TRP C 77 17.74 -27.03 -47.43
N LYS C 78 16.73 -26.43 -48.06
CA LYS C 78 16.98 -25.21 -48.85
C LYS C 78 15.90 -24.15 -48.70
N LEU C 79 16.34 -22.91 -48.50
CA LEU C 79 15.42 -21.80 -48.27
C LEU C 79 15.70 -20.67 -49.22
N ASN C 80 14.65 -20.04 -49.72
CA ASN C 80 14.83 -18.88 -50.55
C ASN C 80 15.18 -17.67 -49.77
N SER C 81 14.69 -17.54 -48.51
CA SER C 81 15.15 -16.40 -47.72
C SER C 81 16.68 -16.37 -47.49
N LEU C 82 17.42 -17.36 -47.98
CA LEU C 82 18.86 -17.46 -47.81
C LEU C 82 19.67 -17.42 -49.11
N MET C 83 19.01 -17.07 -50.22
CA MET C 83 19.70 -16.88 -51.49
C MET C 83 20.43 -15.55 -51.48
N TRP C 84 21.52 -15.48 -52.24
CA TRP C 84 22.17 -14.20 -52.56
C TRP C 84 23.00 -14.37 -53.83
N ASP C 85 23.39 -13.24 -54.41
CA ASP C 85 24.23 -13.20 -55.61
C ASP C 85 25.71 -13.07 -55.20
N PRO C 86 26.55 -14.11 -55.44
CA PRO C 86 27.99 -13.98 -55.09
C PRO C 86 28.66 -12.64 -55.48
N ASN C 87 28.26 -12.14 -56.65
CA ASN C 87 28.78 -10.90 -57.24
C ASN C 87 28.48 -9.64 -56.43
N GLU C 88 27.33 -9.52 -55.81
CA GLU C 88 27.07 -8.35 -54.94
C GLU C 88 27.78 -8.39 -53.58
N TYR C 89 28.47 -9.48 -53.26
CA TYR C 89 28.98 -9.73 -51.93
C TYR C 89 30.37 -10.36 -51.97
N GLY C 90 31.24 -9.81 -52.80
CA GLY C 90 32.62 -10.26 -52.84
C GLY C 90 32.86 -11.66 -53.34
N ASN C 91 32.08 -12.12 -54.32
CA ASN C 91 32.23 -13.48 -54.91
C ASN C 91 32.23 -14.59 -53.82
N ILE C 92 31.49 -14.32 -52.71
CA ILE C 92 31.34 -15.23 -51.56
C ILE C 92 30.25 -16.25 -51.91
N THR C 93 30.65 -17.50 -52.09
CA THR C 93 29.69 -18.54 -52.49
C THR C 93 29.00 -19.21 -51.29
N ASP C 94 29.68 -19.30 -50.15
CA ASP C 94 29.12 -19.93 -48.94
C ASP C 94 29.76 -19.46 -47.62
N PHE C 95 28.94 -19.36 -46.57
CA PHE C 95 29.46 -19.05 -45.24
C PHE C 95 29.00 -20.00 -44.12
N ARG C 96 29.70 -19.89 -42.99
CA ARG C 96 29.42 -20.63 -41.74
C ARG C 96 28.66 -19.76 -40.73
N THR C 97 27.77 -20.38 -39.97
CA THR C 97 27.10 -19.63 -38.94
C THR C 97 26.59 -20.56 -37.84
N SER C 98 26.49 -19.98 -36.66
CA SER C 98 25.95 -20.65 -35.52
C SER C 98 24.56 -21.07 -35.88
N ALA C 99 24.18 -22.28 -35.51
CA ALA C 99 22.86 -22.80 -35.87
C ALA C 99 21.75 -22.10 -35.12
N ALA C 100 22.06 -21.29 -34.12
CA ALA C 100 21.10 -20.39 -33.51
C ALA C 100 20.70 -19.22 -34.40
N ASP C 101 21.62 -18.73 -35.21
CA ASP C 101 21.30 -17.62 -36.15
C ASP C 101 20.23 -18.01 -37.19
N ILE C 102 19.92 -19.30 -37.34
CA ILE C 102 18.98 -19.78 -38.36
C ILE C 102 17.96 -20.82 -37.92
N TRP C 103 16.87 -20.95 -38.67
CA TRP C 103 15.94 -22.04 -38.46
C TRP C 103 16.63 -23.35 -38.82
N THR C 104 16.48 -24.33 -37.94
CA THR C 104 16.85 -25.71 -38.22
C THR C 104 15.65 -26.62 -37.97
N PRO C 105 15.59 -27.77 -38.63
CA PRO C 105 14.45 -28.65 -38.42
C PRO C 105 14.60 -29.41 -37.12
N ASP C 106 13.47 -29.83 -36.57
CA ASP C 106 13.34 -30.42 -35.23
C ASP C 106 13.37 -31.97 -35.25
N ILE C 107 14.40 -32.51 -35.87
CA ILE C 107 14.41 -33.93 -36.17
C ILE C 107 14.84 -34.64 -34.93
N THR C 108 14.11 -35.68 -34.54
CA THR C 108 14.17 -36.25 -33.21
C THR C 108 14.07 -37.75 -33.22
N ALA C 109 14.86 -38.43 -32.41
CA ALA C 109 14.71 -39.87 -32.31
C ALA C 109 13.47 -40.23 -31.50
N ALA C 110 12.51 -40.92 -32.11
CA ALA C 110 11.25 -41.24 -31.43
C ALA C 110 11.35 -42.23 -30.29
N SER C 111 12.34 -43.13 -30.33
CA SER C 111 12.48 -44.14 -29.29
C SER C 111 13.63 -43.90 -28.32
N SER C 112 14.05 -42.65 -28.10
CA SER C 112 15.21 -42.45 -27.20
C SER C 112 14.81 -42.64 -25.74
N THR C 113 15.77 -43.02 -24.92
CA THR C 113 15.56 -43.16 -23.47
C THR C 113 16.25 -42.12 -22.58
N ARG C 114 17.14 -41.32 -23.15
CA ARG C 114 17.85 -40.27 -22.47
C ARG C 114 18.15 -39.18 -23.47
N PRO C 115 18.28 -37.97 -22.97
CA PRO C 115 18.36 -36.90 -23.88
C PRO C 115 19.64 -37.00 -24.66
N VAL C 116 19.53 -36.65 -25.93
CA VAL C 116 20.58 -36.86 -26.87
C VAL C 116 21.77 -35.97 -26.50
N GLN C 117 22.98 -36.50 -26.48
CA GLN C 117 24.12 -35.69 -26.20
C GLN C 117 24.79 -35.20 -27.46
N VAL C 118 25.04 -33.91 -27.49
CA VAL C 118 25.69 -33.32 -28.64
C VAL C 118 27.19 -33.34 -28.50
N LEU C 119 27.86 -33.81 -29.55
CA LEU C 119 29.29 -34.00 -29.57
C LEU C 119 30.03 -33.03 -30.46
N SER C 120 29.36 -32.22 -31.25
CA SER C 120 30.03 -31.29 -32.12
C SER C 120 29.55 -29.87 -31.90
N PRO C 121 30.23 -28.92 -32.52
CA PRO C 121 29.72 -27.59 -32.61
C PRO C 121 28.39 -27.51 -33.30
N GLN C 122 27.58 -26.54 -32.83
CA GLN C 122 26.28 -26.28 -33.39
C GLN C 122 26.45 -25.23 -34.48
N ILE C 123 26.95 -25.62 -35.62
CA ILE C 123 27.28 -24.71 -36.69
C ILE C 123 26.87 -25.27 -38.03
N ALA C 124 26.30 -24.40 -38.86
CA ALA C 124 25.77 -24.77 -40.16
C ALA C 124 26.52 -24.06 -41.24
N VAL C 125 26.27 -24.52 -42.48
CA VAL C 125 26.92 -24.00 -43.69
C VAL C 125 25.83 -23.61 -44.69
N VAL C 126 25.76 -22.33 -44.98
CA VAL C 126 24.77 -21.78 -45.89
C VAL C 126 25.47 -21.50 -47.21
N THR C 127 24.78 -21.72 -48.33
CA THR C 127 25.36 -21.52 -49.68
C THR C 127 24.49 -20.56 -50.50
N HIS C 128 25.13 -19.75 -51.36
CA HIS C 128 24.49 -18.68 -52.18
C HIS C 128 23.11 -19.01 -52.78
N ASP C 129 22.91 -20.28 -53.11
CA ASP C 129 21.64 -20.80 -53.62
C ASP C 129 20.55 -21.03 -52.57
N GLY C 130 20.87 -20.72 -51.31
CA GLY C 130 19.97 -20.88 -50.16
C GLY C 130 19.96 -22.24 -49.50
N SER C 131 20.87 -23.17 -49.93
CA SER C 131 20.87 -24.48 -49.31
C SER C 131 21.75 -24.41 -48.05
N VAL C 132 21.38 -25.26 -47.08
CA VAL C 132 21.99 -25.31 -45.78
C VAL C 132 22.35 -26.75 -45.50
N MET C 133 23.49 -26.94 -44.82
CA MET C 133 23.98 -28.25 -44.42
C MET C 133 24.32 -28.10 -42.96
N PHE C 134 23.94 -29.09 -42.16
CA PHE C 134 24.14 -29.03 -40.72
C PHE C 134 24.31 -30.46 -40.25
N SER C 135 25.42 -30.78 -39.61
CA SER C 135 25.84 -32.17 -39.46
C SER C 135 26.28 -32.39 -38.02
N PRO C 136 25.33 -32.36 -37.09
CA PRO C 136 25.64 -32.64 -35.72
C PRO C 136 26.03 -34.07 -35.41
N ALA C 137 27.11 -34.21 -34.65
CA ALA C 137 27.49 -35.44 -33.99
C ALA C 137 26.70 -35.64 -32.72
N GLN C 138 26.35 -36.88 -32.40
CA GLN C 138 25.41 -37.18 -31.34
C GLN C 138 25.65 -38.54 -30.71
N ARG C 139 25.34 -38.64 -29.42
CA ARG C 139 25.32 -39.92 -28.76
C ARG C 139 23.94 -40.17 -28.26
N LEU C 140 23.34 -41.26 -28.74
CA LEU C 140 21.94 -41.55 -28.54
C LEU C 140 21.78 -42.80 -27.71
N SER C 141 20.85 -42.80 -26.77
CA SER C 141 20.46 -44.07 -26.14
C SER C 141 19.07 -44.30 -26.51
N PHE C 142 18.81 -45.46 -27.08
CA PHE C 142 17.48 -45.76 -27.55
C PHE C 142 17.15 -47.19 -27.22
N MET C 143 15.86 -47.48 -27.38
CA MET C 143 15.25 -48.74 -27.03
C MET C 143 15.63 -49.83 -28.02
N CYS C 144 16.12 -50.95 -27.48
CA CYS C 144 16.70 -52.03 -28.26
C CYS C 144 16.97 -53.24 -27.40
N ASP C 145 16.35 -54.36 -27.75
CA ASP C 145 16.61 -55.64 -27.09
C ASP C 145 17.82 -56.27 -27.75
N PRO C 146 18.92 -56.33 -27.03
CA PRO C 146 20.15 -56.77 -27.65
C PRO C 146 20.48 -58.24 -27.49
N THR C 147 19.54 -59.06 -27.03
CA THR C 147 19.87 -60.47 -26.79
C THR C 147 19.99 -61.15 -28.16
N GLY C 148 21.06 -61.95 -28.29
CA GLY C 148 21.49 -62.49 -29.58
C GLY C 148 22.63 -61.72 -30.19
N VAL C 149 23.24 -60.83 -29.42
CA VAL C 149 24.30 -59.96 -29.95
C VAL C 149 25.64 -60.69 -30.00
N ASP C 150 25.76 -61.71 -29.14
CA ASP C 150 26.92 -62.63 -29.14
C ASP C 150 26.81 -63.75 -30.20
N SER C 151 25.58 -64.10 -30.59
CA SER C 151 25.37 -65.03 -31.72
C SER C 151 26.03 -64.54 -33.01
N GLU C 152 26.24 -65.46 -33.94
CA GLU C 152 26.89 -65.13 -35.19
C GLU C 152 25.93 -64.37 -36.12
N GLU C 153 24.67 -64.74 -36.11
CA GLU C 153 23.63 -64.05 -36.93
C GLU C 153 23.37 -62.60 -36.52
N GLY C 154 23.68 -62.29 -35.25
CA GLY C 154 23.62 -60.94 -34.70
C GLY C 154 22.28 -60.60 -34.12
N VAL C 155 22.06 -59.30 -33.91
CA VAL C 155 20.73 -58.78 -33.50
C VAL C 155 20.48 -57.50 -34.26
N THR C 156 19.22 -57.23 -34.55
CA THR C 156 18.79 -56.11 -35.34
C THR C 156 18.10 -55.10 -34.46
N CYS C 157 18.38 -53.80 -34.68
CA CYS C 157 17.80 -52.69 -33.91
C CYS C 157 17.40 -51.53 -34.78
N ALA C 158 16.32 -50.87 -34.38
CA ALA C 158 15.73 -49.79 -35.16
C ALA C 158 15.38 -48.57 -34.33
N VAL C 159 15.37 -47.41 -34.99
CA VAL C 159 14.93 -46.17 -34.38
C VAL C 159 14.45 -45.17 -35.44
N LYS C 160 13.20 -44.71 -35.33
CA LYS C 160 12.67 -43.70 -36.25
C LYS C 160 13.29 -42.35 -35.96
N PHE C 161 13.47 -41.53 -36.97
CA PHE C 161 13.79 -40.13 -36.77
C PHE C 161 12.75 -39.31 -37.45
N GLU C 162 12.05 -38.46 -36.72
CA GLU C 162 10.90 -37.79 -37.25
C GLU C 162 10.96 -36.36 -36.86
N SER C 163 10.33 -35.49 -37.62
CA SER C 163 10.03 -34.18 -37.04
C SER C 163 9.01 -34.36 -35.88
N TRP C 164 9.21 -33.59 -34.82
CA TRP C 164 8.38 -33.74 -33.61
C TRP C 164 7.05 -33.02 -33.70
N VAL C 165 6.97 -31.98 -34.50
CA VAL C 165 5.74 -31.18 -34.51
C VAL C 165 5.17 -30.95 -35.89
N TYR C 166 5.87 -31.42 -36.91
CA TYR C 166 5.53 -31.13 -38.27
C TYR C 166 5.17 -32.42 -39.00
N SER C 167 4.08 -32.34 -39.76
CA SER C 167 3.55 -33.47 -40.46
C SER C 167 4.20 -33.60 -41.81
N GLY C 168 3.82 -34.64 -42.52
CA GLY C 168 4.08 -34.78 -43.94
C GLY C 168 3.60 -33.59 -44.77
N PHE C 169 2.54 -32.91 -44.36
CA PHE C 169 2.09 -31.72 -45.09
C PHE C 169 3.06 -30.55 -45.02
N GLU C 170 3.82 -30.43 -43.92
CA GLU C 170 4.76 -29.33 -43.76
C GLU C 170 6.23 -29.69 -44.03
N ILE C 171 6.67 -30.87 -43.64
CA ILE C 171 8.06 -31.28 -43.83
C ILE C 171 8.06 -32.66 -44.42
N ASP C 172 8.80 -32.80 -45.52
CA ASP C 172 9.03 -34.10 -46.13
C ASP C 172 10.45 -34.47 -45.79
N LEU C 173 10.64 -35.66 -45.21
CA LEU C 173 11.97 -36.22 -45.02
C LEU C 173 12.33 -37.07 -46.21
N LYS C 174 13.61 -37.11 -46.60
CA LYS C 174 14.09 -38.12 -47.51
C LYS C 174 15.50 -38.49 -47.19
N THR C 175 15.84 -39.72 -47.50
CA THR C 175 17.23 -40.14 -47.51
C THR C 175 17.76 -39.86 -48.90
N ASP C 176 19.06 -39.68 -49.04
CA ASP C 176 19.66 -39.64 -50.37
C ASP C 176 19.86 -41.05 -50.88
N THR C 177 19.87 -42.01 -49.98
CA THR C 177 20.37 -43.34 -50.24
C THR C 177 19.90 -44.24 -49.10
N ASP C 178 19.59 -45.49 -49.38
CA ASP C 178 19.23 -46.43 -48.32
C ASP C 178 20.41 -46.94 -47.49
N GLN C 179 21.63 -46.74 -47.97
CA GLN C 179 22.82 -47.21 -47.26
C GLN C 179 23.27 -46.18 -46.25
N VAL C 180 23.45 -46.63 -45.03
CA VAL C 180 23.98 -45.82 -43.98
C VAL C 180 25.46 -45.88 -44.15
N ASP C 181 26.12 -44.73 -44.19
CA ASP C 181 27.55 -44.64 -44.44
C ASP C 181 28.34 -45.14 -43.23
N LEU C 182 29.02 -46.27 -43.42
CA LEU C 182 29.85 -46.83 -42.39
C LEU C 182 31.32 -46.46 -42.49
N SER C 183 31.66 -45.47 -43.32
CA SER C 183 33.08 -45.14 -43.53
C SER C 183 33.74 -44.56 -42.30
N SER C 184 33.00 -43.93 -41.39
CA SER C 184 33.64 -43.37 -40.20
C SER C 184 33.64 -44.35 -39.04
N TYR C 185 33.09 -45.54 -39.24
CA TYR C 185 32.85 -46.49 -38.16
C TYR C 185 34.15 -47.03 -37.58
N TYR C 186 34.16 -47.25 -36.28
CA TYR C 186 35.38 -47.48 -35.54
C TYR C 186 35.78 -48.91 -35.75
N ALA C 187 37.04 -49.06 -36.19
CA ALA C 187 37.59 -50.35 -36.50
C ALA C 187 37.51 -51.33 -35.33
N SER C 188 37.92 -50.91 -34.15
CA SER C 188 37.95 -51.82 -33.01
C SER C 188 36.79 -51.58 -32.06
N SER C 189 35.65 -51.18 -32.59
CA SER C 189 34.43 -51.10 -31.79
C SER C 189 34.18 -52.46 -31.16
N LYS C 190 33.61 -52.48 -29.98
CA LYS C 190 33.21 -53.76 -29.41
C LYS C 190 32.18 -54.53 -30.26
N TYR C 191 31.58 -53.87 -31.25
CA TYR C 191 30.50 -54.44 -32.05
C TYR C 191 30.79 -54.14 -33.50
N GLU C 192 30.29 -55.01 -34.35
CA GLU C 192 30.64 -55.08 -35.76
C GLU C 192 29.33 -54.97 -36.51
N ILE C 193 29.28 -54.14 -37.53
CA ILE C 193 28.00 -53.78 -38.17
C ILE C 193 27.77 -54.71 -39.33
N LEU C 194 26.69 -55.47 -39.32
CA LEU C 194 26.36 -56.35 -40.45
C LEU C 194 25.52 -55.63 -41.48
N SER C 195 24.50 -54.91 -41.04
CA SER C 195 23.63 -54.19 -41.98
C SER C 195 23.27 -52.83 -41.38
N ALA C 196 23.12 -51.83 -42.25
CA ALA C 196 22.78 -50.50 -41.79
C ALA C 196 22.02 -49.73 -42.86
N THR C 197 20.73 -49.53 -42.60
CA THR C 197 19.82 -49.04 -43.62
C THR C 197 19.04 -47.81 -43.08
N GLN C 198 18.80 -46.85 -43.96
CA GLN C 198 18.04 -45.66 -43.60
C GLN C 198 16.92 -45.49 -44.63
N THR C 199 15.69 -45.60 -44.18
CA THR C 199 14.59 -45.93 -45.08
C THR C 199 13.47 -44.94 -44.79
N ARG C 200 13.06 -44.12 -45.75
CA ARG C 200 11.86 -43.27 -45.56
C ARG C 200 10.61 -44.09 -45.23
N GLN C 201 9.59 -43.49 -44.64
CA GLN C 201 8.38 -44.23 -44.17
C GLN C 201 7.24 -43.26 -43.97
N VAL C 202 6.02 -43.69 -44.29
CA VAL C 202 4.85 -42.90 -43.95
C VAL C 202 3.94 -43.69 -43.00
N GLN C 203 3.29 -43.00 -42.06
CA GLN C 203 2.26 -43.60 -41.24
C GLN C 203 1.22 -42.52 -40.99
N HIS C 204 0.02 -42.93 -40.63
CA HIS C 204 -0.94 -42.09 -39.91
C HIS C 204 -1.02 -42.67 -38.51
N TYR C 205 -1.38 -41.85 -37.57
CA TYR C 205 -1.56 -42.34 -36.22
C TYR C 205 -2.92 -41.93 -35.77
N SER C 206 -3.47 -42.70 -34.85
CA SER C 206 -4.89 -42.58 -34.48
C SER C 206 -5.19 -41.23 -33.82
N CYS C 207 -4.27 -40.73 -33.01
CA CYS C 207 -4.34 -39.36 -32.48
C CYS C 207 -4.66 -38.25 -33.51
N CYS C 208 -4.13 -38.31 -34.73
CA CYS C 208 -3.83 -37.10 -35.52
C CYS C 208 -4.12 -37.29 -37.03
N PRO C 209 -4.90 -36.37 -37.65
CA PRO C 209 -5.41 -36.49 -39.05
C PRO C 209 -4.40 -36.73 -40.16
N GLU C 210 -3.23 -36.10 -40.02
CA GLU C 210 -2.27 -35.91 -41.13
C GLU C 210 -1.32 -37.13 -41.16
N PRO C 211 -0.57 -37.24 -42.26
CA PRO C 211 0.46 -38.26 -42.39
C PRO C 211 1.77 -37.79 -41.77
N TYR C 212 2.48 -38.72 -41.15
CA TYR C 212 3.78 -38.41 -40.62
C TYR C 212 4.86 -39.17 -41.32
N ILE C 213 5.89 -38.45 -41.73
CA ILE C 213 7.03 -39.06 -42.41
C ILE C 213 8.10 -39.31 -41.35
N ASP C 214 8.89 -40.34 -41.57
CA ASP C 214 10.04 -40.59 -40.72
C ASP C 214 11.11 -41.38 -41.45
N VAL C 215 12.31 -41.36 -40.91
CA VAL C 215 13.38 -42.13 -41.51
C VAL C 215 13.76 -43.18 -40.52
N ASN C 216 13.49 -44.42 -40.84
CA ASN C 216 13.81 -45.51 -39.94
C ASN C 216 15.28 -45.91 -40.10
N LEU C 217 16.00 -45.89 -39.01
CA LEU C 217 17.40 -46.28 -38.99
C LEU C 217 17.45 -47.67 -38.42
N VAL C 218 18.03 -48.61 -39.16
CA VAL C 218 18.02 -50.03 -38.82
C VAL C 218 19.39 -50.66 -38.94
N VAL C 219 19.80 -51.30 -37.86
CA VAL C 219 21.18 -51.68 -37.69
C VAL C 219 21.20 -53.08 -37.12
N LYS C 220 21.75 -54.01 -37.90
CA LYS C 220 22.01 -55.39 -37.49
C LYS C 220 23.46 -55.41 -37.13
N PHE C 221 23.79 -55.98 -35.97
CA PHE C 221 25.17 -55.90 -35.46
C PHE C 221 25.43 -57.04 -34.48
N ARG C 222 26.71 -57.25 -34.15
CA ARG C 222 27.11 -58.26 -33.17
C ARG C 222 28.55 -58.13 -32.66
N GLU C 223 28.90 -58.86 -31.59
CA GLU C 223 30.21 -58.72 -30.95
C GLU C 223 31.37 -59.04 -31.90
N ARG C 224 32.48 -58.32 -31.78
CA ARG C 224 33.68 -58.55 -32.65
C ARG C 224 34.28 -59.94 -32.28
N ARG C 225 34.93 -60.63 -33.24
CA ARG C 225 35.58 -61.98 -33.00
C ARG C 225 37.00 -62.45 -33.61
N ALA C 226 37.12 -62.75 -34.93
CA ALA C 226 38.39 -63.29 -35.57
C ALA C 226 39.65 -62.49 -35.27
N GLN D 20 5.43 -16.96 -45.02
CA GLN D 20 6.54 -16.32 -44.28
C GLN D 20 5.98 -15.03 -43.66
N ALA D 21 5.74 -14.02 -44.53
CA ALA D 21 5.48 -12.66 -44.08
C ALA D 21 4.16 -12.48 -43.31
N ASN D 22 3.23 -13.39 -43.59
CA ASN D 22 1.96 -13.46 -42.86
C ASN D 22 2.13 -13.92 -41.42
N LEU D 23 2.64 -15.14 -41.29
CA LEU D 23 2.93 -15.77 -40.00
C LEU D 23 3.84 -14.91 -39.11
N MET D 24 4.84 -14.24 -39.71
CA MET D 24 5.69 -13.28 -38.99
C MET D 24 4.86 -12.18 -38.32
N ARG D 25 3.89 -11.62 -39.08
CA ARG D 25 3.02 -10.57 -38.51
C ARG D 25 2.16 -11.14 -37.39
N LEU D 26 1.50 -12.27 -37.65
CA LEU D 26 0.64 -12.97 -36.65
C LEU D 26 1.33 -13.13 -35.31
N LYS D 27 2.57 -13.62 -35.37
CA LYS D 27 3.38 -13.85 -34.17
C LYS D 27 3.71 -12.52 -33.47
N SER D 28 4.14 -11.53 -34.28
CA SER D 28 4.42 -10.20 -33.76
C SER D 28 3.22 -9.58 -32.99
N ASP D 29 2.00 -9.78 -33.51
CA ASP D 29 0.80 -9.22 -32.90
C ASP D 29 0.45 -9.90 -31.58
N LEU D 30 0.50 -11.22 -31.58
CA LEU D 30 0.28 -12.00 -30.36
C LEU D 30 1.31 -11.76 -29.24
N PHE D 31 2.60 -11.93 -29.54
CA PHE D 31 3.64 -11.94 -28.48
C PHE D 31 4.29 -10.61 -28.12
N ASN D 32 4.64 -9.80 -29.11
CA ASN D 32 5.28 -8.50 -28.84
C ASN D 32 4.32 -7.44 -28.37
N ARG D 33 3.04 -7.55 -28.72
CA ARG D 33 2.09 -6.44 -28.43
C ARG D 33 0.88 -6.88 -27.56
N SER D 34 1.12 -7.67 -26.56
CA SER D 34 0.38 -7.57 -25.24
C SER D 34 1.49 -7.60 -24.18
N PRO D 35 1.13 -7.48 -22.89
CA PRO D 35 1.99 -8.11 -21.88
C PRO D 35 1.59 -9.62 -21.76
N MET D 36 2.48 -10.43 -21.16
CA MET D 36 2.33 -11.91 -21.26
C MET D 36 1.16 -12.41 -20.39
N TYR D 37 0.51 -13.50 -20.81
CA TYR D 37 -0.66 -14.03 -20.06
C TYR D 37 -0.21 -14.48 -18.71
N PRO D 38 -0.70 -13.84 -17.63
CA PRO D 38 -0.12 -14.13 -16.33
C PRO D 38 -0.73 -15.33 -15.61
N GLY D 39 -1.42 -16.22 -16.32
CA GLY D 39 -1.91 -17.47 -15.75
C GLY D 39 -3.22 -17.32 -14.99
N PRO D 40 -3.98 -18.41 -14.83
CA PRO D 40 -5.34 -18.39 -14.32
C PRO D 40 -5.49 -17.85 -12.89
N THR D 41 -6.69 -17.32 -12.59
CA THR D 41 -7.16 -16.92 -11.24
C THR D 41 -8.46 -17.67 -10.96
N LYS D 42 -9.01 -17.53 -9.74
CA LYS D 42 -10.34 -18.12 -9.39
C LYS D 42 -11.38 -17.60 -10.34
N ASP D 43 -11.31 -16.29 -10.58
CA ASP D 43 -12.19 -15.55 -11.51
C ASP D 43 -12.21 -16.09 -12.93
N ASP D 44 -11.04 -16.25 -13.55
CA ASP D 44 -10.94 -16.83 -14.90
C ASP D 44 -10.15 -18.13 -14.82
N PRO D 45 -10.77 -19.20 -14.30
CA PRO D 45 -10.05 -20.43 -14.19
C PRO D 45 -9.78 -20.96 -15.58
N LEU D 46 -9.03 -22.06 -15.63
CA LEU D 46 -8.56 -22.64 -16.87
C LEU D 46 -8.58 -24.15 -16.83
N THR D 47 -9.02 -24.76 -17.91
CA THR D 47 -9.04 -26.19 -18.01
C THR D 47 -7.96 -26.68 -18.95
N VAL D 48 -7.31 -27.73 -18.48
CA VAL D 48 -6.09 -28.28 -19.04
C VAL D 48 -6.27 -29.76 -19.08
N THR D 49 -5.77 -30.38 -20.14
CA THR D 49 -6.19 -31.72 -20.47
C THR D 49 -5.03 -32.60 -20.78
N LEU D 50 -4.84 -33.63 -19.95
CA LEU D 50 -3.71 -34.55 -20.06
C LEU D 50 -4.06 -35.83 -20.71
N GLY D 51 -3.07 -36.37 -21.39
CA GLY D 51 -3.17 -37.66 -22.02
C GLY D 51 -1.79 -38.23 -22.06
N PHE D 52 -1.60 -39.37 -21.42
CA PHE D 52 -0.30 -40.02 -21.40
C PHE D 52 -0.21 -41.02 -22.53
N PHE D 53 1.02 -41.22 -22.99
CA PHE D 53 1.37 -42.16 -24.02
C PHE D 53 2.62 -42.90 -23.59
N LEU D 54 2.41 -44.00 -22.89
CA LEU D 54 3.50 -44.82 -22.46
C LEU D 54 4.34 -45.35 -23.59
N GLN D 55 5.61 -45.55 -23.27
CA GLN D 55 6.63 -45.90 -24.24
C GLN D 55 7.59 -47.02 -23.79
N ASP D 56 8.18 -46.99 -22.62
CA ASP D 56 9.05 -48.13 -22.18
C ASP D 56 8.97 -47.96 -20.69
N ILE D 57 8.96 -49.06 -19.97
CA ILE D 57 9.39 -49.04 -18.61
C ILE D 57 10.84 -49.47 -18.75
N VAL D 58 11.72 -48.51 -18.50
CA VAL D 58 13.11 -48.71 -18.87
C VAL D 58 13.78 -49.50 -17.80
N LYS D 59 13.62 -49.05 -16.57
CA LYS D 59 14.30 -49.63 -15.46
C LYS D 59 13.46 -49.68 -14.19
N VAL D 60 13.83 -50.68 -13.39
CA VAL D 60 13.25 -50.89 -12.07
C VAL D 60 14.45 -51.03 -11.15
N ASP D 61 14.39 -50.44 -9.96
CA ASP D 61 15.47 -50.56 -9.00
C ASP D 61 14.87 -50.82 -7.65
N SER D 62 15.03 -52.08 -7.23
CA SER D 62 14.51 -52.57 -5.97
C SER D 62 15.36 -52.22 -4.75
N SER D 63 16.57 -51.70 -4.91
CA SER D 63 17.28 -51.05 -3.77
C SER D 63 16.61 -49.78 -3.22
N THR D 64 15.92 -49.05 -4.10
CA THR D 64 15.49 -47.66 -3.80
C THR D 64 13.97 -47.40 -3.92
N ASN D 65 13.37 -48.29 -4.71
CA ASN D 65 11.97 -48.30 -5.05
C ASN D 65 11.75 -47.06 -5.91
N GLU D 66 12.49 -47.09 -7.01
CA GLU D 66 12.53 -46.07 -8.02
C GLU D 66 12.24 -46.84 -9.30
N VAL D 67 11.31 -46.33 -10.08
CA VAL D 67 11.11 -46.85 -11.42
C VAL D 67 11.18 -45.76 -12.47
N ASP D 68 11.80 -46.09 -13.58
CA ASP D 68 12.03 -45.15 -14.65
C ASP D 68 11.16 -45.51 -15.83
N LEU D 69 10.46 -44.51 -16.30
CA LEU D 69 9.36 -44.68 -17.18
C LEU D 69 9.52 -43.62 -18.26
N VAL D 70 9.23 -43.96 -19.50
CA VAL D 70 9.37 -43.00 -20.62
C VAL D 70 8.04 -42.82 -21.34
N TYR D 71 7.68 -41.57 -21.66
CA TYR D 71 6.36 -41.27 -22.25
C TYR D 71 6.23 -39.89 -22.87
N TYR D 72 5.25 -39.73 -23.75
CA TYR D 72 4.80 -38.42 -24.25
C TYR D 72 3.71 -38.02 -23.32
N GLU D 73 3.47 -36.74 -23.15
CA GLU D 73 2.43 -36.25 -22.25
C GLU D 73 1.77 -35.17 -23.05
N ARG D 74 0.58 -35.42 -23.57
CA ARG D 74 -0.10 -34.41 -24.34
C ARG D 74 -0.91 -33.50 -23.43
N GLN D 75 -0.58 -32.21 -23.46
CA GLN D 75 -1.28 -31.18 -22.67
C GLN D 75 -2.03 -30.31 -23.64
N ARG D 76 -3.32 -30.11 -23.40
CA ARG D 76 -4.11 -29.19 -24.21
C ARG D 76 -4.82 -28.20 -23.29
N TRP D 77 -4.77 -26.92 -23.64
CA TRP D 77 -5.56 -25.87 -22.96
C TRP D 77 -5.96 -24.83 -23.98
N LYS D 78 -6.79 -23.85 -23.56
CA LYS D 78 -7.23 -22.80 -24.49
C LYS D 78 -7.26 -21.40 -23.90
N LEU D 79 -6.73 -20.45 -24.63
CA LEU D 79 -6.62 -19.06 -24.16
C LEU D 79 -7.20 -18.09 -25.15
N ASN D 80 -7.91 -17.09 -24.66
CA ASN D 80 -8.41 -16.06 -25.55
C ASN D 80 -7.35 -15.12 -25.98
N SER D 81 -6.34 -14.85 -25.16
CA SER D 81 -5.25 -14.00 -25.66
C SER D 81 -4.52 -14.59 -26.89
N LEU D 82 -4.92 -15.78 -27.35
CA LEU D 82 -4.29 -16.44 -28.50
C LEU D 82 -5.22 -16.69 -29.68
N MET D 83 -6.41 -16.07 -29.65
CA MET D 83 -7.33 -16.12 -30.78
C MET D 83 -6.86 -15.20 -31.89
N TRP D 84 -7.19 -15.54 -33.13
CA TRP D 84 -7.05 -14.64 -34.27
C TRP D 84 -8.01 -15.09 -35.38
N ASP D 85 -8.21 -14.18 -36.33
CA ASP D 85 -9.08 -14.44 -37.50
C ASP D 85 -8.22 -14.93 -38.66
N PRO D 86 -8.38 -16.21 -39.09
CA PRO D 86 -7.56 -16.71 -40.24
C PRO D 86 -7.52 -15.74 -41.45
N ASN D 87 -8.65 -15.09 -41.71
CA ASN D 87 -8.81 -14.13 -42.81
C ASN D 87 -7.90 -12.91 -42.76
N GLU D 88 -7.65 -12.34 -41.58
CA GLU D 88 -6.72 -11.21 -41.49
C GLU D 88 -5.23 -11.59 -41.60
N TYR D 89 -4.93 -12.87 -41.70
CA TYR D 89 -3.56 -13.37 -41.57
C TYR D 89 -3.30 -14.52 -42.55
N GLY D 90 -3.72 -14.34 -43.78
CA GLY D 90 -3.41 -15.29 -44.84
C GLY D 90 -4.06 -16.67 -44.71
N ASN D 91 -5.30 -16.73 -44.18
CA ASN D 91 -6.02 -18.01 -44.01
C ASN D 91 -5.19 -19.05 -43.20
N ILE D 92 -4.35 -18.55 -42.29
CA ILE D 92 -3.46 -19.34 -41.42
C ILE D 92 -4.30 -19.80 -40.22
N THR D 93 -4.56 -21.11 -40.16
CA THR D 93 -5.37 -21.66 -39.09
C THR D 93 -4.57 -22.02 -37.83
N ASP D 94 -3.30 -22.42 -37.99
CA ASP D 94 -2.46 -22.80 -36.84
C ASP D 94 -0.95 -22.68 -37.07
N PHE D 95 -0.20 -22.32 -36.04
CA PHE D 95 1.27 -22.28 -36.11
C PHE D 95 2.01 -22.99 -34.96
N ARG D 96 3.31 -23.20 -35.18
CA ARG D 96 4.26 -23.76 -34.20
C ARG D 96 5.08 -22.68 -33.50
N THR D 97 5.42 -22.91 -32.24
CA THR D 97 6.24 -21.95 -31.53
C THR D 97 6.93 -22.61 -30.34
N SER D 98 8.07 -22.05 -30.00
CA SER D 98 8.85 -22.46 -28.86
C SER D 98 7.95 -22.27 -27.67
N ALA D 99 7.97 -23.24 -26.76
CA ALA D 99 7.12 -23.18 -25.58
C ALA D 99 7.53 -22.09 -24.60
N ALA D 100 8.70 -21.48 -24.82
CA ALA D 100 9.09 -20.29 -24.09
C ALA D 100 8.32 -19.05 -24.52
N ASP D 101 7.93 -18.96 -25.78
CA ASP D 101 7.12 -17.82 -26.24
C ASP D 101 5.76 -17.70 -25.54
N ILE D 102 5.30 -18.77 -24.86
CA ILE D 102 3.96 -18.79 -24.21
C ILE D 102 3.88 -19.36 -22.81
N TRP D 103 2.81 -19.02 -22.11
CA TRP D 103 2.52 -19.63 -20.81
C TRP D 103 2.20 -21.09 -21.05
N THR D 104 2.80 -21.95 -20.23
CA THR D 104 2.42 -23.37 -20.14
C THR D 104 2.06 -23.71 -18.68
N PRO D 105 1.23 -24.73 -18.50
CA PRO D 105 0.86 -25.09 -17.14
C PRO D 105 1.94 -25.84 -16.45
N ASP D 106 1.94 -25.77 -15.12
CA ASP D 106 3.02 -26.32 -14.26
C ASP D 106 2.74 -27.76 -13.77
N ILE D 107 2.45 -28.64 -14.69
CA ILE D 107 1.98 -29.96 -14.35
C ILE D 107 3.19 -30.78 -13.99
N THR D 108 3.10 -31.47 -12.85
CA THR D 108 4.27 -32.01 -12.18
C THR D 108 3.99 -33.36 -11.58
N ALA D 109 4.91 -34.29 -11.68
CA ALA D 109 4.73 -35.57 -11.00
C ALA D 109 4.98 -35.40 -9.50
N ALA D 110 3.97 -35.68 -8.69
CA ALA D 110 4.08 -35.46 -7.23
C ALA D 110 5.04 -36.41 -6.52
N SER D 111 5.22 -37.62 -7.05
CA SER D 111 6.11 -38.60 -6.44
C SER D 111 7.44 -38.79 -7.16
N SER D 112 7.97 -37.81 -7.84
CA SER D 112 9.23 -38.07 -8.59
C SER D 112 10.42 -38.09 -7.62
N THR D 113 11.47 -38.80 -7.99
CA THR D 113 12.74 -38.80 -7.23
C THR D 113 13.92 -38.11 -7.87
N ARG D 114 13.81 -37.73 -9.14
CA ARG D 114 14.86 -37.02 -9.87
C ARG D 114 14.19 -36.11 -10.86
N PRO D 115 14.88 -35.05 -11.21
CA PRO D 115 14.27 -34.10 -12.07
C PRO D 115 14.05 -34.74 -13.41
N VAL D 116 12.91 -34.39 -13.98
CA VAL D 116 12.40 -35.06 -15.17
C VAL D 116 13.32 -34.75 -16.32
N GLN D 117 13.71 -35.74 -17.11
CA GLN D 117 14.54 -35.49 -18.26
C GLN D 117 13.73 -35.32 -19.51
N VAL D 118 14.01 -34.28 -20.24
CA VAL D 118 13.23 -33.95 -21.43
C VAL D 118 13.87 -34.60 -22.64
N LEU D 119 13.04 -35.28 -23.43
CA LEU D 119 13.48 -36.03 -24.58
C LEU D 119 13.09 -35.45 -25.90
N SER D 120 12.26 -34.41 -25.94
CA SER D 120 11.86 -33.82 -27.19
C SER D 120 12.11 -32.33 -27.20
N PRO D 121 11.94 -31.71 -28.35
CA PRO D 121 11.85 -30.26 -28.41
C PRO D 121 10.73 -29.70 -27.61
N GLN D 122 10.97 -28.51 -27.07
CA GLN D 122 10.00 -27.78 -26.27
C GLN D 122 9.23 -26.87 -27.21
N ILE D 123 8.29 -27.45 -27.92
CA ILE D 123 7.56 -26.71 -28.95
C ILE D 123 6.08 -27.03 -28.90
N ALA D 124 5.27 -25.99 -29.05
CA ALA D 124 3.84 -26.07 -28.94
C ALA D 124 3.20 -25.72 -30.27
N VAL D 125 1.91 -25.98 -30.34
CA VAL D 125 1.07 -25.77 -31.53
C VAL D 125 -0.16 -24.95 -31.10
N VAL D 126 -0.23 -23.73 -31.64
CA VAL D 126 -1.31 -22.81 -31.32
C VAL D 126 -2.27 -22.80 -32.50
N THR D 127 -3.57 -22.68 -32.23
CA THR D 127 -4.62 -22.71 -33.28
C THR D 127 -5.50 -21.45 -33.18
N HIS D 128 -5.97 -20.95 -34.34
CA HIS D 128 -6.75 -19.68 -34.48
C HIS D 128 -7.80 -19.41 -33.40
N ASP D 129 -8.39 -20.49 -32.87
CA ASP D 129 -9.36 -20.43 -31.77
C ASP D 129 -8.76 -20.23 -30.37
N GLY D 130 -7.43 -20.12 -30.31
CA GLY D 130 -6.67 -19.95 -29.08
C GLY D 130 -6.31 -21.23 -28.33
N SER D 131 -6.56 -22.39 -28.93
CA SER D 131 -6.20 -23.64 -28.26
C SER D 131 -4.73 -23.96 -28.55
N VAL D 132 -4.11 -24.61 -27.58
CA VAL D 132 -2.69 -24.92 -27.59
C VAL D 132 -2.55 -26.40 -27.29
N MET D 133 -1.58 -27.03 -27.92
CA MET D 133 -1.24 -28.45 -27.73
C MET D 133 0.25 -28.46 -27.53
N PHE D 134 0.73 -29.21 -26.56
CA PHE D 134 2.13 -29.26 -26.20
C PHE D 134 2.41 -30.66 -25.67
N SER D 135 3.36 -31.37 -26.29
CA SER D 135 3.42 -32.84 -26.08
C SER D 135 4.86 -33.23 -25.84
N PRO D 136 5.40 -32.86 -24.69
CA PRO D 136 6.77 -33.24 -24.37
C PRO D 136 6.94 -34.71 -24.04
N ALA D 137 7.99 -35.29 -24.63
CA ALA D 137 8.55 -36.58 -24.23
C ALA D 137 9.41 -36.44 -22.99
N GLN D 138 9.42 -37.44 -22.13
CA GLN D 138 10.00 -37.33 -20.80
C GLN D 138 10.47 -38.68 -20.27
N ARG D 139 11.51 -38.66 -19.46
CA ARG D 139 11.91 -39.82 -18.70
C ARG D 139 11.83 -39.48 -17.25
N LEU D 140 10.98 -40.21 -16.53
CA LEU D 140 10.59 -39.88 -15.16
C LEU D 140 11.07 -40.98 -14.24
N SER D 141 11.62 -40.62 -13.08
CA SER D 141 11.87 -41.61 -12.05
C SER D 141 10.99 -41.27 -10.93
N PHE D 142 10.21 -42.24 -10.50
CA PHE D 142 9.27 -42.01 -9.44
C PHE D 142 9.25 -43.18 -8.50
N MET D 143 8.62 -42.94 -7.36
CA MET D 143 8.55 -43.86 -6.25
C MET D 143 7.61 -45.00 -6.54
N CYS D 144 8.12 -46.21 -6.35
CA CYS D 144 7.44 -47.45 -6.77
C CYS D 144 8.14 -48.64 -6.18
N ASP D 145 7.43 -49.42 -5.37
CA ASP D 145 7.93 -50.67 -4.84
C ASP D 145 7.65 -51.74 -5.88
N PRO D 146 8.70 -52.25 -6.52
CA PRO D 146 8.49 -53.15 -7.63
C PRO D 146 8.51 -54.62 -7.29
N THR D 147 8.48 -55.00 -6.01
CA THR D 147 8.61 -56.41 -5.67
C THR D 147 7.28 -57.10 -6.05
N GLY D 148 7.45 -58.25 -6.72
CA GLY D 148 6.34 -58.93 -7.38
C GLY D 148 6.30 -58.66 -8.87
N VAL D 149 7.37 -58.09 -9.42
CA VAL D 149 7.38 -57.73 -10.84
C VAL D 149 7.70 -58.92 -11.70
N ASP D 150 8.39 -59.89 -11.12
CA ASP D 150 8.69 -61.20 -11.76
C ASP D 150 7.51 -62.19 -11.63
N SER D 151 6.66 -62.04 -10.61
CA SER D 151 5.43 -62.81 -10.52
C SER D 151 4.53 -62.64 -11.75
N GLU D 152 3.61 -63.58 -11.94
CA GLU D 152 2.72 -63.59 -13.06
C GLU D 152 1.64 -62.51 -12.91
N GLU D 153 1.14 -62.33 -11.70
CA GLU D 153 0.11 -61.29 -11.42
C GLU D 153 0.61 -59.84 -11.60
N GLY D 154 1.94 -59.68 -11.48
CA GLY D 154 2.60 -58.40 -11.72
C GLY D 154 2.72 -57.54 -10.50
N VAL D 155 3.01 -56.26 -10.72
CA VAL D 155 2.97 -55.25 -9.66
C VAL D 155 2.38 -53.98 -10.22
N THR D 156 1.70 -53.25 -9.35
CA THR D 156 0.98 -52.03 -9.73
C THR D 156 1.72 -50.83 -9.18
N CYS D 157 1.82 -49.78 -10.00
CA CYS D 157 2.49 -48.51 -9.63
C CYS D 157 1.71 -47.30 -10.06
N ALA D 158 1.77 -46.29 -9.21
CA ALA D 158 0.99 -45.05 -9.42
C ALA D 158 1.81 -43.80 -9.23
N VAL D 159 1.37 -42.73 -9.90
CA VAL D 159 1.97 -41.41 -9.72
C VAL D 159 0.95 -40.33 -10.08
N LYS D 160 0.66 -39.42 -9.15
CA LYS D 160 -0.22 -38.28 -9.44
C LYS D 160 0.48 -37.28 -10.34
N PHE D 161 -0.26 -36.60 -11.19
CA PHE D 161 0.27 -35.45 -11.90
C PHE D 161 -0.62 -34.29 -11.59
N GLU D 162 -0.07 -33.24 -10.99
CA GLU D 162 -0.88 -32.19 -10.44
C GLU D 162 -0.28 -30.88 -10.85
N SER D 163 -1.06 -29.83 -10.91
CA SER D 163 -0.44 -28.52 -10.86
C SER D 163 0.23 -28.31 -9.48
N TRP D 164 1.40 -27.69 -9.49
CA TRP D 164 2.20 -27.54 -8.26
C TRP D 164 1.76 -26.38 -7.39
N VAL D 165 1.15 -25.37 -7.98
CA VAL D 165 0.84 -24.17 -7.21
C VAL D 165 -0.60 -23.71 -7.34
N TYR D 166 -1.37 -24.40 -8.16
CA TYR D 166 -2.69 -23.99 -8.48
C TYR D 166 -3.69 -25.05 -8.00
N SER D 167 -4.79 -24.56 -7.44
CA SER D 167 -5.84 -25.39 -6.90
C SER D 167 -6.82 -25.73 -7.98
N GLY D 168 -7.80 -26.55 -7.59
CA GLY D 168 -9.02 -26.73 -8.36
C GLY D 168 -9.74 -25.46 -8.71
N PHE D 169 -9.66 -24.42 -7.89
CA PHE D 169 -10.29 -23.14 -8.21
C PHE D 169 -9.66 -22.43 -9.40
N GLU D 170 -8.36 -22.63 -9.63
CA GLU D 170 -7.67 -21.96 -10.74
C GLU D 170 -7.44 -22.86 -11.98
N ILE D 171 -7.12 -24.13 -11.76
CA ILE D 171 -6.89 -25.04 -12.87
C ILE D 171 -7.62 -26.30 -12.64
N ASP D 172 -8.38 -26.72 -13.65
CA ASP D 172 -9.07 -28.00 -13.63
C ASP D 172 -8.30 -28.89 -14.58
N LEU D 173 -7.91 -30.07 -14.09
CA LEU D 173 -7.34 -31.11 -14.96
C LEU D 173 -8.41 -32.01 -15.45
N LYS D 174 -8.25 -32.55 -16.66
CA LYS D 174 -9.13 -33.64 -17.12
C LYS D 174 -8.36 -34.56 -18.01
N THR D 175 -8.73 -35.82 -17.99
CA THR D 175 -8.28 -36.75 -19.03
C THR D 175 -9.32 -36.68 -20.12
N ASP D 176 -8.93 -37.03 -21.34
CA ASP D 176 -9.91 -37.20 -22.41
C ASP D 176 -10.53 -38.58 -22.30
N THR D 177 -9.86 -39.48 -21.59
CA THR D 177 -10.17 -40.89 -21.65
C THR D 177 -9.42 -41.55 -20.48
N ASP D 178 -9.99 -42.58 -19.88
CA ASP D 178 -9.32 -43.33 -18.83
C ASP D 178 -8.21 -44.25 -19.30
N GLN D 179 -8.16 -44.53 -20.59
CA GLN D 179 -7.14 -45.45 -21.14
C GLN D 179 -5.91 -44.68 -21.48
N VAL D 180 -4.79 -45.19 -20.99
CA VAL D 180 -3.50 -44.64 -21.30
C VAL D 180 -3.14 -45.30 -22.61
N ASP D 181 -2.75 -44.50 -23.59
CA ASP D 181 -2.47 -44.99 -24.92
C ASP D 181 -1.16 -45.77 -24.94
N LEU D 182 -1.26 -47.07 -25.16
CA LEU D 182 -0.08 -47.92 -25.26
C LEU D 182 0.35 -48.19 -26.68
N SER D 183 -0.13 -47.42 -27.65
CA SER D 183 0.23 -47.67 -29.04
C SER D 183 1.71 -47.40 -29.33
N SER D 184 2.37 -46.51 -28.56
CA SER D 184 3.77 -46.26 -28.83
C SER D 184 4.69 -47.17 -28.03
N TYR D 185 4.12 -48.05 -27.20
CA TYR D 185 4.86 -48.85 -26.23
C TYR D 185 5.75 -49.86 -26.91
N TYR D 186 6.93 -50.08 -26.35
CA TYR D 186 7.99 -50.80 -27.01
C TYR D 186 7.70 -52.26 -26.89
N ALA D 187 7.69 -52.92 -28.05
CA ALA D 187 7.39 -54.33 -28.12
C ALA D 187 8.29 -55.19 -27.24
N SER D 188 9.60 -54.97 -27.33
CA SER D 188 10.53 -55.81 -26.58
C SER D 188 11.06 -55.12 -25.34
N SER D 189 10.23 -54.27 -24.72
CA SER D 189 10.58 -53.70 -23.42
C SER D 189 10.86 -54.84 -22.46
N LYS D 190 11.76 -54.62 -21.52
CA LYS D 190 11.96 -55.61 -20.48
C LYS D 190 10.69 -55.92 -19.64
N TYR D 191 9.66 -55.07 -19.75
CA TYR D 191 8.47 -55.18 -18.94
C TYR D 191 7.27 -55.02 -19.84
N GLU D 192 6.17 -55.62 -19.42
CA GLU D 192 5.00 -55.85 -20.24
C GLU D 192 3.84 -55.24 -19.48
N ILE D 193 3.01 -54.47 -20.17
CA ILE D 193 2.02 -53.63 -19.49
C ILE D 193 0.72 -54.41 -19.39
N LEU D 194 0.23 -54.65 -18.18
CA LEU D 194 -1.05 -55.34 -18.01
C LEU D 194 -2.19 -54.34 -17.97
N SER D 195 -2.05 -53.25 -17.23
CA SER D 195 -3.08 -52.24 -17.15
C SER D 195 -2.47 -50.85 -17.14
N ALA D 196 -3.17 -49.88 -17.71
CA ALA D 196 -2.65 -48.51 -17.73
C ALA D 196 -3.78 -47.50 -17.80
N THR D 197 -3.98 -46.80 -16.70
CA THR D 197 -5.19 -46.00 -16.51
C THR D 197 -4.79 -44.57 -16.08
N GLN D 198 -5.53 -43.57 -16.57
CA GLN D 198 -5.29 -42.19 -16.20
C GLN D 198 -6.62 -41.60 -15.75
N THR D 199 -6.68 -41.22 -14.49
CA THR D 199 -7.96 -41.12 -13.80
C THR D 199 -7.96 -39.76 -13.10
N ARG D 200 -8.89 -38.85 -13.46
CA ARG D 200 -9.00 -37.58 -12.70
C ARG D 200 -9.30 -37.86 -11.21
N GLN D 201 -9.05 -36.90 -10.33
CA GLN D 201 -9.18 -37.15 -8.87
C GLN D 201 -9.29 -35.80 -8.17
N VAL D 202 -10.14 -35.76 -7.14
CA VAL D 202 -10.17 -34.58 -6.28
C VAL D 202 -9.79 -35.01 -4.84
N GLN D 203 -9.09 -34.12 -4.14
CA GLN D 203 -8.86 -34.30 -2.72
C GLN D 203 -8.88 -32.94 -2.09
N HIS D 204 -9.22 -32.93 -0.81
CA HIS D 204 -8.88 -31.80 0.07
C HIS D 204 -7.83 -32.32 0.99
N TYR D 205 -7.04 -31.43 1.54
CA TYR D 205 -6.04 -31.84 2.49
C TYR D 205 -6.26 -31.02 3.73
N SER D 206 -5.81 -31.53 4.85
CA SER D 206 -5.99 -30.86 6.14
C SER D 206 -5.22 -29.52 6.18
N CYS D 207 -4.03 -29.47 5.58
CA CYS D 207 -3.32 -28.20 5.36
C CYS D 207 -4.17 -27.02 4.79
N CYS D 208 -5.06 -27.26 3.85
CA CYS D 208 -5.42 -26.24 2.84
C CYS D 208 -6.93 -26.26 2.50
N PRO D 209 -7.62 -25.11 2.54
CA PRO D 209 -9.09 -25.00 2.27
C PRO D 209 -9.61 -25.53 0.93
N GLU D 210 -8.80 -25.39 -0.11
CA GLU D 210 -9.27 -25.57 -1.48
C GLU D 210 -9.19 -27.04 -1.89
N PRO D 211 -9.87 -27.38 -2.99
CA PRO D 211 -9.73 -28.68 -3.60
C PRO D 211 -8.53 -28.74 -4.53
N TYR D 212 -7.84 -29.89 -4.52
CA TYR D 212 -6.79 -30.08 -5.46
C TYR D 212 -7.13 -31.19 -6.41
N ILE D 213 -6.97 -30.90 -7.71
CA ILE D 213 -7.24 -31.87 -8.75
C ILE D 213 -5.93 -32.50 -9.13
N ASP D 214 -6.00 -33.75 -9.56
CA ASP D 214 -4.82 -34.43 -10.11
C ASP D 214 -5.22 -35.56 -11.02
N VAL D 215 -4.28 -36.02 -11.84
CA VAL D 215 -4.56 -37.12 -12.70
C VAL D 215 -3.66 -38.23 -12.26
N ASN D 216 -4.25 -39.28 -11.72
CA ASN D 216 -3.47 -40.41 -11.24
C ASN D 216 -3.15 -41.34 -12.38
N LEU D 217 -1.87 -41.60 -12.57
CA LEU D 217 -1.40 -42.50 -13.60
C LEU D 217 -1.07 -43.81 -12.90
N VAL D 218 -1.69 -44.89 -13.36
CA VAL D 218 -1.56 -46.19 -12.72
C VAL D 218 -1.27 -47.30 -13.71
N VAL D 219 -0.22 -48.04 -13.38
CA VAL D 219 0.36 -48.94 -14.32
C VAL D 219 0.67 -50.23 -13.61
N LYS D 220 0.00 -51.31 -14.03
CA LYS D 220 0.25 -52.66 -13.56
C LYS D 220 1.12 -53.27 -14.63
N PHE D 221 2.21 -53.92 -14.25
CA PHE D 221 3.17 -54.41 -15.23
C PHE D 221 3.99 -55.54 -14.65
N ARG D 222 4.70 -56.26 -15.51
CA ARG D 222 5.61 -57.33 -15.07
C ARG D 222 6.63 -57.72 -16.11
N GLU D 223 7.64 -58.48 -15.69
CA GLU D 223 8.79 -58.85 -16.51
C GLU D 223 8.28 -59.70 -17.64
N ARG D 224 8.92 -59.53 -18.80
CA ARG D 224 8.49 -60.28 -19.98
C ARG D 224 8.91 -61.69 -19.87
N ARG D 225 8.39 -62.53 -20.72
CA ARG D 225 8.79 -64.03 -20.71
C ARG D 225 8.71 -64.72 -22.09
N GLN E 20 -7.35 -11.23 -15.80
CA GLN E 20 -6.16 -11.13 -16.76
C GLN E 20 -5.60 -9.73 -16.62
N ALA E 21 -6.33 -8.75 -17.13
CA ALA E 21 -5.83 -7.35 -17.23
C ALA E 21 -5.70 -6.67 -15.86
N ASN E 22 -6.44 -7.17 -14.86
CA ASN E 22 -6.25 -6.72 -13.49
C ASN E 22 -4.92 -7.15 -12.87
N LEU E 23 -4.75 -8.47 -12.82
CA LEU E 23 -3.54 -9.10 -12.33
C LEU E 23 -2.27 -8.61 -13.05
N MET E 24 -2.35 -8.38 -14.37
CA MET E 24 -1.26 -7.76 -15.14
C MET E 24 -0.87 -6.40 -14.56
N ARG E 25 -1.85 -5.57 -14.23
CA ARG E 25 -1.57 -4.25 -13.63
C ARG E 25 -0.92 -4.40 -12.26
N LEU E 26 -1.53 -5.24 -11.40
CA LEU E 26 -1.01 -5.55 -10.05
C LEU E 26 0.47 -5.88 -10.06
N LYS E 27 0.83 -6.79 -10.95
CA LYS E 27 2.21 -7.25 -11.11
C LYS E 27 3.11 -6.12 -11.58
N SER E 28 2.65 -5.39 -12.59
CA SER E 28 3.36 -4.22 -13.10
C SER E 28 3.70 -3.19 -12.02
N ASP E 29 2.75 -2.96 -11.11
CA ASP E 29 2.94 -1.95 -10.03
C ASP E 29 3.94 -2.41 -9.00
N LEU E 30 3.81 -3.67 -8.56
CA LEU E 30 4.74 -4.28 -7.62
C LEU E 30 6.21 -4.39 -8.16
N PHE E 31 6.39 -5.03 -9.32
CA PHE E 31 7.73 -5.39 -9.81
C PHE E 31 8.43 -4.35 -10.69
N ASN E 32 7.74 -3.82 -11.68
CA ASN E 32 8.37 -2.90 -12.66
C ASN E 32 8.58 -1.50 -12.12
N ARG E 33 7.76 -1.07 -11.15
CA ARG E 33 7.80 0.29 -10.66
C ARG E 33 8.11 0.44 -9.15
N SER E 34 9.00 -0.43 -8.63
CA SER E 34 9.91 -0.10 -7.52
C SER E 34 11.30 -0.49 -8.01
N PRO E 35 12.34 -0.38 -7.16
CA PRO E 35 13.48 -1.31 -7.33
C PRO E 35 13.14 -2.65 -6.64
N MET E 36 13.91 -3.70 -6.90
CA MET E 36 13.68 -5.04 -6.30
C MET E 36 13.98 -5.02 -4.78
N TYR E 37 13.27 -5.83 -4.01
CA TYR E 37 13.49 -5.84 -2.52
C TYR E 37 14.87 -6.40 -2.29
N PRO E 38 15.80 -5.61 -1.72
CA PRO E 38 17.18 -6.07 -1.72
C PRO E 38 17.54 -6.96 -0.51
N GLY E 39 16.53 -7.54 0.17
CA GLY E 39 16.77 -8.47 1.25
C GLY E 39 17.08 -7.86 2.56
N PRO E 40 16.86 -8.60 3.66
CA PRO E 40 16.93 -8.09 5.02
C PRO E 40 18.30 -7.52 5.42
N THR E 41 18.25 -6.56 6.36
CA THR E 41 19.40 -5.95 7.05
C THR E 41 19.17 -6.15 8.57
N LYS E 42 20.16 -5.79 9.40
CA LYS E 42 19.97 -5.83 10.88
C LYS E 42 18.80 -4.94 11.27
N ASP E 43 18.74 -3.77 10.65
CA ASP E 43 17.66 -2.79 10.82
C ASP E 43 16.26 -3.32 10.55
N ASP E 44 16.03 -3.93 9.39
CA ASP E 44 14.73 -4.54 9.06
C ASP E 44 14.92 -6.03 8.88
N PRO E 45 15.10 -6.77 9.99
CA PRO E 45 15.31 -8.19 9.86
C PRO E 45 14.03 -8.81 9.35
N LEU E 46 14.09 -10.10 9.06
CA LEU E 46 13.01 -10.83 8.44
C LEU E 46 12.89 -12.24 9.00
N THR E 47 11.66 -12.64 9.26
CA THR E 47 11.41 -13.96 9.78
C THR E 47 10.79 -14.82 8.70
N VAL E 48 11.33 -16.04 8.67
CA VAL E 48 11.13 -17.00 7.61
C VAL E 48 10.86 -18.31 8.28
N THR E 49 9.95 -19.08 7.72
CA THR E 49 9.36 -20.17 8.47
C THR E 49 9.36 -21.44 7.66
N LEU E 50 10.11 -22.43 8.16
CA LEU E 50 10.30 -23.69 7.46
C LEU E 50 9.42 -24.77 8.02
N GLY E 51 9.03 -25.66 7.11
CA GLY E 51 8.32 -26.84 7.45
C GLY E 51 8.69 -27.87 6.42
N PHE E 52 9.22 -28.98 6.90
CA PHE E 52 9.59 -30.07 6.01
C PHE E 52 8.45 -31.06 5.90
N PHE E 53 8.41 -31.71 4.74
CA PHE E 53 7.45 -32.74 4.41
C PHE E 53 8.21 -33.85 3.75
N LEU E 54 8.64 -34.80 4.58
CA LEU E 54 9.35 -35.94 4.07
C LEU E 54 8.49 -36.76 3.11
N GLN E 55 9.17 -37.41 2.18
CA GLN E 55 8.55 -38.12 1.10
C GLN E 55 9.14 -39.51 0.82
N ASP E 56 10.44 -39.70 0.70
CA ASP E 56 10.99 -41.06 0.51
C ASP E 56 12.39 -40.85 1.03
N ILE E 57 12.92 -41.85 1.68
CA ILE E 57 14.35 -41.99 1.77
C ILE E 57 14.64 -42.93 0.63
N VAL E 58 15.29 -42.37 -0.37
CA VAL E 58 15.39 -43.07 -1.64
C VAL E 58 16.51 -44.06 -1.57
N LYS E 59 17.67 -43.57 -1.14
CA LYS E 59 18.87 -44.34 -1.14
C LYS E 59 19.79 -44.07 0.03
N VAL E 60 20.56 -45.09 0.35
CA VAL E 60 21.56 -45.08 1.40
C VAL E 60 22.81 -45.64 0.75
N ASP E 61 23.97 -45.07 1.04
CA ASP E 61 25.21 -45.57 0.46
C ASP E 61 26.25 -45.57 1.56
N SER E 62 26.55 -46.79 2.02
CA SER E 62 27.48 -47.04 3.08
C SER E 62 28.94 -47.04 2.66
N SER E 63 29.25 -47.01 1.37
CA SER E 63 30.65 -46.67 0.93
C SER E 63 31.09 -45.25 1.24
N THR E 64 30.15 -44.31 1.25
CA THR E 64 30.46 -42.85 1.23
C THR E 64 29.88 -42.03 2.42
N ASN E 65 28.83 -42.63 2.97
CA ASN E 65 28.05 -42.11 4.07
C ASN E 65 27.32 -40.91 3.51
N GLU E 66 26.52 -41.23 2.49
CA GLU E 66 25.72 -40.32 1.72
C GLU E 66 24.33 -40.95 1.83
N VAL E 67 23.35 -40.14 2.17
CA VAL E 67 21.96 -40.55 2.06
C VAL E 67 21.13 -39.58 1.24
N ASP E 68 20.25 -40.13 0.44
CA ASP E 68 19.43 -39.36 -0.47
C ASP E 68 17.99 -39.37 0.01
N LEU E 69 17.45 -38.18 0.11
CA LEU E 69 16.23 -37.95 0.78
C LEU E 69 15.39 -37.03 -0.11
N VAL E 70 14.08 -37.24 -0.19
CA VAL E 70 13.22 -36.41 -1.04
C VAL E 70 12.13 -35.76 -0.22
N TYR E 71 11.85 -34.47 -0.46
CA TYR E 71 10.90 -33.72 0.37
C TYR E 71 10.44 -32.40 -0.20
N TYR E 72 9.30 -31.90 0.27
CA TYR E 72 8.85 -30.52 -0.01
C TYR E 72 9.40 -29.75 1.13
N GLU E 73 9.62 -28.45 0.95
CA GLU E 73 10.14 -27.60 2.02
C GLU E 73 9.30 -26.37 1.92
N ARG E 74 8.36 -26.18 2.83
CA ARG E 74 7.51 -25.01 2.77
C ARG E 74 8.19 -23.83 3.47
N GLN E 75 8.45 -22.77 2.73
CA GLN E 75 9.04 -21.54 3.27
C GLN E 75 7.96 -20.48 3.24
N ARG E 76 7.73 -19.82 4.37
CA ARG E 76 6.85 -18.67 4.42
C ARG E 76 7.56 -17.47 5.00
N TRP E 77 7.40 -16.31 4.37
CA TRP E 77 7.88 -15.03 4.94
C TRP E 77 6.87 -13.94 4.53
N LYS E 78 7.07 -12.72 5.03
CA LYS E 78 6.18 -11.62 4.69
C LYS E 78 6.88 -10.29 4.47
N LEU E 79 6.49 -9.61 3.40
CA LEU E 79 7.11 -8.34 3.03
C LEU E 79 6.09 -7.26 2.84
N ASN E 80 6.41 -6.06 3.28
CA ASN E 80 5.52 -4.94 3.02
C ASN E 80 5.61 -4.45 1.62
N SER E 81 6.76 -4.54 0.98
CA SER E 81 6.81 -4.18 -0.45
C SER E 81 5.86 -5.02 -1.34
N LEU E 82 5.15 -5.99 -0.76
CA LEU E 82 4.24 -6.86 -1.51
C LEU E 82 2.79 -6.80 -1.07
N MET E 83 2.46 -5.79 -0.25
CA MET E 83 1.07 -5.54 0.15
C MET E 83 0.34 -4.87 -1.02
N TRP E 84 -0.97 -5.10 -1.09
CA TRP E 84 -1.85 -4.32 -1.94
C TRP E 84 -3.28 -4.42 -1.41
N ASP E 85 -4.13 -3.51 -1.90
CA ASP E 85 -5.54 -3.47 -1.52
C ASP E 85 -6.37 -4.26 -2.56
N PRO E 86 -6.98 -5.41 -2.17
CA PRO E 86 -7.80 -6.17 -3.15
C PRO E 86 -8.77 -5.31 -3.99
N ASN E 87 -9.35 -4.30 -3.35
CA ASN E 87 -10.31 -3.37 -3.95
C ASN E 87 -9.76 -2.55 -5.11
N GLU E 88 -8.51 -2.08 -5.06
CA GLU E 88 -7.95 -1.36 -6.20
C GLU E 88 -7.55 -2.24 -7.40
N TYR E 89 -7.68 -3.55 -7.26
CA TYR E 89 -7.11 -4.51 -8.23
C TYR E 89 -8.05 -5.67 -8.48
N GLY E 90 -9.32 -5.39 -8.66
CA GLY E 90 -10.28 -6.44 -8.99
C GLY E 90 -10.56 -7.48 -7.93
N ASN E 91 -10.56 -7.07 -6.65
CA ASN E 91 -10.85 -7.99 -5.51
C ASN E 91 -9.93 -9.26 -5.56
N ILE E 92 -8.70 -9.08 -6.09
CA ILE E 92 -7.68 -10.11 -6.21
C ILE E 92 -6.96 -10.24 -4.89
N THR E 93 -7.15 -11.35 -4.20
CA THR E 93 -6.54 -11.55 -2.89
C THR E 93 -5.14 -12.16 -2.95
N ASP E 94 -4.86 -12.99 -3.95
CA ASP E 94 -3.52 -13.63 -4.10
C ASP E 94 -3.18 -14.06 -5.52
N PHE E 95 -1.90 -13.94 -5.87
CA PHE E 95 -1.42 -14.44 -7.18
C PHE E 95 -0.18 -15.35 -7.11
N ARG E 96 0.05 -16.01 -8.24
CA ARG E 96 1.22 -16.89 -8.50
C ARG E 96 2.30 -16.17 -9.32
N THR E 97 3.55 -16.45 -9.01
CA THR E 97 4.62 -15.86 -9.79
C THR E 97 5.87 -16.71 -9.73
N SER E 98 6.64 -16.60 -10.82
CA SER E 98 7.92 -17.23 -10.91
C SER E 98 8.74 -16.73 -9.78
N ALA E 99 9.48 -17.60 -9.13
CA ALA E 99 10.30 -17.23 -7.99
C ALA E 99 11.47 -16.35 -8.37
N ALA E 100 11.75 -16.21 -9.64
CA ALA E 100 12.71 -15.21 -10.13
C ALA E 100 12.18 -13.79 -10.05
N ASP E 101 10.87 -13.59 -10.22
CA ASP E 101 10.29 -12.25 -10.12
C ASP E 101 10.43 -11.64 -8.70
N ILE E 102 10.76 -12.46 -7.69
CA ILE E 102 10.82 -12.02 -6.30
C ILE E 102 12.03 -12.47 -5.49
N TRP E 103 12.32 -11.76 -4.41
CA TRP E 103 13.33 -12.21 -3.47
C TRP E 103 12.82 -13.46 -2.77
N THR E 104 13.69 -14.47 -2.72
CA THR E 104 13.49 -15.65 -1.89
C THR E 104 14.68 -15.83 -0.96
N PRO E 105 14.48 -16.49 0.20
CA PRO E 105 15.60 -16.66 1.11
C PRO E 105 16.50 -17.78 0.63
N ASP E 106 17.76 -17.71 1.04
CA ASP E 106 18.86 -18.60 0.58
C ASP E 106 19.09 -19.81 1.50
N ILE E 107 18.02 -20.54 1.76
CA ILE E 107 18.07 -21.56 2.80
C ILE E 107 18.71 -22.78 2.18
N THR E 108 19.67 -23.36 2.88
CA THR E 108 20.61 -24.30 2.30
C THR E 108 20.97 -25.41 3.24
N ALA E 109 21.07 -26.62 2.76
CA ALA E 109 21.51 -27.72 3.61
C ALA E 109 23.02 -27.62 3.85
N ALA E 110 23.43 -27.47 5.11
CA ALA E 110 24.85 -27.29 5.42
C ALA E 110 25.74 -28.51 5.18
N SER E 111 25.18 -29.72 5.29
CA SER E 111 25.97 -30.93 5.10
C SER E 111 25.73 -31.66 3.78
N SER E 112 25.36 -30.96 2.71
CA SER E 112 25.08 -31.69 1.46
C SER E 112 26.37 -32.15 0.78
N THR E 113 26.28 -33.21 0.00
CA THR E 113 27.41 -33.71 -0.81
C THR E 113 27.29 -33.53 -2.33
N ARG E 114 26.11 -33.16 -2.81
CA ARG E 114 25.87 -32.89 -4.20
C ARG E 114 24.81 -31.84 -4.32
N PRO E 115 24.84 -31.12 -5.43
CA PRO E 115 23.94 -30.02 -5.55
C PRO E 115 22.55 -30.50 -5.54
N VAL E 116 21.71 -29.74 -4.85
CA VAL E 116 20.35 -30.15 -4.57
C VAL E 116 19.60 -30.21 -5.87
N GLN E 117 18.85 -31.28 -6.12
CA GLN E 117 18.07 -31.36 -7.33
C GLN E 117 16.64 -30.89 -7.09
N VAL E 118 16.20 -30.01 -7.96
CA VAL E 118 14.89 -29.43 -7.83
C VAL E 118 13.87 -30.29 -8.60
N LEU E 119 12.78 -30.62 -7.93
CA LEU E 119 11.77 -31.48 -8.46
C LEU E 119 10.46 -30.80 -8.79
N SER E 120 10.29 -29.55 -8.44
CA SER E 120 9.06 -28.85 -8.74
C SER E 120 9.35 -27.57 -9.52
N PRO E 121 8.29 -26.95 -10.01
CA PRO E 121 8.39 -25.61 -10.51
C PRO E 121 8.83 -24.63 -9.47
N GLN E 122 9.59 -23.62 -9.94
CA GLN E 122 10.10 -22.56 -9.12
C GLN E 122 9.05 -21.44 -9.14
N ILE E 123 8.00 -21.60 -8.37
CA ILE E 123 6.88 -20.70 -8.37
C ILE E 123 6.37 -20.49 -6.97
N ALA E 124 6.06 -19.23 -6.66
CA ALA E 124 5.63 -18.82 -5.33
C ALA E 124 4.22 -18.28 -5.42
N VAL E 125 3.65 -18.07 -4.22
CA VAL E 125 2.29 -17.57 -4.04
C VAL E 125 2.33 -16.35 -3.11
N VAL E 126 1.98 -15.21 -3.66
CA VAL E 126 1.99 -13.95 -2.92
C VAL E 126 0.54 -13.62 -2.57
N THR E 127 0.32 -13.04 -1.39
CA THR E 127 -1.03 -12.70 -0.90
C THR E 127 -1.11 -11.21 -0.54
N HIS E 128 -2.29 -10.59 -0.76
CA HIS E 128 -2.55 -9.13 -0.59
C HIS E 128 -1.90 -8.48 0.65
N ASP E 129 -1.78 -9.26 1.72
CA ASP E 129 -1.11 -8.83 2.96
C ASP E 129 0.42 -8.83 2.93
N GLY E 130 0.98 -9.22 1.78
CA GLY E 130 2.42 -9.29 1.55
C GLY E 130 3.10 -10.59 1.94
N SER E 131 2.32 -11.61 2.35
CA SER E 131 2.94 -12.86 2.73
C SER E 131 3.15 -13.70 1.47
N VAL E 132 4.19 -14.52 1.53
CA VAL E 132 4.65 -15.34 0.41
C VAL E 132 4.81 -16.76 0.93
N MET E 133 4.49 -17.72 0.07
CA MET E 133 4.64 -19.14 0.36
C MET E 133 5.34 -19.70 -0.84
N PHE E 134 6.33 -20.55 -0.61
CA PHE E 134 7.16 -21.09 -1.67
C PHE E 134 7.60 -22.48 -1.22
N SER E 135 7.28 -23.52 -1.97
CA SER E 135 7.35 -24.88 -1.44
C SER E 135 8.03 -25.77 -2.46
N PRO E 136 9.35 -25.58 -2.63
CA PRO E 136 10.09 -26.42 -3.54
C PRO E 136 10.28 -27.84 -3.07
N ALA E 137 10.02 -28.76 -4.00
CA ALA E 137 10.39 -30.16 -3.87
C ALA E 137 11.85 -30.35 -4.22
N GLN E 138 12.52 -31.29 -3.55
CA GLN E 138 13.97 -31.39 -3.63
C GLN E 138 14.45 -32.82 -3.37
N ARG E 139 15.56 -33.18 -4.00
CA ARG E 139 16.25 -34.41 -3.69
C ARG E 139 17.63 -34.03 -3.20
N LEU E 140 17.92 -34.40 -1.96
CA LEU E 140 19.12 -33.98 -1.28
C LEU E 140 20.02 -35.16 -0.99
N SER E 141 21.32 -35.01 -1.21
CA SER E 141 22.25 -36.01 -0.73
C SER E 141 23.06 -35.35 0.30
N PHE E 142 23.11 -35.95 1.48
CA PHE E 142 23.81 -35.36 2.58
C PHE E 142 24.54 -36.43 3.34
N MET E 143 25.42 -35.94 4.21
CA MET E 143 26.34 -36.73 4.98
C MET E 143 25.61 -37.44 6.12
N CYS E 144 25.83 -38.75 6.20
CA CYS E 144 25.08 -39.63 7.08
C CYS E 144 25.69 -41.00 7.10
N ASP E 145 26.11 -41.45 8.28
CA ASP E 145 26.60 -42.82 8.48
C ASP E 145 25.39 -43.70 8.73
N PRO E 146 25.06 -44.56 7.77
CA PRO E 146 23.83 -45.30 7.86
C PRO E 146 23.98 -46.69 8.45
N THR E 147 25.11 -47.04 9.06
CA THR E 147 25.29 -48.41 9.53
C THR E 147 24.41 -48.56 10.79
N GLY E 148 23.71 -49.67 10.83
CA GLY E 148 22.63 -49.92 11.78
C GLY E 148 21.26 -49.67 11.20
N VAL E 149 21.17 -49.55 9.88
CA VAL E 149 19.89 -49.22 9.25
C VAL E 149 19.03 -50.46 9.07
N ASP E 150 19.70 -51.61 9.01
CA ASP E 150 19.05 -52.95 8.99
C ASP E 150 18.65 -53.44 10.40
N SER E 151 19.33 -52.96 11.45
CA SER E 151 18.92 -53.24 12.83
C SER E 151 17.49 -52.76 13.12
N GLU E 152 16.91 -53.30 14.17
CA GLU E 152 15.53 -52.96 14.51
C GLU E 152 15.47 -51.58 15.18
N GLU E 153 16.48 -51.24 15.98
CA GLU E 153 16.54 -49.89 16.62
C GLU E 153 16.71 -48.72 15.63
N GLY E 154 17.27 -49.05 14.45
CA GLY E 154 17.40 -48.12 13.34
C GLY E 154 18.70 -47.33 13.38
N VAL E 155 18.74 -46.26 12.60
CA VAL E 155 19.86 -45.30 12.64
C VAL E 155 19.29 -43.90 12.52
N THR E 156 19.97 -42.94 13.14
CA THR E 156 19.53 -41.57 13.18
C THR E 156 20.44 -40.72 12.31
N CYS E 157 19.83 -39.80 11.54
CA CYS E 157 20.54 -38.86 10.68
C CYS E 157 20.04 -37.44 10.77
N ALA E 158 20.98 -36.51 10.65
CA ALA E 158 20.68 -35.09 10.80
C ALA E 158 21.27 -34.23 9.73
N VAL E 159 20.63 -33.08 9.50
CA VAL E 159 21.17 -32.07 8.58
C VAL E 159 20.59 -30.69 8.93
N LYS E 160 21.47 -29.72 9.17
CA LYS E 160 21.04 -28.34 9.43
C LYS E 160 20.56 -27.70 8.14
N PHE E 161 19.59 -26.80 8.23
CA PHE E 161 19.25 -25.94 7.12
C PHE E 161 19.39 -24.52 7.56
N GLU E 162 20.23 -23.74 6.91
CA GLU E 162 20.57 -22.44 7.42
C GLU E 162 20.54 -21.49 6.27
N SER E 163 20.33 -20.21 6.57
CA SER E 163 20.72 -19.23 5.54
C SER E 163 22.24 -19.24 5.35
N TRP E 164 22.68 -19.10 4.10
CA TRP E 164 24.10 -19.21 3.75
C TRP E 164 24.88 -17.93 4.01
N VAL E 165 24.21 -16.80 3.98
CA VAL E 165 24.93 -15.53 4.08
C VAL E 165 24.40 -14.59 5.12
N TYR E 166 23.31 -14.97 5.76
CA TYR E 166 22.60 -14.11 6.66
C TYR E 166 22.64 -14.69 8.08
N SER E 167 22.88 -13.81 9.04
CA SER E 167 23.00 -14.21 10.45
C SER E 167 21.58 -14.16 11.05
N GLY E 168 21.53 -14.54 12.30
CA GLY E 168 20.38 -14.27 13.16
C GLY E 168 19.94 -12.83 13.22
N PHE E 169 20.87 -11.90 13.07
CA PHE E 169 20.45 -10.47 12.98
C PHE E 169 19.64 -10.08 11.81
N GLU E 170 19.86 -10.75 10.69
CA GLU E 170 19.11 -10.42 9.44
C GLU E 170 17.96 -11.39 9.15
N ILE E 171 18.12 -12.68 9.39
CA ILE E 171 17.04 -13.65 9.15
C ILE E 171 16.90 -14.53 10.33
N ASP E 172 15.66 -14.64 10.81
CA ASP E 172 15.32 -15.55 11.89
C ASP E 172 14.57 -16.70 11.24
N LEU E 173 15.04 -17.93 11.49
CA LEU E 173 14.29 -19.11 11.07
C LEU E 173 13.37 -19.55 12.19
N LYS E 174 12.22 -20.11 11.85
CA LYS E 174 11.41 -20.82 12.84
C LYS E 174 10.69 -21.96 12.21
N THR E 175 10.47 -23.02 12.97
CA THR E 175 9.55 -24.04 12.58
C THR E 175 8.19 -23.64 13.09
N ASP E 176 7.12 -24.12 12.46
CA ASP E 176 5.78 -23.95 13.01
C ASP E 176 5.55 -24.99 14.07
N THR E 177 6.34 -26.06 14.05
CA THR E 177 6.04 -27.26 14.78
C THR E 177 7.30 -28.11 14.79
N ASP E 178 7.57 -28.84 15.87
CA ASP E 178 8.70 -29.76 15.92
C ASP E 178 8.51 -31.04 15.14
N GLN E 179 7.28 -31.36 14.75
CA GLN E 179 7.00 -32.59 14.01
C GLN E 179 7.16 -32.34 12.53
N VAL E 180 7.93 -33.21 11.90
CA VAL E 180 8.11 -33.18 10.49
C VAL E 180 6.93 -33.94 9.94
N ASP E 181 6.23 -33.34 8.99
CA ASP E 181 5.01 -33.93 8.46
C ASP E 181 5.32 -35.14 7.59
N LEU E 182 4.91 -36.32 8.07
CA LEU E 182 5.10 -37.54 7.32
C LEU E 182 3.87 -37.97 6.55
N SER E 183 2.89 -37.08 6.38
CA SER E 183 1.67 -37.47 5.66
C SER E 183 1.93 -37.74 4.17
N SER E 184 2.96 -37.15 3.57
CA SER E 184 3.22 -37.39 2.16
C SER E 184 4.16 -38.57 1.94
N TYR E 185 4.64 -39.17 3.04
CA TYR E 185 5.71 -40.18 2.97
C TYR E 185 5.25 -41.45 2.32
N TYR E 186 6.12 -42.07 1.56
CA TYR E 186 5.74 -43.14 0.65
C TYR E 186 5.59 -44.39 1.44
N ALA E 187 4.42 -45.00 1.27
CA ALA E 187 4.07 -46.21 1.99
C ALA E 187 5.08 -47.33 1.81
N SER E 188 5.48 -47.61 0.57
CA SER E 188 6.38 -48.71 0.33
C SER E 188 7.81 -48.27 0.08
N SER E 189 8.22 -47.18 0.73
CA SER E 189 9.62 -46.77 0.69
C SER E 189 10.47 -47.92 1.17
N LYS E 190 11.67 -48.05 0.64
CA LYS E 190 12.59 -49.04 1.20
C LYS E 190 12.91 -48.85 2.70
N TYR E 191 12.59 -47.69 3.25
CA TYR E 191 12.94 -47.35 4.62
C TYR E 191 11.72 -46.76 5.28
N GLU E 192 11.67 -46.92 6.60
CA GLU E 192 10.49 -46.70 7.40
C GLU E 192 10.91 -45.71 8.48
N ILE E 193 10.08 -44.69 8.69
CA ILE E 193 10.51 -43.54 9.50
C ILE E 193 10.11 -43.78 10.93
N LEU E 194 11.04 -43.81 11.86
CA LEU E 194 10.71 -43.96 13.29
C LEU E 194 10.48 -42.60 13.93
N SER E 195 11.37 -41.64 13.67
CA SER E 195 11.23 -40.31 14.27
C SER E 195 11.62 -39.25 13.23
N ALA E 196 10.98 -38.10 13.30
CA ALA E 196 11.27 -37.03 12.35
C ALA E 196 10.97 -35.67 12.95
N THR E 197 12.02 -34.94 13.25
CA THR E 197 11.91 -33.72 14.06
C THR E 197 12.60 -32.55 13.36
N GLN E 198 12.02 -31.36 13.48
CA GLN E 198 12.59 -30.17 12.88
C GLN E 198 12.66 -29.11 13.98
N THR E 199 13.87 -28.71 14.31
CA THR E 199 14.12 -28.12 15.62
C THR E 199 14.93 -26.85 15.37
N ARG E 200 14.40 -25.68 15.72
CA ARG E 200 15.22 -24.44 15.59
C ARG E 200 16.49 -24.55 16.48
N GLN E 201 17.50 -23.74 16.21
CA GLN E 201 18.80 -23.88 16.92
C GLN E 201 19.57 -22.58 16.76
N VAL E 202 20.26 -22.22 17.85
CA VAL E 202 21.19 -21.09 17.75
C VAL E 202 22.62 -21.59 18.03
N GLN E 203 23.59 -21.01 17.35
CA GLN E 203 25.00 -21.19 17.72
C GLN E 203 25.68 -19.90 17.49
N HIS E 204 26.61 -19.66 18.45
CA HIS E 204 27.50 -18.51 18.37
C HIS E 204 28.85 -19.09 18.13
N TYR E 205 29.75 -18.29 17.59
CA TYR E 205 31.11 -18.80 17.46
C TYR E 205 32.00 -17.79 18.12
N SER E 206 33.12 -18.24 18.61
CA SER E 206 34.00 -17.38 19.41
C SER E 206 34.62 -16.27 18.54
N CYS E 207 34.95 -16.59 17.29
CA CYS E 207 35.39 -15.57 16.32
C CYS E 207 34.45 -14.33 16.21
N CYS E 208 33.13 -14.51 16.26
CA CYS E 208 32.19 -13.64 15.55
C CYS E 208 30.93 -13.31 16.38
N PRO E 209 30.58 -11.99 16.49
CA PRO E 209 29.56 -11.49 17.46
C PRO E 209 28.13 -12.08 17.29
N GLU E 210 27.73 -12.43 16.08
CA GLU E 210 26.39 -12.72 15.78
C GLU E 210 25.99 -14.12 16.05
N PRO E 211 24.64 -14.31 16.22
CA PRO E 211 24.08 -15.68 16.32
C PRO E 211 23.83 -16.18 14.90
N TYR E 212 24.02 -17.48 14.74
CA TYR E 212 23.54 -18.10 13.50
C TYR E 212 22.43 -19.07 13.82
N ILE E 213 21.30 -18.90 13.12
CA ILE E 213 20.14 -19.73 13.36
C ILE E 213 20.13 -20.83 12.33
N ASP E 214 19.58 -21.97 12.69
CA ASP E 214 19.36 -23.06 11.73
C ASP E 214 18.25 -23.96 12.18
N VAL E 215 17.73 -24.75 11.27
CA VAL E 215 16.70 -25.70 11.60
C VAL E 215 17.29 -27.06 11.38
N ASN E 216 17.48 -27.79 12.46
CA ASN E 216 18.05 -29.12 12.37
C ASN E 216 16.97 -30.13 12.03
N LEU E 217 17.19 -30.86 10.94
CA LEU E 217 16.26 -31.88 10.49
C LEU E 217 16.87 -33.20 10.92
N VAL E 218 16.11 -33.98 11.69
CA VAL E 218 16.62 -35.22 12.31
C VAL E 218 15.66 -36.37 12.12
N VAL E 219 16.21 -37.46 11.60
CA VAL E 219 15.40 -38.52 11.08
C VAL E 219 16.02 -39.83 11.50
N LYS E 220 15.27 -40.58 12.32
CA LYS E 220 15.62 -41.94 12.74
C LYS E 220 14.82 -42.82 11.83
N PHE E 221 15.46 -43.83 11.26
CA PHE E 221 14.79 -44.66 10.24
C PHE E 221 15.47 -46.00 10.12
N ARG E 222 14.81 -46.93 9.43
CA ARG E 222 15.38 -48.27 9.16
C ARG E 222 14.64 -49.08 8.09
N GLU E 223 15.21 -50.19 7.63
CA GLU E 223 14.71 -50.91 6.44
C GLU E 223 13.20 -51.20 6.27
N GLN F 20 26.01 14.00 -8.73
CA GLN F 20 24.63 13.51 -9.18
C GLN F 20 23.93 12.99 -7.93
N ALA F 21 24.40 11.84 -7.42
CA ALA F 21 23.73 11.14 -6.33
C ALA F 21 23.79 11.89 -4.98
N ASN F 22 24.78 12.76 -4.85
CA ASN F 22 24.86 13.66 -3.70
C ASN F 22 23.77 14.73 -3.69
N LEU F 23 23.79 15.54 -4.74
CA LEU F 23 22.81 16.58 -4.97
C LEU F 23 21.35 16.07 -4.95
N MET F 24 21.11 14.88 -5.50
CA MET F 24 19.80 14.21 -5.41
C MET F 24 19.37 14.03 -3.95
N ARG F 25 20.29 13.58 -3.09
CA ARG F 25 19.96 13.41 -1.66
C ARG F 25 19.67 14.75 -1.01
N LEU F 26 20.56 15.73 -1.23
CA LEU F 26 20.41 17.11 -0.70
C LEU F 26 19.02 17.68 -0.96
N LYS F 27 18.59 17.56 -2.22
CA LYS F 27 17.28 18.05 -2.65
C LYS F 27 16.16 17.28 -1.97
N SER F 28 16.28 15.96 -1.95
CA SER F 28 15.32 15.10 -1.26
C SER F 28 15.10 15.49 0.22
N ASP F 29 16.19 15.84 0.91
CA ASP F 29 16.12 16.20 2.34
C ASP F 29 15.43 17.54 2.55
N LEU F 30 15.83 18.54 1.75
CA LEU F 30 15.21 19.86 1.79
C LEU F 30 13.70 19.87 1.42
N PHE F 31 13.35 19.33 0.24
CA PHE F 31 12.00 19.51 -0.32
C PHE F 31 10.97 18.42 0.04
N ASN F 32 11.35 17.15 -0.06
CA ASN F 32 10.39 16.06 0.20
C ASN F 32 10.13 15.81 1.66
N ARG F 33 11.09 16.16 2.54
CA ARG F 33 10.99 15.80 3.95
C ARG F 33 11.01 17.00 4.93
N SER F 34 10.39 18.11 4.52
CA SER F 34 9.74 19.07 5.43
C SER F 34 8.33 19.27 4.85
N PRO F 35 7.52 20.16 5.46
CA PRO F 35 6.50 20.84 4.64
C PRO F 35 7.16 22.04 3.93
N MET F 36 6.50 22.65 2.95
CA MET F 36 7.08 23.81 2.23
C MET F 36 7.09 25.06 3.14
N TYR F 37 8.11 25.95 2.97
CA TYR F 37 8.23 27.13 3.83
C TYR F 37 7.01 28.02 3.60
N PRO F 38 6.20 28.25 4.63
CA PRO F 38 4.93 28.92 4.41
C PRO F 38 5.00 30.45 4.41
N GLY F 39 6.17 31.02 4.21
CA GLY F 39 6.33 32.47 3.99
C GLY F 39 6.31 33.28 5.28
N PRO F 40 6.90 34.48 5.24
CA PRO F 40 7.15 35.30 6.43
C PRO F 40 5.91 35.71 7.21
N THR F 41 6.10 35.93 8.53
CA THR F 41 5.11 36.49 9.47
C THR F 41 5.74 37.73 10.11
N LYS F 42 4.98 38.48 10.92
CA LYS F 42 5.52 39.64 11.68
C LYS F 42 6.66 39.17 12.56
N ASP F 43 6.44 38.02 13.21
CA ASP F 43 7.43 37.35 14.06
C ASP F 43 8.76 37.04 13.40
N ASP F 44 8.73 36.38 12.26
CA ASP F 44 9.97 36.09 11.50
C ASP F 44 9.88 36.78 10.16
N PRO F 45 10.07 38.12 10.13
CA PRO F 45 9.98 38.81 8.88
C PRO F 45 11.15 38.38 8.01
N LEU F 46 11.14 38.87 6.77
CA LEU F 46 12.10 38.47 5.77
C LEU F 46 12.52 39.63 4.90
N THR F 47 13.81 39.71 4.64
CA THR F 47 14.32 40.77 3.81
C THR F 47 14.72 40.22 2.46
N VAL F 48 14.33 40.98 1.45
CA VAL F 48 14.36 40.61 0.07
C VAL F 48 14.93 41.78 -0.68
N THR F 49 15.74 41.49 -1.69
CA THR F 49 16.61 42.50 -2.22
C THR F 49 16.54 42.53 -3.72
N LEU F 50 16.07 43.67 -4.25
CA LEU F 50 15.88 43.86 -5.68
C LEU F 50 16.97 44.62 -6.33
N GLY F 51 17.20 44.27 -7.58
CA GLY F 51 18.15 44.96 -8.41
C GLY F 51 17.67 44.81 -9.81
N PHE F 52 17.41 45.92 -10.47
CA PHE F 52 16.95 45.90 -11.85
C PHE F 52 18.13 46.03 -12.78
N PHE F 53 17.96 45.46 -13.97
CA PHE F 53 18.93 45.48 -15.04
C PHE F 53 18.18 45.77 -16.32
N LEU F 54 18.08 47.04 -16.64
CA LEU F 54 17.43 47.46 -17.84
C LEU F 54 18.11 46.91 -19.08
N GLN F 55 17.28 46.72 -20.10
CA GLN F 55 17.67 46.09 -21.34
C GLN F 55 17.19 46.77 -22.61
N ASP F 56 15.93 47.13 -22.77
CA ASP F 56 15.51 47.88 -24.00
C ASP F 56 14.28 48.56 -23.47
N ILE F 57 14.04 49.77 -23.94
CA ILE F 57 12.71 50.29 -23.93
C ILE F 57 12.24 49.97 -25.33
N VAL F 58 11.30 49.04 -25.39
CA VAL F 58 10.98 48.43 -26.66
C VAL F 58 10.02 49.33 -27.38
N LYS F 59 8.96 49.69 -26.68
CA LYS F 59 7.90 50.45 -27.29
C LYS F 59 7.26 51.47 -26.36
N VAL F 60 6.71 52.50 -26.98
CA VAL F 60 6.01 53.57 -26.34
C VAL F 60 4.70 53.73 -27.09
N ASP F 61 3.61 53.96 -26.39
CA ASP F 61 2.31 54.13 -27.07
C ASP F 61 1.60 55.27 -26.40
N SER F 62 1.56 56.38 -27.14
CA SER F 62 0.96 57.62 -26.70
C SER F 62 -0.56 57.67 -26.85
N SER F 63 -1.19 56.72 -27.53
CA SER F 63 -2.67 56.57 -27.41
C SER F 63 -3.18 56.15 -26.03
N THR F 64 -2.36 55.41 -25.28
CA THR F 64 -2.82 54.67 -24.07
C THR F 64 -2.04 55.01 -22.78
N ASN F 65 -0.83 55.50 -23.03
CA ASN F 65 0.15 55.86 -22.03
C ASN F 65 0.59 54.57 -21.37
N GLU F 66 1.11 53.73 -22.25
CA GLU F 66 1.57 52.39 -21.96
C GLU F 66 3.00 52.41 -22.52
N VAL F 67 3.94 51.97 -21.71
CA VAL F 67 5.29 51.75 -22.18
C VAL F 67 5.78 50.37 -21.87
N ASP F 68 6.50 49.78 -22.81
CA ASP F 68 6.97 48.42 -22.70
C ASP F 68 8.47 48.43 -22.52
N LEU F 69 8.88 47.70 -21.49
CA LEU F 69 10.19 47.78 -20.99
C LEU F 69 10.67 46.36 -20.78
N VAL F 70 11.93 46.08 -21.05
CA VAL F 70 12.47 44.71 -20.88
C VAL F 70 13.64 44.72 -19.91
N TYR F 71 13.70 43.76 -18.99
CA TYR F 71 14.74 43.75 -17.95
C TYR F 71 14.89 42.44 -17.19
N TYR F 72 16.03 42.24 -16.56
CA TYR F 72 16.23 41.17 -15.57
C TYR F 72 15.90 41.80 -14.27
N GLU F 73 15.48 41.03 -13.29
CA GLU F 73 15.15 41.54 -11.97
C GLU F 73 15.78 40.58 -11.02
N ARG F 74 16.88 40.95 -10.40
CA ARG F 74 17.54 40.05 -9.46
C ARG F 74 16.90 40.17 -8.08
N GLN F 75 16.35 39.07 -7.59
CA GLN F 75 15.76 39.00 -6.25
C GLN F 75 16.65 38.11 -5.41
N ARG F 76 17.06 38.60 -4.24
CA ARG F 76 17.82 37.80 -3.31
C ARG F 76 17.14 37.82 -1.94
N TRP F 77 17.02 36.65 -1.32
CA TRP F 77 16.56 36.53 0.07
C TRP F 77 17.28 35.37 0.74
N LYS F 78 17.06 35.17 2.04
CA LYS F 78 17.71 34.05 2.74
C LYS F 78 16.82 33.34 3.74
N LEU F 79 16.85 32.02 3.70
CA LEU F 79 16.00 31.19 4.57
C LEU F 79 16.79 30.17 5.35
N ASN F 80 16.36 29.91 6.51
CA ASN F 80 17.04 28.89 7.34
C ASN F 80 16.57 27.52 6.93
N SER F 81 15.30 27.37 6.51
CA SER F 81 14.90 26.04 6.05
C SER F 81 15.71 25.55 4.81
N LEU F 82 16.64 26.37 4.31
CA LEU F 82 17.45 25.99 3.14
C LEU F 82 18.94 25.91 3.40
N MET F 83 19.34 25.93 4.69
CA MET F 83 20.73 25.72 5.08
C MET F 83 21.09 24.25 4.95
N TRP F 84 22.36 23.98 4.70
CA TRP F 84 22.91 22.63 4.84
C TRP F 84 24.43 22.74 5.02
N ASP F 85 25.02 21.64 5.47
CA ASP F 85 26.47 21.54 5.68
C ASP F 85 27.13 20.96 4.42
N PRO F 86 27.95 21.73 3.68
CA PRO F 86 28.62 21.17 2.48
C PRO F 86 29.26 19.78 2.68
N ASN F 87 29.84 19.59 3.87
CA ASN F 87 30.51 18.34 4.26
C ASN F 87 29.62 17.10 4.31
N GLU F 88 28.37 17.22 4.76
CA GLU F 88 27.49 16.06 4.73
C GLU F 88 26.93 15.70 3.33
N TYR F 89 27.24 16.50 2.31
CA TYR F 89 26.59 16.40 1.01
C TYR F 89 27.60 16.62 -0.11
N GLY F 90 28.75 15.99 -0.02
CA GLY F 90 29.73 16.04 -1.10
C GLY F 90 30.37 17.39 -1.36
N ASN F 91 30.61 18.18 -0.32
CA ASN F 91 31.26 19.51 -0.45
C ASN F 91 30.52 20.41 -1.49
N ILE F 92 29.20 20.21 -1.61
CA ILE F 92 28.31 20.94 -2.52
C ILE F 92 27.92 22.24 -1.85
N THR F 93 28.40 23.35 -2.39
CA THR F 93 28.14 24.66 -1.81
C THR F 93 26.84 25.30 -2.30
N ASP F 94 26.45 25.03 -3.54
CA ASP F 94 25.21 25.60 -4.13
C ASP F 94 24.61 24.82 -5.30
N PHE F 95 23.27 24.80 -5.38
CA PHE F 95 22.58 24.15 -6.50
C PHE F 95 21.50 25.01 -7.18
N ARG F 96 21.09 24.53 -8.36
CA ARG F 96 19.97 25.10 -9.15
C ARG F 96 18.66 24.34 -8.99
N THR F 97 17.55 25.03 -9.02
CA THR F 97 16.26 24.36 -8.95
C THR F 97 15.17 25.21 -9.55
N SER F 98 14.16 24.52 -10.03
CA SER F 98 12.97 25.12 -10.56
C SER F 98 12.40 25.96 -9.45
N ALA F 99 11.95 27.17 -9.81
CA ALA F 99 11.42 28.09 -8.81
C ALA F 99 10.10 27.63 -8.21
N ALA F 100 9.48 26.61 -8.82
CA ALA F 100 8.33 25.95 -8.23
C ALA F 100 8.68 25.11 -7.01
N ASP F 101 9.86 24.50 -6.99
CA ASP F 101 10.29 23.72 -5.82
C ASP F 101 10.38 24.54 -4.52
N ILE F 102 10.41 25.88 -4.62
CA ILE F 102 10.58 26.76 -3.43
C ILE F 102 9.67 27.97 -3.35
N TRP F 103 9.54 28.52 -2.14
CA TRP F 103 8.85 29.78 -1.95
C TRP F 103 9.66 30.87 -2.61
N THR F 104 8.96 31.72 -3.38
CA THR F 104 9.50 32.96 -3.91
C THR F 104 8.60 34.12 -3.47
N PRO F 105 9.17 35.33 -3.39
CA PRO F 105 8.35 36.46 -2.98
C PRO F 105 7.49 36.94 -4.10
N ASP F 106 6.39 37.59 -3.76
CA ASP F 106 5.31 37.98 -4.69
C ASP F 106 5.46 39.44 -5.19
N ILE F 107 6.62 39.72 -5.73
CA ILE F 107 6.98 41.08 -6.06
C ILE F 107 6.34 41.42 -7.36
N THR F 108 5.67 42.57 -7.41
CA THR F 108 4.70 42.86 -8.45
C THR F 108 4.77 44.31 -8.88
N ALA F 109 4.70 44.59 -10.15
CA ALA F 109 4.62 45.98 -10.59
C ALA F 109 3.23 46.55 -10.32
N ALA F 110 3.15 47.59 -9.49
CA ALA F 110 1.84 48.13 -9.09
C ALA F 110 1.08 48.86 -10.20
N SER F 111 1.79 49.42 -11.17
CA SER F 111 1.16 50.12 -12.27
C SER F 111 1.15 49.38 -13.61
N SER F 112 1.15 48.06 -13.62
CA SER F 112 1.20 47.36 -14.93
C SER F 112 -0.16 47.41 -15.61
N THR F 113 -0.17 47.35 -16.93
CA THR F 113 -1.42 47.27 -17.72
C THR F 113 -1.72 45.96 -18.41
N ARG F 114 -0.76 45.04 -18.43
CA ARG F 114 -0.91 43.72 -19.05
C ARG F 114 -0.08 42.76 -18.26
N PRO F 115 -0.43 41.50 -18.34
CA PRO F 115 0.27 40.55 -17.52
C PRO F 115 1.68 40.46 -17.97
N VAL F 116 2.57 40.35 -17.01
CA VAL F 116 4.00 40.45 -17.25
C VAL F 116 4.40 39.24 -18.06
N GLN F 117 5.17 39.41 -19.13
CA GLN F 117 5.62 38.29 -19.91
C GLN F 117 6.99 37.83 -19.47
N VAL F 118 7.10 36.53 -19.23
CA VAL F 118 8.34 35.97 -18.75
C VAL F 118 9.21 35.56 -19.92
N LEU F 119 10.48 35.98 -19.89
CA LEU F 119 11.42 35.76 -20.94
C LEU F 119 12.51 34.76 -20.63
N SER F 120 12.62 34.30 -19.40
CA SER F 120 13.65 33.36 -19.05
C SER F 120 13.05 32.14 -18.39
N PRO F 121 13.89 31.13 -18.19
CA PRO F 121 13.54 30.04 -17.31
C PRO F 121 13.27 30.47 -15.91
N GLN F 122 12.34 29.77 -15.27
CA GLN F 122 11.94 30.01 -13.90
C GLN F 122 12.81 29.14 -13.00
N ILE F 123 14.03 29.58 -12.78
CA ILE F 123 15.00 28.77 -12.05
C ILE F 123 15.79 29.63 -11.07
N ALA F 124 15.98 29.09 -9.88
CA ALA F 124 16.65 29.78 -8.79
C ALA F 124 17.92 29.06 -8.42
N VAL F 125 18.72 29.75 -7.62
CA VAL F 125 20.05 29.30 -7.18
C VAL F 125 20.10 29.39 -5.66
N VAL F 126 20.19 28.23 -5.03
CA VAL F 126 20.20 28.11 -3.58
C VAL F 126 21.63 27.85 -3.15
N THR F 127 22.04 28.42 -2.01
CA THR F 127 23.42 28.27 -1.49
C THR F 127 23.40 27.73 -0.05
N HIS F 128 24.41 26.91 0.30
CA HIS F 128 24.52 26.18 1.61
C HIS F 128 24.09 26.96 2.85
N ASP F 129 24.32 28.28 2.82
CA ASP F 129 23.91 29.20 3.89
C ASP F 129 22.43 29.58 3.90
N GLY F 130 21.66 29.01 2.95
CA GLY F 130 20.24 29.26 2.80
C GLY F 130 19.85 30.47 1.96
N SER F 131 20.82 31.13 1.32
CA SER F 131 20.48 32.27 0.50
C SER F 131 20.08 31.80 -0.88
N VAL F 132 19.18 32.57 -1.51
CA VAL F 132 18.57 32.25 -2.78
C VAL F 132 18.71 33.46 -3.67
N MET F 133 18.92 33.21 -4.96
CA MET F 133 19.01 34.24 -6.00
C MET F 133 18.08 33.76 -7.09
N PHE F 134 17.29 34.67 -7.64
CA PHE F 134 16.30 34.34 -8.65
C PHE F 134 16.16 35.56 -9.54
N SER F 135 16.40 35.42 -10.84
CA SER F 135 16.65 36.58 -11.70
C SER F 135 15.85 36.43 -12.97
N PRO F 136 14.52 36.55 -12.88
CA PRO F 136 13.70 36.46 -14.06
C PRO F 136 13.82 37.66 -14.99
N ALA F 137 13.93 37.36 -16.27
CA ALA F 137 13.76 38.31 -17.35
C ALA F 137 12.28 38.52 -17.64
N GLN F 138 11.91 39.75 -18.01
CA GLN F 138 10.49 40.13 -18.07
C GLN F 138 10.27 41.24 -19.09
N ARG F 139 9.08 41.22 -19.70
CA ARG F 139 8.63 42.33 -20.50
C ARG F 139 7.39 42.88 -19.87
N LEU F 140 7.46 44.16 -19.47
CA LEU F 140 6.45 44.79 -18.65
C LEU F 140 5.80 45.90 -19.44
N SER F 141 4.47 45.99 -19.36
CA SER F 141 3.81 47.19 -19.90
C SER F 141 3.22 47.86 -18.74
N PHE F 142 3.55 49.14 -18.59
CA PHE F 142 3.10 49.87 -17.44
C PHE F 142 2.70 51.27 -17.88
N MET F 143 2.02 51.92 -16.95
CA MET F 143 1.44 53.24 -17.14
C MET F 143 2.50 54.32 -17.14
N CYS F 144 2.47 55.15 -18.18
CA CYS F 144 3.51 56.13 -18.46
C CYS F 144 3.07 57.05 -19.57
N ASP F 145 3.03 58.34 -19.29
CA ASP F 145 2.76 59.35 -20.29
C ASP F 145 4.08 59.70 -20.97
N PRO F 146 4.23 59.32 -22.23
CA PRO F 146 5.49 59.47 -22.88
C PRO F 146 5.67 60.74 -23.69
N THR F 147 4.77 61.72 -23.57
CA THR F 147 4.88 62.89 -24.44
C THR F 147 6.06 63.73 -23.91
N GLY F 148 6.86 64.18 -24.85
CA GLY F 148 8.16 64.79 -24.57
C GLY F 148 9.32 63.83 -24.78
N VAL F 149 9.05 62.69 -25.40
CA VAL F 149 10.08 61.67 -25.56
C VAL F 149 11.00 61.97 -26.75
N ASP F 150 10.45 62.76 -27.69
CA ASP F 150 11.21 63.30 -28.83
C ASP F 150 12.01 64.56 -28.49
N SER F 151 11.58 65.31 -27.47
CA SER F 151 12.36 66.45 -26.95
C SER F 151 13.76 66.01 -26.49
N GLU F 152 14.66 66.97 -26.38
CA GLU F 152 16.02 66.70 -26.00
C GLU F 152 16.11 66.44 -24.49
N GLU F 153 15.33 67.14 -23.69
CA GLU F 153 15.29 66.92 -22.22
C GLU F 153 14.76 65.53 -21.79
N GLY F 154 13.94 64.95 -22.68
CA GLY F 154 13.41 63.61 -22.51
C GLY F 154 12.09 63.56 -21.77
N VAL F 155 11.72 62.37 -21.31
CA VAL F 155 10.56 62.19 -20.43
C VAL F 155 10.92 61.18 -19.36
N THR F 156 10.32 61.36 -18.19
CA THR F 156 10.60 60.55 -17.02
C THR F 156 9.41 59.65 -16.75
N CYS F 157 9.70 58.39 -16.40
CA CYS F 157 8.66 57.37 -16.09
C CYS F 157 9.00 56.54 -14.89
N ALA F 158 7.96 56.19 -14.14
CA ALA F 158 8.13 55.46 -12.88
C ALA F 158 7.19 54.29 -12.72
N VAL F 159 7.61 53.31 -11.92
CA VAL F 159 6.76 52.19 -11.56
C VAL F 159 7.24 51.56 -10.24
N LYS F 160 6.34 51.49 -9.25
CA LYS F 160 6.65 50.84 -7.98
C LYS F 160 6.71 49.34 -8.16
N PHE F 161 7.55 48.66 -7.40
CA PHE F 161 7.49 47.21 -7.29
C PHE F 161 7.31 46.85 -5.86
N GLU F 162 6.25 46.15 -5.53
CA GLU F 162 5.90 45.95 -4.14
C GLU F 162 5.54 44.51 -3.95
N SER F 163 5.67 43.99 -2.75
CA SER F 163 4.92 42.78 -2.45
C SER F 163 3.40 43.07 -2.48
N TRP F 164 2.63 42.13 -3.02
CA TRP F 164 1.20 42.33 -3.24
C TRP F 164 0.37 42.07 -1.99
N VAL F 165 0.85 41.25 -1.08
CA VAL F 165 0.02 40.88 0.05
C VAL F 165 0.70 41.03 1.39
N TYR F 166 1.97 41.42 1.37
CA TYR F 166 2.77 41.46 2.56
C TYR F 166 3.19 42.91 2.84
N SER F 167 3.11 43.26 4.11
CA SER F 167 3.42 44.61 4.56
C SER F 167 4.91 44.68 4.86
N GLY F 168 5.32 45.87 5.23
CA GLY F 168 6.61 46.10 5.86
C GLY F 168 6.87 45.27 7.07
N PHE F 169 5.83 44.88 7.83
CA PHE F 169 6.06 43.95 8.95
C PHE F 169 6.51 42.58 8.60
N GLU F 170 6.09 42.10 7.43
CA GLU F 170 6.46 40.73 7.00
C GLU F 170 7.61 40.69 5.98
N ILE F 171 7.65 41.62 5.03
CA ILE F 171 8.72 41.65 4.04
C ILE F 171 9.26 43.02 3.92
N ASP F 172 10.58 43.13 4.03
CA ASP F 172 11.29 44.38 3.83
C ASP F 172 11.95 44.29 2.48
N LEU F 173 11.70 45.27 1.61
CA LEU F 173 12.45 45.36 0.36
C LEU F 173 13.66 46.24 0.56
N LYS F 174 14.75 45.96 -0.15
CA LYS F 174 15.84 46.92 -0.27
C LYS F 174 16.50 46.80 -1.60
N THR F 175 17.04 47.91 -2.06
CA THR F 175 17.95 47.88 -3.19
C THR F 175 19.34 47.68 -2.62
N ASP F 176 20.26 47.15 -3.41
CA ASP F 176 21.66 47.14 -3.02
C ASP F 176 22.29 48.47 -3.32
N THR F 177 21.65 49.24 -4.20
CA THR F 177 22.26 50.39 -4.82
C THR F 177 21.15 51.19 -5.48
N ASP F 178 21.27 52.51 -5.49
CA ASP F 178 20.30 53.36 -6.19
C ASP F 178 20.42 53.36 -7.70
N GLN F 179 21.55 52.87 -8.23
CA GLN F 179 21.77 52.88 -9.67
C GLN F 179 21.19 51.61 -10.25
N VAL F 180 20.40 51.79 -11.30
CA VAL F 180 19.88 50.70 -12.06
C VAL F 180 20.97 50.38 -13.04
N ASP F 181 21.34 49.09 -13.11
CA ASP F 181 22.44 48.65 -13.93
C ASP F 181 22.06 48.72 -15.42
N LEU F 182 22.72 49.61 -16.14
CA LEU F 182 22.51 49.75 -17.56
C LEU F 182 23.52 49.04 -18.40
N SER F 183 24.31 48.14 -17.82
CA SER F 183 25.34 47.44 -18.60
C SER F 183 24.74 46.49 -19.64
N SER F 184 23.52 45.99 -19.43
CA SER F 184 22.95 45.08 -20.42
C SER F 184 22.13 45.82 -21.47
N TYR F 185 22.01 47.15 -21.32
CA TYR F 185 21.10 47.95 -22.14
C TYR F 185 21.53 48.00 -23.58
N TYR F 186 20.56 47.98 -24.49
CA TYR F 186 20.82 47.72 -25.88
C TYR F 186 21.31 48.99 -26.50
N ALA F 187 22.46 48.86 -27.16
CA ALA F 187 23.12 49.99 -27.79
C ALA F 187 22.23 50.72 -28.77
N SER F 188 21.58 49.99 -29.67
CA SER F 188 20.78 50.64 -30.70
C SER F 188 19.29 50.58 -30.40
N SER F 189 18.94 50.61 -29.12
CA SER F 189 17.53 50.73 -28.75
C SER F 189 16.94 51.96 -29.41
N LYS F 190 15.68 51.94 -29.74
CA LYS F 190 15.05 53.17 -30.22
C LYS F 190 15.08 54.34 -29.23
N TYR F 191 15.43 54.09 -27.98
CA TYR F 191 15.40 55.08 -26.92
C TYR F 191 16.66 54.95 -26.12
N GLU F 192 17.06 56.07 -25.53
CA GLU F 192 18.36 56.28 -24.95
C GLU F 192 18.11 56.68 -23.50
N ILE F 193 18.85 56.06 -22.58
CA ILE F 193 18.54 56.18 -21.17
C ILE F 193 19.33 57.33 -20.58
N LEU F 194 18.67 58.34 -20.04
CA LEU F 194 19.38 59.46 -19.41
C LEU F 194 19.59 59.15 -17.93
N SER F 195 18.56 58.68 -17.23
CA SER F 195 18.69 58.39 -15.81
C SER F 195 17.93 57.12 -15.47
N ALA F 196 18.42 56.36 -14.51
CA ALA F 196 17.76 55.13 -14.10
C ALA F 196 18.05 54.80 -12.65
N THR F 197 17.03 54.94 -11.82
CA THR F 197 17.21 54.91 -10.37
C THR F 197 16.23 53.90 -9.74
N GLN F 198 16.68 53.20 -8.71
CA GLN F 198 15.83 52.25 -8.00
C GLN F 198 15.93 52.57 -6.51
N THR F 199 14.82 52.96 -5.93
CA THR F 199 14.84 53.74 -4.70
C THR F 199 13.86 53.10 -3.74
N ARG F 200 14.30 52.60 -2.58
CA ARG F 200 13.34 52.10 -1.57
C ARG F 200 12.35 53.20 -1.15
N GLN F 201 11.22 52.84 -0.56
CA GLN F 201 10.15 53.83 -0.24
C GLN F 201 9.22 53.23 0.79
N VAL F 202 8.78 54.08 1.72
CA VAL F 202 7.74 53.64 2.66
C VAL F 202 6.51 54.51 2.53
N GLN F 203 5.34 53.91 2.71
CA GLN F 203 4.06 54.67 2.76
C GLN F 203 3.27 54.00 3.89
N HIS F 204 2.55 54.80 4.68
CA HIS F 204 1.47 54.35 5.47
C HIS F 204 0.22 54.86 4.88
N TYR F 205 -0.92 54.30 5.23
CA TYR F 205 -2.18 54.89 4.78
C TYR F 205 -3.01 55.07 6.03
N SER F 206 -3.92 56.01 5.98
CA SER F 206 -4.66 56.40 7.18
C SER F 206 -5.59 55.28 7.65
N CYS F 207 -6.20 54.55 6.72
CA CYS F 207 -6.96 53.33 7.06
C CYS F 207 -6.23 52.32 8.00
N CYS F 208 -4.92 52.11 7.83
CA CYS F 208 -4.29 50.82 8.14
C CYS F 208 -2.91 51.00 8.83
N PRO F 209 -2.69 50.30 9.98
CA PRO F 209 -1.53 50.52 10.88
C PRO F 209 -0.13 50.34 10.24
N GLU F 210 0.00 49.42 9.29
CA GLU F 210 1.24 48.98 8.84
C GLU F 210 1.90 49.82 7.80
N PRO F 211 3.24 49.69 7.68
CA PRO F 211 3.96 50.30 6.56
C PRO F 211 3.93 49.43 5.37
N TYR F 212 3.87 50.03 4.21
CA TYR F 212 4.08 49.27 2.96
C TYR F 212 5.34 49.75 2.28
N ILE F 213 6.24 48.82 1.99
CA ILE F 213 7.52 49.13 1.38
C ILE F 213 7.40 48.89 -0.11
N ASP F 214 8.15 49.63 -0.90
CA ASP F 214 8.24 49.39 -2.34
C ASP F 214 9.52 49.92 -2.92
N VAL F 215 9.87 49.47 -4.10
CA VAL F 215 11.05 49.96 -4.76
C VAL F 215 10.60 50.67 -5.99
N ASN F 216 10.77 51.99 -6.00
CA ASN F 216 10.35 52.78 -7.14
C ASN F 216 11.42 52.75 -8.23
N LEU F 217 11.02 52.34 -9.42
CA LEU F 217 11.92 52.29 -10.57
C LEU F 217 11.58 53.51 -11.40
N VAL F 218 12.60 54.33 -11.67
CA VAL F 218 12.41 55.62 -12.35
C VAL F 218 13.42 55.83 -13.47
N VAL F 219 12.89 56.14 -14.64
CA VAL F 219 13.65 56.08 -15.84
C VAL F 219 13.33 57.29 -16.69
N LYS F 220 14.34 58.12 -16.91
CA LYS F 220 14.27 59.28 -17.79
C LYS F 220 14.91 58.82 -19.06
N PHE F 221 14.26 59.09 -20.20
CA PHE F 221 14.72 58.56 -21.48
C PHE F 221 14.21 59.38 -22.64
N ARG F 222 14.76 59.17 -23.83
CA ARG F 222 14.33 59.88 -25.04
C ARG F 222 14.81 59.23 -26.35
N GLU F 223 14.24 59.64 -27.49
CA GLU F 223 14.55 58.97 -28.78
C GLU F 223 16.04 59.12 -29.16
N ARG F 224 16.63 58.11 -29.79
CA ARG F 224 18.04 58.12 -30.19
C ARG F 224 18.22 59.18 -31.30
N ARG F 225 19.41 59.80 -31.39
CA ARG F 225 19.71 60.62 -32.59
C ARG F 225 20.04 59.65 -33.75
N GLN G 20 7.37 29.88 11.52
CA GLN G 20 7.53 28.81 10.50
C GLN G 20 6.69 27.63 10.98
N ALA G 21 7.19 26.93 12.01
CA ALA G 21 6.67 25.61 12.38
C ALA G 21 5.23 25.65 12.94
N ASN G 22 4.84 26.80 13.46
CA ASN G 22 3.46 27.02 13.88
C ASN G 22 2.47 27.09 12.72
N LEU G 23 2.72 28.08 11.87
CA LEU G 23 1.94 28.31 10.66
C LEU G 23 1.87 27.05 9.75
N MET G 24 2.97 26.30 9.64
CA MET G 24 2.97 25.01 8.92
C MET G 24 1.92 24.05 9.49
N ARG G 25 1.83 23.95 10.82
CA ARG G 25 0.84 23.08 11.46
C ARG G 25 -0.57 23.58 11.17
N LEU G 26 -0.80 24.88 11.40
CA LEU G 26 -2.11 25.53 11.14
C LEU G 26 -2.67 25.20 9.76
N LYS G 27 -1.79 25.35 8.76
CA LYS G 27 -2.16 25.08 7.37
C LYS G 27 -2.46 23.60 7.16
N SER G 28 -1.59 22.74 7.69
CA SER G 28 -1.80 21.30 7.64
C SER G 28 -3.17 20.86 8.20
N ASP G 29 -3.60 21.48 9.29
CA ASP G 29 -4.86 21.13 9.94
C ASP G 29 -6.07 21.57 9.12
N LEU G 30 -6.03 22.81 8.64
CA LEU G 30 -7.07 23.35 7.77
C LEU G 30 -7.23 22.61 6.41
N PHE G 31 -6.14 22.49 5.65
CA PHE G 31 -6.22 22.02 4.24
C PHE G 31 -6.07 20.51 4.04
N ASN G 32 -5.09 19.88 4.68
CA ASN G 32 -4.85 18.44 4.45
C ASN G 32 -5.84 17.55 5.17
N ARG G 33 -6.39 18.01 6.29
CA ARG G 33 -7.22 17.15 7.14
C ARG G 33 -8.68 17.64 7.35
N SER G 34 -9.25 18.21 6.31
CA SER G 34 -10.70 18.18 6.05
C SER G 34 -10.85 17.64 4.61
N PRO G 35 -12.10 17.47 4.13
CA PRO G 35 -12.29 17.60 2.68
C PRO G 35 -12.45 19.10 2.33
N MET G 36 -12.25 19.47 1.06
CA MET G 36 -12.26 20.91 0.68
C MET G 36 -13.67 21.50 0.73
N TYR G 37 -13.82 22.78 1.07
CA TYR G 37 -15.16 23.38 1.27
C TYR G 37 -15.89 23.37 -0.05
N PRO G 38 -17.01 22.64 -0.15
CA PRO G 38 -17.61 22.46 -1.46
C PRO G 38 -18.57 23.58 -1.89
N GLY G 39 -18.48 24.75 -1.28
CA GLY G 39 -19.22 25.94 -1.75
C GLY G 39 -20.68 25.98 -1.26
N PRO G 40 -21.27 27.16 -1.20
CA PRO G 40 -22.56 27.40 -0.55
C PRO G 40 -23.74 26.64 -1.15
N THR G 41 -24.75 26.38 -0.32
CA THR G 41 -26.07 25.82 -0.70
C THR G 41 -27.14 26.79 -0.21
N LYS G 42 -28.42 26.55 -0.54
CA LYS G 42 -29.55 27.38 -0.02
C LYS G 42 -29.55 27.36 1.49
N ASP G 43 -29.33 26.15 2.04
CA ASP G 43 -29.21 25.91 3.48
C ASP G 43 -28.15 26.72 4.20
N ASP G 44 -26.91 26.70 3.71
CA ASP G 44 -25.83 27.52 4.29
C ASP G 44 -25.36 28.51 3.26
N PRO G 45 -26.15 29.58 3.00
CA PRO G 45 -25.75 30.52 2.00
C PRO G 45 -24.53 31.26 2.51
N LEU G 46 -23.97 32.10 1.64
CA LEU G 46 -22.74 32.80 1.89
C LEU G 46 -22.76 34.21 1.36
N THR G 47 -22.24 35.11 2.15
CA THR G 47 -22.17 36.51 1.74
C THR G 47 -20.75 36.89 1.41
N VAL G 48 -20.64 37.62 0.31
CA VAL G 48 -19.41 37.95 -0.37
C VAL G 48 -19.48 39.42 -0.69
N THR G 49 -18.36 40.10 -0.57
CA THR G 49 -18.38 41.54 -0.50
C THR G 49 -17.35 42.13 -1.42
N LEU G 50 -17.84 42.88 -2.41
CA LEU G 50 -17.02 43.49 -3.44
C LEU G 50 -16.72 44.93 -3.22
N GLY G 51 -15.55 45.32 -3.67
CA GLY G 51 -15.10 46.68 -3.62
C GLY G 51 -14.15 46.87 -4.75
N PHE G 52 -14.47 47.75 -5.67
CA PHE G 52 -13.62 48.02 -6.80
C PHE G 52 -12.70 49.19 -6.49
N PHE G 53 -11.54 49.17 -7.15
CA PHE G 53 -10.52 50.19 -7.05
C PHE G 53 -10.00 50.46 -8.44
N LEU G 54 -10.63 51.42 -9.10
CA LEU G 54 -10.24 51.80 -10.42
C LEU G 54 -8.81 52.32 -10.47
N GLN G 55 -8.19 52.10 -11.63
CA GLN G 55 -6.80 52.36 -11.86
C GLN G 55 -6.47 53.07 -13.17
N ASP G 56 -6.95 52.65 -14.32
CA ASP G 56 -6.68 53.42 -15.58
C ASP G 56 -7.85 52.98 -16.41
N ILE G 57 -8.37 53.87 -17.22
CA ILE G 57 -9.10 53.48 -18.38
C ILE G 57 -8.03 53.53 -19.45
N VAL G 58 -7.65 52.34 -19.91
CA VAL G 58 -6.45 52.23 -20.71
C VAL G 58 -6.77 52.59 -22.12
N LYS G 59 -7.82 51.96 -22.62
CA LYS G 59 -8.18 52.15 -24.01
C LYS G 59 -9.71 52.14 -24.21
N VAL G 60 -10.06 52.76 -25.31
CA VAL G 60 -11.41 52.86 -25.81
C VAL G 60 -11.29 52.48 -27.28
N ASP G 61 -12.26 51.71 -27.78
CA ASP G 61 -12.27 51.35 -29.20
C ASP G 61 -13.67 51.51 -29.70
N SER G 62 -13.87 52.57 -30.48
CA SER G 62 -15.14 52.94 -31.04
C SER G 62 -15.52 52.15 -32.31
N SER G 63 -14.63 51.37 -32.90
CA SER G 63 -15.06 50.37 -33.91
C SER G 63 -15.91 49.24 -33.38
N THR G 64 -15.72 48.87 -32.11
CA THR G 64 -16.26 47.62 -31.54
C THR G 64 -17.17 47.79 -30.30
N ASN G 65 -16.93 48.94 -29.66
CA ASN G 65 -17.58 49.38 -28.45
C ASN G 65 -17.12 48.44 -27.37
N GLU G 66 -15.80 48.49 -27.22
CA GLU G 66 -15.03 47.67 -26.29
C GLU G 66 -14.23 48.75 -25.54
N VAL G 67 -14.27 48.67 -24.22
CA VAL G 67 -13.40 49.50 -23.40
C VAL G 67 -12.59 48.67 -22.43
N ASP G 68 -11.34 49.04 -22.27
CA ASP G 68 -10.40 48.32 -21.45
C ASP G 68 -10.09 49.11 -20.20
N LEU G 69 -10.25 48.44 -19.08
CA LEU G 69 -10.31 49.08 -17.81
C LEU G 69 -9.40 48.25 -16.90
N VAL G 70 -8.63 48.89 -16.02
CA VAL G 70 -7.76 48.17 -15.10
C VAL G 70 -8.10 48.49 -13.66
N TYR G 71 -8.12 47.49 -12.78
CA TYR G 71 -8.56 47.68 -11.39
C TYR G 71 -8.20 46.55 -10.44
N TYR G 72 -8.19 46.82 -9.14
CA TYR G 72 -8.13 45.81 -8.09
C TYR G 72 -9.56 45.53 -7.78
N GLU G 73 -9.86 44.34 -7.28
CA GLU G 73 -11.23 43.97 -6.93
C GLU G 73 -11.11 43.29 -5.61
N ARG G 74 -11.48 43.95 -4.53
CA ARG G 74 -11.40 43.32 -3.22
C ARG G 74 -12.64 42.47 -2.96
N GLN G 75 -12.44 41.17 -2.76
CA GLN G 75 -13.49 40.22 -2.42
C GLN G 75 -13.28 39.78 -1.00
N ARG G 76 -14.31 39.88 -0.17
CA ARG G 76 -14.27 39.36 1.19
C ARG G 76 -15.43 38.41 1.43
N TRP G 77 -15.15 37.27 2.03
CA TRP G 77 -16.19 36.33 2.51
C TRP G 77 -15.74 35.66 3.78
N LYS G 78 -16.60 34.87 4.41
CA LYS G 78 -16.24 34.22 5.68
C LYS G 78 -16.74 32.79 5.81
N LEU G 79 -15.86 31.90 6.25
CA LEU G 79 -16.16 30.47 6.33
C LEU G 79 -15.82 29.93 7.68
N ASN G 80 -16.67 29.05 8.20
CA ASN G 80 -16.36 28.41 9.46
C ASN G 80 -15.33 27.33 9.31
N SER G 81 -15.29 26.64 8.19
CA SER G 81 -14.20 25.68 8.00
C SER G 81 -12.77 26.30 8.08
N LEU G 82 -12.68 27.63 8.25
CA LEU G 82 -11.41 28.33 8.31
C LEU G 82 -11.13 29.05 9.63
N MET G 83 -11.95 28.78 10.64
CA MET G 83 -11.73 29.32 11.98
C MET G 83 -10.59 28.58 12.66
N TRP G 84 -9.89 29.27 13.56
CA TRP G 84 -8.97 28.63 14.50
C TRP G 84 -8.76 29.55 15.69
N ASP G 85 -8.20 28.97 16.76
CA ASP G 85 -7.89 29.70 18.00
C ASP G 85 -6.43 30.19 17.96
N PRO G 86 -6.19 31.53 17.88
CA PRO G 86 -4.80 32.02 17.88
C PRO G 86 -3.86 31.37 18.92
N ASN G 87 -4.41 31.11 20.10
CA ASN G 87 -3.70 30.49 21.23
C ASN G 87 -3.17 29.08 20.98
N GLU G 88 -3.90 28.24 20.27
CA GLU G 88 -3.35 26.90 19.94
C GLU G 88 -2.29 26.89 18.83
N TYR G 89 -2.01 28.04 18.23
CA TYR G 89 -1.19 28.12 17.02
C TYR G 89 -0.27 29.32 17.06
N GLY G 90 0.39 29.54 18.19
CA GLY G 90 1.38 30.59 18.29
C GLY G 90 0.88 32.01 18.20
N ASN G 91 -0.33 32.29 18.73
CA ASN G 91 -0.92 33.65 18.69
C ASN G 91 -0.96 34.25 17.26
N ILE G 92 -1.09 33.35 16.26
CA ILE G 92 -1.14 33.69 14.81
C ILE G 92 -2.60 34.06 14.51
N THR G 93 -2.81 35.34 14.21
CA THR G 93 -4.17 35.83 13.95
C THR G 93 -4.57 35.70 12.48
N ASP G 94 -3.61 35.78 11.55
CA ASP G 94 -3.89 35.66 10.11
C ASP G 94 -2.71 35.21 9.25
N PHE G 95 -3.00 34.42 8.21
CA PHE G 95 -1.96 34.02 7.24
C PHE G 95 -2.32 34.24 5.76
N ARG G 96 -1.27 34.14 4.93
CA ARG G 96 -1.35 34.24 3.45
C ARG G 96 -1.34 32.87 2.79
N THR G 97 -2.05 32.74 1.68
CA THR G 97 -2.03 31.47 0.97
C THR G 97 -2.45 31.66 -0.48
N SER G 98 -1.94 30.77 -1.31
CA SER G 98 -2.27 30.71 -2.70
C SER G 98 -3.76 30.51 -2.78
N ALA G 99 -4.40 31.22 -3.69
CA ALA G 99 -5.84 31.12 -3.83
C ALA G 99 -6.31 29.78 -4.36
N ALA G 100 -5.38 28.95 -4.85
CA ALA G 100 -5.67 27.58 -5.18
C ALA G 100 -5.88 26.70 -3.95
N ASP G 101 -5.20 26.98 -2.85
CA ASP G 101 -5.41 26.21 -1.62
C ASP G 101 -6.84 26.30 -1.06
N ILE G 102 -7.63 27.27 -1.52
CA ILE G 102 -9.01 27.50 -0.99
C ILE G 102 -10.10 27.75 -2.02
N TRP G 103 -11.34 27.56 -1.60
CA TRP G 103 -12.50 27.93 -2.43
C TRP G 103 -12.51 29.44 -2.53
N THR G 104 -12.71 29.91 -3.76
CA THR G 104 -13.01 31.33 -4.02
C THR G 104 -14.33 31.43 -4.81
N PRO G 105 -15.01 32.56 -4.70
CA PRO G 105 -16.26 32.70 -5.42
C PRO G 105 -16.01 33.00 -6.87
N ASP G 106 -16.99 32.66 -7.71
CA ASP G 106 -16.92 32.71 -9.17
C ASP G 106 -17.46 34.03 -9.76
N ILE G 107 -16.93 35.13 -9.28
CA ILE G 107 -17.49 36.43 -9.61
C ILE G 107 -16.97 36.81 -10.96
N THR G 108 -17.87 37.24 -11.84
CA THR G 108 -17.60 37.31 -13.26
C THR G 108 -18.21 38.54 -13.88
N ALA G 109 -17.49 39.21 -14.75
CA ALA G 109 -18.09 40.34 -15.46
C ALA G 109 -19.06 39.82 -16.54
N ALA G 110 -20.32 40.19 -16.45
CA ALA G 110 -21.33 39.67 -17.37
C ALA G 110 -21.23 40.17 -18.80
N SER G 111 -20.68 41.36 -18.99
CA SER G 111 -20.57 41.93 -20.34
C SER G 111 -19.16 41.95 -20.91
N SER G 112 -18.28 41.02 -20.50
CA SER G 112 -16.91 41.08 -21.03
C SER G 112 -16.85 40.60 -22.47
N THR G 113 -15.87 41.09 -23.22
CA THR G 113 -15.62 40.64 -24.59
C THR G 113 -14.35 39.82 -24.81
N ARG G 114 -13.48 39.74 -23.83
CA ARG G 114 -12.25 38.97 -23.86
C ARG G 114 -11.96 38.52 -22.45
N PRO G 115 -11.31 37.38 -22.33
CA PRO G 115 -11.14 36.84 -21.04
C PRO G 115 -10.27 37.75 -20.22
N VAL G 116 -10.62 37.86 -18.97
CA VAL G 116 -10.04 38.81 -18.07
C VAL G 116 -8.58 38.50 -17.86
N GLN G 117 -7.71 39.48 -17.95
CA GLN G 117 -6.31 39.25 -17.74
C GLN G 117 -5.92 39.58 -16.31
N VAL G 118 -5.22 38.63 -15.68
CA VAL G 118 -4.80 38.81 -14.32
C VAL G 118 -3.44 39.49 -14.24
N LEU G 119 -3.38 40.51 -13.40
CA LEU G 119 -2.20 41.32 -13.23
C LEU G 119 -1.47 41.15 -11.93
N SER G 120 -2.00 40.42 -10.99
CA SER G 120 -1.33 40.24 -9.72
C SER G 120 -1.19 38.75 -9.38
N PRO G 121 -0.45 38.46 -8.35
CA PRO G 121 -0.48 37.15 -7.73
C PRO G 121 -1.84 36.75 -7.25
N GLN G 122 -2.10 35.46 -7.35
CA GLN G 122 -3.36 34.86 -6.93
C GLN G 122 -3.17 34.40 -5.48
N ILE G 123 -3.26 35.36 -4.57
CA ILE G 123 -3.00 35.07 -3.16
C ILE G 123 -4.02 35.74 -2.27
N ALA G 124 -4.45 35.00 -1.26
CA ALA G 124 -5.50 35.43 -0.35
C ALA G 124 -4.94 35.54 1.05
N VAL G 125 -5.75 36.13 1.93
CA VAL G 125 -5.45 36.38 3.32
C VAL G 125 -6.58 35.84 4.18
N VAL G 126 -6.26 34.83 4.97
CA VAL G 126 -7.24 34.17 5.84
C VAL G 126 -6.99 34.66 7.26
N THR G 127 -8.06 34.84 8.04
CA THR G 127 -7.98 35.36 9.42
C THR G 127 -8.66 34.39 10.40
N HIS G 128 -8.12 34.28 11.63
CA HIS G 128 -8.54 33.33 12.69
C HIS G 128 -10.05 33.11 12.84
N ASP G 129 -10.83 34.16 12.55
CA ASP G 129 -12.30 34.12 12.56
C ASP G 129 -12.94 33.47 11.34
N GLY G 130 -12.10 33.02 10.40
CA GLY G 130 -12.51 32.39 9.15
C GLY G 130 -12.80 33.33 7.99
N SER G 131 -12.52 34.61 8.14
CA SER G 131 -12.75 35.56 7.05
C SER G 131 -11.55 35.53 6.12
N VAL G 132 -11.83 35.77 4.84
CA VAL G 132 -10.88 35.73 3.75
C VAL G 132 -11.00 37.02 2.97
N MET G 133 -9.87 37.51 2.48
CA MET G 133 -9.76 38.72 1.65
C MET G 133 -8.90 38.31 0.49
N PHE G 134 -9.28 38.70 -0.70
CA PHE G 134 -8.62 38.29 -1.93
C PHE G 134 -8.80 39.43 -2.93
N SER G 135 -7.71 39.99 -3.44
CA SER G 135 -7.79 41.29 -4.11
C SER G 135 -7.00 41.26 -5.40
N PRO G 136 -7.50 40.52 -6.37
CA PRO G 136 -6.80 40.45 -7.67
C PRO G 136 -6.92 41.72 -8.50
N ALA G 137 -5.79 42.11 -9.05
CA ALA G 137 -5.70 43.09 -10.12
C ALA G 137 -6.06 42.47 -11.48
N GLN G 138 -6.70 43.25 -12.33
CA GLN G 138 -7.32 42.71 -13.56
C GLN G 138 -7.41 43.76 -14.65
N ARG G 139 -7.34 43.29 -15.89
CA ARG G 139 -7.61 44.13 -17.04
C ARG G 139 -8.75 43.53 -17.78
N LEU G 140 -9.83 44.30 -17.89
CA LEU G 140 -11.11 43.83 -18.41
C LEU G 140 -11.44 44.54 -19.69
N SER G 141 -11.95 43.82 -20.67
CA SER G 141 -12.52 44.48 -21.84
C SER G 141 -13.95 44.15 -21.82
N PHE G 142 -14.78 45.19 -21.86
CA PHE G 142 -16.19 44.98 -21.77
C PHE G 142 -16.89 45.91 -22.73
N MET G 143 -18.17 45.62 -22.91
CA MET G 143 -19.03 46.28 -23.87
C MET G 143 -19.42 47.67 -23.38
N CYS G 144 -19.20 48.66 -24.26
CA CYS G 144 -19.31 50.06 -23.92
C CYS G 144 -19.23 50.92 -25.15
N ASP G 145 -20.30 51.69 -25.41
CA ASP G 145 -20.32 52.66 -26.49
C ASP G 145 -19.70 53.95 -25.98
N PRO G 146 -18.52 54.28 -26.49
CA PRO G 146 -17.80 55.41 -25.95
C PRO G 146 -18.02 56.74 -26.66
N THR G 147 -18.99 56.83 -27.56
CA THR G 147 -19.14 58.08 -28.33
C THR G 147 -19.73 59.13 -27.38
N GLY G 148 -19.12 60.33 -27.43
CA GLY G 148 -19.37 61.38 -26.46
C GLY G 148 -18.29 61.47 -25.40
N VAL G 149 -17.16 60.78 -25.63
CA VAL G 149 -16.11 60.71 -24.63
C VAL G 149 -15.23 61.95 -24.70
N ASP G 150 -15.21 62.59 -25.88
CA ASP G 150 -14.53 63.90 -26.08
C ASP G 150 -15.38 65.10 -25.62
N SER G 151 -16.70 64.94 -25.59
CA SER G 151 -17.59 65.98 -25.00
C SER G 151 -17.24 66.27 -23.55
N GLU G 152 -17.69 67.41 -23.06
CA GLU G 152 -17.40 67.84 -21.71
C GLU G 152 -18.26 67.06 -20.70
N GLU G 153 -19.50 66.78 -21.06
CA GLU G 153 -20.41 65.99 -20.20
C GLU G 153 -19.98 64.52 -20.00
N GLY G 154 -19.20 64.02 -20.95
CA GLY G 154 -18.58 62.70 -20.89
C GLY G 154 -19.45 61.61 -21.48
N VAL G 155 -19.11 60.37 -21.14
CA VAL G 155 -19.94 59.20 -21.48
C VAL G 155 -19.93 58.25 -20.30
N THR G 156 -21.02 57.52 -20.14
CA THR G 156 -21.24 56.63 -19.02
C THR G 156 -21.18 55.20 -19.49
N CYS G 157 -20.52 54.34 -18.69
CA CYS G 157 -20.39 52.89 -18.98
C CYS G 157 -20.62 52.04 -17.77
N ALA G 158 -21.21 50.89 -18.01
CA ALA G 158 -21.60 49.95 -16.93
C ALA G 158 -21.21 48.52 -17.22
N VAL G 159 -21.02 47.76 -16.15
CA VAL G 159 -20.78 46.33 -16.24
C VAL G 159 -21.19 45.63 -14.94
N LYS G 160 -22.09 44.65 -15.02
CA LYS G 160 -22.48 43.85 -13.86
C LYS G 160 -21.38 42.91 -13.46
N PHE G 161 -21.23 42.63 -12.18
CA PHE G 161 -20.38 41.53 -11.73
C PHE G 161 -21.23 40.59 -10.93
N GLU G 162 -21.33 39.35 -11.34
CA GLU G 162 -22.29 38.45 -10.76
C GLU G 162 -21.60 37.15 -10.50
N SER G 163 -22.10 36.37 -9.56
CA SER G 163 -21.73 34.96 -9.58
C SER G 163 -22.33 34.29 -10.84
N TRP G 164 -21.56 33.40 -11.45
CA TRP G 164 -21.96 32.79 -12.72
C TRP G 164 -22.92 31.61 -12.55
N VAL G 165 -22.88 30.96 -11.42
CA VAL G 165 -23.69 29.74 -11.26
C VAL G 165 -24.54 29.71 -10.04
N TYR G 166 -24.42 30.74 -9.20
CA TYR G 166 -25.05 30.76 -7.92
C TYR G 166 -26.07 31.90 -7.87
N SER G 167 -27.22 31.58 -7.30
CA SER G 167 -28.30 32.52 -7.19
C SER G 167 -28.17 33.33 -5.93
N GLY G 168 -29.09 34.26 -5.77
CA GLY G 168 -29.33 34.94 -4.51
C GLY G 168 -29.57 33.99 -3.34
N PHE G 169 -30.14 32.82 -3.57
CA PHE G 169 -30.32 31.86 -2.49
C PHE G 169 -29.02 31.28 -1.93
N GLU G 170 -28.00 31.17 -2.77
CA GLU G 170 -26.71 30.61 -2.33
C GLU G 170 -25.63 31.66 -2.04
N ILE G 171 -25.55 32.72 -2.83
CA ILE G 171 -24.54 33.76 -2.61
C ILE G 171 -25.21 35.10 -2.67
N ASP G 172 -24.96 35.90 -1.64
CA ASP G 172 -25.40 37.28 -1.60
C ASP G 172 -24.18 38.14 -1.85
N LEU G 173 -24.26 39.04 -2.82
CA LEU G 173 -23.23 40.06 -3.01
C LEU G 173 -23.59 41.30 -2.22
N LYS G 174 -22.60 42.04 -1.72
CA LYS G 174 -22.83 43.40 -1.25
C LYS G 174 -21.62 44.24 -1.47
N THR G 175 -21.85 45.53 -1.67
CA THR G 175 -20.77 46.50 -1.61
C THR G 175 -20.66 46.94 -0.18
N ASP G 176 -19.49 47.41 0.24
CA ASP G 176 -19.38 48.08 1.54
C ASP G 176 -19.84 49.50 1.43
N THR G 177 -19.86 50.02 0.21
CA THR G 177 -19.96 51.44 -0.03
C THR G 177 -20.32 51.63 -1.51
N ASP G 178 -21.12 52.63 -1.82
CA ASP G 178 -21.45 52.93 -3.21
C ASP G 178 -20.33 53.61 -4.00
N GLN G 179 -19.33 54.14 -3.30
CA GLN G 179 -18.24 54.85 -3.97
C GLN G 179 -17.17 53.89 -4.37
N VAL G 180 -16.79 53.97 -5.63
CA VAL G 180 -15.71 53.20 -6.17
C VAL G 180 -14.48 53.99 -5.82
N ASP G 181 -13.50 53.35 -5.21
CA ASP G 181 -12.29 54.02 -4.75
C ASP G 181 -11.41 54.44 -5.91
N LEU G 182 -11.29 55.74 -6.12
CA LEU G 182 -10.43 56.26 -7.18
C LEU G 182 -9.08 56.72 -6.68
N SER G 183 -8.71 56.36 -5.45
CA SER G 183 -7.41 56.79 -4.92
C SER G 183 -6.22 56.20 -5.67
N SER G 184 -6.36 55.04 -6.29
CA SER G 184 -5.24 54.45 -7.01
C SER G 184 -5.20 54.88 -8.48
N TYR G 185 -6.19 55.68 -8.90
CA TYR G 185 -6.37 56.01 -10.31
C TYR G 185 -5.25 56.85 -10.86
N TYR G 186 -4.89 56.62 -12.11
CA TYR G 186 -3.66 57.13 -12.67
C TYR G 186 -3.86 58.56 -13.03
N ALA G 187 -2.94 59.37 -12.51
CA ALA G 187 -2.96 60.80 -12.72
C ALA G 187 -3.00 61.20 -14.16
N SER G 188 -2.15 60.65 -14.99
CA SER G 188 -2.10 61.07 -16.41
C SER G 188 -2.77 60.07 -17.32
N SER G 189 -3.81 59.40 -16.83
CA SER G 189 -4.61 58.53 -17.70
C SER G 189 -5.10 59.35 -18.87
N LYS G 190 -5.24 58.72 -20.03
CA LYS G 190 -5.86 59.42 -21.14
C LYS G 190 -7.31 59.87 -20.87
N TYR G 191 -7.93 59.38 -19.79
CA TYR G 191 -9.32 59.62 -19.50
C TYR G 191 -9.43 59.96 -18.02
N GLU G 192 -10.48 60.71 -17.71
CA GLU G 192 -10.66 61.37 -16.43
C GLU G 192 -12.01 60.93 -15.91
N ILE G 193 -12.06 60.54 -14.65
CA ILE G 193 -13.24 59.86 -14.11
C ILE G 193 -14.16 60.89 -13.49
N LEU G 194 -15.38 61.01 -13.99
CA LEU G 194 -16.34 61.96 -13.39
C LEU G 194 -17.14 61.29 -12.30
N SER G 195 -17.63 60.08 -12.53
CA SER G 195 -18.42 59.38 -11.53
C SER G 195 -18.06 57.90 -11.54
N ALA G 196 -18.09 57.28 -10.37
CA ALA G 196 -17.77 55.86 -10.28
C ALA G 196 -18.49 55.22 -9.11
N THR G 197 -19.46 54.37 -9.43
CA THR G 197 -20.41 53.87 -8.45
C THR G 197 -20.48 52.34 -8.52
N GLN G 198 -20.62 51.70 -7.37
CA GLN G 198 -20.75 50.25 -7.31
C GLN G 198 -22.00 49.93 -6.47
N THR G 199 -22.98 49.31 -7.09
CA THR G 199 -24.34 49.38 -6.60
C THR G 199 -24.89 47.96 -6.59
N ARG G 200 -25.25 47.41 -5.44
CA ARG G 200 -25.94 46.09 -5.43
C ARG G 200 -27.23 46.12 -6.27
N GLN G 201 -27.73 44.96 -6.69
CA GLN G 201 -28.91 44.90 -7.60
C GLN G 201 -29.52 43.51 -7.54
N VAL G 202 -30.84 43.43 -7.62
CA VAL G 202 -31.51 42.15 -7.77
C VAL G 202 -32.29 42.12 -9.09
N GLN G 203 -32.34 40.95 -9.74
CA GLN G 203 -33.21 40.74 -10.88
C GLN G 203 -33.66 39.32 -10.81
N HIS G 204 -34.82 39.09 -11.45
CA HIS G 204 -35.25 37.74 -11.84
C HIS G 204 -35.24 37.91 -13.36
N PRO G 209 -36.62 32.18 -12.05
CA PRO G 209 -37.36 31.69 -10.87
C PRO G 209 -36.69 31.94 -9.51
N GLU G 210 -35.38 31.82 -9.43
CA GLU G 210 -34.65 32.39 -8.30
C GLU G 210 -34.23 33.83 -8.63
N PRO G 211 -33.88 34.58 -7.58
CA PRO G 211 -33.28 35.90 -7.76
C PRO G 211 -31.80 35.85 -7.99
N TYR G 212 -31.31 36.72 -8.85
CA TYR G 212 -29.88 36.83 -9.03
C TYR G 212 -29.39 38.18 -8.59
N ILE G 213 -28.34 38.17 -7.78
CA ILE G 213 -27.76 39.39 -7.26
C ILE G 213 -26.57 39.76 -8.14
N ASP G 214 -26.29 41.04 -8.25
CA ASP G 214 -25.10 41.50 -8.93
C ASP G 214 -24.66 42.86 -8.45
N VAL G 215 -23.43 43.23 -8.75
CA VAL G 215 -22.94 44.53 -8.38
C VAL G 215 -22.67 45.25 -9.65
N ASN G 216 -23.44 46.29 -9.92
CA ASN G 216 -23.26 47.06 -11.13
C ASN G 216 -22.17 48.09 -10.94
N LEU G 217 -21.18 48.05 -11.81
CA LEU G 217 -20.09 49.01 -11.79
C LEU G 217 -20.37 50.01 -12.87
N VAL G 218 -20.42 51.28 -12.51
CA VAL G 218 -20.83 52.37 -13.43
C VAL G 218 -19.90 53.55 -13.39
N VAL G 219 -19.42 53.92 -14.57
CA VAL G 219 -18.31 54.80 -14.67
C VAL G 219 -18.61 55.82 -15.77
N LYS G 220 -18.72 57.08 -15.38
CA LYS G 220 -18.86 58.20 -16.29
C LYS G 220 -17.48 58.78 -16.41
N PHE G 221 -17.03 59.05 -17.63
CA PHE G 221 -15.65 59.46 -17.86
C PHE G 221 -15.52 60.22 -19.17
N ARG G 222 -14.38 60.89 -19.36
CA ARG G 222 -14.08 61.60 -20.61
C ARG G 222 -12.62 61.97 -20.79
N GLU G 223 -12.23 62.38 -22.01
CA GLU G 223 -10.79 62.61 -22.33
C GLU G 223 -10.20 63.73 -21.45
N ARG G 224 -8.94 63.59 -21.08
CA ARG G 224 -8.29 64.61 -20.24
C ARG G 224 -8.01 65.81 -21.08
N ARG G 225 -7.80 66.92 -20.42
CA ARG G 225 -7.36 68.19 -21.16
C ARG G 225 -6.08 68.01 -22.06
N GLN H 20 -22.63 21.66 4.21
CA GLN H 20 -21.21 21.30 4.01
C GLN H 20 -21.14 19.78 3.98
N ALA H 21 -21.29 19.14 5.16
CA ALA H 21 -20.92 17.74 5.35
C ALA H 21 -21.82 16.75 4.58
N ASN H 22 -23.04 17.20 4.28
CA ASN H 22 -23.94 16.43 3.43
C ASN H 22 -23.49 16.37 1.96
N LEU H 23 -23.40 17.57 1.38
CA LEU H 23 -22.94 17.75 0.00
C LEU H 23 -21.55 17.12 -0.25
N MET H 24 -20.64 17.21 0.74
CA MET H 24 -19.34 16.52 0.66
C MET H 24 -19.51 15.02 0.46
N ARG H 25 -20.43 14.40 1.21
CA ARG H 25 -20.68 12.96 1.06
C ARG H 25 -21.27 12.65 -0.30
N LEU H 26 -22.31 13.40 -0.69
CA LEU H 26 -22.97 13.26 -2.02
C LEU H 26 -21.97 13.21 -3.16
N LYS H 27 -21.06 14.17 -3.14
CA LYS H 27 -20.02 14.28 -4.17
C LYS H 27 -19.08 13.10 -4.11
N SER H 28 -18.63 12.76 -2.91
CA SER H 28 -17.77 11.59 -2.70
C SER H 28 -18.36 10.29 -3.29
N ASP H 29 -19.68 10.11 -3.12
CA ASP H 29 -20.35 8.89 -3.60
C ASP H 29 -20.45 8.84 -5.12
N LEU H 30 -20.86 9.97 -5.72
CA LEU H 30 -20.92 10.11 -7.17
C LEU H 30 -19.54 9.98 -7.88
N PHE H 31 -18.57 10.78 -7.48
CA PHE H 31 -17.30 10.91 -8.25
C PHE H 31 -16.17 9.97 -7.84
N ASN H 32 -15.90 9.82 -6.55
CA ASN H 32 -14.78 8.98 -6.09
C ASN H 32 -15.06 7.50 -6.15
N ARG H 33 -16.34 7.11 -6.06
CA ARG H 33 -16.68 5.68 -5.94
C ARG H 33 -17.61 5.15 -7.07
N SER H 34 -17.40 5.64 -8.29
CA SER H 34 -17.65 4.90 -9.53
C SER H 34 -16.37 5.04 -10.35
N PRO H 35 -16.33 4.49 -11.59
CA PRO H 35 -15.45 5.12 -12.58
C PRO H 35 -16.18 6.32 -13.21
N MET H 36 -15.47 7.20 -13.93
CA MET H 36 -16.12 8.37 -14.56
C MET H 36 -16.99 7.89 -15.78
N TYR H 37 -18.08 8.61 -16.06
CA TYR H 37 -19.00 8.21 -17.13
C TYR H 37 -18.27 8.30 -18.46
N PRO H 38 -18.10 7.19 -19.17
CA PRO H 38 -17.25 7.22 -20.34
C PRO H 38 -17.94 7.67 -21.63
N GLY H 39 -19.08 8.34 -21.54
CA GLY H 39 -19.75 8.92 -22.69
C GLY H 39 -20.58 7.97 -23.52
N PRO H 40 -21.55 8.48 -24.27
CA PRO H 40 -22.57 7.67 -24.96
C PRO H 40 -22.02 6.69 -25.99
N THR H 41 -22.77 5.60 -26.20
CA THR H 41 -22.56 4.59 -27.28
C THR H 41 -23.85 4.52 -28.10
N LYS H 42 -23.84 3.74 -29.18
CA LYS H 42 -25.08 3.50 -30.00
C LYS H 42 -26.15 2.90 -29.13
N ASP H 43 -25.73 1.96 -28.30
CA ASP H 43 -26.56 1.25 -27.31
C ASP H 43 -27.28 2.17 -26.33
N ASP H 44 -26.54 3.05 -25.65
CA ASP H 44 -27.15 4.02 -24.73
C ASP H 44 -26.87 5.42 -25.24
N PRO H 45 -27.59 5.84 -26.30
CA PRO H 45 -27.32 7.15 -26.83
C PRO H 45 -27.77 8.18 -25.82
N LEU H 46 -27.50 9.45 -26.14
CA LEU H 46 -27.70 10.56 -25.23
C LEU H 46 -28.21 11.78 -25.96
N THR H 47 -29.19 12.44 -25.34
CA THR H 47 -29.71 13.67 -25.91
C THR H 47 -29.23 14.86 -25.13
N VAL H 48 -28.86 15.86 -25.91
CA VAL H 48 -28.16 17.06 -25.47
C VAL H 48 -28.86 18.23 -26.12
N THR H 49 -29.00 19.31 -25.37
CA THR H 49 -29.94 20.33 -25.76
C THR H 49 -29.31 21.69 -25.68
N LEU H 50 -29.22 22.35 -26.85
CA LEU H 50 -28.60 23.66 -26.96
C LEU H 50 -29.57 24.78 -27.03
N GLY H 51 -29.15 25.90 -26.48
CA GLY H 51 -29.85 27.13 -26.56
C GLY H 51 -28.82 28.22 -26.56
N PHE H 52 -28.84 29.03 -27.60
CA PHE H 52 -27.92 30.15 -27.69
C PHE H 52 -28.56 31.41 -27.13
N PHE H 53 -27.70 32.29 -26.63
CA PHE H 53 -28.07 33.57 -26.08
C PHE H 53 -27.07 34.59 -26.58
N LEU H 54 -27.41 35.18 -27.71
CA LEU H 54 -26.57 36.20 -28.29
C LEU H 54 -26.41 37.40 -27.35
N GLN H 55 -25.25 38.04 -27.50
CA GLN H 55 -24.82 39.11 -26.64
C GLN H 55 -24.21 40.32 -27.36
N ASP H 56 -23.28 40.19 -28.28
CA ASP H 56 -22.77 41.38 -29.03
C ASP H 56 -22.26 40.72 -30.28
N ILE H 57 -22.41 41.38 -31.39
CA ILE H 57 -21.57 41.12 -32.52
C ILE H 57 -20.49 42.19 -32.35
N VAL H 58 -19.31 41.71 -32.00
CA VAL H 58 -18.28 42.63 -31.53
C VAL H 58 -17.60 43.23 -32.71
N LYS H 59 -17.18 42.38 -33.63
CA LYS H 59 -16.45 42.85 -34.77
C LYS H 59 -16.75 42.06 -36.03
N VAL H 60 -16.48 42.74 -37.14
CA VAL H 60 -16.58 42.20 -38.48
C VAL H 60 -15.27 42.52 -39.16
N ASP H 61 -14.74 41.62 -39.96
CA ASP H 61 -13.49 41.86 -40.69
C ASP H 61 -13.69 41.37 -42.10
N SER H 62 -13.83 42.34 -43.00
CA SER H 62 -14.07 42.11 -44.39
C SER H 62 -12.81 41.80 -45.20
N SER H 63 -11.60 41.95 -44.65
CA SER H 63 -10.41 41.34 -45.29
C SER H 63 -10.38 39.82 -45.32
N THR H 64 -11.00 39.18 -44.32
CA THR H 64 -10.81 37.75 -44.05
C THR H 64 -12.10 36.88 -44.06
N ASN H 65 -13.20 37.63 -43.83
CA ASN H 65 -14.54 37.12 -43.74
C ASN H 65 -14.57 36.29 -42.48
N GLU H 66 -14.29 37.02 -41.40
CA GLU H 66 -14.22 36.56 -40.04
C GLU H 66 -15.17 37.50 -39.30
N VAL H 67 -16.05 36.93 -38.51
CA VAL H 67 -16.87 37.71 -37.61
C VAL H 67 -16.79 37.19 -36.19
N ASP H 68 -16.75 38.13 -35.24
CA ASP H 68 -16.59 37.81 -33.86
C ASP H 68 -17.88 38.09 -33.12
N LEU H 69 -18.29 37.10 -32.38
CA LEU H 69 -19.59 37.03 -31.83
C LEU H 69 -19.45 36.60 -30.38
N VAL H 70 -20.24 37.15 -29.47
CA VAL H 70 -20.18 36.77 -28.06
C VAL H 70 -21.51 36.24 -27.56
N TYR H 71 -21.52 35.15 -26.79
CA TYR H 71 -22.77 34.51 -26.38
C TYR H 71 -22.64 33.51 -25.24
N TYR H 72 -23.75 33.21 -24.56
CA TYR H 72 -23.84 32.08 -23.61
C TYR H 72 -24.34 30.96 -24.45
N GLU H 73 -24.06 29.73 -24.05
CA GLU H 73 -24.53 28.56 -24.79
C GLU H 73 -25.00 27.63 -23.72
N ARG H 74 -26.31 27.50 -23.57
CA ARG H 74 -26.83 26.60 -22.53
C ARG H 74 -26.90 25.18 -23.08
N GLN H 75 -26.19 24.26 -22.43
CA GLN H 75 -26.21 22.84 -22.78
C GLN H 75 -26.89 22.11 -21.64
N ARG H 76 -27.88 21.29 -21.97
CA ARG H 76 -28.52 20.44 -20.99
C ARG H 76 -28.49 18.98 -21.47
N TRP H 77 -28.13 18.07 -20.58
CA TRP H 77 -28.24 16.62 -20.83
C TRP H 77 -28.59 15.92 -19.54
N LYS H 78 -28.84 14.59 -19.59
CA LYS H 78 -29.20 13.86 -18.38
C LYS H 78 -28.59 12.49 -18.28
N LEU H 79 -28.04 12.17 -17.12
CA LEU H 79 -27.34 10.90 -16.90
C LEU H 79 -27.85 10.18 -15.69
N ASN H 80 -27.96 8.86 -15.80
CA ASN H 80 -28.36 8.09 -14.64
C ASN H 80 -27.25 7.93 -13.66
N SER H 81 -26.00 7.86 -14.10
CA SER H 81 -24.92 7.83 -13.12
C SER H 81 -24.88 9.05 -12.15
N LEU H 82 -25.79 10.01 -12.34
CA LEU H 82 -25.82 11.23 -11.53
C LEU H 82 -27.11 11.43 -10.76
N MET H 83 -27.95 10.39 -10.70
CA MET H 83 -29.16 10.40 -9.88
C MET H 83 -28.79 10.23 -8.42
N TRP H 84 -29.61 10.78 -7.53
CA TRP H 84 -29.56 10.46 -6.11
C TRP H 84 -30.92 10.80 -5.48
N ASP H 85 -31.12 10.28 -4.28
CA ASP H 85 -32.35 10.51 -3.50
C ASP H 85 -32.13 11.70 -2.54
N PRO H 86 -32.83 12.86 -2.77
CA PRO H 86 -32.65 14.00 -1.84
C PRO H 86 -32.67 13.64 -0.34
N ASN H 87 -33.54 12.68 0.01
CA ASN H 87 -33.73 12.21 1.38
C ASN H 87 -32.50 11.56 2.01
N GLU H 88 -31.71 10.79 1.27
CA GLU H 88 -30.48 10.23 1.85
C GLU H 88 -29.33 11.23 2.01
N TYR H 89 -29.51 12.47 1.56
CA TYR H 89 -28.41 13.43 1.45
C TYR H 89 -28.87 14.83 1.85
N GLY H 90 -29.59 14.93 2.95
CA GLY H 90 -29.98 16.22 3.48
C GLY H 90 -30.96 17.03 2.66
N ASN H 91 -31.91 16.36 1.98
CA ASN H 91 -32.93 17.05 1.15
C ASN H 91 -32.29 18.01 0.12
N ILE H 92 -31.07 17.65 -0.34
CA ILE H 92 -30.27 18.41 -1.32
C ILE H 92 -30.79 18.00 -2.70
N THR H 93 -31.44 18.95 -3.39
CA THR H 93 -32.00 18.68 -4.70
C THR H 93 -31.01 18.90 -5.86
N ASP H 94 -30.07 19.84 -5.69
CA ASP H 94 -29.07 20.14 -6.73
C ASP H 94 -27.78 20.78 -6.23
N PHE H 95 -26.65 20.44 -6.87
CA PHE H 95 -25.36 21.08 -6.54
C PHE H 95 -24.57 21.60 -7.75
N ARG H 96 -23.57 22.44 -7.41
CA ARG H 96 -22.60 23.00 -8.39
C ARG H 96 -21.28 22.24 -8.39
N THR H 97 -20.66 22.14 -9.55
CA THR H 97 -19.36 21.48 -9.61
C THR H 97 -18.59 21.94 -10.84
N SER H 98 -17.27 21.88 -10.68
CA SER H 98 -16.36 22.19 -11.73
C SER H 98 -16.67 21.24 -12.87
N ALA H 99 -16.67 21.74 -14.09
CA ALA H 99 -17.00 20.93 -15.23
C ALA H 99 -15.95 19.87 -15.53
N ALA H 100 -14.80 19.96 -14.89
CA ALA H 100 -13.80 18.89 -14.94
C ALA H 100 -14.22 17.66 -14.13
N ASP H 101 -14.95 17.84 -13.04
CA ASP H 101 -15.42 16.69 -12.25
C ASP H 101 -16.37 15.76 -13.03
N ILE H 102 -16.91 16.22 -14.18
CA ILE H 102 -17.90 15.45 -14.96
C ILE H 102 -17.70 15.42 -16.46
N TRP H 103 -18.30 14.43 -17.11
CA TRP H 103 -18.33 14.39 -18.57
C TRP H 103 -19.19 15.53 -19.05
N THR H 104 -18.68 16.25 -20.05
CA THR H 104 -19.44 17.22 -20.83
C THR H 104 -19.38 16.87 -22.30
N PRO H 105 -20.38 17.29 -23.07
CA PRO H 105 -20.37 16.98 -24.50
C PRO H 105 -19.41 17.88 -25.23
N ASP H 106 -18.93 17.41 -26.36
CA ASP H 106 -17.86 18.05 -27.17
C ASP H 106 -18.43 18.93 -28.30
N ILE H 107 -19.29 19.84 -27.94
CA ILE H 107 -20.04 20.60 -28.91
C ILE H 107 -19.14 21.70 -29.39
N THR H 108 -19.03 21.87 -30.71
CA THR H 108 -17.97 22.61 -31.33
C THR H 108 -18.45 23.40 -32.52
N ALA H 109 -18.01 24.62 -32.70
CA ALA H 109 -18.36 25.35 -33.91
C ALA H 109 -17.57 24.83 -35.10
N ALA H 110 -18.27 24.32 -36.11
CA ALA H 110 -17.59 23.72 -37.26
C ALA H 110 -16.82 24.68 -38.17
N SER H 111 -17.27 25.95 -38.22
CA SER H 111 -16.61 26.93 -39.09
C SER H 111 -15.79 27.96 -38.35
N SER H 112 -15.22 27.64 -37.17
CA SER H 112 -14.47 28.68 -36.45
C SER H 112 -13.10 28.89 -37.11
N THR H 113 -12.56 30.09 -36.94
CA THR H 113 -11.22 30.42 -37.43
C THR H 113 -10.14 30.62 -36.37
N ARG H 114 -10.53 30.69 -35.11
CA ARG H 114 -9.61 30.85 -33.98
C ARG H 114 -10.20 30.13 -32.80
N PRO H 115 -9.35 29.70 -31.91
CA PRO H 115 -9.84 28.93 -30.82
C PRO H 115 -10.74 29.78 -29.97
N VAL H 116 -11.79 29.14 -29.52
CA VAL H 116 -12.88 29.82 -28.85
C VAL H 116 -12.38 30.36 -27.54
N GLN H 117 -12.67 31.61 -27.22
CA GLN H 117 -12.28 32.15 -25.94
C GLN H 117 -13.36 32.03 -24.91
N VAL H 118 -12.99 31.51 -23.75
CA VAL H 118 -13.95 31.26 -22.71
C VAL H 118 -14.04 32.48 -21.80
N LEU H 119 -15.26 32.93 -21.54
CA LEU H 119 -15.52 34.11 -20.78
C LEU H 119 -16.12 33.88 -19.41
N SER H 120 -16.50 32.65 -19.09
CA SER H 120 -17.07 32.38 -17.80
C SER H 120 -16.33 31.27 -17.09
N PRO H 121 -16.65 31.07 -15.83
CA PRO H 121 -16.26 29.87 -15.13
C PRO H 121 -16.75 28.62 -15.77
N GLN H 122 -15.93 27.58 -15.64
CA GLN H 122 -16.23 26.25 -16.18
C GLN H 122 -16.93 25.47 -15.06
N ILE H 123 -18.20 25.76 -14.84
CA ILE H 123 -18.94 25.17 -13.76
C ILE H 123 -20.34 24.77 -14.18
N ALA H 124 -20.75 23.59 -13.73
CA ALA H 124 -22.02 23.00 -14.12
C ALA H 124 -22.90 22.84 -12.91
N VAL H 125 -24.17 22.52 -13.18
CA VAL H 125 -25.21 22.36 -12.16
C VAL H 125 -25.89 21.01 -12.36
N VAL H 126 -25.72 20.15 -11.37
CA VAL H 126 -26.26 18.79 -11.44
C VAL H 126 -27.49 18.77 -10.53
N THR H 127 -28.52 18.02 -10.92
CA THR H 127 -29.79 17.91 -10.18
C THR H 127 -30.11 16.45 -9.85
N HIS H 128 -30.74 16.22 -8.67
CA HIS H 128 -31.05 14.86 -8.12
C HIS H 128 -31.53 13.80 -9.11
N ASP H 129 -32.25 14.27 -10.15
CA ASP H 129 -32.72 13.42 -11.25
C ASP H 129 -31.68 13.04 -12.30
N GLY H 130 -30.44 13.53 -12.09
CA GLY H 130 -29.31 13.30 -12.98
C GLY H 130 -29.16 14.27 -14.15
N SER H 131 -29.97 15.33 -14.19
CA SER H 131 -29.86 16.29 -15.28
C SER H 131 -28.77 17.31 -14.92
N VAL H 132 -28.11 17.79 -15.97
CA VAL H 132 -26.97 18.69 -15.86
C VAL H 132 -27.24 19.88 -16.77
N MET H 133 -26.82 21.05 -16.33
CA MET H 133 -26.91 22.29 -17.08
C MET H 133 -25.54 22.91 -17.02
N PHE H 134 -25.06 23.42 -18.15
CA PHE H 134 -23.72 23.96 -18.25
C PHE H 134 -23.77 25.07 -19.30
N SER H 135 -23.41 26.30 -18.94
CA SER H 135 -23.77 27.45 -19.77
C SER H 135 -22.55 28.34 -19.92
N PRO H 136 -21.56 27.88 -20.68
CA PRO H 136 -20.38 28.69 -20.91
C PRO H 136 -20.60 29.89 -21.81
N ALA H 137 -20.07 31.02 -21.37
CA ALA H 137 -19.92 32.22 -22.19
C ALA H 137 -18.69 32.11 -23.07
N GLN H 138 -18.75 32.66 -24.28
CA GLN H 138 -17.74 32.42 -25.30
C GLN H 138 -17.63 33.56 -26.29
N ARG H 139 -16.42 33.76 -26.81
CA ARG H 139 -16.21 34.65 -27.92
C ARG H 139 -15.68 33.86 -29.07
N LEU H 140 -16.42 33.87 -30.17
CA LEU H 140 -16.19 32.98 -31.31
C LEU H 140 -15.82 33.81 -32.51
N SER H 141 -14.83 33.37 -33.28
CA SER H 141 -14.59 33.96 -34.59
C SER H 141 -14.86 32.90 -35.56
N PHE H 142 -15.73 33.20 -36.51
CA PHE H 142 -16.11 32.21 -37.48
C PHE H 142 -16.23 32.86 -38.84
N MET H 143 -16.33 31.98 -39.83
CA MET H 143 -16.35 32.32 -41.23
C MET H 143 -17.67 32.93 -41.63
N CYS H 144 -17.61 34.10 -42.27
CA CYS H 144 -18.77 34.93 -42.56
C CYS H 144 -18.38 36.07 -43.48
N ASP H 145 -19.00 36.12 -44.65
CA ASP H 145 -18.85 37.23 -45.59
C ASP H 145 -19.80 38.33 -45.18
N PRO H 146 -19.28 39.44 -44.68
CA PRO H 146 -20.13 40.46 -44.14
C PRO H 146 -20.51 41.57 -45.11
N THR H 147 -20.24 41.43 -46.40
CA THR H 147 -20.52 42.54 -47.32
C THR H 147 -22.03 42.64 -47.51
N GLY H 148 -22.52 43.87 -47.42
CA GLY H 148 -23.96 44.14 -47.32
C GLY H 148 -24.41 44.41 -45.90
N VAL H 149 -23.46 44.62 -44.99
CA VAL H 149 -23.79 44.81 -43.58
C VAL H 149 -24.22 46.24 -43.30
N ASP H 150 -23.76 47.16 -44.16
CA ASP H 150 -24.18 48.57 -44.14
C ASP H 150 -25.53 48.81 -44.87
N SER H 151 -25.88 47.93 -45.82
CA SER H 151 -27.22 47.97 -46.45
C SER H 151 -28.35 47.83 -45.40
N GLU H 152 -29.55 48.23 -45.78
CA GLU H 152 -30.67 48.20 -44.89
C GLU H 152 -31.19 46.77 -44.75
N GLU H 153 -31.17 45.99 -45.82
CA GLU H 153 -31.60 44.58 -45.79
C GLU H 153 -30.71 43.66 -44.92
N GLY H 154 -29.46 44.10 -44.73
CA GLY H 154 -28.49 43.46 -43.84
C GLY H 154 -27.69 42.39 -44.53
N VAL H 155 -27.04 41.55 -43.73
CA VAL H 155 -26.35 40.34 -44.23
C VAL H 155 -26.61 39.22 -43.25
N THR H 156 -26.66 38.00 -43.80
CA THR H 156 -27.00 36.81 -43.06
C THR H 156 -25.76 35.96 -42.88
N CYS H 157 -25.57 35.39 -41.69
CA CYS H 157 -24.42 34.55 -41.35
C CYS H 157 -24.79 33.34 -40.54
N ALA H 158 -24.07 32.24 -40.81
CA ALA H 158 -24.40 30.95 -40.20
C ALA H 158 -23.17 30.23 -39.66
N VAL H 159 -23.41 29.38 -38.67
CA VAL H 159 -22.38 28.49 -38.15
C VAL H 159 -22.99 27.26 -37.49
N LYS H 160 -22.60 26.07 -37.96
CA LYS H 160 -23.07 24.82 -37.34
C LYS H 160 -22.43 24.61 -35.99
N PHE H 161 -23.15 23.99 -35.06
CA PHE H 161 -22.53 23.51 -33.83
C PHE H 161 -22.79 22.05 -33.74
N GLU H 162 -21.75 21.24 -33.69
CA GLU H 162 -21.91 19.83 -33.83
C GLU H 162 -21.08 19.16 -32.78
N SER H 163 -21.45 17.95 -32.37
CA SER H 163 -20.45 17.14 -31.70
C SER H 163 -19.32 16.79 -32.71
N TRP H 164 -18.08 16.80 -32.22
CA TRP H 164 -16.93 16.63 -33.07
C TRP H 164 -16.61 15.17 -33.37
N VAL H 165 -17.01 14.26 -32.50
CA VAL H 165 -16.64 12.88 -32.69
C VAL H 165 -17.78 11.91 -32.62
N TYR H 166 -18.97 12.41 -32.33
CA TYR H 166 -20.10 11.56 -32.07
C TYR H 166 -21.18 11.81 -33.13
N SER H 167 -21.74 10.70 -33.59
CA SER H 167 -22.73 10.73 -34.64
C SER H 167 -24.09 10.90 -34.05
N GLY H 168 -25.07 10.98 -34.95
CA GLY H 168 -26.48 10.87 -34.60
C GLY H 168 -26.80 9.58 -33.84
N PHE H 169 -26.08 8.50 -34.08
CA PHE H 169 -26.32 7.28 -33.33
C PHE H 169 -25.96 7.36 -31.84
N GLU H 170 -24.98 8.19 -31.49
CA GLU H 170 -24.56 8.34 -30.10
C GLU H 170 -25.08 9.60 -29.39
N ILE H 171 -25.16 10.72 -30.09
CA ILE H 171 -25.62 11.97 -29.49
C ILE H 171 -26.63 12.59 -30.42
N ASP H 172 -27.79 12.92 -29.86
CA ASP H 172 -28.81 13.66 -30.57
C ASP H 172 -28.77 15.08 -30.03
N LEU H 173 -28.63 16.06 -30.92
CA LEU H 173 -28.78 17.46 -30.53
C LEU H 173 -30.23 17.89 -30.69
N LYS H 174 -30.68 18.81 -29.85
CA LYS H 174 -31.96 19.46 -30.09
C LYS H 174 -31.92 20.87 -29.58
N THR H 175 -32.67 21.73 -30.26
CA THR H 175 -32.95 23.04 -29.69
C THR H 175 -34.23 22.86 -28.89
N ASP H 176 -34.45 23.72 -27.89
CA ASP H 176 -35.75 23.77 -27.23
C ASP H 176 -36.69 24.61 -28.05
N THR H 177 -36.15 25.43 -28.93
CA THR H 177 -36.88 26.50 -29.57
C THR H 177 -36.07 26.98 -30.76
N ASP H 178 -36.73 27.36 -31.84
CA ASP H 178 -36.03 27.94 -33.00
C ASP H 178 -35.54 29.36 -32.80
N GLN H 179 -36.05 30.05 -31.79
CA GLN H 179 -35.68 31.45 -31.55
C GLN H 179 -34.46 31.50 -30.68
N VAL H 180 -33.47 32.26 -31.14
CA VAL H 180 -32.27 32.49 -30.40
C VAL H 180 -32.62 33.64 -29.48
N ASP H 181 -32.34 33.47 -28.20
CA ASP H 181 -32.70 34.46 -27.21
C ASP H 181 -31.84 35.71 -27.30
N LEU H 182 -32.47 36.81 -27.71
CA LEU H 182 -31.75 38.08 -27.79
C LEU H 182 -31.95 38.98 -26.59
N SER H 183 -32.44 38.45 -25.49
CA SER H 183 -32.69 39.28 -24.30
C SER H 183 -31.41 39.81 -23.66
N SER H 184 -30.29 39.14 -23.82
CA SER H 184 -29.04 39.64 -23.22
C SER H 184 -28.27 40.55 -24.19
N TYR H 185 -28.79 40.73 -25.41
CA TYR H 185 -28.06 41.41 -26.47
C TYR H 185 -27.86 42.88 -26.18
N TYR H 186 -26.71 43.40 -26.57
CA TYR H 186 -26.25 44.70 -26.12
C TYR H 186 -26.95 45.75 -26.93
N ALA H 187 -27.57 46.66 -26.20
CA ALA H 187 -28.34 47.74 -26.79
C ALA H 187 -27.55 48.57 -27.78
N SER H 188 -26.35 48.99 -27.42
CA SER H 188 -25.57 49.87 -28.30
C SER H 188 -24.46 49.12 -29.01
N SER H 189 -24.69 47.84 -29.31
CA SER H 189 -23.76 47.09 -30.16
C SER H 189 -23.58 47.85 -31.46
N LYS H 190 -22.40 47.76 -32.05
CA LYS H 190 -22.24 48.34 -33.38
C LYS H 190 -23.17 47.74 -34.45
N TYR H 191 -23.82 46.62 -34.15
CA TYR H 191 -24.63 45.88 -35.10
C TYR H 191 -25.93 45.51 -34.42
N GLU H 192 -26.97 45.38 -35.26
CA GLU H 192 -28.34 45.29 -34.83
C GLU H 192 -28.88 44.00 -35.42
N ILE H 193 -29.56 43.21 -34.60
CA ILE H 193 -29.90 41.84 -35.00
C ILE H 193 -31.28 41.85 -35.65
N LEU H 194 -31.39 41.43 -36.89
CA LEU H 194 -32.70 41.34 -37.54
C LEU H 194 -33.34 39.99 -37.31
N SER H 195 -32.58 38.92 -37.49
CA SER H 195 -33.13 37.57 -37.29
C SER H 195 -32.09 36.71 -36.61
N ALA H 196 -32.54 35.77 -35.80
CA ALA H 196 -31.63 34.88 -35.09
C ALA H 196 -32.30 33.55 -34.80
N THR H 197 -31.86 32.51 -35.48
CA THR H 197 -32.55 31.23 -35.50
C THR H 197 -31.56 30.10 -35.17
N GLN H 198 -32.03 29.11 -34.43
CA GLN H 198 -31.21 27.95 -34.07
C GLN H 198 -32.01 26.70 -34.45
N THR H 199 -31.48 25.94 -35.38
CA THR H 199 -32.30 25.03 -36.17
C THR H 199 -31.60 23.68 -36.18
N ARG H 200 -32.21 22.64 -35.64
CA ARG H 200 -31.61 21.27 -35.77
C ARG H 200 -31.43 20.88 -37.24
N GLN H 201 -30.59 19.91 -37.53
CA GLN H 201 -30.25 19.55 -38.94
C GLN H 201 -29.62 18.17 -38.97
N VAL H 202 -29.92 17.39 -40.00
CA VAL H 202 -29.25 16.14 -40.23
C VAL H 202 -28.52 16.15 -41.57
N GLN H 203 -27.35 15.52 -41.66
CA GLN H 203 -26.65 15.32 -42.91
C GLN H 203 -25.94 14.01 -42.82
N HIS H 204 -25.65 13.44 -43.99
CA HIS H 204 -24.61 12.42 -44.13
C HIS H 204 -23.45 13.06 -44.83
N TYR H 205 -22.28 12.53 -44.59
CA TYR H 205 -21.12 13.07 -45.27
C TYR H 205 -20.42 11.90 -45.91
N SER H 206 -19.71 12.22 -46.98
CA SER H 206 -19.18 11.21 -47.89
C SER H 206 -18.13 10.36 -47.23
N CYS H 207 -17.28 10.93 -46.36
CA CYS H 207 -16.32 10.10 -45.59
C CYS H 207 -16.98 8.90 -44.81
N CYS H 208 -18.19 9.05 -44.26
CA CYS H 208 -18.58 8.30 -43.07
C CYS H 208 -20.05 7.84 -43.10
N PRO H 209 -20.31 6.53 -42.80
CA PRO H 209 -21.65 5.90 -42.88
C PRO H 209 -22.81 6.54 -42.17
N GLU H 210 -22.54 7.11 -41.00
CA GLU H 210 -23.59 7.46 -40.01
C GLU H 210 -24.12 8.87 -40.33
N PRO H 211 -25.26 9.20 -39.73
CA PRO H 211 -25.81 10.54 -39.79
C PRO H 211 -25.21 11.46 -38.76
N TYR H 212 -25.00 12.71 -39.14
CA TYR H 212 -24.54 13.69 -38.18
C TYR H 212 -25.58 14.75 -37.93
N ILE H 213 -25.83 15.02 -36.68
CA ILE H 213 -26.77 16.06 -36.26
C ILE H 213 -25.96 17.32 -35.98
N ASP H 214 -26.58 18.46 -36.21
CA ASP H 214 -26.00 19.74 -35.82
C ASP H 214 -27.05 20.79 -35.60
N VAL H 215 -26.68 21.87 -34.94
CA VAL H 215 -27.59 22.94 -34.73
C VAL H 215 -27.04 24.12 -35.46
N ASN H 216 -27.72 24.55 -36.51
CA ASN H 216 -27.27 25.67 -37.28
C ASN H 216 -27.72 26.98 -36.65
N LEU H 217 -26.75 27.83 -36.36
CA LEU H 217 -27.02 29.15 -35.80
C LEU H 217 -26.93 30.14 -36.92
N VAL H 218 -28.01 30.90 -37.10
CA VAL H 218 -28.15 31.80 -38.27
C VAL H 218 -28.63 33.18 -37.86
N VAL H 219 -27.87 34.17 -38.28
CA VAL H 219 -28.00 35.50 -37.75
C VAL H 219 -27.92 36.47 -38.91
N LYS H 220 -29.03 37.19 -39.13
CA LYS H 220 -29.12 38.28 -40.09
C LYS H 220 -28.95 39.54 -39.26
N PHE H 221 -28.10 40.45 -39.72
CA PHE H 221 -27.75 41.62 -38.92
C PHE H 221 -27.23 42.74 -39.80
N ARG H 222 -27.14 43.94 -39.23
CA ARG H 222 -26.65 45.12 -39.97
C ARG H 222 -26.23 46.28 -39.04
N GLU H 223 -25.50 47.27 -39.59
CA GLU H 223 -24.95 48.36 -38.74
C GLU H 223 -26.07 49.18 -38.09
N ARG H 224 -25.86 49.68 -36.87
CA ARG H 224 -26.86 50.47 -36.14
C ARG H 224 -27.02 51.83 -36.89
N ARG H 225 -28.22 52.44 -36.84
CA ARG H 225 -28.30 53.85 -37.30
C ARG H 225 -27.66 54.78 -36.24
N GLN I 20 -22.58 1.64 -20.73
CA GLN I 20 -21.83 2.38 -19.62
C GLN I 20 -20.84 1.36 -19.05
N ALA I 21 -21.35 0.40 -18.29
CA ALA I 21 -20.51 -0.46 -17.44
C ALA I 21 -19.59 -1.42 -18.23
N ASN I 22 -19.99 -1.71 -19.46
CA ASN I 22 -19.16 -2.48 -20.38
C ASN I 22 -17.94 -1.70 -20.86
N LEU I 23 -18.22 -0.58 -21.53
CA LEU I 23 -17.22 0.34 -22.01
C LEU I 23 -16.23 0.81 -20.92
N MET I 24 -16.73 1.05 -19.69
CA MET I 24 -15.89 1.37 -18.54
C MET I 24 -14.84 0.27 -18.30
N ARG I 25 -15.26 -1.00 -18.37
CA ARG I 25 -14.33 -2.12 -18.17
C ARG I 25 -13.31 -2.16 -19.31
N LEU I 26 -13.79 -2.10 -20.55
CA LEU I 26 -12.94 -2.08 -21.76
C LEU I 26 -11.80 -1.08 -21.66
N LYS I 27 -12.15 0.14 -21.28
CA LYS I 27 -11.19 1.24 -21.12
C LYS I 27 -10.20 0.93 -19.99
N SER I 28 -10.72 0.48 -18.85
CA SER I 28 -9.89 0.08 -17.73
C SER I 28 -8.82 -0.97 -18.11
N ASP I 29 -9.21 -1.94 -18.93
CA ASP I 29 -8.28 -3.01 -19.35
C ASP I 29 -7.19 -2.52 -20.30
N LEU I 30 -7.59 -1.73 -21.28
CA LEU I 30 -6.65 -1.09 -22.22
C LEU I 30 -5.66 -0.11 -21.56
N PHE I 31 -6.16 0.88 -20.84
CA PHE I 31 -5.33 2.03 -20.38
C PHE I 31 -4.69 1.88 -19.00
N ASN I 32 -5.44 1.40 -18.00
CA ASN I 32 -4.81 1.21 -16.66
C ASN I 32 -3.86 -0.04 -16.64
N ARG I 33 -4.16 -1.03 -17.39
CA ARG I 33 -3.29 -2.12 -17.65
C ARG I 33 -2.41 -1.81 -18.70
N SER I 34 -1.13 -2.17 -18.44
CA SER I 34 0.17 -2.08 -19.24
C SER I 34 0.76 -0.71 -19.10
N PRO I 35 2.05 -0.53 -19.30
CA PRO I 35 2.50 0.90 -19.46
C PRO I 35 1.91 1.40 -20.78
N MET I 36 1.95 2.70 -21.05
CA MET I 36 1.45 3.28 -22.33
C MET I 36 2.34 2.79 -23.51
N TYR I 37 1.75 2.69 -24.71
CA TYR I 37 2.49 2.28 -25.91
C TYR I 37 3.58 3.30 -26.16
N PRO I 38 4.85 2.87 -26.12
CA PRO I 38 5.93 3.85 -26.14
C PRO I 38 6.36 4.31 -27.54
N GLY I 39 5.51 4.08 -28.57
CA GLY I 39 5.75 4.57 -29.90
C GLY I 39 6.72 3.73 -30.70
N PRO I 40 6.65 3.83 -32.04
CA PRO I 40 7.36 2.95 -32.97
C PRO I 40 8.88 2.97 -32.84
N THR I 41 9.51 1.85 -33.21
CA THR I 41 10.97 1.66 -33.35
C THR I 41 11.24 1.21 -34.79
N LYS I 42 12.52 1.10 -35.17
CA LYS I 42 12.90 0.56 -36.52
C LYS I 42 12.34 -0.82 -36.68
N ASP I 43 12.48 -1.63 -35.59
CA ASP I 43 11.94 -2.98 -35.51
C ASP I 43 10.45 -3.13 -35.77
N ASP I 44 9.63 -2.36 -35.06
CA ASP I 44 8.18 -2.37 -35.29
C ASP I 44 7.75 -1.00 -35.77
N PRO I 45 8.03 -0.67 -37.05
CA PRO I 45 7.65 0.63 -37.52
C PRO I 45 6.14 0.70 -37.60
N LEU I 46 5.65 1.88 -37.92
CA LEU I 46 4.23 2.20 -37.86
C LEU I 46 3.81 3.10 -39.00
N THR I 47 2.67 2.79 -39.60
CA THR I 47 2.16 3.57 -40.67
C THR I 47 0.97 4.38 -40.21
N VAL I 48 0.99 5.62 -40.67
CA VAL I 48 0.11 6.69 -40.25
C VAL I 48 -0.34 7.37 -41.51
N THR I 49 -1.61 7.77 -41.53
CA THR I 49 -2.24 8.11 -42.78
C THR I 49 -2.97 9.43 -42.67
N LEU I 50 -2.52 10.39 -43.47
CA LEU I 50 -3.07 11.74 -43.48
C LEU I 50 -4.02 12.01 -44.57
N GLY I 51 -4.95 12.88 -44.25
CA GLY I 51 -5.93 13.35 -45.20
C GLY I 51 -6.33 14.72 -44.77
N PHE I 52 -6.09 15.71 -45.62
CA PHE I 52 -6.44 17.07 -45.30
C PHE I 52 -7.81 17.40 -45.83
N PHE I 53 -8.45 18.34 -45.14
CA PHE I 53 -9.76 18.85 -45.48
C PHE I 53 -9.70 20.35 -45.32
N LEU I 54 -9.36 21.02 -46.42
CA LEU I 54 -9.32 22.46 -46.41
C LEU I 54 -10.67 23.07 -46.10
N GLN I 55 -10.61 24.25 -45.50
CA GLN I 55 -11.77 24.93 -44.98
C GLN I 55 -11.83 26.44 -45.29
N ASP I 56 -10.80 27.22 -45.09
CA ASP I 56 -10.83 28.65 -45.49
C ASP I 56 -9.36 28.92 -45.66
N ILE I 57 -9.03 29.75 -46.61
CA ILE I 57 -7.79 30.48 -46.56
C ILE I 57 -8.25 31.79 -45.98
N VAL I 58 -7.83 32.02 -44.75
CA VAL I 58 -8.42 33.11 -43.97
C VAL I 58 -7.76 34.38 -44.34
N LYS I 59 -6.44 34.36 -44.32
CA LYS I 59 -5.70 35.57 -44.60
C LYS I 59 -4.38 35.33 -45.27
N VAL I 60 -3.91 36.38 -45.92
CA VAL I 60 -2.66 36.43 -46.65
C VAL I 60 -1.97 37.69 -46.19
N ASP I 61 -0.67 37.65 -46.00
CA ASP I 61 0.07 38.85 -45.62
C ASP I 61 1.34 38.89 -46.42
N SER I 62 1.34 39.81 -47.37
CA SER I 62 2.45 40.04 -48.29
C SER I 62 3.59 40.85 -47.73
N SER I 63 3.45 41.48 -46.57
CA SER I 63 4.64 42.01 -45.83
C SER I 63 5.62 40.95 -45.34
N THR I 64 5.12 39.75 -45.03
CA THR I 64 5.87 38.73 -44.26
C THR I 64 6.03 37.36 -44.97
N ASN I 65 5.08 37.17 -45.89
CA ASN I 65 4.92 35.97 -46.69
C ASN I 65 4.51 34.87 -45.72
N GLU I 66 3.37 35.16 -45.10
CA GLU I 66 2.73 34.36 -44.09
C GLU I 66 1.32 34.20 -44.62
N VAL I 67 0.83 32.99 -44.64
CA VAL I 67 -0.56 32.72 -44.99
C VAL I 67 -1.23 31.86 -43.94
N ASP I 68 -2.47 32.19 -43.64
CA ASP I 68 -3.24 31.52 -42.62
C ASP I 68 -4.32 30.68 -43.24
N LEU I 69 -4.36 29.44 -42.83
CA LEU I 69 -5.10 28.44 -43.47
C LEU I 69 -5.83 27.65 -42.38
N VAL I 70 -7.06 27.23 -42.60
CA VAL I 70 -7.82 26.48 -41.61
C VAL I 70 -8.28 25.14 -42.18
N TYR I 71 -8.17 24.05 -41.40
CA TYR I 71 -8.46 22.70 -41.91
C TYR I 71 -8.62 21.63 -40.85
N TYR I 72 -9.27 20.53 -41.21
CA TYR I 72 -9.28 19.30 -40.40
C TYR I 72 -8.15 18.51 -40.94
N GLU I 73 -7.57 17.63 -40.14
CA GLU I 73 -6.47 16.79 -40.58
C GLU I 73 -6.80 15.43 -40.05
N ARG I 74 -7.23 14.52 -40.90
CA ARG I 74 -7.57 13.19 -40.43
C ARG I 74 -6.31 12.32 -40.38
N GLN I 75 -5.99 11.82 -39.19
CA GLN I 75 -4.86 10.92 -38.97
C GLN I 75 -5.42 9.57 -38.63
N ARG I 76 -4.96 8.52 -39.32
CA ARG I 76 -5.32 7.16 -38.99
C ARG I 76 -4.06 6.32 -38.81
N TRP I 77 -4.02 5.52 -37.74
CA TRP I 77 -2.97 4.52 -37.54
C TRP I 77 -3.57 3.31 -36.85
N LYS I 78 -2.79 2.23 -36.68
CA LYS I 78 -3.31 1.02 -36.04
C LYS I 78 -2.34 0.34 -35.11
N LEU I 79 -2.82 -0.01 -33.92
CA LEU I 79 -1.97 -0.59 -32.87
C LEU I 79 -2.56 -1.86 -32.34
N ASN I 80 -1.71 -2.84 -32.08
CA ASN I 80 -2.17 -4.06 -31.47
C ASN I 80 -2.45 -3.91 -30.02
N SER I 81 -1.72 -3.05 -29.31
CA SER I 81 -2.09 -2.83 -27.91
C SER I 81 -3.55 -2.31 -27.70
N LEU I 82 -4.27 -2.06 -28.80
CA LEU I 82 -5.63 -1.53 -28.74
C LEU I 82 -6.69 -2.43 -29.34
N MET I 83 -6.32 -3.69 -29.63
CA MET I 83 -7.28 -4.69 -30.08
C MET I 83 -8.11 -5.16 -28.90
N TRP I 84 -9.33 -5.59 -29.19
CA TRP I 84 -10.15 -6.34 -28.24
C TRP I 84 -11.20 -7.12 -29.01
N ASP I 85 -11.81 -8.09 -28.30
CA ASP I 85 -12.86 -8.93 -28.86
C ASP I 85 -14.23 -8.34 -28.50
N PRO I 86 -15.00 -7.83 -29.51
CA PRO I 86 -16.34 -7.28 -29.20
C PRO I 86 -17.19 -8.13 -28.24
N ASN I 87 -17.10 -9.46 -28.40
CA ASN I 87 -17.82 -10.44 -27.60
C ASN I 87 -17.51 -10.43 -26.11
N GLU I 88 -16.26 -10.23 -25.71
CA GLU I 88 -15.97 -10.12 -24.27
C GLU I 88 -16.40 -8.81 -23.61
N TYR I 89 -16.91 -7.85 -24.40
CA TYR I 89 -17.12 -6.49 -23.93
C TYR I 89 -18.42 -5.91 -24.47
N GLY I 90 -19.49 -6.69 -24.42
CA GLY I 90 -20.79 -6.20 -24.83
C GLY I 90 -20.99 -5.87 -26.28
N ASN I 91 -20.35 -6.64 -27.17
CA ASN I 91 -20.48 -6.45 -28.65
C ASN I 91 -20.14 -4.98 -29.07
N ILE I 92 -19.24 -4.35 -28.29
CA ILE I 92 -18.77 -2.96 -28.49
C ILE I 92 -17.68 -2.99 -29.56
N THR I 93 -17.98 -2.44 -30.72
CA THR I 93 -17.02 -2.42 -31.82
C THR I 93 -16.05 -1.23 -31.79
N ASP I 94 -16.50 -0.09 -31.28
CA ASP I 94 -15.63 1.13 -31.22
C ASP I 94 -16.02 2.16 -30.17
N PHE I 95 -15.04 2.83 -29.57
CA PHE I 95 -15.29 3.91 -28.61
C PHE I 95 -14.51 5.21 -28.86
N ARG I 96 -14.96 6.27 -28.17
CA ARG I 96 -14.33 7.59 -28.14
C ARG I 96 -13.47 7.83 -26.90
N THR I 97 -12.39 8.57 -27.03
CA THR I 97 -11.56 8.85 -25.89
C THR I 97 -10.70 10.09 -26.12
N SER I 98 -10.38 10.73 -25.02
CA SER I 98 -9.50 11.86 -24.98
C SER I 98 -8.19 11.40 -25.58
N ALA I 99 -7.61 12.24 -26.42
CA ALA I 99 -6.36 11.89 -27.08
C ALA I 99 -5.18 11.85 -26.13
N ALA I 100 -5.36 12.33 -24.91
CA ALA I 100 -4.39 12.14 -23.84
C ALA I 100 -4.34 10.72 -23.34
N ASP I 101 -5.45 10.01 -23.32
CA ASP I 101 -5.45 8.59 -22.92
C ASP I 101 -4.55 7.68 -23.79
N ILE I 102 -4.17 8.15 -24.99
CA ILE I 102 -3.39 7.34 -25.95
C ILE I 102 -2.22 8.01 -26.64
N TRP I 103 -1.31 7.19 -27.18
CA TRP I 103 -0.24 7.70 -28.03
C TRP I 103 -0.85 8.23 -29.29
N THR I 104 -0.43 9.43 -29.68
CA THR I 104 -0.71 10.00 -31.01
C THR I 104 0.59 10.35 -31.70
N PRO I 105 0.59 10.38 -33.03
CA PRO I 105 1.83 10.73 -33.73
C PRO I 105 2.01 12.25 -33.69
N ASP I 106 3.24 12.66 -33.83
CA ASP I 106 3.74 14.04 -33.66
C ASP I 106 3.84 14.80 -35.01
N ILE I 107 2.74 14.80 -35.73
CA ILE I 107 2.76 15.30 -37.10
C ILE I 107 2.68 16.78 -37.04
N THR I 108 3.56 17.46 -37.77
CA THR I 108 3.86 18.87 -37.57
C THR I 108 4.10 19.59 -38.86
N ALA I 109 3.60 20.80 -39.01
CA ALA I 109 3.91 21.57 -40.21
C ALA I 109 5.37 22.10 -40.15
N ALA I 110 6.19 21.67 -41.11
CA ALA I 110 7.61 22.06 -41.11
C ALA I 110 7.89 23.52 -41.39
N SER I 111 7.02 24.19 -42.13
CA SER I 111 7.25 25.61 -42.45
C SER I 111 6.34 26.57 -41.71
N SER I 112 5.88 26.23 -40.49
CA SER I 112 4.98 27.18 -39.81
C SER I 112 5.75 28.37 -39.26
N THR I 113 5.06 29.50 -39.11
CA THR I 113 5.62 30.70 -38.47
C THR I 113 5.11 31.06 -37.09
N ARG I 114 4.03 30.41 -36.65
CA ARG I 114 3.44 30.64 -35.31
C ARG I 114 2.80 29.34 -34.90
N PRO I 115 2.71 29.12 -33.62
CA PRO I 115 2.31 27.82 -33.18
C PRO I 115 0.89 27.58 -33.60
N VAL I 116 0.64 26.35 -33.99
CA VAL I 116 -0.60 25.95 -34.58
C VAL I 116 -1.71 26.09 -33.57
N GLN I 117 -2.83 26.70 -33.93
CA GLN I 117 -3.93 26.81 -33.03
C GLN I 117 -4.94 25.71 -33.23
N VAL I 118 -5.30 25.06 -32.12
CA VAL I 118 -6.25 24.00 -32.17
C VAL I 118 -7.68 24.52 -32.04
N LEU I 119 -8.54 24.06 -32.95
CA LEU I 119 -9.90 24.49 -33.04
C LEU I 119 -10.92 23.46 -32.62
N SER I 120 -10.55 22.24 -32.35
CA SER I 120 -11.50 21.24 -31.95
C SER I 120 -11.10 20.57 -30.66
N PRO I 121 -11.99 19.78 -30.11
CA PRO I 121 -11.62 18.85 -29.05
C PRO I 121 -10.58 17.88 -29.45
N GLN I 122 -9.74 17.51 -28.48
CA GLN I 122 -8.65 16.57 -28.66
C GLN I 122 -9.23 15.19 -28.30
N ILE I 123 -9.95 14.60 -29.24
CA ILE I 123 -10.61 13.34 -29.01
C ILE I 123 -10.49 12.41 -30.19
N ALA I 124 -10.23 11.15 -29.92
CA ALA I 124 -9.95 10.12 -30.91
C ALA I 124 -11.01 9.06 -30.85
N VAL I 125 -10.98 8.18 -31.85
CA VAL I 125 -11.92 7.08 -32.04
C VAL I 125 -11.15 5.79 -32.25
N VAL I 126 -11.29 4.87 -31.31
CA VAL I 126 -10.58 3.60 -31.33
C VAL I 126 -11.56 2.53 -31.76
N THR I 127 -11.10 1.54 -32.53
CA THR I 127 -11.95 0.44 -33.03
C THR I 127 -11.37 -0.93 -32.64
N HIS I 128 -12.25 -1.91 -32.37
CA HIS I 128 -11.89 -3.28 -31.87
C HIS I 128 -10.65 -3.93 -32.48
N ASP I 129 -10.41 -3.60 -33.76
CA ASP I 129 -9.22 -4.07 -34.49
C ASP I 129 -7.92 -3.33 -34.17
N GLY I 130 -8.00 -2.34 -33.27
CA GLY I 130 -6.90 -1.50 -32.84
C GLY I 130 -6.61 -0.28 -33.69
N SER I 131 -7.48 0.03 -34.66
CA SER I 131 -7.26 1.21 -35.48
C SER I 131 -7.83 2.43 -34.76
N VAL I 132 -7.19 3.57 -35.01
CA VAL I 132 -7.48 4.82 -34.35
C VAL I 132 -7.63 5.87 -35.44
N MET I 133 -8.55 6.80 -35.22
CA MET I 133 -8.82 7.93 -36.10
C MET I 133 -8.84 9.13 -35.19
N PHE I 134 -8.20 10.21 -35.62
CA PHE I 134 -8.07 11.42 -34.82
C PHE I 134 -8.02 12.60 -35.79
N SER I 135 -8.92 13.56 -35.66
CA SER I 135 -9.15 14.53 -36.74
C SER I 135 -9.22 15.92 -36.17
N PRO I 136 -8.07 16.44 -35.73
CA PRO I 136 -8.03 17.79 -35.20
C PRO I 136 -8.19 18.88 -36.26
N ALA I 137 -9.04 19.83 -35.92
CA ALA I 137 -9.15 21.10 -36.63
C ALA I 137 -8.05 22.06 -36.19
N GLN I 138 -7.54 22.88 -37.10
CA GLN I 138 -6.35 23.67 -36.87
C GLN I 138 -6.30 24.94 -37.69
N ARG I 139 -5.67 25.98 -37.15
CA ARG I 139 -5.39 27.17 -37.91
C ARG I 139 -3.89 27.34 -37.95
N LEU I 140 -3.34 27.35 -39.16
CA LEU I 140 -1.91 27.34 -39.38
C LEU I 140 -1.45 28.61 -40.04
N SER I 141 -0.33 29.15 -39.61
CA SER I 141 0.31 30.21 -40.38
C SER I 141 1.60 29.68 -40.84
N PHE I 142 1.82 29.73 -42.13
CA PHE I 142 3.01 29.16 -42.70
C PHE I 142 3.54 30.07 -43.79
N MET I 143 4.76 29.74 -44.18
CA MET I 143 5.56 30.51 -45.11
C MET I 143 5.06 30.32 -46.53
N CYS I 144 4.82 31.44 -47.20
CA CYS I 144 4.17 31.47 -48.51
C CYS I 144 4.25 32.86 -49.11
N ASP I 145 4.85 32.96 -50.28
CA ASP I 145 4.89 34.20 -51.04
C ASP I 145 3.60 34.29 -51.86
N PRO I 146 2.72 35.22 -51.49
CA PRO I 146 1.42 35.26 -52.10
C PRO I 146 1.29 36.21 -53.27
N THR I 147 2.38 36.76 -53.79
CA THR I 147 2.24 37.77 -54.85
C THR I 147 1.81 37.05 -56.13
N GLY I 148 0.82 37.63 -56.79
CA GLY I 148 0.10 36.98 -57.88
C GLY I 148 -1.23 36.38 -57.45
N VAL I 149 -1.69 36.72 -56.26
CA VAL I 149 -2.91 36.13 -55.72
C VAL I 149 -4.15 36.82 -56.28
N ASP I 150 -3.97 38.08 -56.69
CA ASP I 150 -4.99 38.86 -57.40
C ASP I 150 -5.08 38.55 -58.90
N SER I 151 -3.97 38.07 -59.49
CA SER I 151 -3.98 37.58 -60.89
C SER I 151 -4.99 36.45 -61.09
N GLU I 152 -5.35 36.22 -62.33
CA GLU I 152 -6.34 35.20 -62.66
C GLU I 152 -5.72 33.80 -62.57
N GLU I 153 -4.46 33.68 -62.98
CA GLU I 153 -3.72 32.39 -62.89
C GLU I 153 -3.48 31.89 -61.44
N GLY I 154 -3.48 32.84 -60.50
CA GLY I 154 -3.39 32.58 -59.08
C GLY I 154 -1.97 32.52 -58.58
N VAL I 155 -1.80 31.96 -57.37
CA VAL I 155 -0.48 31.68 -56.81
C VAL I 155 -0.53 30.33 -56.11
N THR I 156 0.60 29.63 -56.10
CA THR I 156 0.72 28.32 -55.54
C THR I 156 1.51 28.35 -54.26
N CYS I 157 1.07 27.59 -53.25
CA CYS I 157 1.72 27.48 -51.94
C CYS I 157 1.79 26.08 -51.41
N ALA I 158 2.85 25.80 -50.68
CA ALA I 158 3.12 24.46 -50.15
C ALA I 158 3.53 24.46 -48.69
N VAL I 159 3.26 23.34 -48.04
CA VAL I 159 3.71 23.09 -46.67
C VAL I 159 3.82 21.60 -46.39
N LYS I 160 5.02 21.14 -46.00
CA LYS I 160 5.24 19.75 -45.63
C LYS I 160 4.59 19.47 -44.28
N PHE I 161 4.10 18.26 -44.08
CA PHE I 161 3.73 17.81 -42.76
C PHE I 161 4.51 16.57 -42.44
N GLU I 162 5.28 16.57 -41.37
CA GLU I 162 6.20 15.50 -41.11
C GLU I 162 6.13 15.13 -39.68
N SER I 163 6.50 13.90 -39.35
CA SER I 163 6.83 13.65 -37.95
C SER I 163 8.09 14.45 -37.55
N TRP I 164 8.09 14.98 -36.35
CA TRP I 164 9.17 15.85 -35.86
C TRP I 164 10.38 15.10 -35.36
N VAL I 165 10.20 13.90 -34.90
CA VAL I 165 11.33 13.18 -34.26
C VAL I 165 11.54 11.79 -34.80
N TYR I 166 10.67 11.36 -35.70
CA TYR I 166 10.67 10.00 -36.16
C TYR I 166 10.96 9.99 -37.66
N SER I 167 11.82 9.06 -38.03
CA SER I 167 12.32 8.97 -39.37
C SER I 167 11.39 8.09 -40.18
N GLY I 168 11.72 7.97 -41.45
CA GLY I 168 11.16 6.97 -42.32
C GLY I 168 11.33 5.53 -41.77
N PHE I 169 12.39 5.26 -41.00
CA PHE I 169 12.59 3.97 -40.42
C PHE I 169 11.53 3.61 -39.34
N GLU I 170 11.03 4.60 -38.62
CA GLU I 170 10.04 4.37 -37.57
C GLU I 170 8.59 4.69 -37.96
N ILE I 171 8.36 5.73 -38.72
CA ILE I 171 6.99 6.13 -39.10
C ILE I 171 6.98 6.35 -40.60
N ASP I 172 6.02 5.71 -41.25
CA ASP I 172 5.77 5.92 -42.65
C ASP I 172 4.47 6.71 -42.74
N LEU I 173 4.50 7.81 -43.45
CA LEU I 173 3.30 8.58 -43.78
C LEU I 173 2.74 8.08 -45.11
N LYS I 174 1.41 8.08 -45.27
CA LYS I 174 0.80 7.98 -46.58
C LYS I 174 -0.45 8.79 -46.66
N THR I 175 -0.75 9.25 -47.86
CA THR I 175 -2.07 9.80 -48.14
C THR I 175 -2.93 8.63 -48.59
N ASP I 176 -4.24 8.75 -48.43
CA ASP I 176 -5.15 7.79 -49.04
C ASP I 176 -5.36 8.13 -50.50
N THR I 177 -5.08 9.37 -50.86
CA THR I 177 -5.52 9.95 -52.10
C THR I 177 -4.73 11.22 -52.32
N ASP I 178 -4.40 11.54 -53.56
CA ASP I 178 -3.72 12.80 -53.87
C ASP I 178 -4.60 14.03 -53.81
N GLN I 179 -5.92 13.84 -53.81
CA GLN I 179 -6.85 14.98 -53.80
C GLN I 179 -7.13 15.40 -52.39
N VAL I 180 -6.97 16.69 -52.14
CA VAL I 180 -7.29 17.28 -50.87
C VAL I 180 -8.77 17.55 -50.94
N ASP I 181 -9.49 17.10 -49.94
CA ASP I 181 -10.95 17.20 -49.93
C ASP I 181 -11.37 18.66 -49.69
N LEU I 182 -11.97 19.25 -50.72
CA LEU I 182 -12.46 20.61 -50.61
C LEU I 182 -13.94 20.70 -50.31
N SER I 183 -14.56 19.60 -49.88
CA SER I 183 -16.00 19.62 -49.62
C SER I 183 -16.39 20.51 -48.45
N SER I 184 -15.51 20.73 -47.49
CA SER I 184 -15.86 21.58 -46.35
C SER I 184 -15.49 23.03 -46.60
N TYR I 185 -14.89 23.33 -47.75
CA TYR I 185 -14.33 24.65 -48.03
C TYR I 185 -15.40 25.71 -48.15
N TYR I 186 -15.09 26.90 -47.65
CA TYR I 186 -16.10 27.91 -47.42
C TYR I 186 -16.40 28.58 -48.72
N ALA I 187 -17.68 28.61 -49.03
CA ALA I 187 -18.17 29.19 -50.26
C ALA I 187 -17.73 30.62 -50.47
N SER I 188 -17.90 31.47 -49.46
CA SER I 188 -17.58 32.88 -49.62
C SER I 188 -16.24 33.24 -48.97
N SER I 189 -15.30 32.30 -48.97
CA SER I 189 -13.94 32.62 -48.55
C SER I 189 -13.43 33.77 -49.38
N LYS I 190 -12.59 34.61 -48.81
CA LYS I 190 -11.93 35.62 -49.62
C LYS I 190 -11.09 35.09 -50.79
N TYR I 191 -10.80 33.78 -50.78
CA TYR I 191 -9.92 33.16 -51.75
C TYR I 191 -10.58 31.88 -52.24
N GLU I 192 -10.20 31.49 -53.45
CA GLU I 192 -10.89 30.48 -54.22
C GLU I 192 -9.83 29.47 -54.61
N ILE I 193 -10.13 28.19 -54.42
CA ILE I 193 -9.09 27.16 -54.52
C ILE I 193 -9.06 26.61 -55.93
N LEU I 194 -7.94 26.73 -56.63
CA LEU I 194 -7.84 26.17 -57.98
C LEU I 194 -7.34 24.74 -57.93
N SER I 195 -6.32 24.47 -57.14
CA SER I 195 -5.77 23.11 -57.04
C SER I 195 -5.39 22.81 -55.60
N ALA I 196 -5.54 21.56 -55.20
CA ALA I 196 -5.20 21.17 -53.83
C ALA I 196 -4.80 19.71 -53.77
N THR I 197 -3.52 19.48 -53.53
CA THR I 197 -2.93 18.17 -53.68
C THR I 197 -2.15 17.78 -52.39
N GLN I 198 -2.21 16.51 -52.02
CA GLN I 198 -1.50 16.02 -50.86
C GLN I 198 -0.68 14.80 -51.30
N THR I 199 0.62 14.92 -51.19
CA THR I 199 1.52 14.08 -51.96
C THR I 199 2.57 13.52 -51.02
N ARG I 200 2.68 12.22 -50.83
CA ARG I 200 3.79 11.64 -50.05
C ARG I 200 5.17 12.04 -50.63
N GLN I 201 6.25 11.99 -49.84
CA GLN I 201 7.56 12.45 -50.27
C GLN I 201 8.63 11.93 -49.35
N VAL I 202 9.84 11.76 -49.90
CA VAL I 202 11.03 11.49 -49.10
C VAL I 202 12.06 12.59 -49.22
N GLN I 203 12.80 12.85 -48.15
CA GLN I 203 13.98 13.74 -48.18
C GLN I 203 14.93 13.31 -47.20
N HIS I 204 16.20 13.58 -47.45
CA HIS I 204 17.26 13.50 -46.42
C HIS I 204 17.63 14.94 -46.21
N TYR I 205 18.17 15.22 -45.02
CA TYR I 205 18.66 16.52 -44.77
C TYR I 205 20.09 16.38 -44.31
N SER I 206 20.82 17.49 -44.40
CA SER I 206 22.22 17.53 -44.10
C SER I 206 22.52 17.21 -42.65
N CYS I 207 21.68 17.66 -41.71
CA CYS I 207 21.80 17.23 -40.30
C CYS I 207 21.95 15.69 -40.07
N CYS I 208 21.22 14.86 -40.83
CA CYS I 208 20.78 13.56 -40.31
C CYS I 208 20.83 12.43 -41.35
N PRO I 209 21.44 11.27 -41.01
CA PRO I 209 21.60 10.08 -41.92
C PRO I 209 20.35 9.51 -42.56
N GLU I 210 19.24 9.55 -41.83
CA GLU I 210 18.06 8.76 -42.19
C GLU I 210 17.17 9.55 -43.13
N PRO I 211 16.24 8.84 -43.78
CA PRO I 211 15.21 9.48 -44.59
C PRO I 211 14.04 9.95 -43.77
N TYR I 212 13.50 11.08 -44.16
CA TYR I 212 12.26 11.55 -43.52
C TYR I 212 11.15 11.54 -44.53
N ILE I 213 10.01 10.99 -44.13
CA ILE I 213 8.83 10.99 -44.97
C ILE I 213 7.97 12.19 -44.59
N ASP I 214 7.25 12.72 -45.56
CA ASP I 214 6.38 13.84 -45.31
C ASP I 214 5.27 13.90 -46.33
N VAL I 215 4.23 14.64 -46.00
CA VAL I 215 3.14 14.80 -46.91
C VAL I 215 3.10 16.24 -47.29
N ASN I 216 3.41 16.54 -48.54
CA ASN I 216 3.41 17.90 -49.00
C ASN I 216 1.99 18.33 -49.37
N LEU I 217 1.54 19.41 -48.76
CA LEU I 217 0.24 19.99 -49.03
C LEU I 217 0.48 21.17 -49.94
N VAL I 218 -0.17 21.17 -51.10
CA VAL I 218 0.07 22.16 -52.16
C VAL I 218 -1.22 22.74 -52.72
N VAL I 219 -1.29 24.05 -52.70
CA VAL I 219 -2.54 24.73 -52.85
C VAL I 219 -2.31 25.92 -53.76
N LYS I 220 -2.96 25.89 -54.92
CA LYS I 220 -2.99 26.99 -55.87
C LYS I 220 -4.30 27.68 -55.62
N PHE I 221 -4.29 29.01 -55.51
CA PHE I 221 -5.49 29.75 -55.11
C PHE I 221 -5.41 31.18 -55.55
N ARG I 222 -6.53 31.90 -55.48
CA ARG I 222 -6.59 33.33 -55.84
C ARG I 222 -7.85 34.05 -55.34
N GLU I 223 -7.85 35.39 -55.39
CA GLU I 223 -8.98 36.17 -54.80
C GLU I 223 -10.31 35.87 -55.52
N ARG I 224 -11.42 35.89 -54.80
CA ARG I 224 -12.74 35.56 -55.35
C ARG I 224 -13.14 36.70 -56.36
N ARG I 225 -13.93 36.37 -57.38
CA ARG I 225 -14.50 37.32 -58.29
C ARG I 225 -15.66 38.00 -57.59
N GLN J 20 7.93 -3.03 -28.79
CA GLN J 20 6.90 -2.50 -27.80
C GLN J 20 7.36 -2.90 -26.42
N ALA J 21 7.26 -4.18 -26.09
CA ALA J 21 7.43 -4.67 -24.70
C ALA J 21 8.87 -4.53 -24.17
N ASN J 22 9.81 -4.50 -25.10
CA ASN J 22 11.22 -4.23 -24.78
C ASN J 22 11.46 -2.79 -24.35
N LEU J 23 11.16 -1.89 -25.27
CA LEU J 23 11.25 -0.46 -25.06
C LEU J 23 10.47 0.02 -23.82
N MET J 24 9.29 -0.55 -23.56
CA MET J 24 8.51 -0.30 -22.34
C MET J 24 9.33 -0.59 -21.09
N ARG J 25 10.03 -1.72 -21.08
CA ARG J 25 10.88 -2.09 -19.92
C ARG J 25 12.04 -1.10 -19.78
N LEU J 26 12.75 -0.85 -20.90
CA LEU J 26 13.87 0.12 -20.94
C LEU J 26 13.53 1.45 -20.30
N LYS J 27 12.38 1.98 -20.71
CA LYS J 27 11.88 3.27 -20.20
C LYS J 27 11.57 3.18 -18.72
N SER J 28 10.86 2.11 -18.33
CA SER J 28 10.56 1.86 -16.92
C SER J 28 11.80 1.85 -16.02
N ASP J 29 12.89 1.26 -16.50
CA ASP J 29 14.13 1.15 -15.72
C ASP J 29 14.83 2.50 -15.57
N LEU J 30 14.94 3.23 -16.68
CA LEU J 30 15.51 4.57 -16.68
C LEU J 30 14.73 5.61 -15.84
N PHE J 31 13.44 5.77 -16.12
CA PHE J 31 12.65 6.90 -15.55
C PHE J 31 11.94 6.62 -14.24
N ASN J 32 11.26 5.48 -14.11
CA ASN J 32 10.48 5.18 -12.90
C ASN J 32 11.33 4.77 -11.74
N ARG J 33 12.52 4.18 -11.99
CA ARG J 33 13.35 3.64 -10.93
C ARG J 33 14.75 4.26 -10.82
N SER J 34 14.84 5.56 -10.99
CA SER J 34 15.83 6.44 -10.32
C SER J 34 15.01 7.61 -9.74
N PRO J 35 15.69 8.59 -9.09
CA PRO J 35 15.12 9.95 -9.10
C PRO J 35 15.58 10.65 -10.41
N MET J 36 15.00 11.81 -10.74
CA MET J 36 15.36 12.53 -11.97
C MET J 36 16.78 13.14 -11.87
N TYR J 37 17.50 13.23 -13.00
CA TYR J 37 18.85 13.80 -13.02
C TYR J 37 18.78 15.25 -12.60
N PRO J 38 19.41 15.62 -11.47
CA PRO J 38 19.20 16.96 -10.96
C PRO J 38 20.13 18.03 -11.55
N GLY J 39 20.71 17.79 -12.70
CA GLY J 39 21.47 18.82 -13.44
C GLY J 39 22.88 19.05 -12.96
N PRO J 40 23.76 19.56 -13.81
CA PRO J 40 25.19 19.67 -13.56
C PRO J 40 25.60 20.49 -12.34
N THR J 41 26.75 20.17 -11.76
CA THR J 41 27.47 20.93 -10.71
C THR J 41 28.88 21.22 -11.20
N LYS J 42 29.67 22.00 -10.44
CA LYS J 42 31.10 22.26 -10.79
C LYS J 42 31.84 20.94 -10.89
N ASP J 43 31.55 20.06 -9.90
CA ASP J 43 32.10 18.70 -9.84
C ASP J 43 31.86 17.84 -11.05
N ASP J 44 30.60 17.72 -11.48
CA ASP J 44 30.27 16.95 -12.70
C ASP J 44 29.67 17.90 -13.72
N PRO J 45 30.53 18.73 -14.36
CA PRO J 45 30.01 19.66 -15.31
C PRO J 45 29.49 18.89 -16.51
N LEU J 46 28.88 19.63 -17.44
CA LEU J 46 28.21 19.06 -18.59
C LEU J 46 28.42 19.89 -19.83
N THR J 47 28.68 19.22 -20.94
CA THR J 47 28.86 19.91 -22.19
C THR J 47 27.67 19.68 -23.08
N VAL J 48 27.26 20.79 -23.69
CA VAL J 48 26.01 20.94 -24.41
C VAL J 48 26.35 21.63 -25.70
N THR J 49 25.71 21.23 -26.78
CA THR J 49 26.21 21.56 -28.09
C THR J 49 25.10 22.08 -28.96
N LEU J 50 25.24 23.35 -29.36
CA LEU J 50 24.22 24.03 -30.14
C LEU J 50 24.54 24.12 -31.58
N GLY J 51 23.46 24.14 -32.35
CA GLY J 51 23.57 24.27 -33.79
C GLY J 51 22.29 24.88 -34.24
N PHE J 52 22.39 26.04 -34.88
CA PHE J 52 21.20 26.72 -35.37
C PHE J 52 20.97 26.35 -36.82
N PHE J 53 19.69 26.39 -37.19
CA PHE J 53 19.21 26.12 -38.53
C PHE J 53 18.18 27.17 -38.87
N LEU J 54 18.66 28.27 -39.44
CA LEU J 54 17.81 29.30 -39.86
C LEU J 54 16.79 28.89 -40.88
N GLN J 55 15.65 29.58 -40.83
CA GLN J 55 14.48 29.21 -41.61
C GLN J 55 13.77 30.39 -42.28
N ASP J 56 13.45 31.49 -41.61
CA ASP J 56 12.85 32.65 -42.30
C ASP J 56 13.24 33.75 -41.38
N ILE J 57 13.53 34.91 -41.92
CA ILE J 57 13.43 36.13 -41.16
C ILE J 57 12.04 36.61 -41.55
N VAL J 58 11.15 36.53 -40.58
CA VAL J 58 9.74 36.68 -40.89
C VAL J 58 9.42 38.14 -40.97
N LYS J 59 9.82 38.86 -39.94
CA LYS J 59 9.49 40.24 -39.81
C LYS J 59 10.61 41.10 -39.21
N VAL J 60 10.52 42.36 -39.57
CA VAL J 60 11.41 43.40 -39.08
C VAL J 60 10.47 44.52 -38.65
N ASP J 61 10.77 45.17 -37.53
CA ASP J 61 9.95 46.29 -37.07
C ASP J 61 10.90 47.36 -36.61
N SER J 62 10.97 48.40 -37.42
CA SER J 62 11.83 49.54 -37.21
C SER J 62 11.28 50.57 -36.23
N SER J 63 10.00 50.49 -35.81
CA SER J 63 9.55 51.27 -34.64
C SER J 63 10.18 50.88 -33.31
N THR J 64 10.56 49.61 -33.17
CA THR J 64 10.91 49.01 -31.86
C THR J 64 12.33 48.40 -31.77
N ASN J 65 12.80 48.05 -32.97
CA ASN J 65 14.06 47.42 -33.23
C ASN J 65 13.95 46.02 -32.65
N GLU J 66 12.97 45.34 -33.23
CA GLU J 66 12.57 43.99 -32.90
C GLU J 66 12.63 43.30 -34.25
N VAL J 67 13.30 42.15 -34.27
CA VAL J 67 13.24 41.28 -35.43
C VAL J 67 12.81 39.88 -35.07
N ASP J 68 11.98 39.30 -35.92
CA ASP J 68 11.41 38.01 -35.69
C ASP J 68 12.01 37.01 -36.64
N LEU J 69 12.45 35.92 -36.07
CA LEU J 69 13.33 35.01 -36.71
C LEU J 69 12.81 33.62 -36.40
N VAL J 70 12.85 32.71 -37.36
CA VAL J 70 12.35 31.34 -37.13
C VAL J 70 13.45 30.32 -37.39
N TYR J 71 13.59 29.32 -36.53
CA TYR J 71 14.69 28.37 -36.64
C TYR J 71 14.53 27.10 -35.81
N TYR J 72 15.26 26.05 -36.17
CA TYR J 72 15.41 24.84 -35.34
C TYR J 72 16.64 25.12 -34.55
N GLU J 73 16.77 24.52 -33.39
CA GLU J 73 17.95 24.72 -32.54
C GLU J 73 18.29 23.35 -32.07
N ARG J 74 19.34 22.76 -32.62
CA ARG J 74 19.71 21.41 -32.20
C ARG J 74 20.60 21.48 -30.96
N GLN J 75 20.13 20.87 -29.87
CA GLN J 75 20.89 20.77 -28.63
C GLN J 75 21.28 19.33 -28.46
N ARG J 76 22.57 19.06 -28.22
CA ARG J 76 23.03 17.73 -27.89
C ARG J 76 23.82 17.77 -26.58
N TRP J 77 23.54 16.82 -25.70
CA TRP J 77 24.34 16.60 -24.49
C TRP J 77 24.38 15.12 -24.17
N LYS J 78 25.16 14.71 -23.16
CA LYS J 78 25.26 13.29 -22.81
C LYS J 78 25.29 13.00 -21.33
N LEU J 79 24.50 12.03 -20.90
CA LEU J 79 24.36 11.70 -19.48
C LEU J 79 24.58 10.23 -19.24
N ASN J 80 25.26 9.91 -18.15
CA ASN J 80 25.43 8.52 -17.79
C ASN J 80 24.19 7.93 -17.20
N SER J 81 23.38 8.70 -16.49
CA SER J 81 22.11 8.13 -16.02
C SER J 81 21.18 7.61 -17.16
N LEU J 82 21.60 7.78 -18.42
CA LEU J 82 20.81 7.37 -19.58
C LEU J 82 21.47 6.32 -20.46
N MET J 83 22.55 5.72 -19.98
CA MET J 83 23.21 4.61 -20.68
C MET J 83 22.38 3.35 -20.50
N TRP J 84 22.48 2.45 -21.49
CA TRP J 84 22.00 1.08 -21.33
C TRP J 84 22.73 0.20 -22.36
N ASP J 85 22.63 -1.10 -22.13
CA ASP J 85 23.23 -2.11 -23.00
C ASP J 85 22.19 -2.59 -24.02
N PRO J 86 22.38 -2.29 -25.33
CA PRO J 86 21.39 -2.75 -26.35
C PRO J 86 20.97 -4.23 -26.19
N ASN J 87 21.94 -5.08 -25.83
CA ASN J 87 21.74 -6.52 -25.64
C ASN J 87 20.75 -6.90 -24.55
N GLU J 88 20.71 -6.20 -23.42
CA GLU J 88 19.70 -6.51 -22.41
C GLU J 88 18.28 -6.04 -22.74
N TYR J 89 18.10 -5.34 -23.85
CA TYR J 89 16.85 -4.63 -24.14
C TYR J 89 16.50 -4.74 -25.62
N GLY J 90 16.61 -5.94 -26.17
CA GLY J 90 16.19 -6.17 -27.54
C GLY J 90 17.00 -5.48 -28.63
N ASN J 91 18.31 -5.34 -28.44
CA ASN J 91 19.20 -4.71 -29.44
C ASN J 91 18.69 -3.29 -29.86
N ILE J 92 18.02 -2.60 -28.90
CA ILE J 92 17.44 -1.26 -29.08
C ILE J 92 18.56 -0.26 -28.84
N THR J 93 18.95 0.44 -29.91
CA THR J 93 20.03 1.41 -29.81
C THR J 93 19.58 2.82 -29.39
N ASP J 94 18.36 3.21 -29.76
CA ASP J 94 17.84 4.56 -29.41
C ASP J 94 16.32 4.71 -29.41
N PHE J 95 15.79 5.52 -28.51
CA PHE J 95 14.35 5.82 -28.45
C PHE J 95 13.97 7.31 -28.36
N ARG J 96 12.68 7.58 -28.60
CA ARG J 96 12.05 8.91 -28.46
C ARG J 96 11.31 9.08 -27.15
N THR J 97 11.32 10.29 -26.61
CA THR J 97 10.56 10.53 -25.40
C THR J 97 10.22 12.03 -25.27
N SER J 98 9.10 12.27 -24.59
CA SER J 98 8.68 13.59 -24.25
C SER J 98 9.78 14.24 -23.48
N ALA J 99 10.06 15.49 -23.79
CA ALA J 99 11.15 16.19 -23.13
C ALA J 99 10.86 16.50 -21.68
N ALA J 100 9.64 16.29 -21.23
CA ALA J 100 9.30 16.32 -19.81
C ALA J 100 9.84 15.11 -19.05
N ASP J 101 9.92 13.96 -19.68
CA ASP J 101 10.49 12.76 -19.02
C ASP J 101 11.97 12.93 -18.61
N ILE J 102 12.66 13.94 -19.17
CA ILE J 102 14.11 14.15 -18.88
C ILE J 102 14.55 15.58 -18.62
N TRP J 103 15.69 15.74 -18.00
CA TRP J 103 16.33 17.05 -17.85
C TRP J 103 16.73 17.53 -19.21
N THR J 104 16.41 18.81 -19.47
CA THR J 104 16.96 19.54 -20.63
C THR J 104 17.66 20.81 -20.15
N PRO J 105 18.61 21.31 -20.93
CA PRO J 105 19.32 22.52 -20.50
C PRO J 105 18.49 23.74 -20.75
N ASP J 106 18.75 24.78 -19.99
CA ASP J 106 18.00 26.05 -19.95
C ASP J 106 18.56 27.12 -20.89
N ILE J 107 18.72 26.77 -22.14
CA ILE J 107 19.43 27.64 -23.08
C ILE J 107 18.45 28.68 -23.53
N THR J 108 18.86 29.94 -23.50
CA THR J 108 17.96 31.07 -23.56
C THR J 108 18.52 32.20 -24.37
N ALA J 109 17.70 32.85 -25.17
CA ALA J 109 18.20 34.03 -25.89
C ALA J 109 18.29 35.22 -24.93
N ALA J 110 19.49 35.76 -24.75
CA ALA J 110 19.69 36.85 -23.78
C ALA J 110 19.06 38.19 -24.17
N SER J 111 18.90 38.45 -25.47
CA SER J 111 18.31 39.67 -25.93
C SER J 111 16.88 39.58 -26.44
N SER J 112 16.08 38.63 -25.95
CA SER J 112 14.72 38.51 -26.54
C SER J 112 13.81 39.59 -25.99
N THR J 113 12.79 39.95 -26.76
CA THR J 113 11.78 40.93 -26.32
C THR J 113 10.38 40.39 -26.01
N ARG J 114 10.14 39.13 -26.37
CA ARG J 114 8.88 38.46 -26.11
C ARG J 114 9.19 36.99 -25.95
N PRO J 115 8.34 36.31 -25.20
CA PRO J 115 8.65 34.97 -24.90
C PRO J 115 8.64 34.16 -26.15
N VAL J 116 9.58 33.24 -26.21
CA VAL J 116 9.85 32.49 -27.40
C VAL J 116 8.66 31.61 -27.70
N GLN J 117 8.20 31.58 -28.95
CA GLN J 117 7.10 30.72 -29.30
C GLN J 117 7.60 29.40 -29.85
N VAL J 118 7.04 28.33 -29.33
CA VAL J 118 7.48 27.00 -29.69
C VAL J 118 6.63 26.51 -30.86
N LEU J 119 7.31 26.01 -31.89
CA LEU J 119 6.68 25.59 -33.12
C LEU J 119 6.66 24.08 -33.32
N SER J 120 7.34 23.31 -32.50
CA SER J 120 7.35 21.90 -32.65
C SER J 120 6.95 21.17 -31.37
N PRO J 121 6.77 19.88 -31.50
CA PRO J 121 6.69 19.02 -30.33
C PRO J 121 7.90 19.06 -29.49
N GLN J 122 7.67 18.89 -28.20
CA GLN J 122 8.74 18.89 -27.17
C GLN J 122 9.13 17.41 -27.00
N ILE J 123 9.94 16.91 -27.93
CA ILE J 123 10.35 15.52 -27.88
C ILE J 123 11.82 15.35 -28.19
N ALA J 124 12.47 14.48 -27.44
CA ALA J 124 13.90 14.26 -27.52
C ALA J 124 14.19 12.85 -27.95
N VAL J 125 15.45 12.61 -28.29
CA VAL J 125 15.95 11.34 -28.80
C VAL J 125 17.15 10.91 -27.96
N VAL J 126 16.98 9.81 -27.25
CA VAL J 126 17.99 9.28 -26.36
C VAL J 126 18.65 8.10 -27.03
N THR J 127 19.96 7.92 -26.84
CA THR J 127 20.74 6.84 -27.46
C THR J 127 21.47 6.01 -26.39
N HIS J 128 21.61 4.70 -26.62
CA HIS J 128 22.19 3.70 -25.66
C HIS J 128 23.43 4.16 -24.87
N ASP J 129 24.23 5.02 -25.51
CA ASP J 129 25.42 5.64 -24.88
C ASP J 129 25.13 6.80 -23.93
N GLY J 130 23.85 7.11 -23.76
CA GLY J 130 23.37 8.21 -22.93
C GLY J 130 23.32 9.58 -23.56
N SER J 131 23.56 9.67 -24.86
CA SER J 131 23.51 10.97 -25.53
C SER J 131 22.06 11.27 -25.90
N VAL J 132 21.75 12.56 -25.91
CA VAL J 132 20.42 13.08 -26.13
C VAL J 132 20.51 14.16 -27.20
N MET J 133 19.50 14.23 -28.05
CA MET J 133 19.35 15.23 -29.08
C MET J 133 17.96 15.78 -28.94
N PHE J 134 17.82 17.09 -29.03
CA PHE J 134 16.55 17.76 -28.80
C PHE J 134 16.56 19.01 -29.67
N SER J 135 15.59 19.14 -30.58
CA SER J 135 15.73 20.10 -31.67
C SER J 135 14.43 20.87 -31.81
N PRO J 136 14.13 21.74 -30.84
CA PRO J 136 12.93 22.54 -30.93
C PRO J 136 12.98 23.63 -32.00
N ALA J 137 11.89 23.72 -32.74
CA ALA J 137 11.61 24.84 -33.61
C ALA J 137 11.05 26.02 -32.80
N GLN J 138 11.37 27.24 -33.20
CA GLN J 138 11.09 28.42 -32.39
C GLN J 138 10.93 29.68 -33.23
N ARG J 139 10.09 30.59 -32.76
CA ARG J 139 10.00 31.91 -33.33
C ARG J 139 10.39 32.89 -32.28
N LEU J 140 11.45 33.65 -32.56
CA LEU J 140 12.10 34.51 -31.57
C LEU J 140 11.96 35.94 -31.98
N SER J 141 11.66 36.82 -31.02
CA SER J 141 11.75 38.26 -31.31
C SER J 141 12.83 38.76 -30.45
N PHE J 142 13.80 39.41 -31.07
CA PHE J 142 14.93 39.89 -30.33
C PHE J 142 15.30 41.26 -30.82
N MET J 143 16.17 41.89 -30.03
CA MET J 143 16.59 43.25 -30.22
C MET J 143 17.57 43.37 -31.38
N CYS J 144 17.26 44.29 -32.30
CA CYS J 144 17.94 44.42 -33.57
C CYS J 144 17.52 45.69 -34.28
N ASP J 145 18.48 46.58 -34.54
CA ASP J 145 18.25 47.77 -35.33
C ASP J 145 18.38 47.41 -36.80
N PRO J 146 17.28 47.42 -37.52
CA PRO J 146 17.30 46.93 -38.88
C PRO J 146 17.51 48.00 -39.94
N THR J 147 17.88 49.21 -39.58
CA THR J 147 18.01 50.26 -40.60
C THR J 147 19.27 49.98 -41.41
N GLY J 148 19.11 50.08 -42.72
CA GLY J 148 20.10 49.61 -43.70
C GLY J 148 19.74 48.26 -44.28
N VAL J 149 18.53 47.80 -44.05
CA VAL J 149 18.13 46.46 -44.51
C VAL J 149 17.75 46.47 -45.98
N ASP J 150 17.34 47.64 -46.45
CA ASP J 150 17.05 47.90 -47.88
C ASP J 150 18.31 48.21 -48.70
N SER J 151 19.37 48.71 -48.05
CA SER J 151 20.68 48.89 -48.71
C SER J 151 21.22 47.55 -49.25
N GLU J 152 22.15 47.64 -50.17
CA GLU J 152 22.72 46.47 -50.81
C GLU J 152 23.70 45.76 -49.86
N GLU J 153 24.46 46.52 -49.09
CA GLU J 153 25.40 45.95 -48.10
C GLU J 153 24.72 45.18 -46.94
N GLY J 154 23.45 45.54 -46.68
CA GLY J 154 22.59 44.86 -45.73
C GLY J 154 22.70 45.43 -44.32
N VAL J 155 22.22 44.68 -43.35
CA VAL J 155 22.40 45.00 -41.93
C VAL J 155 22.69 43.73 -41.17
N THR J 156 23.46 43.87 -40.10
CA THR J 156 23.94 42.77 -39.31
C THR J 156 23.25 42.78 -37.97
N CYS J 157 22.85 41.58 -37.49
CA CYS J 157 22.17 41.40 -36.20
C CYS J 157 22.67 40.22 -35.42
N ALA J 158 22.68 40.36 -34.11
CA ALA J 158 23.25 39.37 -33.21
C ALA J 158 22.36 39.07 -32.01
N VAL J 159 22.51 37.85 -31.47
CA VAL J 159 21.85 37.46 -30.24
C VAL J 159 22.60 36.32 -29.56
N LYS J 160 22.99 36.51 -28.31
CA LYS J 160 23.65 35.48 -27.51
C LYS J 160 22.65 34.40 -27.13
N PHE J 161 23.10 33.16 -27.04
CA PHE J 161 22.30 32.12 -26.41
C PHE J 161 23.08 31.54 -25.29
N GLU J 162 22.57 31.60 -24.07
CA GLU J 162 23.36 31.25 -22.91
C GLU J 162 22.52 30.39 -22.03
N SER J 163 23.14 29.58 -21.20
CA SER J 163 22.39 29.07 -20.05
C SER J 163 22.04 30.23 -19.10
N TRP J 164 20.84 30.20 -18.55
CA TRP J 164 20.34 31.29 -17.71
C TRP J 164 20.82 31.24 -16.29
N VAL J 165 21.16 30.07 -15.79
CA VAL J 165 21.52 29.95 -14.37
C VAL J 165 22.82 29.24 -14.12
N TYR J 166 23.44 28.75 -15.18
CA TYR J 166 24.61 27.92 -15.06
C TYR J 166 25.80 28.63 -15.70
N SER J 167 26.93 28.58 -15.01
CA SER J 167 28.14 29.23 -15.45
C SER J 167 28.92 28.30 -16.33
N GLY J 168 30.04 28.82 -16.82
CA GLY J 168 31.08 28.01 -17.43
C GLY J 168 31.56 26.85 -16.56
N PHE J 169 31.54 26.99 -15.25
CA PHE J 169 31.93 25.89 -14.36
C PHE J 169 30.97 24.69 -14.41
N GLU J 170 29.69 24.94 -14.65
CA GLU J 170 28.70 23.87 -14.68
C GLU J 170 28.28 23.40 -16.09
N ILE J 171 28.17 24.33 -17.04
CA ILE J 171 27.78 23.98 -18.41
C ILE J 171 28.72 24.65 -19.35
N ASP J 172 29.27 23.87 -20.27
CA ASP J 172 30.09 24.39 -21.35
C ASP J 172 29.24 24.31 -22.60
N LEU J 173 29.09 25.43 -23.30
CA LEU J 173 28.47 25.42 -24.63
C LEU J 173 29.52 25.22 -25.69
N LYS J 174 29.18 24.56 -26.79
CA LYS J 174 30.00 24.60 -27.99
C LYS J 174 29.17 24.55 -29.22
N THR J 175 29.67 25.15 -30.28
CA THR J 175 29.12 24.90 -31.60
C THR J 175 29.89 23.72 -32.17
N ASP J 176 29.27 23.00 -33.11
CA ASP J 176 30.03 22.00 -33.86
C ASP J 176 30.79 22.67 -34.97
N THR J 177 30.37 23.87 -35.33
CA THR J 177 30.78 24.50 -36.57
C THR J 177 30.41 25.98 -36.48
N ASP J 178 31.21 26.85 -37.05
CA ASP J 178 30.89 28.28 -37.10
C ASP J 178 29.81 28.64 -38.10
N GLN J 179 29.50 27.75 -39.04
CA GLN J 179 28.50 28.04 -40.07
C GLN J 179 27.13 27.68 -39.58
N VAL J 180 26.23 28.61 -39.71
CA VAL J 180 24.84 28.40 -39.36
C VAL J 180 24.26 27.77 -40.60
N ASP J 181 23.57 26.63 -40.42
CA ASP J 181 23.03 25.88 -41.53
C ASP J 181 21.84 26.62 -42.17
N LEU J 182 22.04 27.08 -43.39
CA LEU J 182 20.98 27.75 -44.12
C LEU J 182 20.24 26.85 -45.09
N SER J 183 20.41 25.54 -44.99
CA SER J 183 19.78 24.64 -45.95
C SER J 183 18.24 24.62 -45.82
N SER J 184 17.70 24.94 -44.66
CA SER J 184 16.25 24.92 -44.51
C SER J 184 15.63 26.29 -44.81
N TYR J 185 16.47 27.28 -45.13
CA TYR J 185 16.03 28.67 -45.24
C TYR J 185 15.10 28.88 -46.43
N TYR J 186 14.12 29.74 -46.26
CA TYR J 186 13.00 29.84 -47.16
C TYR J 186 13.43 30.63 -48.35
N ALA J 187 13.21 30.02 -49.51
CA ALA J 187 13.59 30.61 -50.78
C ALA J 187 13.01 32.00 -50.99
N SER J 188 11.71 32.15 -50.77
CA SER J 188 11.08 33.44 -51.05
C SER J 188 10.82 34.24 -49.78
N SER J 189 11.70 34.09 -48.78
CA SER J 189 11.63 34.94 -47.61
C SER J 189 11.69 36.38 -48.05
N LYS J 190 11.02 37.26 -47.32
CA LYS J 190 11.17 38.67 -47.62
C LYS J 190 12.63 39.20 -47.50
N TYR J 191 13.52 38.42 -46.89
CA TYR J 191 14.87 38.82 -46.60
C TYR J 191 15.80 37.69 -46.99
N GLU J 192 17.02 38.07 -47.32
CA GLU J 192 17.99 37.23 -47.98
C GLU J 192 19.23 37.24 -47.09
N ILE J 193 19.79 36.07 -46.83
CA ILE J 193 20.82 35.94 -45.80
C ILE J 193 22.18 36.08 -46.43
N LEU J 194 22.96 37.07 -46.03
CA LEU J 194 24.33 37.24 -46.55
C LEU J 194 25.32 36.47 -45.74
N SER J 195 25.24 36.55 -44.41
CA SER J 195 26.20 35.82 -43.55
C SER J 195 25.45 35.28 -42.35
N ALA J 196 25.90 34.13 -41.85
CA ALA J 196 25.26 33.53 -40.69
C ALA J 196 26.23 32.67 -39.90
N THR J 197 26.60 33.14 -38.73
CA THR J 197 27.71 32.58 -37.98
C THR J 197 27.27 32.28 -36.54
N GLN J 198 27.76 31.17 -35.98
CA GLN J 198 27.47 30.80 -34.61
C GLN J 198 28.79 30.53 -33.90
N THR J 199 29.09 31.33 -32.90
CA THR J 199 30.47 31.51 -32.46
C THR J 199 30.47 31.36 -30.94
N ARG J 200 31.19 30.37 -30.40
CA ARG J 200 31.32 30.30 -28.91
C ARG J 200 31.96 31.56 -28.36
N GLN J 201 31.82 31.84 -27.07
CA GLN J 201 32.31 33.11 -26.47
C GLN J 201 32.41 32.93 -24.97
N VAL J 202 33.43 33.54 -24.37
CA VAL J 202 33.50 33.62 -22.91
C VAL J 202 33.47 35.10 -22.49
N GLN J 203 32.83 35.39 -21.36
CA GLN J 203 32.91 36.70 -20.73
C GLN J 203 32.85 36.48 -19.25
N HIS J 204 33.38 37.45 -18.51
CA HIS J 204 33.04 37.62 -17.09
C HIS J 204 32.21 38.88 -17.04
N TYR J 205 31.38 38.96 -16.01
CA TYR J 205 30.59 40.15 -15.86
C TYR J 205 30.83 40.64 -14.46
N SER J 206 30.62 41.94 -14.28
CA SER J 206 30.97 42.61 -13.04
C SER J 206 30.14 42.10 -11.86
N CYS J 207 28.86 41.81 -12.09
CA CYS J 207 28.03 41.11 -11.08
C CYS J 207 28.67 39.87 -10.40
N CYS J 208 29.39 39.03 -11.14
CA CYS J 208 29.50 37.60 -10.81
C CYS J 208 30.90 37.03 -11.05
N PRO J 209 31.50 36.31 -10.07
CA PRO J 209 32.86 35.72 -10.13
C PRO J 209 33.22 34.85 -11.31
N GLU J 210 32.24 34.07 -11.78
CA GLU J 210 32.52 32.92 -12.67
C GLU J 210 32.50 33.43 -14.13
N PRO J 211 33.02 32.58 -15.03
CA PRO J 211 32.92 32.82 -16.45
C PRO J 211 31.58 32.35 -17.02
N TYR J 212 31.05 33.12 -17.96
CA TYR J 212 29.86 32.68 -18.63
C TYR J 212 30.12 32.42 -20.08
N ILE J 213 29.66 31.25 -20.54
CA ILE J 213 29.83 30.87 -21.93
C ILE J 213 28.55 31.22 -22.65
N ASP J 214 28.67 31.54 -23.93
CA ASP J 214 27.49 31.75 -24.76
C ASP J 214 27.80 31.51 -26.21
N VAL J 215 26.77 31.32 -27.01
CA VAL J 215 26.95 31.14 -28.41
C VAL J 215 26.32 32.31 -29.09
N ASN J 216 27.13 33.16 -29.70
CA ASN J 216 26.61 34.32 -30.37
C ASN J 216 26.15 33.97 -31.77
N LEU J 217 24.89 34.27 -32.06
CA LEU J 217 24.31 34.04 -33.36
C LEU J 217 24.30 35.37 -34.07
N VAL J 218 24.92 35.42 -35.24
CA VAL J 218 25.08 36.65 -36.01
C VAL J 218 24.68 36.51 -37.47
N VAL J 219 23.85 37.43 -37.90
CA VAL J 219 23.15 37.28 -39.14
C VAL J 219 23.15 38.61 -39.84
N LYS J 220 23.81 38.66 -41.00
CA LYS J 220 23.81 39.81 -41.91
C LYS J 220 22.78 39.46 -42.96
N PHE J 221 21.90 40.39 -43.27
CA PHE J 221 20.79 40.11 -44.18
C PHE J 221 20.24 41.38 -44.81
N ARG J 222 19.41 41.23 -45.83
CA ARG J 222 18.79 42.38 -46.53
C ARG J 222 17.57 41.99 -47.39
N GLU J 223 16.79 42.99 -47.82
CA GLU J 223 15.52 42.71 -48.56
C GLU J 223 15.80 41.99 -49.90
N ARG J 224 14.91 41.11 -50.32
CA ARG J 224 15.07 40.35 -51.57
C ARG J 224 14.95 41.33 -52.77
N ARG J 225 15.64 41.03 -53.88
CA ARG J 225 15.43 41.79 -55.10
C ARG J 225 14.15 41.37 -55.75
N GLN K 20 -17.90 -35.63 44.50
CA GLN K 20 -18.70 -34.72 45.32
C GLN K 20 -18.18 -34.83 46.76
N ALA K 21 -18.52 -35.92 47.43
CA ALA K 21 -18.50 -35.97 48.91
C ALA K 21 -17.09 -35.90 49.51
N ASN K 22 -16.10 -36.31 48.71
CA ASN K 22 -14.69 -36.16 49.09
C ASN K 22 -14.23 -34.70 49.11
N LEU K 23 -14.32 -34.10 47.93
CA LEU K 23 -13.98 -32.70 47.72
C LEU K 23 -14.73 -31.75 48.67
N MET K 24 -16.01 -32.03 48.95
CA MET K 24 -16.78 -31.27 49.96
C MET K 24 -16.09 -31.30 51.32
N ARG K 25 -15.62 -32.48 51.74
CA ARG K 25 -14.92 -32.58 53.04
C ARG K 25 -13.61 -31.80 53.00
N LEU K 26 -12.81 -32.02 51.96
CA LEU K 26 -11.51 -31.32 51.75
C LEU K 26 -11.64 -29.82 51.94
N LYS K 27 -12.64 -29.25 51.27
CA LYS K 27 -12.91 -27.81 51.33
C LYS K 27 -13.33 -27.39 52.72
N SER K 28 -14.25 -28.15 53.32
CA SER K 28 -14.69 -27.90 54.69
C SER K 28 -13.52 -27.84 55.70
N ASP K 29 -12.54 -28.73 55.54
CA ASP K 29 -11.39 -28.79 56.46
C ASP K 29 -10.47 -27.59 56.30
N LEU K 30 -10.14 -27.27 55.04
CA LEU K 30 -9.33 -26.11 54.73
C LEU K 30 -9.94 -24.75 55.14
N PHE K 31 -11.17 -24.47 54.69
CA PHE K 31 -11.76 -23.11 54.82
C PHE K 31 -12.59 -22.87 56.09
N ASN K 32 -13.48 -23.78 56.44
CA ASN K 32 -14.36 -23.57 57.60
C ASN K 32 -13.67 -23.78 58.93
N ARG K 33 -12.63 -24.61 58.98
CA ARG K 33 -12.02 -25.00 60.24
C ARG K 33 -10.52 -24.66 60.38
N SER K 34 -10.14 -23.51 59.84
CA SER K 34 -9.02 -22.68 60.34
C SER K 34 -9.62 -21.26 60.51
N PRO K 35 -8.79 -20.30 60.97
CA PRO K 35 -9.07 -18.92 60.56
C PRO K 35 -8.43 -18.68 59.17
N MET K 36 -8.83 -17.61 58.47
CA MET K 36 -8.33 -17.36 57.09
C MET K 36 -6.84 -16.94 57.12
N TYR K 37 -6.08 -17.29 56.07
CA TYR K 37 -4.64 -16.98 56.04
C TYR K 37 -4.50 -15.47 55.98
N PRO K 38 -3.88 -14.85 57.01
CA PRO K 38 -3.92 -13.40 57.06
C PRO K 38 -2.81 -12.70 56.27
N GLY K 39 -2.18 -13.38 55.32
CA GLY K 39 -1.22 -12.76 54.41
C GLY K 39 0.18 -12.61 54.98
N PRO K 40 1.18 -12.49 54.11
CA PRO K 40 2.59 -12.54 54.50
C PRO K 40 3.05 -11.45 55.47
N THR K 41 4.08 -11.77 56.25
CA THR K 41 4.81 -10.85 57.16
C THR K 41 6.29 -10.92 56.77
N LYS K 42 7.13 -10.06 57.38
CA LYS K 42 8.60 -10.12 57.14
C LYS K 42 9.13 -11.50 57.52
N ASP K 43 8.63 -12.00 58.63
CA ASP K 43 8.93 -13.34 59.17
C ASP K 43 8.65 -14.49 58.20
N ASP K 44 7.44 -14.56 57.65
CA ASP K 44 7.09 -15.58 56.66
C ASP K 44 6.75 -14.90 55.36
N PRO K 45 7.77 -14.41 54.62
CA PRO K 45 7.47 -13.73 53.39
C PRO K 45 6.94 -14.75 52.40
N LEU K 46 6.52 -14.25 51.24
CA LEU K 46 5.86 -15.03 50.22
C LEU K 46 6.29 -14.64 48.83
N THR K 47 6.50 -15.63 47.98
CA THR K 47 6.87 -15.37 46.62
C THR K 47 5.71 -15.69 45.70
N VAL K 48 5.54 -14.76 44.76
CA VAL K 48 4.40 -14.67 43.89
C VAL K 48 4.94 -14.43 42.50
N THR K 49 4.31 -15.06 41.51
CA THR K 49 4.96 -15.19 40.23
C THR K 49 4.03 -14.80 39.10
N LEU K 50 4.40 -13.74 38.38
CA LEU K 50 3.58 -13.18 37.33
C LEU K 50 4.01 -13.58 35.97
N GLY K 51 3.02 -13.65 35.09
CA GLY K 51 3.26 -13.90 33.70
C GLY K 51 2.14 -13.29 32.93
N PHE K 52 2.47 -12.37 32.04
CA PHE K 52 1.46 -11.71 31.24
C PHE K 52 1.28 -12.43 29.92
N PHE K 53 0.06 -12.31 29.40
CA PHE K 53 -0.34 -12.88 28.12
C PHE K 53 -1.15 -11.84 27.40
N LEU K 54 -0.46 -11.03 26.61
CA LEU K 54 -1.10 -10.03 25.81
C LEU K 54 -2.09 -10.59 24.83
N GLN K 55 -3.12 -9.78 24.56
CA GLN K 55 -4.26 -10.14 23.76
C GLN K 55 -4.70 -9.13 22.72
N ASP K 56 -4.88 -7.85 23.03
CA ASP K 56 -5.23 -6.86 21.96
C ASP K 56 -4.73 -5.59 22.61
N ILE K 57 -4.21 -4.69 21.82
CA ILE K 57 -4.17 -3.31 22.20
C ILE K 57 -5.42 -2.78 21.53
N VAL K 58 -6.39 -2.45 22.36
CA VAL K 58 -7.72 -2.20 21.86
C VAL K 58 -7.79 -0.78 21.36
N LYS K 59 -7.35 0.13 22.20
CA LYS K 59 -7.46 1.53 21.90
C LYS K 59 -6.30 2.36 22.39
N VAL K 60 -6.11 3.46 21.69
CA VAL K 60 -5.10 4.45 21.99
C VAL K 60 -5.85 5.78 21.98
N ASP K 61 -5.52 6.67 22.91
CA ASP K 61 -6.18 7.98 22.95
C ASP K 61 -5.12 9.00 23.21
N SER K 62 -4.82 9.75 22.16
CA SER K 62 -3.81 10.78 22.18
C SER K 62 -4.26 12.11 22.77
N SER K 63 -5.55 12.32 23.04
CA SER K 63 -5.98 13.45 23.89
C SER K 63 -5.54 13.37 25.34
N THR K 64 -5.38 12.16 25.87
CA THR K 64 -5.24 11.91 27.32
C THR K 64 -3.95 11.16 27.74
N ASN K 65 -3.45 10.43 26.75
CA ASN K 65 -2.28 9.57 26.84
C ASN K 65 -2.68 8.43 27.75
N GLU K 66 -3.71 7.75 27.26
CA GLU K 66 -4.36 6.63 27.89
C GLU K 66 -4.31 5.56 26.81
N VAL K 67 -3.86 4.37 27.16
CA VAL K 67 -3.96 3.23 26.28
C VAL K 67 -4.65 2.06 26.95
N ASP K 68 -5.48 1.38 26.19
CA ASP K 68 -6.29 0.29 26.69
C ASP K 68 -5.78 -1.01 26.12
N LEU K 69 -5.57 -1.94 27.02
CA LEU K 69 -4.81 -3.11 26.74
C LEU K 69 -5.58 -4.27 27.36
N VAL K 70 -5.62 -5.41 26.69
CA VAL K 70 -6.34 -6.58 27.22
C VAL K 70 -5.41 -7.77 27.37
N TYR K 71 -5.51 -8.52 28.48
CA TYR K 71 -4.57 -9.61 28.76
C TYR K 71 -5.00 -10.55 29.87
N TYR K 72 -4.42 -11.75 29.90
CA TYR K 72 -4.54 -12.68 31.05
C TYR K 72 -3.35 -12.37 31.88
N GLU K 73 -3.41 -12.63 33.17
CA GLU K 73 -2.28 -12.36 34.07
C GLU K 73 -2.20 -13.58 34.93
N ARG K 74 -1.23 -14.44 34.70
CA ARG K 74 -1.13 -15.64 35.52
C ARG K 74 -0.35 -15.36 36.80
N GLN K 75 -0.99 -15.56 37.94
CA GLN K 75 -0.36 -15.39 39.25
C GLN K 75 -0.24 -16.76 39.88
N ARG K 76 0.97 -17.08 40.34
CA ARG K 76 1.18 -18.32 41.09
C ARG K 76 1.85 -18.01 42.42
N TRP K 77 1.36 -18.61 43.50
CA TRP K 77 2.02 -18.55 44.82
C TRP K 77 1.79 -19.86 45.55
N LYS K 78 2.40 -20.06 46.72
CA LYS K 78 2.21 -21.29 47.48
C LYS K 78 2.08 -21.11 48.97
N LEU K 79 1.12 -21.79 49.58
CA LEU K 79 0.84 -21.66 51.01
C LEU K 79 0.78 -22.99 51.71
N ASN K 80 1.32 -23.05 52.91
CA ASN K 80 1.19 -24.26 53.69
C ASN K 80 -0.16 -24.45 54.26
N SER K 81 -0.85 -23.40 54.61
CA SER K 81 -2.25 -23.61 55.10
C SER K 81 -3.17 -24.29 54.03
N LEU K 82 -2.64 -24.56 52.84
CA LEU K 82 -3.42 -25.19 51.77
C LEU K 82 -2.90 -26.55 51.31
N MET K 83 -1.98 -27.13 52.08
CA MET K 83 -1.49 -28.49 51.84
C MET K 83 -2.54 -29.50 52.28
N TRP K 84 -2.55 -30.65 51.62
CA TRP K 84 -3.28 -31.82 52.11
C TRP K 84 -2.68 -33.08 51.48
N ASP K 85 -3.04 -34.23 52.07
CA ASP K 85 -2.58 -35.54 51.60
C ASP K 85 -3.63 -36.13 50.63
N PRO K 86 -3.31 -36.27 49.33
CA PRO K 86 -4.28 -36.87 48.38
C PRO K 86 -5.00 -38.13 48.89
N ASN K 87 -4.23 -38.97 49.60
CA ASN K 87 -4.70 -40.24 50.17
C ASN K 87 -5.82 -40.10 51.21
N GLU K 88 -5.80 -39.10 52.07
CA GLU K 88 -6.92 -38.92 53.01
C GLU K 88 -8.21 -38.35 52.39
N TYR K 89 -8.17 -38.00 51.10
CA TYR K 89 -9.25 -37.23 50.48
C TYR K 89 -9.52 -37.72 49.06
N GLY K 90 -9.60 -39.03 48.89
CA GLY K 90 -9.97 -39.61 47.62
C GLY K 90 -8.98 -39.43 46.48
N ASN K 91 -7.68 -39.45 46.77
CA ASN K 91 -6.62 -39.28 45.75
C ASN K 91 -6.83 -38.01 44.88
N ILE K 92 -7.42 -36.97 45.52
CA ILE K 92 -7.71 -35.66 44.90
C ILE K 92 -6.43 -34.84 44.97
N THR K 93 -5.84 -34.58 43.82
CA THR K 93 -4.57 -33.85 43.77
C THR K 93 -4.77 -32.32 43.68
N ASP K 94 -5.87 -31.86 43.06
CA ASP K 94 -6.15 -30.43 42.94
C ASP K 94 -7.63 -30.09 42.75
N PHE K 95 -8.05 -28.95 43.31
CA PHE K 95 -9.43 -28.46 43.09
C PHE K 95 -9.54 -26.98 42.66
N ARG K 96 -10.74 -26.65 42.20
CA ARG K 96 -11.13 -25.28 41.79
C ARG K 96 -11.93 -24.58 42.90
N THR K 97 -11.74 -23.27 43.02
CA THR K 97 -12.51 -22.54 44.02
C THR K 97 -12.60 -21.06 43.66
N SER K 98 -13.68 -20.46 44.11
CA SER K 98 -13.90 -19.05 43.96
C SER K 98 -12.75 -18.37 44.64
N ALA K 99 -12.22 -17.33 44.03
CA ALA K 99 -11.08 -16.62 44.58
C ALA K 99 -11.41 -15.85 45.84
N ALA K 100 -12.70 -15.72 46.15
CA ALA K 100 -13.12 -15.19 47.44
C ALA K 100 -12.89 -16.16 48.59
N ASP K 101 -12.99 -17.46 48.34
CA ASP K 101 -12.71 -18.46 49.39
C ASP K 101 -11.27 -18.41 49.93
N ILE K 102 -10.35 -17.73 49.21
CA ILE K 102 -8.92 -17.70 49.58
C ILE K 102 -8.23 -16.34 49.52
N TRP K 103 -7.11 -16.21 50.22
CA TRP K 103 -6.26 -15.04 50.09
C TRP K 103 -5.67 -15.03 48.69
N THR K 104 -5.73 -13.87 48.05
CA THR K 104 -5.00 -13.60 46.81
C THR K 104 -4.13 -12.36 47.00
N PRO K 105 -3.05 -12.25 46.22
CA PRO K 105 -2.18 -11.10 46.38
C PRO K 105 -2.78 -9.89 45.70
N ASP K 106 -2.38 -8.70 46.17
CA ASP K 106 -2.95 -7.40 45.78
C ASP K 106 -2.15 -6.73 44.64
N ILE K 107 -1.96 -7.45 43.56
CA ILE K 107 -1.05 -6.99 42.51
C ILE K 107 -1.81 -6.00 41.68
N THR K 108 -1.19 -4.86 41.42
CA THR K 108 -1.88 -3.68 40.95
C THR K 108 -1.08 -2.91 39.92
N ALA K 109 -1.70 -2.43 38.89
CA ALA K 109 -0.99 -1.58 37.93
C ALA K 109 -0.77 -0.20 38.53
N ALA K 110 0.47 0.21 38.68
CA ALA K 110 0.79 1.51 39.31
C ALA K 110 0.40 2.75 38.52
N SER K 111 0.36 2.64 37.21
CA SER K 111 0.00 3.79 36.36
C SER K 111 -1.39 3.72 35.73
N SER K 112 -2.35 3.02 36.35
CA SER K 112 -3.67 2.92 35.68
C SER K 112 -4.44 4.22 35.81
N THR K 113 -5.33 4.48 34.85
CA THR K 113 -6.22 5.66 34.89
C THR K 113 -7.70 5.37 35.16
N ARG K 114 -8.11 4.11 35.11
CA ARG K 114 -9.46 3.69 35.39
C ARG K 114 -9.44 2.34 36.01
N PRO K 115 -10.46 2.03 36.77
CA PRO K 115 -10.42 0.78 37.49
C PRO K 115 -10.45 -0.34 36.52
N VAL K 116 -9.68 -1.35 36.84
CA VAL K 116 -9.41 -2.46 35.92
C VAL K 116 -10.71 -3.21 35.71
N GLN K 117 -11.04 -3.53 34.47
CA GLN K 117 -12.24 -4.29 34.20
C GLN K 117 -11.93 -5.77 34.09
N VAL K 118 -12.69 -6.57 34.81
CA VAL K 118 -12.46 -7.98 34.85
C VAL K 118 -13.25 -8.68 33.77
N LEU K 119 -12.58 -9.54 33.02
CA LEU K 119 -13.16 -10.22 31.88
C LEU K 119 -13.38 -11.71 32.09
N SER K 120 -12.90 -12.27 33.17
CA SER K 120 -13.10 -13.69 33.41
C SER K 120 -13.71 -13.94 34.77
N PRO K 121 -14.08 -15.18 35.00
CA PRO K 121 -14.42 -15.62 36.35
C PRO K 121 -13.29 -15.47 37.31
N GLN K 122 -13.65 -15.18 38.54
CA GLN K 122 -12.70 -15.02 39.65
C GLN K 122 -12.57 -16.41 40.30
N ILE K 123 -11.80 -17.28 39.67
CA ILE K 123 -11.65 -18.63 40.16
C ILE K 123 -10.22 -19.10 40.07
N ALA K 124 -9.79 -19.79 41.13
CA ALA K 124 -8.42 -20.22 41.30
C ALA K 124 -8.37 -21.73 41.33
N VAL K 125 -7.13 -22.24 41.24
CA VAL K 125 -6.84 -23.66 41.23
C VAL K 125 -5.79 -23.96 42.31
N VAL K 126 -6.21 -24.73 43.30
CA VAL K 126 -5.36 -25.07 44.43
C VAL K 126 -4.88 -26.50 44.24
N THR K 127 -3.65 -26.80 44.63
CA THR K 127 -3.04 -28.14 44.46
C THR K 127 -2.54 -28.69 45.81
N HIS K 128 -2.64 -30.01 45.99
CA HIS K 128 -2.31 -30.73 47.27
C HIS K 128 -1.07 -30.24 48.03
N ASP K 129 -0.07 -29.76 47.27
CA ASP K 129 1.16 -29.17 47.82
C ASP K 129 1.01 -27.73 48.35
N GLY K 130 -0.19 -27.19 48.25
CA GLY K 130 -0.53 -25.83 48.65
C GLY K 130 -0.28 -24.73 47.63
N SER K 131 0.07 -25.09 46.41
CA SER K 131 0.29 -24.07 45.38
C SER K 131 -1.03 -23.69 44.74
N VAL K 132 -1.12 -22.43 44.32
CA VAL K 132 -2.33 -21.82 43.79
C VAL K 132 -1.96 -21.16 42.47
N MET K 133 -2.90 -21.20 41.53
CA MET K 133 -2.77 -20.55 40.24
C MET K 133 -4.05 -19.81 40.02
N PHE K 134 -3.96 -18.57 39.53
CA PHE K 134 -5.12 -17.70 39.38
C PHE K 134 -4.84 -16.79 38.21
N SER K 135 -5.68 -16.78 37.20
CA SER K 135 -5.29 -16.19 35.89
C SER K 135 -6.42 -15.33 35.38
N PRO K 136 -6.65 -14.19 36.04
CA PRO K 136 -7.66 -13.27 35.59
C PRO K 136 -7.37 -12.55 34.29
N ALA K 137 -8.37 -12.52 33.43
CA ALA K 137 -8.40 -11.67 32.25
C ALA K 137 -8.83 -10.25 32.62
N GLN K 138 -8.28 -9.26 31.95
CA GLN K 138 -8.43 -7.86 32.38
C GLN K 138 -8.32 -6.89 31.22
N ARG K 139 -9.03 -5.77 31.34
CA ARG K 139 -8.85 -4.67 30.43
C ARG K 139 -8.39 -3.49 31.22
N LEU K 140 -7.20 -2.99 30.88
CA LEU K 140 -6.51 -1.98 31.66
C LEU K 140 -6.38 -0.70 30.86
N SER K 141 -6.60 0.44 31.48
CA SER K 141 -6.25 1.71 30.86
C SER K 141 -5.18 2.29 31.66
N PHE K 142 -4.07 2.61 31.02
CA PHE K 142 -2.93 3.12 31.73
C PHE K 142 -2.30 4.24 30.93
N MET K 143 -1.42 4.94 31.63
CA MET K 143 -0.74 6.13 31.14
C MET K 143 0.32 5.77 30.12
N CYS K 144 0.25 6.45 28.97
CA CYS K 144 1.05 6.10 27.79
C CYS K 144 0.91 7.16 26.74
N ASP K 145 2.01 7.79 26.37
CA ASP K 145 2.06 8.73 25.26
C ASP K 145 2.23 7.95 23.97
N PRO K 146 1.21 7.91 23.14
CA PRO K 146 1.26 7.05 21.98
C PRO K 146 1.73 7.73 20.70
N THR K 147 2.26 8.95 20.77
CA THR K 147 2.62 9.64 19.52
C THR K 147 3.89 8.96 18.98
N GLY K 148 3.86 8.71 17.68
CA GLY K 148 4.82 7.87 16.98
C GLY K 148 4.31 6.47 16.73
N VAL K 149 3.00 6.25 16.94
CA VAL K 149 2.45 4.92 16.82
C VAL K 149 2.17 4.56 15.36
N ASP K 150 1.99 5.60 14.54
CA ASP K 150 1.88 5.48 13.08
C ASP K 150 3.22 5.36 12.36
N SER K 151 4.29 5.88 12.97
CA SER K 151 5.67 5.65 12.44
C SER K 151 6.01 4.16 12.34
N GLU K 152 7.01 3.87 11.55
CA GLU K 152 7.42 2.48 11.33
C GLU K 152 8.17 1.92 12.55
N GLU K 153 9.00 2.77 13.16
CA GLU K 153 9.76 2.39 14.38
C GLU K 153 8.87 2.09 15.62
N GLY K 154 7.67 2.67 15.60
CA GLY K 154 6.65 2.43 16.61
C GLY K 154 6.74 3.36 17.80
N VAL K 155 6.06 2.98 18.89
CA VAL K 155 6.18 3.68 20.17
C VAL K 155 6.21 2.63 21.28
N THR K 156 6.92 2.98 22.36
CA THR K 156 7.13 2.09 23.46
C THR K 156 6.35 2.57 24.65
N CYS K 157 5.71 1.63 25.39
CA CYS K 157 4.93 1.92 26.60
C CYS K 157 5.19 0.96 27.72
N ALA K 158 5.12 1.48 28.94
CA ALA K 158 5.42 0.70 30.14
C ALA K 158 4.39 0.87 31.25
N VAL K 159 4.31 -0.15 32.11
CA VAL K 159 3.50 -0.07 33.32
C VAL K 159 3.99 -1.07 34.35
N LYS K 160 4.31 -0.58 35.55
CA LYS K 160 4.72 -1.44 36.66
C LYS K 160 3.53 -2.22 37.20
N PHE K 161 3.75 -3.43 37.67
CA PHE K 161 2.74 -4.13 38.46
C PHE K 161 3.34 -4.47 39.79
N GLU K 162 2.77 -3.98 40.87
CA GLU K 162 3.40 -4.06 42.17
C GLU K 162 2.37 -4.51 43.15
N SER K 163 2.80 -5.11 44.25
CA SER K 163 1.88 -5.15 45.38
C SER K 163 1.64 -3.71 45.91
N TRP K 164 0.42 -3.44 46.31
CA TRP K 164 0.03 -2.07 46.74
C TRP K 164 0.40 -1.77 48.18
N VAL K 165 0.50 -2.78 49.01
CA VAL K 165 0.70 -2.53 50.44
C VAL K 165 1.86 -3.30 51.04
N TYR K 166 2.47 -4.16 50.25
CA TYR K 166 3.47 -5.06 50.72
C TYR K 166 4.82 -4.74 50.06
N SER K 167 5.86 -4.76 50.88
CA SER K 167 7.19 -4.46 50.44
C SER K 167 7.86 -5.70 49.94
N GLY K 168 9.08 -5.52 49.45
CA GLY K 168 10.01 -6.61 49.21
C GLY K 168 10.24 -7.51 50.41
N PHE K 169 10.13 -6.99 51.63
CA PHE K 169 10.28 -7.83 52.83
C PHE K 169 9.14 -8.85 53.00
N GLU K 170 7.94 -8.51 52.54
CA GLU K 170 6.80 -9.41 52.69
C GLU K 170 6.42 -10.19 51.42
N ILE K 171 6.53 -9.58 50.25
CA ILE K 171 6.20 -10.26 48.99
C ILE K 171 7.29 -10.01 48.01
N ASP K 172 7.78 -11.10 47.41
CA ASP K 172 8.75 -11.03 46.34
C ASP K 172 7.98 -11.37 45.06
N LEU K 173 8.09 -10.51 44.07
CA LEU K 173 7.57 -10.81 42.73
C LEU K 173 8.65 -11.45 41.90
N LYS K 174 8.29 -12.36 40.99
CA LYS K 174 9.22 -12.76 39.93
C LYS K 174 8.47 -13.10 38.68
N THR K 175 9.11 -12.89 37.56
CA THR K 175 8.64 -13.43 36.31
C THR K 175 9.24 -14.81 36.17
N ASP K 176 8.59 -15.68 35.40
CA ASP K 176 9.22 -16.95 35.05
C ASP K 176 10.16 -16.74 33.89
N THR K 177 9.98 -15.65 33.17
CA THR K 177 10.60 -15.46 31.88
C THR K 177 10.47 -13.98 31.52
N ASP K 178 11.45 -13.42 30.84
CA ASP K 178 11.37 -12.05 30.37
C ASP K 178 10.45 -11.82 29.18
N GLN K 179 10.08 -12.89 28.49
CA GLN K 179 9.22 -12.76 27.31
C GLN K 179 7.77 -12.78 27.71
N VAL K 180 7.05 -11.79 27.23
CA VAL K 180 5.63 -11.70 27.44
C VAL K 180 5.04 -12.58 26.35
N ASP K 181 4.17 -13.49 26.73
CA ASP K 181 3.60 -14.45 25.79
C ASP K 181 2.61 -13.77 24.84
N LEU K 182 2.98 -13.70 23.58
CA LEU K 182 2.12 -13.14 22.56
C LEU K 182 1.32 -14.16 21.78
N SER K 183 1.27 -15.41 22.26
CA SER K 183 0.56 -16.45 21.51
C SER K 183 -0.96 -16.21 21.45
N SER K 184 -1.54 -15.50 22.42
CA SER K 184 -2.96 -15.27 22.38
C SER K 184 -3.33 -13.98 21.65
N TYR K 185 -2.32 -13.24 21.19
CA TYR K 185 -2.50 -11.90 20.64
C TYR K 185 -3.27 -11.92 19.34
N TYR K 186 -4.12 -10.91 19.15
CA TYR K 186 -5.11 -10.94 18.10
C TYR K 186 -4.45 -10.58 16.80
N ALA K 187 -4.65 -11.46 15.83
CA ALA K 187 -4.08 -11.30 14.51
C ALA K 187 -4.39 -9.98 13.87
N SER K 188 -5.65 -9.59 13.85
CA SER K 188 -6.05 -8.37 13.16
C SER K 188 -6.30 -7.22 14.14
N SER K 189 -5.56 -7.19 15.25
CA SER K 189 -5.60 -6.05 16.13
C SER K 189 -5.27 -4.80 15.34
N LYS K 190 -5.83 -3.67 15.70
CA LYS K 190 -5.40 -2.43 15.04
C LYS K 190 -3.90 -2.11 15.21
N TYR K 191 -3.23 -2.80 16.13
CA TYR K 191 -1.83 -2.52 16.47
C TYR K 191 -1.08 -3.82 16.52
N GLU K 192 0.22 -3.72 16.28
CA GLU K 192 1.07 -4.86 15.99
C GLU K 192 2.22 -4.78 16.92
N ILE K 193 2.55 -5.86 17.63
CA ILE K 193 3.45 -5.83 18.77
C ILE K 193 4.88 -6.07 18.28
N LEU K 194 5.78 -5.12 18.49
CA LEU K 194 7.17 -5.31 18.09
C LEU K 194 7.96 -5.95 19.23
N SER K 195 7.81 -5.47 20.45
CA SER K 195 8.54 -6.02 21.58
C SER K 195 7.63 -6.10 22.80
N ALA K 196 7.85 -7.12 23.63
CA ALA K 196 7.02 -7.28 24.82
C ALA K 196 7.77 -8.00 25.92
N THR K 197 8.12 -7.27 26.97
CA THR K 197 9.06 -7.74 27.97
C THR K 197 8.46 -7.56 29.38
N GLN K 198 8.71 -8.52 30.27
CA GLN K 198 8.24 -8.44 31.64
C GLN K 198 9.45 -8.68 32.57
N THR K 199 9.79 -7.68 33.33
CA THR K 199 11.14 -7.57 33.87
C THR K 199 11.02 -7.27 35.36
N ARG K 200 11.50 -8.15 36.24
CA ARG K 200 11.53 -7.81 37.69
C ARG K 200 12.32 -6.53 37.95
N GLN K 201 12.12 -5.87 39.09
CA GLN K 201 12.76 -4.56 39.38
C GLN K 201 12.70 -4.30 40.87
N VAL K 202 13.77 -3.68 41.39
CA VAL K 202 13.73 -3.19 42.76
C VAL K 202 13.89 -1.67 42.78
N GLN K 203 13.22 -1.00 43.70
CA GLN K 203 13.46 0.41 43.97
C GLN K 203 13.25 0.64 45.42
N HIS K 204 13.87 1.71 45.92
CA HIS K 204 13.47 2.33 47.20
C HIS K 204 12.84 3.64 46.81
N TYR K 205 11.98 4.12 47.68
CA TYR K 205 11.37 5.41 47.42
C TYR K 205 11.61 6.24 48.66
N SER K 206 11.63 7.55 48.45
CA SER K 206 12.12 8.47 49.47
C SER K 206 11.21 8.48 50.71
N CYS K 207 9.90 8.36 50.51
CA CYS K 207 8.96 8.17 51.63
C CYS K 207 9.36 7.06 52.67
N CYS K 208 9.91 5.93 52.23
CA CYS K 208 9.73 4.65 52.93
C CYS K 208 11.01 3.79 52.95
N PRO K 209 11.43 3.29 54.15
CA PRO K 209 12.68 2.51 54.36
C PRO K 209 12.91 1.29 53.49
N GLU K 210 11.84 0.57 53.16
CA GLU K 210 11.94 -0.79 52.62
C GLU K 210 12.09 -0.73 51.10
N PRO K 211 12.52 -1.87 50.52
CA PRO K 211 12.56 -2.03 49.09
C PRO K 211 11.21 -2.46 48.53
N TYR K 212 10.86 -1.94 47.36
CA TYR K 212 9.68 -2.40 46.70
C TYR K 212 10.00 -3.09 45.42
N ILE K 213 9.41 -4.27 45.23
CA ILE K 213 9.61 -5.05 44.02
C ILE K 213 8.45 -4.76 43.07
N ASP K 214 8.71 -4.84 41.79
CA ASP K 214 7.67 -4.72 40.79
C ASP K 214 8.04 -5.40 39.50
N VAL K 215 7.06 -5.67 38.66
CA VAL K 215 7.33 -6.28 37.39
C VAL K 215 6.95 -5.27 36.35
N ASN K 216 7.93 -4.76 35.64
CA ASN K 216 7.67 -3.76 34.62
C ASN K 216 7.27 -4.43 33.32
N LEU K 217 6.11 -4.05 32.81
CA LEU K 217 5.60 -4.57 31.57
C LEU K 217 5.88 -3.50 30.53
N VAL K 218 6.59 -3.88 29.46
CA VAL K 218 7.01 -2.95 28.42
C VAL K 218 6.71 -3.44 27.02
N VAL K 219 6.07 -2.57 26.27
CA VAL K 219 5.47 -2.98 25.03
C VAL K 219 5.74 -1.91 24.00
N LYS K 220 6.48 -2.29 22.95
CA LYS K 220 6.73 -1.46 21.78
C LYS K 220 5.75 -1.94 20.75
N PHE K 221 5.05 -1.03 20.08
CA PHE K 221 3.98 -1.42 19.16
C PHE K 221 3.72 -0.32 18.16
N ARG K 222 2.96 -0.65 17.11
CA ARG K 222 2.62 0.35 16.04
C ARG K 222 1.41 -0.09 15.21
N GLU K 223 0.85 0.84 14.44
CA GLU K 223 -0.38 0.52 13.64
C GLU K 223 -0.09 -0.55 12.57
N ARG K 224 -1.03 -1.49 12.36
CA ARG K 224 -0.69 -2.69 11.53
C ARG K 224 -0.63 -2.26 10.08
N ARG K 225 0.17 -2.88 9.21
CA ARG K 225 0.13 -2.57 7.77
C ARG K 225 -1.15 -3.29 7.21
N GLN L 20 1.74 -16.70 61.04
CA GLN L 20 0.32 -17.05 60.87
C GLN L 20 -0.33 -16.90 62.24
N ALA L 21 -0.07 -17.86 63.13
CA ALA L 21 -0.96 -18.10 64.30
C ALA L 21 -0.92 -16.97 65.34
N ASN L 22 0.18 -16.21 65.34
CA ASN L 22 0.28 -15.01 66.15
C ASN L 22 -0.64 -13.88 65.70
N LEU L 23 -0.38 -13.45 64.46
CA LEU L 23 -1.17 -12.41 63.79
C LEU L 23 -2.68 -12.74 63.75
N MET L 24 -3.04 -14.01 63.56
CA MET L 24 -4.44 -14.46 63.64
C MET L 24 -5.05 -14.12 65.01
N ARG L 25 -4.31 -14.38 66.09
CA ARG L 25 -4.80 -14.06 67.44
C ARG L 25 -4.94 -12.55 67.62
N LEU L 26 -3.89 -11.80 67.25
CA LEU L 26 -3.89 -10.32 67.32
C LEU L 26 -5.13 -9.70 66.71
N LYS L 27 -5.44 -10.16 65.50
CA LYS L 27 -6.61 -9.68 64.76
C LYS L 27 -7.91 -10.06 65.48
N SER L 28 -8.00 -11.32 65.90
CA SER L 28 -9.14 -11.81 66.66
C SER L 28 -9.45 -10.95 67.91
N ASP L 29 -8.39 -10.53 68.62
CA ASP L 29 -8.55 -9.75 69.85
C ASP L 29 -9.03 -8.33 69.57
N LEU L 30 -8.41 -7.69 68.58
CA LEU L 30 -8.82 -6.35 68.14
C LEU L 30 -10.26 -6.28 67.57
N PHE L 31 -10.56 -7.11 66.57
CA PHE L 31 -11.82 -6.95 65.77
C PHE L 31 -13.02 -7.74 66.27
N ASN L 32 -12.85 -9.02 66.61
CA ASN L 32 -13.98 -9.84 67.09
C ASN L 32 -14.42 -9.54 68.49
N ARG L 33 -13.51 -9.05 69.33
CA ARG L 33 -13.83 -8.90 70.77
C ARG L 33 -13.69 -7.46 71.30
N SER L 34 -14.12 -6.49 70.50
CA SER L 34 -14.71 -5.21 70.94
C SER L 34 -15.99 -5.06 70.11
N PRO L 35 -16.73 -3.94 70.26
CA PRO L 35 -17.52 -3.46 69.12
C PRO L 35 -16.61 -2.63 68.22
N MET L 36 -17.04 -2.30 66.99
CA MET L 36 -16.22 -1.49 66.05
C MET L 36 -16.13 -0.02 66.55
N TYR L 37 -15.00 0.63 66.26
CA TYR L 37 -14.79 2.02 66.77
C TYR L 37 -15.80 2.92 66.10
N PRO L 38 -16.69 3.55 66.87
CA PRO L 38 -17.80 4.26 66.23
C PRO L 38 -17.47 5.71 65.84
N GLY L 39 -16.22 6.06 65.71
CA GLY L 39 -15.80 7.36 65.15
C GLY L 39 -15.83 8.51 66.13
N PRO L 40 -15.06 9.57 65.87
CA PRO L 40 -14.82 10.66 66.82
C PRO L 40 -16.06 11.43 67.25
N THR L 41 -16.01 12.02 68.45
CA THR L 41 -16.99 12.98 69.01
C THR L 41 -16.24 14.27 69.36
N LYS L 42 -16.97 15.31 69.80
CA LYS L 42 -16.34 16.58 70.28
C LYS L 42 -15.42 16.26 71.43
N ASP L 43 -15.90 15.41 72.33
CA ASP L 43 -15.17 14.91 73.50
C ASP L 43 -13.82 14.25 73.19
N ASP L 44 -13.81 13.27 72.28
CA ASP L 44 -12.56 12.62 71.86
C ASP L 44 -12.35 12.88 70.38
N PRO L 45 -11.94 14.11 70.01
CA PRO L 45 -11.76 14.41 68.62
C PRO L 45 -10.58 13.60 68.12
N LEU L 46 -10.36 13.68 66.81
CA LEU L 46 -9.38 12.86 66.12
C LEU L 46 -8.66 13.64 65.03
N THR L 47 -7.35 13.44 64.95
CA THR L 47 -6.58 14.11 63.94
C THR L 47 -6.15 13.13 62.88
N VAL L 48 -6.27 13.60 61.65
CA VAL L 48 -6.16 12.83 60.43
C VAL L 48 -5.33 13.63 59.49
N THR L 49 -4.48 12.96 58.73
CA THR L 49 -3.38 13.64 58.07
C THR L 49 -3.29 13.23 56.63
N LEU L 50 -3.48 14.20 55.75
CA LEU L 50 -3.47 13.96 54.30
C LEU L 50 -2.20 14.35 53.65
N GLY L 51 -1.88 13.61 52.60
CA GLY L 51 -0.78 13.89 51.74
C GLY L 51 -1.17 13.39 50.37
N PHE L 52 -1.17 14.29 49.40
CA PHE L 52 -1.48 13.92 48.03
C PHE L 52 -0.22 13.60 47.27
N PHE L 53 -0.40 12.72 46.28
CA PHE L 53 0.64 12.29 45.38
C PHE L 53 0.06 12.28 43.99
N LEU L 54 0.22 13.41 43.32
CA LEU L 54 -0.27 13.55 41.96
C LEU L 54 0.42 12.56 41.03
N GLN L 55 -0.33 12.19 39.99
CA GLN L 55 0.07 11.15 39.08
C GLN L 55 -0.16 11.47 37.60
N ASP L 56 -1.31 11.94 37.17
CA ASP L 56 -1.49 12.34 35.74
C ASP L 56 -2.62 13.31 35.87
N ILE L 57 -2.60 14.35 35.06
CA ILE L 57 -3.80 15.05 34.73
C ILE L 57 -4.18 14.39 33.42
N VAL L 58 -5.26 13.62 33.48
CA VAL L 58 -5.58 12.72 32.40
C VAL L 58 -6.28 13.49 31.33
N LYS L 59 -7.31 14.22 31.73
CA LYS L 59 -8.16 14.91 30.83
C LYS L 59 -8.68 16.25 31.29
N VAL L 60 -8.95 17.10 30.34
CA VAL L 60 -9.50 18.43 30.56
C VAL L 60 -10.66 18.54 29.60
N ASP L 61 -11.78 19.12 30.03
CA ASP L 61 -12.92 19.28 29.16
C ASP L 61 -13.47 20.66 29.37
N SER L 62 -13.24 21.49 28.36
CA SER L 62 -13.64 22.89 28.34
C SER L 62 -15.09 23.12 27.97
N SER L 63 -15.83 22.11 27.50
CA SER L 63 -17.32 22.22 27.43
C SER L 63 -18.01 22.32 28.78
N THR L 64 -17.43 21.71 29.82
CA THR L 64 -18.12 21.45 31.09
C THR L 64 -17.43 22.03 32.36
N ASN L 65 -16.13 22.23 32.16
CA ASN L 65 -15.19 22.73 33.14
C ASN L 65 -15.08 21.64 34.19
N GLU L 66 -14.63 20.51 33.67
CA GLU L 66 -14.46 19.26 34.39
C GLU L 66 -13.01 18.90 34.07
N VAL L 67 -12.26 18.58 35.09
CA VAL L 67 -10.92 18.03 34.90
C VAL L 67 -10.74 16.73 35.66
N ASP L 68 -10.05 15.80 35.03
CA ASP L 68 -9.84 14.47 35.56
C ASP L 68 -8.39 14.31 35.97
N LEU L 69 -8.22 13.86 37.17
CA LEU L 69 -6.98 13.91 37.85
C LEU L 69 -6.78 12.55 38.51
N VAL L 70 -5.57 12.01 38.52
CA VAL L 70 -5.31 10.72 39.16
C VAL L 70 -4.24 10.84 40.23
N TYR L 71 -4.44 10.21 41.39
CA TYR L 71 -3.52 10.37 42.53
C TYR L 71 -3.67 9.34 43.63
N TYR L 72 -2.63 9.19 44.45
CA TYR L 72 -2.71 8.43 45.72
C TYR L 72 -3.04 9.47 46.73
N GLU L 73 -3.67 9.08 47.83
CA GLU L 73 -4.02 10.02 48.88
C GLU L 73 -3.65 9.31 50.15
N ARG L 74 -2.56 9.69 50.78
CA ARG L 74 -2.15 9.03 52.02
C ARG L 74 -2.87 9.64 53.20
N GLN L 75 -3.64 8.83 53.91
CA GLN L 75 -4.35 9.22 55.12
C GLN L 75 -3.70 8.53 56.29
N ARG L 76 -3.36 9.30 57.32
CA ARG L 76 -2.85 8.72 58.56
C ARG L 76 -3.67 9.24 59.73
N TRP L 77 -4.06 8.34 60.62
CA TRP L 77 -4.71 8.71 61.91
C TRP L 77 -4.28 7.72 62.96
N LYS L 78 -4.66 7.96 64.22
CA LYS L 78 -4.26 7.07 65.32
C LYS L 78 -5.36 6.82 66.34
N LEU L 79 -5.53 5.56 66.69
CA LEU L 79 -6.60 5.14 67.61
C LEU L 79 -6.06 4.29 68.72
N ASN L 80 -6.58 4.51 69.93
CA ASN L 80 -6.18 3.68 71.03
C ASN L 80 -6.83 2.34 70.99
N SER L 81 -8.05 2.22 70.48
CA SER L 81 -8.62 0.88 70.34
C SER L 81 -7.77 -0.07 69.43
N LEU L 82 -6.67 0.41 68.86
CA LEU L 82 -5.82 -0.39 67.99
C LEU L 82 -4.39 -0.56 68.49
N MET L 83 -4.14 -0.20 69.75
CA MET L 83 -2.84 -0.43 70.38
C MET L 83 -2.70 -1.90 70.74
N TRP L 84 -1.47 -2.39 70.76
CA TRP L 84 -1.14 -3.68 71.36
C TRP L 84 0.35 -3.69 71.72
N ASP L 85 0.71 -4.67 72.55
CA ASP L 85 2.10 -4.86 72.99
C ASP L 85 2.79 -5.89 72.06
N PRO L 86 3.79 -5.47 71.25
CA PRO L 86 4.49 -6.45 70.37
C PRO L 86 4.88 -7.77 71.07
N ASN L 87 5.31 -7.66 72.33
CA ASN L 87 5.72 -8.80 73.15
C ASN L 87 4.64 -9.86 73.42
N GLU L 88 3.40 -9.47 73.62
CA GLU L 88 2.34 -10.47 73.79
C GLU L 88 1.90 -11.18 72.49
N TYR L 89 2.44 -10.76 71.34
CA TYR L 89 1.93 -11.17 70.05
C TYR L 89 3.07 -11.42 69.06
N GLY L 90 4.10 -12.12 69.51
CA GLY L 90 5.18 -12.52 68.63
C GLY L 90 6.05 -11.40 68.09
N ASN L 91 6.30 -10.35 68.88
CA ASN L 91 7.14 -9.20 68.46
C ASN L 91 6.66 -8.58 67.10
N ILE L 92 5.34 -8.67 66.86
CA ILE L 92 4.66 -8.17 65.64
C ILE L 92 4.41 -6.68 65.86
N THR L 93 5.11 -5.84 65.10
CA THR L 93 4.99 -4.40 65.24
C THR L 93 3.87 -3.80 64.39
N ASP L 94 3.56 -4.41 63.23
CA ASP L 94 2.49 -3.90 62.36
C ASP L 94 1.89 -4.94 61.41
N PHE L 95 0.59 -4.82 61.12
CA PHE L 95 -0.07 -5.68 60.14
C PHE L 95 -0.92 -4.95 59.08
N ARG L 96 -1.28 -5.72 58.04
CA ARG L 96 -2.18 -5.30 56.95
C ARG L 96 -3.62 -5.81 57.15
N THR L 97 -4.60 -5.02 56.72
CA THR L 97 -5.97 -5.48 56.83
C THR L 97 -6.86 -4.73 55.85
N SER L 98 -7.91 -5.41 55.46
CA SER L 98 -8.93 -4.88 54.61
C SER L 98 -9.46 -3.65 55.31
N ALA L 99 -9.69 -2.58 54.56
CA ALA L 99 -10.16 -1.35 55.14
C ALA L 99 -11.59 -1.42 55.64
N ALA L 100 -12.29 -2.50 55.30
CA ALA L 100 -13.59 -2.80 55.88
C ALA L 100 -13.50 -3.27 57.32
N ASP L 101 -12.43 -3.97 57.70
CA ASP L 101 -12.25 -4.38 59.09
C ASP L 101 -12.18 -3.23 60.09
N ILE L 102 -11.93 -2.00 59.60
CA ILE L 102 -11.75 -0.82 60.50
C ILE L 102 -12.44 0.46 60.07
N TRP L 103 -12.61 1.36 61.02
CA TRP L 103 -13.11 2.70 60.71
C TRP L 103 -12.06 3.42 59.89
N THR L 104 -12.53 4.05 58.81
CA THR L 104 -11.73 5.01 58.04
C THR L 104 -12.46 6.35 57.98
N PRO L 105 -11.72 7.45 57.80
CA PRO L 105 -12.37 8.74 57.73
C PRO L 105 -13.01 8.94 56.39
N ASP L 106 -14.02 9.80 56.38
CA ASP L 106 -14.89 10.08 55.21
C ASP L 106 -14.42 11.29 54.39
N ILE L 107 -13.15 11.26 53.99
CA ILE L 107 -12.55 12.43 53.38
C ILE L 107 -12.97 12.44 51.93
N THR L 108 -13.44 13.59 51.45
CA THR L 108 -14.20 13.68 50.24
C THR L 108 -13.90 14.93 49.46
N ALA L 109 -13.82 14.84 48.14
CA ALA L 109 -13.62 16.05 47.35
C ALA L 109 -14.93 16.85 47.28
N ALA L 110 -14.91 18.08 47.78
CA ALA L 110 -16.14 18.88 47.83
C ALA L 110 -16.68 19.35 46.48
N SER L 111 -15.82 19.51 45.50
CA SER L 111 -16.21 19.97 44.18
C SER L 111 -16.22 18.89 43.10
N SER L 112 -16.42 17.62 43.44
CA SER L 112 -16.41 16.60 42.39
C SER L 112 -17.67 16.64 41.53
N THR L 113 -17.57 16.21 40.29
CA THR L 113 -18.72 16.10 39.38
C THR L 113 -19.19 14.69 39.02
N ARG L 114 -18.41 13.68 39.38
CA ARG L 114 -18.76 12.28 39.15
C ARG L 114 -18.11 11.49 40.27
N PRO L 115 -18.69 10.36 40.57
CA PRO L 115 -18.25 9.67 41.74
C PRO L 115 -16.85 9.19 41.52
N VAL L 116 -16.07 9.28 42.59
CA VAL L 116 -14.66 9.04 42.55
C VAL L 116 -14.41 7.59 42.21
N GLN L 117 -13.53 7.29 41.28
CA GLN L 117 -13.22 5.92 40.96
C GLN L 117 -12.01 5.44 41.72
N VAL L 118 -12.14 4.29 42.36
CA VAL L 118 -11.06 3.72 43.09
C VAL L 118 -10.19 2.83 42.21
N LEU L 119 -8.88 3.05 42.30
CA LEU L 119 -7.91 2.39 41.48
C LEU L 119 -7.05 1.38 42.21
N SER L 120 -7.11 1.30 43.51
CA SER L 120 -6.30 0.37 44.24
C SER L 120 -7.11 -0.52 45.15
N PRO L 121 -6.48 -1.52 45.71
CA PRO L 121 -7.05 -2.26 46.82
C PRO L 121 -7.37 -1.41 48.00
N GLN L 122 -8.39 -1.79 48.70
CA GLN L 122 -8.89 -1.09 49.91
C GLN L 122 -8.20 -1.83 51.08
N ILE L 123 -6.94 -1.47 51.32
CA ILE L 123 -6.21 -2.11 52.40
C ILE L 123 -5.39 -1.12 53.19
N ALA L 124 -5.39 -1.29 54.49
CA ALA L 124 -4.75 -0.38 55.43
C ALA L 124 -3.64 -1.10 56.18
N VAL L 125 -2.84 -0.30 56.87
CA VAL L 125 -1.67 -0.75 57.63
C VAL L 125 -1.77 -0.20 59.04
N VAL L 126 -1.92 -1.11 60.00
CA VAL L 126 -2.09 -0.76 61.40
C VAL L 126 -0.77 -1.05 62.09
N THR L 127 -0.39 -0.22 63.07
CA THR L 127 0.88 -0.35 63.81
C THR L 127 0.63 -0.43 65.33
N HIS L 128 1.45 -1.21 66.04
CA HIS L 128 1.32 -1.51 67.51
C HIS L 128 0.89 -0.34 68.39
N ASP L 129 1.31 0.87 68.01
CA ASP L 129 0.94 2.12 68.69
C ASP L 129 -0.46 2.65 68.40
N GLY L 130 -1.19 1.92 67.54
CA GLY L 130 -2.54 2.26 67.11
C GLY L 130 -2.66 3.19 65.91
N SER L 131 -1.53 3.50 65.26
CA SER L 131 -1.59 4.37 64.10
C SER L 131 -1.92 3.53 62.87
N VAL L 132 -2.60 4.17 61.92
CA VAL L 132 -3.12 3.55 60.73
C VAL L 132 -2.70 4.41 59.55
N MET L 133 -2.40 3.77 58.42
CA MET L 133 -2.02 4.40 57.17
C MET L 133 -2.89 3.73 56.12
N PHE L 134 -3.44 4.53 55.22
CA PHE L 134 -4.36 4.03 54.22
C PHE L 134 -4.22 4.93 53.01
N SER L 135 -3.89 4.41 51.83
CA SER L 135 -3.39 5.21 50.74
C SER L 135 -4.09 4.80 49.46
N PRO L 136 -5.38 5.11 49.35
CA PRO L 136 -6.11 4.78 48.14
C PRO L 136 -5.73 5.62 46.93
N ALA L 137 -5.55 4.93 45.82
CA ALA L 137 -5.47 5.54 44.50
C ALA L 137 -6.85 5.87 43.95
N GLN L 138 -6.97 6.96 43.21
CA GLN L 138 -8.27 7.49 42.82
C GLN L 138 -8.22 8.28 41.52
N ARG L 139 -9.32 8.25 40.78
CA ARG L 139 -9.48 9.12 39.65
C ARG L 139 -10.66 10.01 39.90
N LEU L 140 -10.41 11.30 39.91
CA LEU L 140 -11.39 12.31 40.32
C LEU L 140 -11.75 13.20 39.17
N SER L 141 -13.02 13.53 39.03
CA SER L 141 -13.42 14.59 38.11
C SER L 141 -13.97 15.68 38.93
N PHE L 142 -13.43 16.87 38.79
CA PHE L 142 -13.85 17.98 39.60
C PHE L 142 -13.93 19.22 38.75
N MET L 143 -14.57 20.22 39.36
CA MET L 143 -14.88 21.48 38.72
C MET L 143 -13.65 22.35 38.58
N CYS L 144 -13.44 22.83 37.36
CA CYS L 144 -12.21 23.51 36.97
C CYS L 144 -12.37 24.12 35.60
N ASP L 145 -12.21 25.45 35.52
CA ASP L 145 -12.20 26.16 34.25
C ASP L 145 -10.77 26.11 33.70
N PRO L 146 -10.58 25.36 32.62
CA PRO L 146 -9.24 25.14 32.14
C PRO L 146 -8.78 26.08 31.05
N THR L 147 -9.51 27.16 30.77
CA THR L 147 -9.11 28.02 29.66
C THR L 147 -7.87 28.80 30.11
N GLY L 148 -6.90 28.85 29.20
CA GLY L 148 -5.54 29.31 29.49
C GLY L 148 -4.57 28.17 29.72
N VAL L 149 -4.98 26.94 29.40
CA VAL L 149 -4.14 25.78 29.68
C VAL L 149 -3.08 25.59 28.60
N ASP L 150 -3.37 26.13 27.43
CA ASP L 150 -2.42 26.20 26.29
C ASP L 150 -1.43 27.38 26.40
N SER L 151 -1.82 28.44 27.10
CA SER L 151 -0.90 29.56 27.40
C SER L 151 0.34 29.07 28.17
N GLU L 152 1.39 29.88 28.15
CA GLU L 152 2.63 29.53 28.79
C GLU L 152 2.52 29.70 30.31
N GLU L 153 1.80 30.73 30.75
CA GLU L 153 1.58 30.96 32.20
C GLU L 153 0.75 29.87 32.91
N GLY L 154 -0.06 29.17 32.10
CA GLY L 154 -0.85 28.02 32.54
C GLY L 154 -2.21 28.39 33.07
N VAL L 155 -2.84 27.47 33.78
CA VAL L 155 -4.08 27.73 34.50
C VAL L 155 -4.03 27.02 35.84
N THR L 156 -4.69 27.63 36.82
CA THR L 156 -4.67 27.16 38.18
C THR L 156 -6.02 26.57 38.54
N CYS L 157 -6.01 25.45 39.26
CA CYS L 157 -7.23 24.73 39.69
C CYS L 157 -7.15 24.25 41.10
N ALA L 158 -8.30 24.27 41.76
CA ALA L 158 -8.38 23.92 43.19
C ALA L 158 -9.52 22.96 43.49
N VAL L 159 -9.34 22.21 44.59
CA VAL L 159 -10.40 21.36 45.12
C VAL L 159 -10.17 21.09 46.60
N LYS L 160 -11.16 21.41 47.44
CA LYS L 160 -11.10 21.14 48.88
C LYS L 160 -11.26 19.64 49.11
N PHE L 161 -10.61 19.12 50.14
CA PHE L 161 -10.91 17.78 50.61
C PHE L 161 -11.29 17.87 52.05
N GLU L 162 -12.50 17.45 52.40
CA GLU L 162 -13.03 17.72 53.70
C GLU L 162 -13.65 16.45 54.19
N SER L 163 -13.76 16.31 55.50
CA SER L 163 -14.72 15.34 56.00
C SER L 163 -16.16 15.80 55.64
N TRP L 164 -17.00 14.85 55.24
CA TRP L 164 -18.34 15.15 54.75
C TRP L 164 -19.36 15.37 55.86
N VAL L 165 -19.13 14.80 57.02
CA VAL L 165 -20.12 14.89 58.08
C VAL L 165 -19.58 15.36 59.40
N TYR L 166 -18.28 15.57 59.48
CA TYR L 166 -17.61 15.86 60.72
C TYR L 166 -16.99 17.27 60.64
N SER L 167 -17.16 17.99 61.72
CA SER L 167 -16.68 19.36 61.82
C SER L 167 -15.28 19.37 62.32
N GLY L 168 -14.73 20.58 62.40
CA GLY L 168 -13.51 20.86 63.14
C GLY L 168 -13.55 20.39 64.59
N PHE L 169 -14.72 20.37 65.23
CA PHE L 169 -14.82 19.87 66.60
C PHE L 169 -14.55 18.36 66.72
N GLU L 170 -14.86 17.58 65.69
CA GLU L 170 -14.66 16.14 65.75
C GLU L 170 -13.43 15.62 64.99
N ILE L 171 -13.10 16.22 63.85
CA ILE L 171 -11.94 15.78 63.06
C ILE L 171 -11.16 17.00 62.67
N ASP L 172 -9.86 16.94 62.95
CA ASP L 172 -8.92 17.96 62.51
C ASP L 172 -8.14 17.35 61.35
N LEU L 173 -8.11 18.04 60.23
CA LEU L 173 -7.21 17.67 59.13
C LEU L 173 -5.89 18.38 59.27
N LYS L 174 -4.80 17.76 58.84
CA LYS L 174 -3.55 18.47 58.60
C LYS L 174 -2.79 17.89 57.46
N THR L 175 -2.02 18.71 56.80
CA THR L 175 -1.01 18.22 55.87
C THR L 175 0.25 18.00 56.67
N ASP L 176 1.12 17.13 56.19
CA ASP L 176 2.46 17.02 56.77
C ASP L 176 3.34 18.11 56.20
N THR L 177 2.94 18.66 55.07
CA THR L 177 3.81 19.47 54.26
C THR L 177 2.94 20.21 53.25
N ASP L 178 3.29 21.43 52.90
CA ASP L 178 2.57 22.17 51.87
C ASP L 178 2.83 21.71 50.43
N GLN L 179 3.89 20.94 50.23
CA GLN L 179 4.26 20.49 48.90
C GLN L 179 3.54 19.20 48.58
N VAL L 180 2.90 19.18 47.44
CA VAL L 180 2.26 17.99 46.94
C VAL L 180 3.35 17.23 46.25
N ASP L 181 3.49 15.96 46.59
CA ASP L 181 4.57 15.12 46.08
C ASP L 181 4.31 14.80 44.60
N LEU L 182 5.18 15.34 43.75
CA LEU L 182 5.09 15.06 42.32
C LEU L 182 6.02 13.97 41.84
N SER L 183 6.58 13.18 42.76
CA SER L 183 7.55 12.15 42.36
C SER L 183 6.91 11.04 41.54
N SER L 184 5.61 10.78 41.71
CA SER L 184 4.99 9.70 40.93
C SER L 184 4.40 10.20 39.62
N TYR L 185 4.51 11.51 39.36
CA TYR L 185 3.83 12.15 38.24
C TYR L 185 4.39 11.70 36.91
N TYR L 186 3.51 11.56 35.93
CA TYR L 186 3.84 10.88 34.69
C TYR L 186 4.60 11.83 33.82
N ALA L 187 5.76 11.35 33.39
CA ALA L 187 6.67 12.14 32.57
C ALA L 187 6.00 12.67 31.30
N SER L 188 5.31 11.82 30.56
CA SER L 188 4.74 12.24 29.29
C SER L 188 3.24 12.49 29.40
N SER L 189 2.78 12.95 30.57
CA SER L 189 1.40 13.38 30.70
C SER L 189 1.12 14.44 29.66
N LYS L 190 -0.10 14.50 29.17
CA LYS L 190 -0.44 15.61 28.29
C LYS L 190 -0.29 17.00 28.92
N TYR L 191 -0.12 17.07 30.24
CA TYR L 191 -0.07 18.33 30.98
C TYR L 191 1.08 18.26 31.94
N GLU L 192 1.61 19.44 32.25
CA GLU L 192 2.88 19.61 32.93
C GLU L 192 2.57 20.46 34.16
N ILE L 193 3.08 20.05 35.30
CA ILE L 193 2.66 20.65 36.57
C ILE L 193 3.59 21.78 36.91
N LEU L 194 3.07 22.99 37.05
CA LEU L 194 3.91 24.14 37.43
C LEU L 194 3.94 24.28 38.95
N SER L 195 2.80 24.19 39.61
CA SER L 195 2.76 24.32 41.07
C SER L 195 1.75 23.33 41.63
N ALA L 196 2.03 22.82 42.83
CA ALA L 196 1.12 21.86 43.46
C ALA L 196 1.22 21.95 44.98
N THR L 197 0.16 22.46 45.59
CA THR L 197 0.21 22.85 47.00
C THR L 197 -0.99 22.22 47.74
N GLN L 198 -0.76 21.79 48.98
CA GLN L 198 -1.83 21.22 49.79
C GLN L 198 -1.82 21.96 51.13
N THR L 199 -2.91 22.66 51.41
CA THR L 199 -2.88 23.75 52.37
C THR L 199 -4.05 23.56 53.32
N ARG L 200 -3.81 23.36 54.62
CA ARG L 200 -4.94 23.31 55.58
C ARG L 200 -5.76 24.62 55.54
N GLN L 201 -7.00 24.60 56.03
CA GLN L 201 -7.90 25.78 55.92
C GLN L 201 -9.02 25.63 56.92
N VAL L 202 -9.46 26.74 57.50
CA VAL L 202 -10.66 26.76 58.30
C VAL L 202 -11.69 27.71 57.67
N GLN L 203 -12.99 27.36 57.76
CA GLN L 203 -14.06 28.26 57.40
C GLN L 203 -15.21 27.98 58.30
N HIS L 204 -16.09 28.97 58.43
CA HIS L 204 -17.45 28.77 58.91
C HIS L 204 -18.33 29.00 57.72
N TYR L 205 -19.51 28.44 57.73
CA TYR L 205 -20.42 28.67 56.65
C TYR L 205 -21.71 29.15 57.24
N SER L 206 -22.51 29.83 56.42
CA SER L 206 -23.77 30.38 56.84
C SER L 206 -24.76 29.30 57.25
N CYS L 207 -24.78 28.15 56.56
CA CYS L 207 -25.61 27.01 57.01
C CYS L 207 -25.43 26.62 58.52
N CYS L 208 -24.20 26.65 59.04
CA CYS L 208 -23.80 25.74 60.13
C CYS L 208 -22.90 26.39 61.18
N PRO L 209 -23.24 26.30 62.50
CA PRO L 209 -22.48 26.92 63.62
C PRO L 209 -21.00 26.63 63.74
N GLU L 210 -20.59 25.43 63.38
CA GLU L 210 -19.24 24.91 63.75
C GLU L 210 -18.24 25.32 62.66
N PRO L 211 -16.96 25.18 62.98
CA PRO L 211 -15.90 25.37 62.01
C PRO L 211 -15.66 24.10 61.18
N TYR L 212 -15.37 24.29 59.90
CA TYR L 212 -15.00 23.18 59.09
C TYR L 212 -13.57 23.30 58.62
N ILE L 213 -12.83 22.22 58.78
CA ILE L 213 -11.46 22.16 58.31
C ILE L 213 -11.47 21.49 56.95
N ASP L 214 -10.51 21.88 56.11
CA ASP L 214 -10.33 21.21 54.84
C ASP L 214 -8.93 21.39 54.33
N VAL L 215 -8.53 20.56 53.38
CA VAL L 215 -7.23 20.68 52.80
C VAL L 215 -7.43 21.05 51.37
N ASN L 216 -7.04 22.26 51.02
CA ASN L 216 -7.21 22.73 49.66
C ASN L 216 -6.05 22.24 48.80
N LEU L 217 -6.40 21.55 47.72
CA LEU L 217 -5.43 21.05 46.77
C LEU L 217 -5.46 21.99 45.60
N VAL L 218 -4.29 22.55 45.27
CA VAL L 218 -4.19 23.61 44.25
C VAL L 218 -3.07 23.34 43.26
N VAL L 219 -3.44 23.36 41.99
CA VAL L 219 -2.60 22.82 40.96
C VAL L 219 -2.63 23.77 39.79
N LYS L 220 -1.46 24.37 39.50
CA LYS L 220 -1.25 25.21 38.33
C LYS L 220 -0.59 24.30 37.32
N PHE L 221 -1.07 24.31 36.08
CA PHE L 221 -0.60 23.35 35.09
C PHE L 221 -0.85 23.87 33.69
N ARG L 222 -0.22 23.22 32.69
CA ARG L 222 -0.44 23.56 31.28
C ARG L 222 0.05 22.52 30.29
N GLU L 223 -0.34 22.63 29.00
CA GLU L 223 -0.04 21.57 28.01
C GLU L 223 1.48 21.39 27.82
N ARG L 224 1.94 20.17 27.59
CA ARG L 224 3.37 19.89 27.39
C ARG L 224 3.79 20.46 26.03
N ARG L 225 5.04 20.84 25.83
CA ARG L 225 5.54 21.24 24.50
C ARG L 225 5.77 19.97 23.70
N GLN M 20 -16.48 6.32 73.30
CA GLN M 20 -16.34 5.06 72.55
C GLN M 20 -17.33 4.01 73.00
N ALA M 21 -17.12 3.53 74.23
CA ALA M 21 -18.00 2.49 74.82
C ALA M 21 -19.43 2.96 75.11
N ASN M 22 -19.58 4.26 75.27
CA ASN M 22 -20.88 4.91 75.40
C ASN M 22 -21.70 4.88 74.12
N LEU M 23 -21.14 5.52 73.10
CA LEU M 23 -21.72 5.57 71.76
C LEU M 23 -22.01 4.18 71.18
N MET M 24 -21.12 3.20 71.43
CA MET M 24 -21.37 1.80 71.05
C MET M 24 -22.67 1.28 71.67
N ARG M 25 -22.90 1.56 72.95
CA ARG M 25 -24.14 1.11 73.61
C ARG M 25 -25.35 1.82 73.02
N LEU M 26 -25.27 3.15 72.88
CA LEU M 26 -26.34 3.97 72.29
C LEU M 26 -26.84 3.41 70.96
N LYS M 27 -25.88 3.09 70.09
CA LYS M 27 -26.18 2.53 68.77
C LYS M 27 -26.82 1.15 68.90
N SER M 28 -26.23 0.31 69.74
CA SER M 28 -26.78 -1.01 70.02
C SER M 28 -28.25 -0.99 70.47
N ASP M 29 -28.60 -0.02 71.31
CA ASP M 29 -29.98 0.10 71.85
C ASP M 29 -30.97 0.54 70.78
N LEU M 30 -30.59 1.56 70.01
CA LEU M 30 -31.39 2.05 68.89
C LEU M 30 -31.61 1.02 67.76
N PHE M 31 -30.52 0.45 67.22
CA PHE M 31 -30.62 -0.38 66.00
C PHE M 31 -30.83 -1.88 66.22
N ASN M 32 -30.08 -2.49 67.10
CA ASN M 32 -30.18 -3.96 67.32
C ASN M 32 -31.38 -4.37 68.13
N ARG M 33 -31.89 -3.50 68.99
CA ARG M 33 -32.93 -3.90 69.95
C ARG M 33 -34.25 -3.10 69.85
N SER M 34 -34.61 -2.70 68.61
CA SER M 34 -36.00 -2.53 68.21
C SER M 34 -36.16 -3.35 66.93
N PRO M 35 -37.36 -3.35 66.30
CA PRO M 35 -37.37 -3.55 64.84
C PRO M 35 -37.07 -2.19 64.16
N MET M 36 -36.75 -2.18 62.87
CA MET M 36 -36.46 -0.91 62.15
C MET M 36 -37.78 -0.10 61.97
N TYR M 37 -37.68 1.25 61.96
CA TYR M 37 -38.85 2.09 61.79
C TYR M 37 -39.44 1.82 60.40
N PRO M 38 -40.68 1.33 60.33
CA PRO M 38 -41.18 0.88 59.06
C PRO M 38 -41.82 1.97 58.18
N GLY M 39 -41.52 3.23 58.44
CA GLY M 39 -41.91 4.34 57.57
C GLY M 39 -43.37 4.79 57.80
N PRO M 40 -43.69 6.03 57.43
CA PRO M 40 -44.96 6.68 57.76
C PRO M 40 -46.20 5.99 57.17
N THR M 41 -47.34 6.18 57.83
CA THR M 41 -48.69 5.78 57.39
C THR M 41 -49.58 7.03 57.39
N LYS M 42 -50.83 6.91 56.92
CA LYS M 42 -51.81 8.03 56.97
C LYS M 42 -52.00 8.48 58.41
N ASP M 43 -52.10 7.50 59.29
CA ASP M 43 -52.24 7.67 60.75
C ASP M 43 -51.12 8.47 61.39
N ASP M 44 -49.85 8.10 61.15
CA ASP M 44 -48.71 8.86 61.67
C ASP M 44 -47.91 9.39 60.51
N PRO M 45 -48.42 10.45 59.83
CA PRO M 45 -47.68 10.97 58.70
C PRO M 45 -46.40 11.60 59.21
N LEU M 46 -45.57 12.01 58.26
CA LEU M 46 -44.16 12.37 58.58
C LEU M 46 -43.75 13.54 57.67
N THR M 47 -43.09 14.53 58.26
CA THR M 47 -42.65 15.66 57.55
C THR M 47 -41.14 15.62 57.34
N VAL M 48 -40.78 15.98 56.11
CA VAL M 48 -39.45 15.86 55.57
C VAL M 48 -39.16 17.15 54.89
N THR M 49 -37.91 17.62 55.01
CA THR M 49 -37.65 19.00 54.68
C THR M 49 -36.44 19.11 53.80
N LEU M 50 -36.66 19.60 52.58
CA LEU M 50 -35.61 19.72 51.58
C LEU M 50 -35.06 21.09 51.46
N GLY M 51 -33.77 21.13 51.14
CA GLY M 51 -33.08 22.33 50.81
C GLY M 51 -32.01 21.97 49.81
N PHE M 52 -32.07 22.59 48.65
CA PHE M 52 -31.06 22.35 47.63
C PHE M 52 -29.95 23.36 47.74
N PHE M 53 -28.77 22.92 47.30
CA PHE M 53 -27.56 23.72 47.27
C PHE M 53 -26.88 23.46 45.95
N LEU M 54 -27.25 24.27 44.96
CA LEU M 54 -26.66 24.17 43.66
C LEU M 54 -25.15 24.39 43.70
N GLN M 55 -24.50 23.72 42.74
CA GLN M 55 -23.07 23.65 42.68
C GLN M 55 -22.47 23.88 41.27
N ASP M 56 -22.94 23.23 40.22
CA ASP M 56 -22.41 23.51 38.87
C ASP M 56 -23.57 23.05 38.03
N ILE M 57 -23.81 23.75 36.94
CA ILE M 57 -24.52 23.16 35.83
C ILE M 57 -23.37 22.70 34.97
N VAL M 58 -23.23 21.38 34.90
CA VAL M 58 -22.01 20.83 34.33
C VAL M 58 -22.15 20.82 32.84
N LYS M 59 -23.26 20.26 32.39
CA LYS M 59 -23.46 20.10 30.98
C LYS M 59 -24.90 20.27 30.53
N VAL M 60 -25.03 20.60 29.27
CA VAL M 60 -26.30 20.78 28.58
C VAL M 60 -26.14 19.98 27.30
N ASP M 61 -27.19 19.28 26.87
CA ASP M 61 -27.15 18.54 25.63
C ASP M 61 -28.45 18.78 24.91
N SER M 62 -28.33 19.57 23.85
CA SER M 62 -29.45 19.98 23.02
C SER M 62 -29.87 18.94 21.98
N SER M 63 -29.10 17.87 21.76
CA SER M 63 -29.65 16.70 21.02
C SER M 63 -30.78 15.95 21.70
N THR M 64 -30.79 15.96 23.04
CA THR M 64 -31.63 15.05 23.84
C THR M 64 -32.60 15.75 24.83
N ASN M 65 -32.18 16.96 25.16
CA ASN M 65 -32.82 17.86 26.09
C ASN M 65 -32.66 17.21 27.45
N GLU M 66 -31.38 17.07 27.78
CA GLU M 66 -30.87 16.46 28.99
C GLU M 66 -29.93 17.53 29.54
N VAL M 67 -30.08 17.84 30.80
CA VAL M 67 -29.14 18.71 31.49
C VAL M 67 -28.62 18.08 32.77
N ASP M 68 -27.33 18.26 33.00
CA ASP M 68 -26.65 17.66 34.13
C ASP M 68 -26.29 18.72 35.13
N LEU M 69 -26.67 18.45 36.35
CA LEU M 69 -26.68 19.41 37.39
C LEU M 69 -26.06 18.77 38.62
N VAL M 70 -25.26 19.49 39.39
CA VAL M 70 -24.63 18.93 40.57
C VAL M 70 -25.00 19.71 41.81
N TYR M 71 -25.31 19.03 42.92
CA TYR M 71 -25.81 19.70 44.13
C TYR M 71 -25.79 18.86 45.38
N TYR M 72 -25.84 19.51 46.55
CA TYR M 72 -26.11 18.85 47.84
C TYR M 72 -27.58 18.94 47.99
N GLU M 73 -28.18 18.03 48.74
CA GLU M 73 -29.63 18.05 48.96
C GLU M 73 -29.76 17.78 50.43
N ARG M 74 -30.06 18.80 51.22
CA ARG M 74 -30.20 18.58 52.65
C ARG M 74 -31.61 18.10 52.97
N GLN M 75 -31.71 16.90 53.55
CA GLN M 75 -32.98 16.32 53.97
C GLN M 75 -32.98 16.29 55.47
N ARG M 76 -34.05 16.83 56.08
CA ARG M 76 -34.20 16.72 57.53
C ARG M 76 -35.56 16.12 57.84
N TRP M 77 -35.57 15.16 58.77
CA TRP M 77 -36.87 14.63 59.31
C TRP M 77 -36.58 14.31 60.79
N LYS M 78 -37.64 13.91 61.51
CA LYS M 78 -37.52 13.57 62.93
C LYS M 78 -38.34 12.38 63.35
N LEU M 79 -37.71 11.47 64.09
CA LEU M 79 -38.36 10.23 64.50
C LEU M 79 -38.26 10.04 65.99
N ASN M 80 -39.34 9.57 66.62
CA ASN M 80 -39.24 9.25 68.02
C ASN M 80 -38.50 7.98 68.30
N SER M 81 -38.55 7.02 67.43
CA SER M 81 -37.72 5.82 67.63
C SER M 81 -36.19 6.12 67.74
N LEU M 82 -35.80 7.38 67.53
CA LEU M 82 -34.40 7.79 67.60
C LEU M 82 -34.06 8.80 68.70
N MET M 83 -34.98 9.00 69.63
CA MET M 83 -34.73 9.82 70.80
C MET M 83 -33.87 9.07 71.79
N TRP M 84 -33.10 9.81 72.57
CA TRP M 84 -32.44 9.26 73.77
C TRP M 84 -32.12 10.42 74.71
N ASP M 85 -31.81 10.04 75.95
CA ASP M 85 -31.44 11.00 77.00
C ASP M 85 -29.91 11.13 77.06
N PRO M 86 -29.34 12.33 76.69
CA PRO M 86 -27.87 12.47 76.75
C PRO M 86 -27.22 11.94 78.06
N ASN M 87 -27.92 12.14 79.17
CA ASN M 87 -27.48 11.73 80.50
C ASN M 87 -27.29 10.22 80.68
N GLU M 88 -28.14 9.39 80.11
CA GLU M 88 -27.92 7.93 80.21
C GLU M 88 -26.80 7.38 79.31
N TYR M 89 -26.20 8.23 78.48
CA TYR M 89 -25.29 7.80 77.43
C TYR M 89 -24.11 8.75 77.29
N GLY M 90 -23.51 9.13 78.41
CA GLY M 90 -22.30 9.92 78.37
C GLY M 90 -22.44 11.34 77.86
N ASN M 91 -23.57 12.00 78.13
CA ASN M 91 -23.81 13.40 77.68
C ASN M 91 -23.59 13.56 76.14
N ILE M 92 -23.85 12.48 75.40
CA ILE M 92 -23.71 12.41 73.93
C ILE M 92 -24.98 13.01 73.31
N THR M 93 -24.83 14.16 72.68
CA THR M 93 -25.99 14.85 72.09
C THR M 93 -26.32 14.39 70.66
N ASP M 94 -25.30 13.99 69.90
CA ASP M 94 -25.51 13.55 68.48
C ASP M 94 -24.42 12.62 67.93
N PHE M 95 -24.81 11.68 67.09
CA PHE M 95 -23.85 10.82 66.39
C PHE M 95 -24.04 10.69 64.87
N ARG M 96 -22.99 10.14 64.23
CA ARG M 96 -22.97 9.80 62.79
C ARG M 96 -23.24 8.33 62.52
N THR M 97 -23.91 8.03 61.42
CA THR M 97 -24.10 6.65 61.05
C THR M 97 -24.36 6.51 59.55
N SER M 98 -23.98 5.35 59.04
CA SER M 98 -24.23 4.97 57.70
C SER M 98 -25.71 5.06 57.47
N ALA M 99 -26.10 5.61 56.33
CA ALA M 99 -27.50 5.80 56.03
C ALA M 99 -28.26 4.49 55.81
N ALA M 100 -27.51 3.38 55.67
CA ALA M 100 -28.11 2.06 55.65
C ALA M 100 -28.61 1.63 57.02
N ASP M 101 -27.95 2.03 58.10
CA ASP M 101 -28.40 1.70 59.45
C ASP M 101 -29.81 2.25 59.78
N ILE M 102 -30.32 3.20 58.99
CA ILE M 102 -31.61 3.88 59.26
C ILE M 102 -32.57 4.05 58.10
N TRP M 103 -33.85 4.27 58.41
CA TRP M 103 -34.82 4.63 57.41
C TRP M 103 -34.48 6.00 56.88
N THR M 104 -34.48 6.14 55.56
CA THR M 104 -34.40 7.44 54.88
C THR M 104 -35.59 7.57 53.93
N PRO M 105 -35.99 8.80 53.65
CA PRO M 105 -37.12 8.99 52.74
C PRO M 105 -36.69 8.79 51.32
N ASP M 106 -37.63 8.42 50.47
CA ASP M 106 -37.39 7.98 49.07
C ASP M 106 -37.59 9.14 48.07
N ILE M 107 -36.88 10.22 48.31
CA ILE M 107 -37.10 11.44 47.56
C ILE M 107 -36.38 11.30 46.27
N THR M 108 -37.06 11.61 45.17
CA THR M 108 -36.65 11.17 43.84
C THR M 108 -36.94 12.25 42.82
N ALA M 109 -36.02 12.49 41.89
CA ALA M 109 -36.32 13.41 40.81
C ALA M 109 -37.28 12.75 39.80
N ALA M 110 -38.46 13.35 39.63
CA ALA M 110 -39.48 12.76 38.76
C ALA M 110 -39.16 12.78 37.26
N SER M 111 -38.37 13.75 36.82
CA SER M 111 -38.01 13.85 35.40
C SER M 111 -36.58 13.44 35.09
N SER M 112 -35.97 12.54 35.84
CA SER M 112 -34.56 12.19 35.55
C SER M 112 -34.48 11.30 34.32
N THR M 113 -33.36 11.35 33.62
CA THR M 113 -33.07 10.45 32.49
C THR M 113 -32.02 9.38 32.70
N ARG M 114 -31.27 9.46 33.79
CA ARG M 114 -30.23 8.50 34.13
C ARG M 114 -30.17 8.42 35.63
N PRO M 115 -29.74 7.27 36.12
CA PRO M 115 -29.79 7.09 37.52
C PRO M 115 -28.87 8.04 38.20
N VAL M 116 -29.31 8.55 39.31
CA VAL M 116 -28.62 9.64 39.99
C VAL M 116 -27.28 9.15 40.47
N GLN M 117 -26.22 9.90 40.24
CA GLN M 117 -24.92 9.52 40.73
C GLN M 117 -24.62 10.16 42.04
N VAL M 118 -24.17 9.34 42.97
CA VAL M 118 -23.86 9.81 44.30
C VAL M 118 -22.40 10.24 44.37
N LEU M 119 -22.19 11.44 44.91
CA LEU M 119 -20.88 12.03 45.01
C LEU M 119 -20.33 12.12 46.39
N SER M 120 -21.09 11.80 47.41
CA SER M 120 -20.58 11.85 48.77
C SER M 120 -20.80 10.54 49.48
N PRO M 121 -20.22 10.41 50.66
CA PRO M 121 -20.57 9.33 51.55
C PRO M 121 -22.02 9.34 51.93
N GLN M 122 -22.57 8.13 52.09
CA GLN M 122 -23.92 7.91 52.49
C GLN M 122 -24.01 7.86 53.99
N ILE M 123 -23.95 9.00 54.63
CA ILE M 123 -23.88 9.07 56.09
C ILE M 123 -24.78 10.17 56.62
N ALA M 124 -25.48 9.83 57.70
CA ALA M 124 -26.46 10.73 58.31
C ALA M 124 -26.02 11.09 59.70
N VAL M 125 -26.70 12.09 60.25
CA VAL M 125 -26.39 12.67 61.56
C VAL M 125 -27.67 12.68 62.39
N VAL M 126 -27.67 11.88 63.46
CA VAL M 126 -28.82 11.71 64.32
C VAL M 126 -28.56 12.50 65.58
N THR M 127 -29.60 13.13 66.14
CA THR M 127 -29.49 13.98 67.34
C THR M 127 -30.45 13.48 68.44
N HIS M 128 -30.03 13.61 69.72
CA HIS M 128 -30.76 13.09 70.92
C HIS M 128 -32.28 13.26 70.91
N ASP M 129 -32.75 14.33 70.27
CA ASP M 129 -34.18 14.60 70.09
C ASP M 129 -34.87 13.79 68.98
N GLY M 130 -34.11 12.93 68.32
CA GLY M 130 -34.57 12.08 67.22
C GLY M 130 -34.55 12.69 65.84
N SER M 131 -33.97 13.90 65.70
CA SER M 131 -33.93 14.51 64.37
C SER M 131 -32.70 13.99 63.64
N VAL M 132 -32.84 13.92 62.32
CA VAL M 132 -31.85 13.35 61.43
C VAL M 132 -31.60 14.37 60.32
N MET M 133 -30.35 14.45 59.88
CA MET M 133 -29.94 15.31 58.79
C MET M 133 -29.13 14.43 57.90
N PHE M 134 -29.37 14.54 56.59
CA PHE M 134 -28.70 13.68 55.62
C PHE M 134 -28.56 14.50 54.35
N SER M 135 -27.34 14.68 53.87
CA SER M 135 -27.09 15.73 52.85
C SER M 135 -26.22 15.15 51.76
N PRO M 136 -26.80 14.27 50.95
CA PRO M 136 -26.05 13.68 49.87
C PRO M 136 -25.80 14.65 48.71
N ALA M 137 -24.55 14.62 48.24
CA ALA M 137 -24.18 15.24 46.99
C ALA M 137 -24.55 14.33 45.81
N GLN M 138 -24.92 14.92 44.69
CA GLN M 138 -25.55 14.18 43.60
C GLN M 138 -25.29 14.85 42.24
N ARG M 139 -25.21 14.03 41.20
CA ARG M 139 -25.18 14.52 39.86
C ARG M 139 -26.39 13.95 39.14
N LEU M 140 -27.26 14.85 38.67
CA LEU M 140 -28.53 14.49 38.13
C LEU M 140 -28.60 14.84 36.67
N SER M 141 -29.18 13.96 35.86
CA SER M 141 -29.49 14.32 34.48
C SER M 141 -30.95 14.29 34.37
N PHE M 142 -31.54 15.38 33.93
CA PHE M 142 -32.97 15.49 33.85
C PHE M 142 -33.36 16.20 32.59
N MET M 143 -34.65 16.10 32.31
CA MET M 143 -35.27 16.59 31.09
C MET M 143 -35.39 18.10 31.12
N CYS M 144 -34.90 18.72 30.05
CA CYS M 144 -34.75 20.18 29.96
C CYS M 144 -34.40 20.58 28.56
N ASP M 145 -35.24 21.40 27.96
CA ASP M 145 -34.97 22.00 26.64
C ASP M 145 -34.13 23.25 26.87
N PRO M 146 -32.88 23.21 26.47
CA PRO M 146 -31.98 24.31 26.80
C PRO M 146 -31.84 25.36 25.72
N THR M 147 -32.69 25.37 24.70
CA THR M 147 -32.50 26.34 23.61
C THR M 147 -32.88 27.72 24.14
N GLY M 148 -32.01 28.68 23.83
CA GLY M 148 -32.05 30.02 24.42
C GLY M 148 -31.05 30.19 25.55
N VAL M 149 -30.12 29.24 25.70
CA VAL M 149 -29.18 29.28 26.81
C VAL M 149 -28.02 30.23 26.54
N ASP M 150 -27.77 30.44 25.24
CA ASP M 150 -26.80 31.43 24.75
C ASP M 150 -27.36 32.87 24.71
N SER M 151 -28.68 33.01 24.59
CA SER M 151 -29.33 34.33 24.71
C SER M 151 -29.04 35.00 26.06
N GLU M 152 -29.24 36.29 26.13
CA GLU M 152 -28.94 37.05 27.33
C GLU M 152 -30.05 36.82 28.37
N GLU M 153 -31.30 36.72 27.94
CA GLU M 153 -32.43 36.44 28.86
C GLU M 153 -32.38 35.05 29.53
N GLY M 154 -31.67 34.12 28.88
CA GLY M 154 -31.41 32.79 29.41
C GLY M 154 -32.46 31.77 29.06
N VAL M 155 -32.45 30.64 29.77
CA VAL M 155 -33.50 29.63 29.65
C VAL M 155 -33.81 29.10 31.04
N THR M 156 -35.05 28.68 31.23
CA THR M 156 -35.54 28.23 32.52
C THR M 156 -35.77 26.74 32.47
N CYS M 157 -35.38 26.03 33.54
CA CYS M 157 -35.55 24.57 33.69
C CYS M 157 -36.05 24.16 35.04
N ALA M 158 -36.86 23.11 35.05
CA ALA M 158 -37.51 22.63 36.25
C ALA M 158 -37.43 21.11 36.43
N VAL M 159 -37.50 20.69 37.69
CA VAL M 159 -37.55 19.27 38.03
C VAL M 159 -38.20 19.09 39.40
N LYS M 160 -39.30 18.31 39.46
CA LYS M 160 -39.95 17.99 40.72
C LYS M 160 -39.11 17.02 41.51
N PHE M 161 -39.15 17.12 42.83
CA PHE M 161 -38.62 16.08 43.69
C PHE M 161 -39.72 15.60 44.57
N GLU M 162 -40.04 14.33 44.52
CA GLU M 162 -41.23 13.81 45.17
C GLU M 162 -40.85 12.55 45.87
N SER M 163 -41.57 12.19 46.90
CA SER M 163 -41.54 10.79 47.29
C SER M 163 -42.11 9.89 46.18
N TRP M 164 -41.50 8.74 45.98
CA TRP M 164 -41.88 7.82 44.88
C TRP M 164 -43.08 6.96 45.21
N VAL M 165 -43.31 6.69 46.47
CA VAL M 165 -44.37 5.74 46.83
C VAL M 165 -45.34 6.25 47.87
N TYR M 166 -45.07 7.44 48.37
CA TYR M 166 -45.81 7.99 49.47
C TYR M 166 -46.53 9.26 48.99
N SER M 167 -47.77 9.37 49.40
CA SER M 167 -48.64 10.46 49.02
C SER M 167 -48.48 11.60 50.02
N GLY M 168 -49.20 12.67 49.73
CA GLY M 168 -49.43 13.72 50.69
C GLY M 168 -50.01 13.23 52.02
N PHE M 169 -50.80 12.14 52.02
CA PHE M 169 -51.33 11.61 53.25
C PHE M 169 -50.25 11.02 54.19
N GLU M 170 -49.16 10.49 53.63
CA GLU M 170 -48.11 9.88 54.42
C GLU M 170 -46.85 10.73 54.62
N ILE M 171 -46.44 11.49 53.59
CA ILE M 171 -45.24 12.32 53.70
C ILE M 171 -45.59 13.69 53.21
N ASP M 172 -45.23 14.67 54.04
CA ASP M 172 -45.37 16.06 53.65
C ASP M 172 -43.96 16.55 53.39
N LEU M 173 -43.74 17.13 52.19
CA LEU M 173 -42.49 17.82 51.91
C LEU M 173 -42.63 19.28 52.27
N LYS M 174 -41.55 19.92 52.70
CA LYS M 174 -41.52 21.38 52.76
C LYS M 174 -40.12 21.86 52.50
N THR M 175 -40.04 23.04 51.93
CA THR M 175 -38.80 23.77 51.87
C THR M 175 -38.72 24.60 53.13
N ASP M 176 -37.51 24.96 53.55
CA ASP M 176 -37.35 25.92 54.64
C ASP M 176 -37.49 27.32 54.08
N THR M 177 -37.33 27.46 52.77
CA THR M 177 -37.13 28.74 52.14
C THR M 177 -37.31 28.55 50.64
N ASP M 178 -37.85 29.54 49.95
CA ASP M 178 -37.97 29.47 48.49
C ASP M 178 -36.67 29.67 47.73
N GLN M 179 -35.64 30.20 48.39
CA GLN M 179 -34.36 30.46 47.73
C GLN M 179 -33.50 29.22 47.78
N VAL M 180 -33.00 28.86 46.62
CA VAL M 180 -32.06 27.78 46.50
C VAL M 180 -30.73 28.41 46.80
N ASP M 181 -29.97 27.80 47.71
CA ASP M 181 -28.72 28.35 48.17
C ASP M 181 -27.64 28.21 47.08
N LEU M 182 -27.23 29.36 46.54
CA LEU M 182 -26.19 29.39 45.54
C LEU M 182 -24.82 29.69 46.09
N SER M 183 -24.64 29.63 47.41
CA SER M 183 -23.34 29.95 48.00
C SER M 183 -22.24 28.96 47.62
N SER M 184 -22.58 27.73 47.30
CA SER M 184 -21.54 26.76 46.93
C SER M 184 -21.28 26.73 45.42
N TYR M 185 -22.03 27.54 44.67
CA TYR M 185 -22.02 27.47 43.21
C TYR M 185 -20.69 27.91 42.62
N TYR M 186 -20.28 27.26 41.55
CA TYR M 186 -18.92 27.38 41.06
C TYR M 186 -18.82 28.65 40.27
N ALA M 187 -17.84 29.45 40.65
CA ALA M 187 -17.60 30.74 40.04
C ALA M 187 -17.44 30.66 38.53
N SER M 188 -16.59 29.75 38.06
CA SER M 188 -16.31 29.69 36.63
C SER M 188 -17.04 28.55 35.95
N SER M 189 -18.23 28.21 36.45
CA SER M 189 -19.08 27.26 35.75
C SER M 189 -19.30 27.74 34.32
N LYS M 190 -19.45 26.82 33.40
CA LYS M 190 -19.83 27.22 32.03
C LYS M 190 -21.17 27.99 31.96
N TYR M 191 -21.96 27.97 33.03
CA TYR M 191 -23.29 28.56 33.03
C TYR M 191 -23.45 29.34 34.30
N GLU M 192 -24.30 30.36 34.23
CA GLU M 192 -24.41 31.40 35.22
C GLU M 192 -25.87 31.42 35.65
N ILE M 193 -26.11 31.46 36.95
CA ILE M 193 -27.46 31.22 37.47
C ILE M 193 -28.18 32.53 37.61
N LEU M 194 -29.30 32.72 36.93
CA LEU M 194 -30.07 33.96 37.09
C LEU M 194 -31.09 33.81 38.22
N SER M 195 -31.82 32.70 38.25
CA SER M 195 -32.82 32.49 39.29
C SER M 195 -32.79 31.04 39.74
N ALA M 196 -33.08 30.80 41.01
CA ALA M 196 -33.08 29.44 41.54
C ALA M 196 -34.03 29.32 42.72
N THR M 197 -35.13 28.61 42.49
CA THR M 197 -36.26 28.62 43.42
C THR M 197 -36.66 27.16 43.75
N GLN M 198 -37.04 26.94 45.00
CA GLN M 198 -37.49 25.63 45.44
C GLN M 198 -38.84 25.80 46.13
N THR M 199 -39.87 25.22 45.54
CA THR M 199 -41.23 25.69 45.77
C THR M 199 -42.07 24.46 46.08
N ARG M 200 -42.66 24.35 47.28
CA ARG M 200 -43.61 23.23 47.55
C ARG M 200 -44.79 23.25 46.55
N GLN M 201 -45.49 22.15 46.38
CA GLN M 201 -46.56 22.04 45.35
C GLN M 201 -47.46 20.86 45.66
N VAL M 202 -48.74 20.99 45.37
CA VAL M 202 -49.66 19.88 45.43
C VAL M 202 -50.28 19.61 44.06
N GLN M 203 -50.52 18.34 43.72
CA GLN M 203 -51.27 17.98 42.54
C GLN M 203 -51.99 16.72 42.83
N HIS M 204 -53.05 16.47 42.05
CA HIS M 204 -53.65 15.15 41.90
C HIS M 204 -53.33 14.72 40.52
N TYR M 205 -53.34 13.43 40.25
CA TYR M 205 -53.08 12.94 38.93
C TYR M 205 -54.18 12.01 38.58
N SER M 206 -54.37 11.81 37.28
CA SER M 206 -55.44 10.98 36.77
C SER M 206 -55.30 9.52 37.19
N CYS M 207 -54.08 9.00 37.22
CA CYS M 207 -53.86 7.63 37.78
C CYS M 207 -54.49 7.38 39.19
N CYS M 208 -54.44 8.36 40.10
CA CYS M 208 -54.38 8.07 41.54
C CYS M 208 -55.20 9.02 42.40
N PRO M 209 -56.09 8.50 43.29
CA PRO M 209 -56.99 9.30 44.19
C PRO M 209 -56.38 10.37 45.05
N GLU M 210 -55.19 10.13 45.54
CA GLU M 210 -54.64 10.92 46.70
C GLU M 210 -53.88 12.15 46.09
N PRO M 211 -53.57 13.11 46.95
CA PRO M 211 -52.75 14.23 46.60
C PRO M 211 -51.25 13.88 46.72
N TYR M 212 -50.48 14.42 45.77
CA TYR M 212 -49.08 14.26 45.85
C TYR M 212 -48.39 15.59 46.07
N ILE M 213 -47.49 15.61 47.04
CA ILE M 213 -46.69 16.78 47.30
C ILE M 213 -45.36 16.63 46.57
N ASP M 214 -44.80 17.76 46.17
CA ASP M 214 -43.47 17.75 45.57
C ASP M 214 -42.80 19.10 45.74
N VAL M 215 -41.50 19.12 45.56
CA VAL M 215 -40.77 20.35 45.64
C VAL M 215 -40.21 20.60 44.27
N ASN M 216 -40.72 21.64 43.61
CA ASN M 216 -40.26 21.95 42.28
C ASN M 216 -38.99 22.79 42.35
N LEU M 217 -37.95 22.30 41.70
CA LEU M 217 -36.68 23.00 41.62
C LEU M 217 -36.65 23.66 40.26
N VAL M 218 -36.46 24.97 40.25
CA VAL M 218 -36.54 25.77 39.01
C VAL M 218 -35.38 26.72 38.89
N VAL M 219 -34.74 26.65 37.74
CA VAL M 219 -33.45 27.25 37.56
C VAL M 219 -33.43 27.92 36.20
N LYS M 220 -33.29 29.25 36.21
CA LYS M 220 -33.10 30.06 35.02
C LYS M 220 -31.62 30.30 34.95
N PHE M 221 -31.02 30.11 33.78
CA PHE M 221 -29.56 30.16 33.66
C PHE M 221 -29.16 30.43 32.23
N ARG M 222 -27.87 30.75 32.02
CA ARG M 222 -27.33 30.97 30.67
C ARG M 222 -25.80 30.98 30.61
N GLU M 223 -25.23 30.93 29.39
CA GLU M 223 -23.77 30.76 29.24
C GLU M 223 -22.99 31.97 29.83
N ARG M 224 -21.83 31.73 30.38
CA ARG M 224 -21.02 32.75 31.05
C ARG M 224 -20.48 33.72 29.99
N ARG M 225 -20.27 35.02 30.25
CA ARG M 225 -19.20 35.85 29.73
C ARG M 225 -17.82 35.20 29.46
N GLN N 20 -46.94 3.22 64.06
CA GLN N 20 -45.74 2.43 64.21
C GLN N 20 -46.12 1.03 64.61
N ALA N 21 -46.54 0.85 65.86
CA ALA N 21 -46.51 -0.48 66.51
C ALA N 21 -47.52 -1.48 65.90
N ASN N 22 -48.58 -0.94 65.27
CA ASN N 22 -49.50 -1.76 64.51
C ASN N 22 -48.89 -2.37 63.24
N LEU N 23 -48.47 -1.45 62.37
CA LEU N 23 -47.82 -1.80 61.12
C LEU N 23 -46.58 -2.71 61.32
N MET N 24 -45.79 -2.48 62.37
CA MET N 24 -44.67 -3.35 62.75
C MET N 24 -45.15 -4.80 62.96
N ARG N 25 -46.26 -4.97 63.67
CA ARG N 25 -46.79 -6.32 63.90
C ARG N 25 -47.26 -6.96 62.58
N LEU N 26 -48.05 -6.19 61.81
CA LEU N 26 -48.55 -6.63 60.50
C LEU N 26 -47.44 -7.18 59.60
N LYS N 27 -46.36 -6.43 59.50
CA LYS N 27 -45.20 -6.81 58.70
C LYS N 27 -44.54 -8.08 59.25
N SER N 28 -44.35 -8.10 60.57
CA SER N 28 -43.80 -9.28 61.24
C SER N 28 -44.58 -10.58 60.93
N ASP N 29 -45.91 -10.47 60.90
CA ASP N 29 -46.78 -11.64 60.64
C ASP N 29 -46.68 -12.11 59.18
N TYR N 37 -42.96 -16.26 49.80
CA TYR N 37 -43.77 -16.84 48.71
C TYR N 37 -42.86 -17.28 47.59
N PRO N 38 -42.83 -18.58 47.29
CA PRO N 38 -41.79 -19.05 46.35
C PRO N 38 -42.19 -18.95 44.88
N GLY N 39 -43.20 -18.14 44.55
CA GLY N 39 -43.57 -17.89 43.15
C GLY N 39 -44.43 -18.94 42.52
N PRO N 40 -45.17 -18.57 41.47
CA PRO N 40 -46.21 -19.40 40.87
C PRO N 40 -45.73 -20.75 40.32
N THR N 41 -46.66 -21.73 40.33
CA THR N 41 -46.52 -23.05 39.67
C THR N 41 -47.71 -23.18 38.71
N LYS N 42 -47.75 -24.27 37.90
CA LYS N 42 -48.92 -24.55 37.03
C LYS N 42 -50.17 -24.65 37.87
N ASP N 43 -50.03 -25.35 39.00
CA ASP N 43 -51.10 -25.54 40.00
C ASP N 43 -51.70 -24.27 40.54
N ASP N 44 -50.87 -23.34 41.03
CA ASP N 44 -51.36 -22.03 41.51
C ASP N 44 -50.78 -20.93 40.63
N PRO N 45 -51.29 -20.78 39.40
CA PRO N 45 -50.72 -19.78 38.53
C PRO N 45 -51.07 -18.41 39.09
N LEU N 46 -50.54 -17.38 38.46
CA LEU N 46 -50.63 -16.02 38.94
C LEU N 46 -50.79 -15.04 37.80
N THR N 47 -51.67 -14.07 38.01
CA THR N 47 -51.89 -13.04 37.02
C THR N 47 -51.28 -11.74 37.48
N VAL N 48 -50.63 -11.11 36.52
CA VAL N 48 -49.75 -9.96 36.70
C VAL N 48 -50.13 -8.98 35.61
N THR N 49 -50.12 -7.72 35.94
CA THR N 49 -50.80 -6.73 35.15
C THR N 49 -49.93 -5.54 34.90
N LEU N 50 -49.61 -5.31 33.62
CA LEU N 50 -48.74 -4.22 33.20
C LEU N 50 -49.44 -3.04 32.68
N GLY N 51 -48.82 -1.90 32.90
CA GLY N 51 -49.31 -0.62 32.44
C GLY N 51 -48.12 0.24 32.27
N PHE N 52 -47.86 0.69 31.04
CA PHE N 52 -46.73 1.57 30.77
C PHE N 52 -47.17 3.00 30.83
N PHE N 53 -46.21 3.85 31.18
CA PHE N 53 -46.37 5.30 31.27
C PHE N 53 -45.16 5.94 30.67
N LEU N 54 -45.26 6.20 29.38
CA LEU N 54 -44.18 6.83 28.64
C LEU N 54 -43.89 8.22 29.19
N GLN N 55 -42.61 8.59 29.05
CA GLN N 55 -42.08 9.81 29.61
C GLN N 55 -41.19 10.61 28.66
N ASP N 56 -40.22 10.05 27.97
CA ASP N 56 -39.44 10.83 26.97
C ASP N 56 -38.96 9.73 26.09
N ILE N 57 -38.87 10.00 24.80
CA ILE N 57 -37.99 9.25 23.95
C ILE N 57 -36.76 10.14 23.95
N VAL N 58 -35.72 9.64 24.60
CA VAL N 58 -34.60 10.48 24.91
C VAL N 58 -33.71 10.57 23.73
N LYS N 59 -33.36 9.40 23.18
CA LYS N 59 -32.47 9.36 22.08
C LYS N 59 -32.76 8.26 21.09
N VAL N 60 -32.30 8.49 19.88
CA VAL N 60 -32.37 7.59 18.75
C VAL N 60 -30.97 7.49 18.21
N ASP N 61 -30.55 6.30 17.79
CA ASP N 61 -29.21 6.12 17.24
C ASP N 61 -29.35 5.23 16.03
N SER N 62 -29.20 5.88 14.87
CA SER N 62 -29.32 5.23 13.59
C SER N 62 -28.07 4.47 13.13
N SER N 63 -26.92 4.63 13.80
CA SER N 63 -25.81 3.68 13.59
C SER N 63 -26.07 2.23 14.02
N THR N 64 -26.90 2.06 15.03
CA THR N 64 -27.02 0.77 15.77
C THR N 64 -28.44 0.16 15.80
N ASN N 65 -29.39 1.09 15.61
CA ASN N 65 -30.81 0.85 15.64
C ASN N 65 -31.15 0.49 17.08
N GLU N 66 -30.84 1.48 17.91
CA GLU N 66 -31.00 1.46 19.35
C GLU N 66 -31.83 2.72 19.60
N VAL N 67 -32.89 2.56 20.38
CA VAL N 67 -33.61 3.72 20.88
C VAL N 67 -33.76 3.67 22.39
N ASP N 68 -33.62 4.84 23.00
CA ASP N 68 -33.64 4.96 24.43
C ASP N 68 -34.90 5.67 24.86
N LEU N 69 -35.56 5.05 25.80
CA LEU N 69 -36.91 5.35 26.12
C LEU N 69 -36.97 5.40 27.65
N VAL N 70 -37.72 6.33 28.22
CA VAL N 70 -37.85 6.43 29.67
C VAL N 70 -39.31 6.31 30.10
N TYR N 71 -39.60 5.54 31.14
CA TYR N 71 -41.00 5.26 31.54
C TYR N 71 -41.16 4.67 32.92
N TYR N 72 -42.36 4.78 33.47
CA TYR N 72 -42.77 4.04 34.68
C TYR N 72 -43.41 2.81 34.15
N GLU N 73 -43.41 1.74 34.91
CA GLU N 73 -44.02 0.48 34.48
C GLU N 73 -44.78 0.01 35.68
N ARG N 74 -46.09 0.13 35.68
CA ARG N 74 -46.89 -0.32 36.79
C ARG N 74 -47.16 -1.81 36.69
N GLN N 75 -46.70 -2.58 37.68
CA GLN N 75 -46.95 -4.01 37.79
C GLN N 75 -47.89 -4.20 38.96
N ARG N 76 -49.00 -4.92 38.73
CA ARG N 76 -49.90 -5.30 39.78
C ARG N 76 -50.09 -6.83 39.76
N TRP N 77 -50.03 -7.45 40.92
CA TRP N 77 -50.42 -8.84 41.12
C TRP N 77 -51.06 -9.03 42.47
N LYS N 78 -51.59 -10.23 42.71
CA LYS N 78 -52.33 -10.45 43.97
C LYS N 78 -52.06 -11.81 44.57
N LEU N 79 -51.75 -11.80 45.87
CA LEU N 79 -51.38 -13.02 46.58
C LEU N 79 -52.21 -13.19 47.82
N ASN N 80 -52.63 -14.43 48.10
CA ASN N 80 -53.34 -14.66 49.34
C ASN N 80 -52.44 -14.69 50.52
N SER N 81 -51.18 -15.12 50.36
CA SER N 81 -50.26 -15.01 51.49
C SER N 81 -50.06 -13.57 52.02
N LEU N 82 -50.70 -12.58 51.40
CA LEU N 82 -50.56 -11.16 51.78
C LEU N 82 -51.87 -10.50 52.17
N MET N 83 -52.93 -11.30 52.39
CA MET N 83 -54.20 -10.78 52.88
C MET N 83 -54.08 -10.53 54.37
N TRP N 84 -54.87 -9.58 54.86
CA TRP N 84 -55.09 -9.40 56.30
C TRP N 84 -56.39 -8.65 56.51
N ASP N 85 -56.86 -8.71 57.75
CA ASP N 85 -58.10 -8.02 58.17
C ASP N 85 -57.73 -6.64 58.75
N PRO N 86 -58.14 -5.53 58.07
CA PRO N 86 -57.82 -4.19 58.63
C PRO N 86 -58.11 -4.03 60.15
N ASN N 87 -59.20 -4.65 60.59
CA ASN N 87 -59.66 -4.62 61.98
C ASN N 87 -58.68 -5.22 63.00
N GLU N 88 -58.00 -6.31 62.67
CA GLU N 88 -57.00 -6.85 63.62
C GLU N 88 -55.68 -6.06 63.70
N TYR N 89 -55.54 -5.03 62.85
CA TYR N 89 -54.26 -4.36 62.67
C TYR N 89 -54.46 -2.85 62.54
N GLY N 90 -55.26 -2.28 63.40
CA GLY N 90 -55.40 -0.83 63.46
C GLY N 90 -56.09 -0.18 62.26
N ASN N 91 -57.07 -0.87 61.64
CA ASN N 91 -57.78 -0.33 60.47
C ASN N 91 -56.82 0.12 59.33
N ILE N 92 -55.67 -0.56 59.25
CA ILE N 92 -54.58 -0.30 58.27
C ILE N 92 -54.98 -1.05 56.99
N THR N 93 -55.28 -0.29 55.94
CA THR N 93 -55.70 -0.87 54.67
C THR N 93 -54.53 -1.22 53.75
N ASP N 94 -53.42 -0.47 53.82
CA ASP N 94 -52.25 -0.72 52.96
C ASP N 94 -50.91 -0.19 53.48
N PHE N 95 -49.82 -0.89 53.21
CA PHE N 95 -48.46 -0.46 53.56
C PHE N 95 -47.42 -0.53 52.46
N ARG N 96 -46.26 0.10 52.69
CA ARG N 96 -45.08 0.11 51.82
C ARG N 96 -44.00 -0.88 52.25
N THR N 97 -43.22 -1.39 51.30
CA THR N 97 -42.07 -2.20 51.64
C THR N 97 -41.08 -2.25 50.49
N SER N 98 -39.82 -2.43 50.85
CA SER N 98 -38.75 -2.60 49.90
C SER N 98 -39.10 -3.80 49.09
N ALA N 99 -38.88 -3.71 47.78
CA ALA N 99 -39.23 -4.79 46.88
C ALA N 99 -38.36 -6.01 47.06
N ALA N 100 -37.27 -5.88 47.82
CA ALA N 100 -36.49 -7.04 48.22
C ALA N 100 -37.18 -7.89 49.29
N ASP N 101 -37.95 -7.27 50.17
CA ASP N 101 -38.69 -8.02 51.20
C ASP N 101 -39.71 -9.00 50.61
N ILE N 102 -40.07 -8.87 49.32
CA ILE N 102 -41.14 -9.67 48.68
C ILE N 102 -40.81 -10.23 47.30
N TRP N 103 -41.55 -11.27 46.91
CA TRP N 103 -41.49 -11.75 45.55
C TRP N 103 -42.04 -10.70 44.62
N THR N 104 -41.30 -10.43 43.54
CA THR N 104 -41.75 -9.64 42.41
C THR N 104 -41.58 -10.47 41.14
N PRO N 105 -42.40 -10.16 40.11
CA PRO N 105 -42.26 -10.92 38.88
C PRO N 105 -41.07 -10.42 38.09
N ASP N 106 -40.57 -11.30 37.24
CA ASP N 106 -39.32 -11.14 36.47
C ASP N 106 -39.58 -10.58 35.04
N ILE N 107 -40.28 -9.45 34.99
CA ILE N 107 -40.76 -8.96 33.72
C ILE N 107 -39.62 -8.24 33.06
N THR N 108 -39.38 -8.54 31.78
CA THR N 108 -38.14 -8.23 31.13
C THR N 108 -38.35 -7.80 29.70
N ALA N 109 -37.66 -6.77 29.23
CA ALA N 109 -37.77 -6.42 27.82
C ALA N 109 -36.98 -7.42 26.96
N ALA N 110 -37.67 -8.10 26.06
CA ALA N 110 -37.03 -9.16 25.25
C ALA N 110 -36.01 -8.67 24.23
N SER N 111 -36.20 -7.45 23.73
CA SER N 111 -35.29 -6.90 22.72
C SER N 111 -34.37 -5.81 23.24
N SER N 112 -33.99 -5.83 24.52
CA SER N 112 -33.10 -4.74 25.01
C SER N 112 -31.68 -4.95 24.51
N THR N 113 -30.94 -3.86 24.39
CA THR N 113 -29.51 -3.90 24.03
C THR N 113 -28.50 -3.56 25.14
N ARG N 114 -29.00 -3.04 26.27
CA ARG N 114 -28.18 -2.68 27.41
C ARG N 114 -29.03 -2.88 28.64
N PRO N 115 -28.35 -3.19 29.75
CA PRO N 115 -29.11 -3.50 30.90
C PRO N 115 -29.87 -2.29 31.36
N VAL N 116 -31.09 -2.57 31.80
CA VAL N 116 -32.07 -1.53 32.07
C VAL N 116 -31.59 -0.71 33.22
N GLN N 117 -31.63 0.62 33.13
CA GLN N 117 -31.25 1.45 34.24
C GLN N 117 -32.45 1.85 35.06
N VAL N 118 -32.36 1.62 36.37
CA VAL N 118 -33.41 1.92 37.27
C VAL N 118 -33.31 3.34 37.78
N LEU N 119 -34.42 4.07 37.70
CA LEU N 119 -34.47 5.48 38.02
C LEU N 119 -35.24 5.78 39.30
N SER N 120 -35.91 4.81 39.91
CA SER N 120 -36.62 5.07 41.12
C SER N 120 -36.22 4.12 42.23
N PRO N 121 -36.70 4.39 43.42
CA PRO N 121 -36.63 3.42 44.50
C PRO N 121 -37.35 2.16 44.19
N GLN N 122 -36.80 1.08 44.72
CA GLN N 122 -37.36 -0.28 44.56
C GLN N 122 -38.30 -0.50 45.73
N ILE N 123 -39.50 0.05 45.65
CA ILE N 123 -40.47 -0.08 46.73
C ILE N 123 -41.85 -0.37 46.23
N ALA N 124 -42.52 -1.28 46.92
CA ALA N 124 -43.85 -1.76 46.54
C ALA N 124 -44.87 -1.39 47.58
N VAL N 125 -46.12 -1.56 47.21
CA VAL N 125 -47.30 -1.19 47.99
C VAL N 125 -48.23 -2.39 48.09
N VAL N 126 -48.41 -2.90 49.30
CA VAL N 126 -49.25 -4.06 49.57
C VAL N 126 -50.55 -3.56 50.15
N THR N 127 -51.67 -4.20 49.80
CA THR N 127 -53.02 -3.80 50.26
C THR N 127 -53.72 -4.99 50.94
N HIS N 128 -54.54 -4.70 51.97
CA HIS N 128 -55.23 -5.71 52.83
C HIS N 128 -55.80 -6.94 52.12
N ASP N 129 -56.24 -6.73 50.88
CA ASP N 129 -56.76 -7.80 50.01
C ASP N 129 -55.70 -8.69 49.35
N GLY N 130 -54.42 -8.39 49.65
CA GLY N 130 -53.28 -9.14 49.12
C GLY N 130 -52.74 -8.66 47.79
N SER N 131 -53.28 -7.53 47.26
CA SER N 131 -52.78 -7.04 46.01
C SER N 131 -51.54 -6.17 46.28
N VAL N 132 -50.64 -6.17 45.31
CA VAL N 132 -49.36 -5.51 45.33
C VAL N 132 -49.23 -4.67 44.09
N MET N 133 -48.63 -3.51 44.21
CA MET N 133 -48.41 -2.54 43.14
C MET N 133 -46.95 -2.16 43.26
N PHE N 134 -46.28 -2.10 42.14
CA PHE N 134 -44.83 -1.85 42.09
C PHE N 134 -44.55 -1.13 40.79
N SER N 135 -43.99 0.07 40.83
CA SER N 135 -44.03 0.94 39.64
C SER N 135 -42.66 1.55 39.42
N PRO N 136 -41.70 0.72 39.02
CA PRO N 136 -40.36 1.21 38.78
C PRO N 136 -40.23 2.07 37.52
N ALA N 137 -39.54 3.19 37.70
CA ALA N 137 -39.05 4.00 36.60
C ALA N 137 -37.79 3.41 35.98
N GLN N 138 -37.63 3.55 34.67
CA GLN N 138 -36.59 2.85 33.93
C GLN N 138 -36.16 3.58 32.68
N ARG N 139 -34.89 3.41 32.31
CA ARG N 139 -34.41 3.87 31.03
C ARG N 139 -33.93 2.67 30.26
N LEU N 140 -34.55 2.44 29.11
CA LEU N 140 -34.38 1.21 28.35
C LEU N 140 -33.77 1.53 27.01
N SER N 141 -32.82 0.73 26.56
CA SER N 141 -32.38 0.82 25.17
C SER N 141 -32.76 -0.44 24.53
N PHE N 142 -33.47 -0.33 23.44
CA PHE N 142 -33.94 -1.50 22.74
C PHE N 142 -33.81 -1.32 21.25
N MET N 143 -33.96 -2.44 20.58
CA MET N 143 -33.77 -2.57 19.15
C MET N 143 -34.92 -1.92 18.38
N CYS N 144 -34.55 -1.04 17.44
CA CYS N 144 -35.48 -0.17 16.74
C CYS N 144 -34.79 0.52 15.59
N ASP N 145 -35.27 0.29 14.38
CA ASP N 145 -34.80 1.00 13.19
C ASP N 145 -35.57 2.31 13.10
N PRO N 146 -34.88 3.42 13.31
CA PRO N 146 -35.58 4.67 13.40
C PRO N 146 -35.65 5.47 12.11
N THR N 147 -35.29 4.88 10.97
CA THR N 147 -35.26 5.68 9.74
C THR N 147 -36.72 5.91 9.31
N GLY N 148 -36.99 7.16 8.95
CA GLY N 148 -38.35 7.66 8.74
C GLY N 148 -38.86 8.44 9.93
N VAL N 149 -37.99 8.79 10.87
CA VAL N 149 -38.42 9.47 12.08
C VAL N 149 -38.59 10.96 11.86
N ASP N 150 -37.90 11.47 10.84
CA ASP N 150 -38.04 12.85 10.35
C ASP N 150 -39.24 13.03 9.39
N SER N 151 -39.65 11.96 8.72
CA SER N 151 -40.85 11.99 7.86
C SER N 151 -42.12 12.32 8.68
N GLU N 152 -43.15 12.73 7.99
CA GLU N 152 -44.38 13.14 8.60
C GLU N 152 -45.20 11.95 9.13
N GLU N 153 -45.16 10.83 8.42
CA GLU N 153 -45.87 9.60 8.89
C GLU N 153 -45.28 8.99 10.15
N GLY N 154 -43.98 9.27 10.37
CA GLY N 154 -43.23 8.82 11.54
C GLY N 154 -42.59 7.49 11.34
N VAL N 155 -42.18 6.88 12.45
CA VAL N 155 -41.69 5.48 12.45
C VAL N 155 -42.26 4.78 13.67
N THR N 156 -42.48 3.49 13.50
CA THR N 156 -43.11 2.67 14.52
C THR N 156 -42.08 1.74 15.11
N CYS N 157 -42.12 1.58 16.44
CA CYS N 157 -41.18 0.73 17.20
C CYS N 157 -41.87 -0.09 18.26
N ALA N 158 -41.37 -1.31 18.42
CA ALA N 158 -41.98 -2.28 19.32
C ALA N 158 -40.99 -2.97 20.22
N VAL N 159 -41.48 -3.41 21.38
CA VAL N 159 -40.69 -4.21 22.32
C VAL N 159 -41.60 -5.06 23.20
N LYS N 160 -41.43 -6.38 23.18
CA LYS N 160 -42.17 -7.29 24.04
C LYS N 160 -41.70 -7.15 25.47
N PHE N 161 -42.60 -7.32 26.43
CA PHE N 161 -42.19 -7.46 27.82
C PHE N 161 -42.74 -8.75 28.32
N GLU N 162 -41.90 -9.66 28.76
CA GLU N 162 -42.32 -11.01 29.05
C GLU N 162 -41.73 -11.40 30.36
N SER N 163 -42.37 -12.35 31.03
CA SER N 163 -41.61 -13.04 32.07
C SER N 163 -40.47 -13.87 31.41
N TRP N 164 -39.31 -13.89 32.04
CA TRP N 164 -38.12 -14.51 31.46
C TRP N 164 -38.07 -16.01 31.66
N VAL N 165 -38.70 -16.51 32.70
CA VAL N 165 -38.57 -17.94 33.01
C VAL N 165 -39.88 -18.65 33.21
N TYR N 166 -40.97 -17.92 33.15
CA TYR N 166 -42.26 -18.44 33.48
C TYR N 166 -43.15 -18.40 32.25
N SER N 167 -43.87 -19.49 32.05
CA SER N 167 -44.71 -19.66 30.89
C SER N 167 -46.07 -19.10 31.17
N GLY N 168 -46.91 -19.15 30.16
CA GLY N 168 -48.35 -18.95 30.29
C GLY N 168 -48.99 -19.84 31.33
N PHE N 169 -48.47 -21.05 31.55
CA PHE N 169 -49.02 -21.92 32.59
C PHE N 169 -48.82 -21.40 34.01
N GLU N 170 -47.73 -20.66 34.24
CA GLU N 170 -47.45 -20.13 35.58
C GLU N 170 -47.81 -18.64 35.76
N ILE N 171 -47.56 -17.82 34.77
CA ILE N 171 -47.84 -16.37 34.87
C ILE N 171 -48.59 -15.95 33.64
N ASP N 172 -49.71 -15.29 33.87
CA ASP N 172 -50.49 -14.67 32.82
C ASP N 172 -50.25 -13.18 32.92
N LEU N 173 -49.86 -12.56 31.81
CA LEU N 173 -49.80 -11.09 31.72
C LEU N 173 -51.13 -10.56 31.23
N LYS N 174 -51.52 -9.38 31.67
CA LYS N 174 -52.58 -8.62 31.02
C LYS N 174 -52.35 -7.16 31.15
N THR N 175 -52.82 -6.41 30.17
CA THR N 175 -52.90 -4.96 30.28
C THR N 175 -54.24 -4.66 30.91
N ASP N 176 -54.36 -3.51 31.57
CA ASP N 176 -55.67 -3.03 31.99
C ASP N 176 -56.36 -2.36 30.84
N THR N 177 -55.60 -1.95 29.84
CA THR N 177 -56.04 -1.03 28.83
C THR N 177 -55.06 -1.10 27.67
N ASP N 178 -55.54 -0.97 26.44
CA ASP N 178 -54.63 -0.93 25.28
C ASP N 178 -53.89 0.39 25.11
N GLN N 179 -54.34 1.45 25.79
CA GLN N 179 -53.70 2.76 25.67
C GLN N 179 -52.57 2.88 26.65
N VAL N 180 -51.44 3.28 26.13
CA VAL N 180 -50.27 3.56 26.92
C VAL N 180 -50.47 4.97 27.39
N ASP N 181 -50.35 5.20 28.68
CA ASP N 181 -50.62 6.49 29.29
C ASP N 181 -49.52 7.49 28.93
N LEU N 182 -49.89 8.49 28.14
CA LEU N 182 -48.97 9.55 27.75
C LEU N 182 -49.11 10.80 28.61
N SER N 183 -49.80 10.72 29.74
CA SER N 183 -50.01 11.92 30.56
C SER N 183 -48.70 12.43 31.19
N SER N 184 -47.71 11.56 31.41
CA SER N 184 -46.48 12.03 32.01
C SER N 184 -45.44 12.46 30.96
N TYR N 185 -45.79 12.32 29.68
CA TYR N 185 -44.84 12.50 28.59
C TYR N 185 -44.38 13.93 28.45
N TYR N 186 -43.13 14.11 28.10
CA TYR N 186 -42.46 15.39 28.20
C TYR N 186 -42.87 16.21 27.03
N ALA N 187 -43.35 17.41 27.35
CA ALA N 187 -43.83 18.35 26.37
C ALA N 187 -42.81 18.67 25.30
N SER N 188 -41.58 18.99 25.70
CA SER N 188 -40.58 19.40 24.72
C SER N 188 -39.58 18.29 24.43
N SER N 189 -40.04 17.04 24.48
CA SER N 189 -39.22 15.93 24.03
C SER N 189 -38.77 16.20 22.61
N LYS N 190 -37.58 15.73 22.25
CA LYS N 190 -37.20 15.83 20.85
C LYS N 190 -38.13 15.07 19.89
N TYR N 191 -39.01 14.22 20.40
CA TYR N 191 -39.85 13.35 19.61
C TYR N 191 -41.25 13.42 20.17
N GLU N 192 -42.22 13.18 19.27
CA GLU N 192 -43.62 13.45 19.51
C GLU N 192 -44.33 12.13 19.25
N ILE N 193 -45.22 11.76 20.15
CA ILE N 193 -45.77 10.39 20.14
C ILE N 193 -47.06 10.40 19.33
N LEU N 194 -47.13 9.64 18.25
CA LEU N 194 -48.36 9.56 17.46
C LEU N 194 -49.26 8.45 17.96
N SER N 195 -48.71 7.29 18.24
CA SER N 195 -49.53 6.17 18.73
C SER N 195 -48.74 5.43 19.81
N ALA N 196 -49.45 4.90 20.79
CA ALA N 196 -48.81 4.16 21.87
C ALA N 196 -49.74 3.12 22.45
N THR N 197 -49.45 1.86 22.18
CA THR N 197 -50.36 0.77 22.43
C THR N 197 -49.65 -0.34 23.24
N GLN N 198 -50.36 -0.96 24.16
CA GLN N 198 -49.83 -2.06 24.96
C GLN N 198 -50.81 -3.22 24.87
N THR N 199 -50.34 -4.32 24.29
CA THR N 199 -51.26 -5.30 23.73
C THR N 199 -50.82 -6.66 24.21
N ARG N 200 -51.66 -7.40 24.94
CA ARG N 200 -51.31 -8.80 25.31
C ARG N 200 -51.06 -9.66 24.06
N GLN N 201 -50.38 -10.79 24.19
CA GLN N 201 -50.00 -11.64 23.04
C GLN N 201 -49.62 -13.02 23.51
N VAL N 202 -49.96 -14.04 22.74
CA VAL N 202 -49.50 -15.39 23.02
C VAL N 202 -48.67 -15.92 21.86
N GLN N 203 -47.64 -16.70 22.15
CA GLN N 203 -46.89 -17.42 21.13
C GLN N 203 -46.46 -18.72 21.72
N HIS N 204 -46.19 -19.69 20.86
CA HIS N 204 -45.35 -20.86 21.21
C HIS N 204 -44.07 -20.65 20.45
N TYR N 205 -43.02 -21.24 20.97
CA TYR N 205 -41.75 -21.18 20.27
C TYR N 205 -41.28 -22.60 20.13
N SER N 206 -40.47 -22.82 19.11
CA SER N 206 -40.11 -24.16 18.66
C SER N 206 -39.27 -24.88 19.73
N CYS N 207 -38.39 -24.17 20.43
CA CYS N 207 -37.71 -24.70 21.63
C CYS N 207 -38.60 -25.47 22.65
N CYS N 208 -39.81 -25.01 22.92
CA CYS N 208 -40.47 -25.21 24.23
C CYS N 208 -41.97 -25.50 24.11
N PRO N 209 -42.48 -26.57 24.78
CA PRO N 209 -43.91 -27.00 24.75
C PRO N 209 -44.97 -25.98 25.06
N GLU N 210 -44.67 -25.09 26.01
CA GLU N 210 -45.69 -24.27 26.67
C GLU N 210 -45.91 -22.97 25.87
N PRO N 211 -47.00 -22.29 26.18
CA PRO N 211 -47.26 -20.97 25.62
C PRO N 211 -46.59 -19.88 26.41
N TYR N 212 -46.11 -18.88 25.71
CA TYR N 212 -45.54 -17.72 26.38
C TYR N 212 -46.35 -16.49 26.14
N ILE N 213 -46.68 -15.79 27.21
CA ILE N 213 -47.46 -14.57 27.13
C ILE N 213 -46.50 -13.40 27.16
N ASP N 214 -46.88 -12.31 26.51
CA ASP N 214 -46.10 -11.08 26.57
C ASP N 214 -46.96 -9.87 26.28
N VAL N 215 -46.46 -8.71 26.66
CA VAL N 215 -47.17 -7.51 26.39
C VAL N 215 -46.33 -6.71 25.43
N ASN N 216 -46.84 -6.56 24.21
CA ASN N 216 -46.10 -5.83 23.21
C ASN N 216 -46.35 -4.34 23.35
N LEU N 217 -45.27 -3.59 23.50
CA LEU N 217 -45.33 -2.16 23.61
C LEU N 217 -44.96 -1.61 22.24
N VAL N 218 -45.84 -0.80 21.67
CA VAL N 218 -45.69 -0.28 20.32
C VAL N 218 -45.92 1.23 20.26
N VAL N 219 -44.94 1.89 19.66
CA VAL N 219 -44.86 3.31 19.74
C VAL N 219 -44.49 3.84 18.37
N LYS N 220 -45.42 4.60 17.78
CA LYS N 220 -45.21 5.32 16.53
C LYS N 220 -44.87 6.73 16.96
N PHE N 221 -43.83 7.30 16.39
CA PHE N 221 -43.34 8.60 16.85
C PHE N 221 -42.53 9.28 15.76
N ARG N 222 -42.26 10.59 15.96
CA ARG N 222 -41.43 11.34 15.01
C ARG N 222 -40.93 12.68 15.55
N GLU N 223 -39.97 13.32 14.86
CA GLU N 223 -39.31 14.53 15.40
C GLU N 223 -40.32 15.68 15.58
N ARG N 224 -40.13 16.51 16.62
CA ARG N 224 -41.06 17.62 16.91
C ARG N 224 -40.92 18.67 15.76
N GLN O 20 -47.23 -24.07 47.03
CA GLN O 20 -46.47 -23.12 47.92
C GLN O 20 -45.67 -23.94 48.93
N ALA O 21 -46.41 -24.55 49.88
CA ALA O 21 -45.78 -25.25 51.01
C ALA O 21 -45.02 -26.53 50.60
N ASN O 22 -45.39 -27.08 49.46
CA ASN O 22 -44.67 -28.20 48.87
C ASN O 22 -43.29 -27.81 48.34
N LEU O 23 -43.31 -26.90 47.37
CA LEU O 23 -42.12 -26.34 46.77
C LEU O 23 -41.14 -25.75 47.80
N MET O 24 -41.66 -25.10 48.85
CA MET O 24 -40.84 -24.60 49.97
C MET O 24 -40.05 -25.75 50.62
N ARG O 25 -40.70 -26.88 50.85
CA ARG O 25 -40.03 -28.05 51.45
C ARG O 25 -38.95 -28.59 50.50
N LEU O 26 -39.34 -28.80 49.24
CA LEU O 26 -38.43 -29.29 48.18
C LEU O 26 -37.11 -28.51 48.15
N LYS O 27 -37.25 -27.18 48.13
CA LYS O 27 -36.10 -26.28 48.10
C LYS O 27 -35.26 -26.40 49.37
N SER O 28 -35.94 -26.41 50.52
CA SER O 28 -35.28 -26.59 51.81
C SER O 28 -34.42 -27.88 51.87
N ASP O 29 -34.93 -28.97 51.29
CA ASP O 29 -34.22 -30.25 51.31
C ASP O 29 -32.98 -30.23 50.41
N LEU O 30 -33.14 -29.73 49.20
CA LEU O 30 -32.04 -29.57 48.26
C LEU O 30 -30.91 -28.63 48.73
N PHE O 31 -31.27 -27.38 49.08
CA PHE O 31 -30.25 -26.33 49.33
C PHE O 31 -29.75 -26.19 50.76
N ASN O 32 -30.65 -26.19 51.75
CA ASN O 32 -30.23 -25.98 53.14
C ASN O 32 -29.59 -27.16 53.80
N ARG O 33 -29.93 -28.37 53.36
CA ARG O 33 -29.39 -29.57 54.11
C ARG O 33 -28.68 -30.54 53.12
N SER O 34 -27.84 -29.98 52.25
CA SER O 34 -26.58 -30.60 51.80
C SER O 34 -25.48 -29.54 52.05
N PRO O 35 -24.22 -29.88 51.75
CA PRO O 35 -23.30 -28.79 51.37
C PRO O 35 -23.49 -28.49 49.85
N MET O 36 -22.99 -27.35 49.37
CA MET O 36 -23.20 -26.95 47.97
C MET O 36 -22.40 -27.85 47.01
N TYR O 37 -22.92 -28.07 45.79
CA TYR O 37 -22.21 -28.96 44.83
C TYR O 37 -20.92 -28.25 44.44
N PRO O 38 -19.75 -28.84 44.73
CA PRO O 38 -18.53 -28.10 44.56
C PRO O 38 -17.93 -28.17 43.14
N GLY O 39 -18.72 -28.55 42.14
CA GLY O 39 -18.28 -28.54 40.76
C GLY O 39 -17.47 -29.73 40.34
N PRO O 40 -17.43 -30.02 39.04
CA PRO O 40 -16.86 -31.25 38.50
C PRO O 40 -15.39 -31.49 38.80
N THR O 41 -15.01 -32.79 38.86
CA THR O 41 -13.63 -33.29 38.96
C THR O 41 -13.41 -34.25 37.78
N LYS O 42 -12.18 -34.74 37.58
CA LYS O 42 -11.89 -35.76 36.54
C LYS O 42 -12.74 -36.98 36.78
N ASP O 43 -12.84 -37.37 38.07
CA ASP O 43 -13.68 -38.49 38.53
C ASP O 43 -15.14 -38.40 38.17
N ASP O 44 -15.79 -37.28 38.48
CA ASP O 44 -17.20 -37.06 38.11
C ASP O 44 -17.29 -35.88 37.16
N PRO O 45 -16.88 -36.08 35.89
CA PRO O 45 -16.91 -34.97 34.98
C PRO O 45 -18.37 -34.62 34.71
N LEU O 46 -18.56 -33.55 33.95
CA LEU O 46 -19.86 -32.99 33.71
C LEU O 46 -20.00 -32.48 32.29
N THR O 47 -21.14 -32.78 31.69
CA THR O 47 -21.40 -32.32 30.35
C THR O 47 -22.44 -31.22 30.38
N VAL O 48 -22.12 -30.20 29.58
CA VAL O 48 -22.77 -28.90 29.58
C VAL O 48 -23.01 -28.56 28.14
N THR O 49 -24.15 -27.96 27.87
CA THR O 49 -24.65 -27.92 26.51
C THR O 49 -25.09 -26.54 26.14
N LEU O 50 -24.39 -25.97 25.16
CA LEU O 50 -24.64 -24.60 24.72
C LEU O 50 -25.46 -24.51 23.48
N GLY O 51 -26.21 -23.42 23.42
CA GLY O 51 -27.01 -23.11 22.26
C GLY O 51 -27.16 -21.62 22.25
N PHE O 52 -26.68 -20.99 21.20
CA PHE O 52 -26.78 -19.56 21.05
C PHE O 52 -28.03 -19.20 20.28
N PHE O 53 -28.54 -18.01 20.57
CA PHE O 53 -29.70 -17.42 19.94
C PHE O 53 -29.41 -15.97 19.66
N LEU O 54 -28.86 -15.72 18.48
CA LEU O 54 -28.56 -14.39 18.06
C LEU O 54 -29.78 -13.49 18.01
N GLN O 55 -29.53 -12.20 18.25
CA GLN O 55 -30.55 -11.20 18.39
C GLN O 55 -30.30 -9.90 17.65
N ASP O 56 -29.14 -9.26 17.74
CA ASP O 56 -28.90 -8.02 16.94
C ASP O 56 -27.40 -8.05 16.90
N ILE O 57 -26.84 -7.61 15.80
CA ILE O 57 -25.49 -7.11 15.81
C ILE O 57 -25.72 -5.62 15.95
N VAL O 58 -25.36 -5.13 17.13
CA VAL O 58 -25.78 -3.80 17.51
C VAL O 58 -24.84 -2.80 16.89
N LYS O 59 -23.56 -3.04 17.10
CA LYS O 59 -22.54 -2.12 16.71
C LYS O 59 -21.27 -2.78 16.17
N VAL O 60 -20.64 -2.04 15.28
CA VAL O 60 -19.35 -2.42 14.72
C VAL O 60 -18.47 -1.20 14.89
N ASP O 61 -17.21 -1.39 15.27
CA ASP O 61 -16.29 -0.26 15.41
C ASP O 61 -14.99 -0.66 14.78
N SER O 62 -14.74 -0.05 13.62
CA SER O 62 -13.56 -0.29 12.83
C SER O 62 -12.32 0.47 13.29
N SER O 63 -12.42 1.42 14.22
CA SER O 63 -11.21 1.93 14.92
C SER O 63 -10.49 0.92 15.79
N THR O 64 -11.23 -0.05 16.35
CA THR O 64 -10.74 -0.91 17.45
C THR O 64 -10.79 -2.43 17.16
N ASN O 65 -11.69 -2.73 16.23
CA ASN O 65 -12.01 -4.07 15.76
C ASN O 65 -12.68 -4.76 16.93
N GLU O 66 -13.79 -4.12 17.31
CA GLU O 66 -14.63 -4.50 18.41
C GLU O 66 -16.00 -4.58 17.75
N VAL O 67 -16.69 -5.69 17.98
CA VAL O 67 -18.08 -5.80 17.58
C VAL O 67 -18.97 -6.19 18.73
N ASP O 68 -20.14 -5.59 18.78
CA ASP O 68 -21.07 -5.78 19.87
C ASP O 68 -22.27 -6.55 19.37
N LEU O 69 -22.57 -7.60 20.10
CA LEU O 69 -23.44 -8.62 19.66
C LEU O 69 -24.38 -8.92 20.83
N VAL O 70 -25.66 -9.16 20.56
CA VAL O 70 -26.62 -9.44 21.63
C VAL O 70 -27.28 -10.78 21.42
N TYR O 71 -27.43 -11.58 22.49
CA TYR O 71 -27.94 -12.96 22.35
C TYR O 71 -28.37 -13.61 23.65
N TYR O 72 -29.20 -14.64 23.55
CA TYR O 72 -29.50 -15.55 24.67
C TYR O 72 -28.50 -16.64 24.54
N GLU O 73 -28.17 -17.31 25.62
CA GLU O 73 -27.19 -18.40 25.59
C GLU O 73 -27.83 -19.45 26.46
N ARG O 74 -28.36 -20.49 25.86
CA ARG O 74 -28.97 -21.55 26.65
C ARG O 74 -27.90 -22.55 27.10
N GLN O 75 -27.75 -22.69 28.42
CA GLN O 75 -26.84 -23.65 29.02
C GLN O 75 -27.67 -24.71 29.67
N ARG O 76 -27.39 -25.98 29.37
CA ARG O 76 -28.03 -27.09 30.05
C ARG O 76 -26.98 -28.04 30.60
N TRP O 77 -27.17 -28.46 31.85
CA TRP O 77 -26.35 -29.52 32.47
C TRP O 77 -27.22 -30.34 33.40
N LYS O 78 -26.68 -31.42 33.97
CA LYS O 78 -27.45 -32.28 34.86
C LYS O 78 -26.70 -32.79 36.06
N LEU O 79 -27.31 -32.70 37.24
CA LEU O 79 -26.66 -33.05 38.50
C LEU O 79 -27.52 -34.00 39.31
N ASN O 80 -26.89 -34.98 39.93
CA ASN O 80 -27.64 -35.86 40.80
C ASN O 80 -27.98 -35.23 42.11
N SER O 81 -27.15 -34.34 42.63
CA SER O 81 -27.56 -33.64 43.85
C SER O 81 -28.88 -32.83 43.71
N LEU O 82 -29.48 -32.82 42.51
CA LEU O 82 -30.71 -32.07 42.25
C LEU O 82 -31.89 -32.93 41.82
N MET O 83 -31.77 -34.25 41.95
CA MET O 83 -32.87 -35.18 41.68
C MET O 83 -33.87 -35.13 42.83
N TRP O 84 -35.13 -35.40 42.52
CA TRP O 84 -36.15 -35.69 43.53
C TRP O 84 -37.30 -36.47 42.88
N ASP O 85 -38.13 -37.05 43.74
CA ASP O 85 -39.30 -37.83 43.31
C ASP O 85 -40.55 -36.91 43.30
N PRO O 86 -41.12 -36.62 42.10
CA PRO O 86 -42.34 -35.77 42.07
C PRO O 86 -43.42 -36.12 43.11
N ASN O 87 -43.59 -37.42 43.33
CA ASN O 87 -44.57 -37.98 44.27
C ASN O 87 -44.38 -37.58 45.73
N GLU O 88 -43.14 -37.51 46.21
CA GLU O 88 -42.93 -37.04 47.60
C GLU O 88 -43.10 -35.53 47.81
N TYR O 89 -43.34 -34.78 46.74
CA TYR O 89 -43.29 -33.31 46.78
C TYR O 89 -44.41 -32.72 45.93
N GLY O 90 -45.61 -33.23 46.07
CA GLY O 90 -46.77 -32.65 45.40
C GLY O 90 -46.80 -32.76 43.89
N ASN O 91 -46.28 -33.85 43.33
CA ASN O 91 -46.25 -34.05 41.85
C ASN O 91 -45.60 -32.85 41.10
N ILE O 92 -44.64 -32.20 41.77
CA ILE O 92 -43.89 -31.03 41.27
C ILE O 92 -42.74 -31.58 40.42
N THR O 93 -42.83 -31.36 39.11
CA THR O 93 -41.82 -31.88 38.18
C THR O 93 -40.64 -30.93 37.99
N ASP O 94 -40.86 -29.61 38.11
CA ASP O 94 -39.78 -28.62 37.94
C ASP O 94 -40.03 -27.27 38.62
N PHE O 95 -38.96 -26.66 39.14
CA PHE O 95 -39.06 -25.31 39.72
C PHE O 95 -38.02 -24.30 39.21
N ARG O 96 -38.31 -23.03 39.51
CA ARG O 96 -37.44 -21.87 39.22
C ARG O 96 -36.62 -21.43 40.43
N THR O 97 -35.41 -20.96 40.20
CA THR O 97 -34.61 -20.47 41.30
C THR O 97 -33.53 -19.51 40.81
N SER O 98 -33.16 -18.61 41.72
CA SER O 98 -32.10 -17.67 41.49
C SER O 98 -30.87 -18.49 41.19
N ALA O 99 -30.10 -18.05 40.21
CA ALA O 99 -28.90 -18.77 39.82
C ALA O 99 -27.80 -18.73 40.88
N ALA O 100 -27.96 -17.87 41.87
CA ALA O 100 -27.09 -17.88 43.05
C ALA O 100 -27.34 -19.08 43.96
N ASP O 101 -28.58 -19.55 44.05
CA ASP O 101 -28.88 -20.74 44.86
C ASP O 101 -28.14 -22.02 44.40
N ILE O 102 -27.60 -22.02 43.16
CA ILE O 102 -26.92 -23.22 42.61
C ILE O 102 -25.61 -22.98 41.87
N TRP O 103 -24.84 -24.05 41.72
CA TRP O 103 -23.63 -24.00 40.89
C TRP O 103 -24.04 -23.79 39.46
N THR O 104 -23.37 -22.87 38.79
CA THR O 104 -23.45 -22.71 37.33
C THR O 104 -22.05 -22.81 36.71
N PRO O 105 -21.96 -23.21 35.45
CA PRO O 105 -20.65 -23.32 34.83
C PRO O 105 -20.10 -21.98 34.45
N ASP O 106 -18.78 -21.90 34.35
CA ASP O 106 -18.01 -20.67 34.12
C ASP O 106 -17.70 -20.39 32.64
N ILE O 107 -18.73 -20.41 31.82
CA ILE O 107 -18.52 -20.37 30.38
C ILE O 107 -18.28 -18.95 30.00
N THR O 108 -17.24 -18.71 29.21
CA THR O 108 -16.67 -17.39 29.04
C THR O 108 -16.23 -17.14 27.63
N ALA O 109 -16.48 -15.97 27.10
CA ALA O 109 -15.98 -15.65 25.75
C ALA O 109 -14.48 -15.36 25.81
N ALA O 110 -13.69 -16.14 25.10
CA ALA O 110 -12.22 -16.00 25.15
C ALA O 110 -11.66 -14.74 24.53
N SER O 111 -12.34 -14.18 23.54
CA SER O 111 -11.83 -12.94 22.89
C SER O 111 -12.63 -11.69 23.25
N SER O 112 -13.22 -11.61 24.44
CA SER O 112 -14.02 -10.39 24.74
C SER O 112 -13.11 -9.21 25.04
N THR O 113 -13.59 -8.01 24.78
CA THR O 113 -12.87 -6.77 25.11
C THR O 113 -13.43 -5.93 26.26
N ARG O 114 -14.62 -6.25 26.73
CA ARG O 114 -15.27 -5.58 27.84
C ARG O 114 -16.13 -6.57 28.56
N PRO O 115 -16.33 -6.33 29.83
CA PRO O 115 -17.04 -7.32 30.59
C PRO O 115 -18.44 -7.43 30.09
N VAL O 116 -18.91 -8.66 30.06
CA VAL O 116 -20.16 -9.00 29.41
C VAL O 116 -21.29 -8.35 30.18
N GLN O 117 -22.21 -7.70 29.49
CA GLN O 117 -23.34 -7.09 30.16
C GLN O 117 -24.54 -7.99 30.16
N VAL O 118 -25.10 -8.20 31.35
CA VAL O 118 -26.23 -9.08 31.49
C VAL O 118 -27.55 -8.33 31.27
N LEU O 119 -28.40 -8.91 30.43
CA LEU O 119 -29.65 -8.31 30.06
C LEU O 119 -30.87 -8.97 30.60
N SER O 120 -30.76 -10.11 31.26
CA SER O 120 -31.93 -10.76 31.82
C SER O 120 -31.74 -11.05 33.29
N PRO O 121 -32.79 -11.49 33.93
CA PRO O 121 -32.69 -12.08 35.26
C PRO O 121 -31.80 -13.29 35.29
N GLN O 122 -31.14 -13.45 36.41
CA GLN O 122 -30.23 -14.55 36.66
C GLN O 122 -31.05 -15.64 37.35
N ILE O 123 -31.81 -16.38 36.55
CA ILE O 123 -32.71 -17.39 37.09
C ILE O 123 -32.65 -18.65 36.25
N ALA O 124 -32.64 -19.79 36.95
CA ALA O 124 -32.51 -21.09 36.34
C ALA O 124 -33.77 -21.90 36.59
N VAL O 125 -33.84 -23.01 35.87
CA VAL O 125 -34.96 -23.95 35.91
C VAL O 125 -34.42 -25.35 36.17
N VAL O 126 -34.79 -25.90 37.33
CA VAL O 126 -34.33 -27.21 37.76
C VAL O 126 -35.49 -28.18 37.54
N THR O 127 -35.19 -29.41 37.14
CA THR O 127 -36.20 -30.45 36.85
C THR O 127 -35.94 -31.71 37.69
N HIS O 128 -37.01 -32.40 38.11
CA HIS O 128 -36.99 -33.59 39.02
C HIS O 128 -35.86 -34.60 38.76
N ASP O 129 -35.46 -34.73 37.49
CA ASP O 129 -34.34 -35.59 37.07
C ASP O 129 -32.95 -35.01 37.32
N GLY O 130 -32.90 -33.81 37.90
CA GLY O 130 -31.66 -33.08 38.19
C GLY O 130 -31.09 -32.23 37.08
N SER O 131 -31.81 -32.09 35.97
CA SER O 131 -31.31 -31.27 34.87
C SER O 131 -31.67 -29.81 35.13
N VAL O 132 -30.81 -28.93 34.65
CA VAL O 132 -30.88 -27.50 34.87
C VAL O 132 -30.77 -26.82 33.51
N MET O 133 -31.51 -25.73 33.35
CA MET O 133 -31.50 -24.90 32.16
C MET O 133 -31.34 -23.49 32.65
N PHE O 134 -30.50 -22.73 31.99
CA PHE O 134 -30.18 -21.37 32.42
C PHE O 134 -29.84 -20.59 31.17
N SER O 135 -30.55 -19.50 30.90
CA SER O 135 -30.53 -18.91 29.56
C SER O 135 -30.37 -17.41 29.69
N PRO O 136 -29.19 -16.96 30.10
CA PRO O 136 -28.93 -15.54 30.18
C PRO O 136 -28.83 -14.83 28.86
N ALA O 137 -29.49 -13.69 28.78
CA ALA O 137 -29.29 -12.70 27.73
C ALA O 137 -28.05 -11.86 28.01
N GLN O 138 -27.35 -11.46 26.98
CA GLN O 138 -26.01 -10.85 27.12
C GLN O 138 -25.68 -9.92 25.98
N ARG O 139 -24.90 -8.90 26.28
CA ARG O 139 -24.33 -8.06 25.25
C ARG O 139 -22.84 -8.17 25.36
N LEU O 140 -22.21 -8.64 24.29
CA LEU O 140 -20.81 -8.99 24.27
C LEU O 140 -20.06 -8.08 23.32
N SER O 141 -18.88 -7.62 23.73
CA SER O 141 -18.00 -6.95 22.78
C SER O 141 -16.82 -7.82 22.65
N PHE O 142 -16.50 -8.17 21.42
CA PHE O 142 -15.40 -9.06 21.19
C PHE O 142 -14.63 -8.60 19.96
N MET O 143 -13.46 -9.20 19.85
CA MET O 143 -12.48 -8.86 18.83
C MET O 143 -12.90 -9.39 17.47
N CYS O 144 -12.88 -8.48 16.49
CA CYS O 144 -13.44 -8.73 15.16
C CYS O 144 -13.08 -7.60 14.23
N ASP O 145 -12.39 -7.94 13.14
CA ASP O 145 -12.07 -6.99 12.09
C ASP O 145 -13.26 -6.95 11.13
N PRO O 146 -13.98 -5.84 11.12
CA PRO O 146 -15.20 -5.78 10.35
C PRO O 146 -15.07 -5.21 8.95
N THR O 147 -13.86 -5.02 8.45
CA THR O 147 -13.72 -4.38 7.13
C THR O 147 -14.14 -5.41 6.08
N GLY O 148 -14.95 -4.94 5.14
CA GLY O 148 -15.68 -5.77 4.19
C GLY O 148 -17.13 -6.00 4.58
N VAL O 149 -17.61 -5.23 5.56
CA VAL O 149 -18.97 -5.44 6.08
C VAL O 149 -20.01 -4.77 5.19
N ASP O 150 -19.55 -3.75 4.45
CA ASP O 150 -20.35 -3.06 3.42
C ASP O 150 -20.36 -3.81 2.06
N SER O 151 -19.32 -4.62 1.79
CA SER O 151 -19.32 -5.49 0.61
C SER O 151 -20.52 -6.46 0.62
N GLU O 152 -20.82 -7.01 -0.54
CA GLU O 152 -21.95 -7.91 -0.67
C GLU O 152 -21.62 -9.28 -0.10
N GLU O 153 -20.39 -9.74 -0.28
CA GLU O 153 -19.93 -11.04 0.28
C GLU O 153 -19.91 -11.09 1.83
N GLY O 154 -19.79 -9.90 2.43
CA GLY O 154 -19.86 -9.73 3.87
C GLY O 154 -18.52 -9.85 4.56
N VAL O 155 -18.56 -10.03 5.88
CA VAL O 155 -17.36 -10.33 6.67
C VAL O 155 -17.73 -11.36 7.71
N THR O 156 -16.76 -12.19 8.06
CA THR O 156 -16.94 -13.30 8.98
C THR O 156 -16.24 -12.99 10.28
N CYS O 157 -16.90 -13.32 11.40
CA CYS O 157 -16.36 -13.14 12.77
C CYS O 157 -16.59 -14.31 13.66
N ALA O 158 -15.61 -14.53 14.53
CA ALA O 158 -15.62 -15.69 15.43
C ALA O 158 -15.26 -15.37 16.87
N VAL O 159 -15.76 -16.20 17.78
CA VAL O 159 -15.39 -16.09 19.19
C VAL O 159 -15.62 -17.44 19.89
N LYS O 160 -14.57 -17.97 20.53
CA LYS O 160 -14.69 -19.20 21.30
C LYS O 160 -15.46 -18.97 22.58
N PHE O 161 -16.20 -19.96 23.05
CA PHE O 161 -16.74 -19.92 24.40
C PHE O 161 -16.26 -21.12 25.13
N GLU O 162 -15.55 -20.93 26.23
CA GLU O 162 -14.87 -22.04 26.86
C GLU O 162 -15.11 -21.95 28.33
N SER O 163 -15.03 -23.05 29.05
CA SER O 163 -14.83 -22.93 30.48
C SER O 163 -13.45 -22.29 30.76
N TRP O 164 -13.41 -21.42 31.76
CA TRP O 164 -12.19 -20.66 32.06
C TRP O 164 -11.18 -21.43 32.90
N VAL O 165 -11.64 -22.38 33.68
CA VAL O 165 -10.73 -23.06 34.60
C VAL O 165 -10.76 -24.57 34.52
N TYR O 166 -11.65 -25.09 33.70
CA TYR O 166 -11.91 -26.50 33.65
C TYR O 166 -11.51 -27.04 32.26
N SER O 167 -10.86 -28.19 32.28
CA SER O 167 -10.41 -28.84 31.07
C SER O 167 -11.49 -29.72 30.53
N GLY O 168 -11.18 -30.33 29.39
CA GLY O 168 -11.93 -31.44 28.85
C GLY O 168 -12.12 -32.60 29.83
N PHE O 169 -11.17 -32.82 30.73
CA PHE O 169 -11.32 -33.87 31.74
C PHE O 169 -12.43 -33.61 32.75
N GLU O 170 -12.70 -32.34 33.05
CA GLU O 170 -13.74 -32.01 34.02
C GLU O 170 -15.08 -31.54 33.39
N ILE O 171 -15.04 -30.78 32.31
CA ILE O 171 -16.26 -30.32 31.65
C ILE O 171 -16.15 -30.55 30.19
N ASP O 172 -17.17 -31.18 29.63
CA ASP O 172 -17.30 -31.38 28.20
C ASP O 172 -18.37 -30.42 27.74
N LEU O 173 -18.04 -29.60 26.73
CA LEU O 173 -19.05 -28.77 26.06
C LEU O 173 -19.64 -29.53 24.89
N LYS O 174 -20.90 -29.32 24.57
CA LYS O 174 -21.45 -29.72 23.29
C LYS O 174 -22.50 -28.78 22.82
N THR O 175 -22.61 -28.66 21.51
CA THR O 175 -23.78 -28.01 20.93
C THR O 175 -24.81 -29.09 20.73
N ASP O 176 -26.09 -28.72 20.71
CA ASP O 176 -27.13 -29.66 20.30
C ASP O 176 -27.18 -29.72 18.79
N THR O 177 -26.63 -28.70 18.13
CA THR O 177 -26.88 -28.46 16.73
C THR O 177 -25.83 -27.46 16.25
N ASP O 178 -25.38 -27.58 15.02
CA ASP O 178 -24.46 -26.61 14.45
C ASP O 178 -25.08 -25.28 14.05
N GLN O 179 -26.40 -25.22 13.97
CA GLN O 179 -27.08 -24.00 13.56
C GLN O 179 -27.35 -23.13 14.76
N VAL O 180 -26.96 -21.88 14.63
CA VAL O 180 -27.24 -20.88 15.62
C VAL O 180 -28.62 -20.41 15.29
N ASP O 181 -29.50 -20.40 16.29
CA ASP O 181 -30.90 -20.06 16.09
C ASP O 181 -31.06 -18.56 15.82
N LEU O 182 -31.45 -18.23 14.59
CA LEU O 182 -31.70 -16.86 14.22
C LEU O 182 -33.16 -16.45 14.29
N SER O 183 -34.00 -17.25 14.94
CA SER O 183 -35.43 -16.91 15.00
C SER O 183 -35.70 -15.65 15.82
N SER O 184 -34.85 -15.30 16.78
CA SER O 184 -35.11 -14.09 17.56
C SER O 184 -34.45 -12.86 16.95
N TYR O 185 -33.74 -13.04 15.84
CA TYR O 185 -32.91 -11.98 15.27
C TYR O 185 -33.74 -10.83 14.72
N TYR O 186 -33.24 -9.63 14.88
CA TYR O 186 -34.03 -8.43 14.67
C TYR O 186 -34.10 -8.17 13.19
N ALA O 187 -35.33 -8.04 12.72
CA ALA O 187 -35.61 -7.80 11.32
C ALA O 187 -34.89 -6.59 10.76
N SER O 188 -34.96 -5.46 11.44
CA SER O 188 -34.36 -4.23 10.92
C SER O 188 -33.04 -3.90 11.60
N SER O 189 -32.30 -4.93 12.00
CA SER O 189 -30.93 -4.73 12.50
C SER O 189 -30.15 -3.98 11.44
N LYS O 190 -29.21 -3.15 11.85
CA LYS O 190 -28.31 -2.53 10.87
C LYS O 190 -27.50 -3.57 10.02
N TYR O 191 -27.48 -4.83 10.44
CA TYR O 191 -26.66 -5.85 9.82
C TYR O 191 -27.51 -7.09 9.66
N GLU O 192 -27.15 -7.88 8.65
CA GLU O 192 -27.97 -8.96 8.14
C GLU O 192 -27.10 -10.20 8.20
N ILE O 193 -27.65 -11.29 8.71
CA ILE O 193 -26.84 -12.47 9.04
C ILE O 193 -26.81 -13.40 7.87
N LEU O 194 -25.64 -13.69 7.32
CA LEU O 194 -25.54 -14.64 6.20
C LEU O 194 -25.35 -16.05 6.74
N SER O 195 -24.45 -16.23 7.70
CA SER O 195 -24.21 -17.57 8.26
C SER O 195 -23.99 -17.46 9.75
N ALA O 196 -24.39 -18.48 10.50
CA ALA O 196 -24.23 -18.48 11.94
C ALA O 196 -24.13 -19.89 12.47
N THR O 197 -22.93 -20.26 12.92
CA THR O 197 -22.61 -21.64 13.21
C THR O 197 -22.01 -21.76 14.62
N GLN O 198 -22.34 -22.82 15.33
CA GLN O 198 -21.79 -23.05 16.65
C GLN O 198 -21.23 -24.48 16.68
N THR O 199 -19.93 -24.57 16.87
CA THR O 199 -19.20 -25.76 16.44
C THR O 199 -18.32 -26.19 17.61
N ARG O 200 -18.52 -27.40 18.16
CA ARG O 200 -17.59 -27.87 19.22
C ARG O 200 -16.15 -27.95 18.69
N GLN O 201 -15.16 -27.98 19.56
CA GLN O 201 -13.73 -27.93 19.14
C GLN O 201 -12.88 -28.45 20.28
N VAL O 202 -11.83 -29.19 19.92
CA VAL O 202 -10.82 -29.56 20.91
C VAL O 202 -9.46 -28.93 20.50
N GLN O 203 -8.69 -28.53 21.51
CA GLN O 203 -7.30 -28.16 21.27
C GLN O 203 -6.53 -28.63 22.48
N HIS O 204 -5.26 -28.93 22.19
CA HIS O 204 -4.24 -29.01 23.24
C HIS O 204 -3.37 -27.81 22.99
N TYR O 205 -2.71 -27.37 24.04
CA TYR O 205 -1.76 -26.28 23.87
C TYR O 205 -0.47 -26.79 24.48
N SER O 206 0.63 -26.25 23.97
CA SER O 206 1.95 -26.82 24.25
C SER O 206 2.32 -26.67 25.73
N CYS O 207 1.94 -25.56 26.35
CA CYS O 207 2.03 -25.39 27.81
C CYS O 207 1.53 -26.58 28.68
N CYS O 208 0.43 -27.24 28.31
CA CYS O 208 -0.47 -27.89 29.29
C CYS O 208 -1.02 -29.23 28.76
N PRO O 209 -0.89 -30.33 29.57
CA PRO O 209 -1.21 -31.72 29.15
C PRO O 209 -2.63 -31.99 28.64
N GLU O 210 -3.61 -31.29 29.19
CA GLU O 210 -5.00 -31.67 29.03
C GLU O 210 -5.59 -31.08 27.76
N PRO O 211 -6.73 -31.65 27.34
CA PRO O 211 -7.50 -31.07 26.25
C PRO O 211 -8.43 -29.98 26.73
N TYR O 212 -8.56 -28.93 25.93
CA TYR O 212 -9.55 -27.92 26.23
C TYR O 212 -10.62 -27.90 25.18
N ILE O 213 -11.87 -27.95 25.64
CA ILE O 213 -13.01 -27.95 24.73
C ILE O 213 -13.52 -26.52 24.64
N ASP O 214 -14.09 -26.18 23.50
CA ASP O 214 -14.76 -24.89 23.35
C ASP O 214 -15.77 -24.93 22.25
N VAL O 215 -16.66 -23.96 22.25
CA VAL O 215 -17.66 -23.88 21.22
C VAL O 215 -17.40 -22.62 20.45
N ASN O 216 -16.99 -22.78 19.21
CA ASN O 216 -16.68 -21.63 18.38
C ASN O 216 -17.94 -21.07 17.76
N LEU O 217 -18.19 -19.79 18.01
CA LEU O 217 -19.36 -19.12 17.47
C LEU O 217 -18.85 -18.31 16.30
N VAL O 218 -19.45 -18.53 15.12
CA VAL O 218 -18.98 -17.91 13.89
C VAL O 218 -20.10 -17.34 13.06
N VAL O 219 -19.93 -16.08 12.70
CA VAL O 219 -21.01 -15.29 12.17
C VAL O 219 -20.49 -14.49 11.00
N LYS O 220 -21.05 -14.77 9.82
CA LYS O 220 -20.79 -14.02 8.60
C LYS O 220 -21.97 -13.08 8.48
N PHE O 221 -21.70 -11.81 8.20
CA PHE O 221 -22.76 -10.80 8.21
C PHE O 221 -22.37 -9.60 7.39
N ARG O 222 -23.33 -8.72 7.09
CA ARG O 222 -23.08 -7.47 6.37
C ARG O 222 -24.21 -6.45 6.43
N GLU O 223 -23.95 -5.20 6.01
CA GLU O 223 -24.93 -4.11 6.19
C GLU O 223 -26.23 -4.39 5.41
N ARG O 224 -27.38 -3.96 5.94
CA ARG O 224 -28.69 -4.20 5.33
C ARG O 224 -28.77 -3.38 4.00
N ARG O 225 -29.53 -3.87 3.02
CA ARG O 225 -29.78 -3.22 1.78
C ARG O 225 -30.81 -2.13 2.04
#